data_6Z3M
#
_entry.id   6Z3M
#
_cell.length_a   279.480
_cell.length_b   279.480
_cell.length_c   142.370
_cell.angle_alpha   90.00
_cell.angle_beta   90.00
_cell.angle_gamma   120.00
#
_symmetry.space_group_name_H-M   'P 62'
#
loop_
_entity.id
_entity.type
_entity.pdbx_description
1 polymer 'Growth/differentiation factor 5'
2 polymer 'RGM domain family member B'
3 polymer Neogenin
4 non-polymer 2-acetamido-2-deoxy-beta-D-glucopyranose
#
loop_
_entity_poly.entity_id
_entity_poly.type
_entity_poly.pdbx_seq_one_letter_code
_entity_poly.pdbx_strand_id
1 'polypeptide(L)'
;MKRQGKRPSKNLKARCSRKALHVNFKDMGWDDWIIAPLEYEAFHCEGLCEFPLRSHLEPTNHAVIQTLMNSMDPESTPPT
CCVPTRLSPISILFIDSANNVVYKQYEDMVVESCGCR
;
A,B,G,H,M,N
2 'polypeptide(L)'
;ETGQCRIQKCTTDFVSLTSHLNSAVDGFDSEFCKALRAYAGCTQRTSKACRGNLVYHSAVLGISDLMSQRNCSKDGPTSS
TNPEVTHDPCNYHSHAGAREHRRGDQNPPSYLFCGLFGDPHLRTFKDNFQTCKVEGAWPLIDNNYLSVQVTNVPVVPGSS
ATATNKITIIFKAHHGCTDQKVYQAVTDDLPAAFVDGTTSGGDSDAKSLRIVERESGHYVEMHARYIGTTVFVRQVGRYL
TLAIRMPEDLAMSYEESQDLQLCVNGCPLSERIDDGQGQVSAILGHSLPRTSLVQAWPGYTLETANTQCHEKMPVKDIYF
QSCVFDLLTTGDANFTAAAHSALEDVEALHPRKERWHIFPSSGTKHHHHHH
;
C,D,I,J,O,P,c,d,i,j,o,p,S,T,U,V,W,X
3 'polypeptide(L)'
;ETGTPMMPPVGVQASILSHDTIRITWADNSLPKHQKITDSRYYTVRWKTNIPANTKYKNANATTLSYLVTGLKPNTLYEF
SVMVTKGRRSSTWSMTAHGATFELVPTSPPKDVTVVSKEGKPRTIIVNWQPPSEANGKITGYIIYYSTDVNAEIHDWVIE
PVVGNRLTHQIQELTLDTPYYFKIQARNSKGMGPMSEAVQFRTPKALGSAGKGSRLPDLGSDYKPPMSGSNSPHGSPTSP
LDSNGTKHHHHHH
;
E,F,K,L,Q,R
#
loop_
_chem_comp.id
_chem_comp.type
_chem_comp.name
_chem_comp.formula
NAG D-saccharide, beta linking 2-acetamido-2-deoxy-beta-D-glucopyranose 'C8 H15 N O6'
#
# COMPACT_ATOMS: atom_id res chain seq x y z
N LYS A 13 -45.78 -29.83 14.36
CA LYS A 13 -44.54 -30.58 14.53
C LYS A 13 -43.58 -29.86 15.44
N ALA A 14 -44.13 -29.04 16.34
CA ALA A 14 -43.31 -28.23 17.22
C ALA A 14 -42.62 -29.10 18.27
N ARG A 15 -41.44 -28.65 18.71
CA ARG A 15 -40.71 -29.37 19.73
C ARG A 15 -41.12 -28.84 21.10
N CYS A 16 -40.86 -29.66 22.12
CA CYS A 16 -41.28 -29.40 23.50
C CYS A 16 -41.01 -27.96 23.89
N SER A 17 -42.08 -27.25 24.24
CA SER A 17 -41.98 -25.84 24.58
C SER A 17 -43.02 -25.52 25.64
N ARG A 18 -42.79 -24.40 26.33
CA ARG A 18 -43.80 -23.84 27.23
C ARG A 18 -44.71 -22.92 26.42
N LYS A 19 -46.01 -23.19 26.47
CA LYS A 19 -46.99 -22.47 25.69
C LYS A 19 -47.95 -21.76 26.62
N ALA A 20 -48.65 -20.77 26.08
CA ALA A 20 -49.58 -20.00 26.89
C ALA A 20 -50.76 -20.87 27.33
N LEU A 21 -51.24 -20.62 28.54
CA LEU A 21 -52.48 -21.23 29.01
C LEU A 21 -53.05 -20.28 30.05
N HIS A 22 -54.13 -19.60 29.69
CA HIS A 22 -54.76 -18.62 30.55
C HIS A 22 -55.89 -19.29 31.32
N VAL A 23 -55.88 -19.15 32.64
CA VAL A 23 -56.90 -19.72 33.50
C VAL A 23 -57.75 -18.57 34.02
N ASN A 24 -59.05 -18.63 33.76
CA ASN A 24 -59.96 -17.57 34.20
C ASN A 24 -60.92 -18.17 35.22
N PHE A 25 -60.66 -17.90 36.49
CA PHE A 25 -61.49 -18.44 37.57
C PHE A 25 -62.93 -17.94 37.49
N LYS A 26 -63.12 -16.71 37.02
CA LYS A 26 -64.48 -16.18 36.91
C LYS A 26 -65.27 -16.91 35.85
N ASP A 27 -64.63 -17.20 34.70
CA ASP A 27 -65.27 -18.00 33.67
C ASP A 27 -65.66 -19.37 34.17
N MET A 28 -64.88 -19.92 35.10
CA MET A 28 -65.18 -21.21 35.71
C MET A 28 -66.21 -21.12 36.83
N GLY A 29 -66.60 -19.90 37.21
CA GLY A 29 -67.55 -19.73 38.29
C GLY A 29 -66.95 -19.85 39.67
N TRP A 30 -65.63 -19.83 39.78
CA TRP A 30 -64.99 -19.99 41.08
C TRP A 30 -64.88 -18.67 41.83
N ASP A 31 -65.38 -17.58 41.26
CA ASP A 31 -65.42 -16.32 41.99
C ASP A 31 -66.48 -16.30 43.09
N ASP A 32 -67.23 -17.39 43.32
CA ASP A 32 -68.00 -17.42 44.55
C ASP A 32 -67.15 -17.81 45.76
N TRP A 33 -65.91 -18.29 45.56
CA TRP A 33 -65.06 -18.57 46.71
C TRP A 33 -63.66 -17.96 46.55
N ILE A 34 -63.18 -17.77 45.33
CA ILE A 34 -61.90 -17.11 45.12
C ILE A 34 -62.13 -15.60 45.09
N ILE A 35 -61.37 -14.87 45.91
CA ILE A 35 -61.40 -13.42 45.89
C ILE A 35 -60.44 -12.86 44.84
N ALA A 36 -59.21 -13.36 44.84
CA ALA A 36 -58.19 -12.85 43.93
C ALA A 36 -57.07 -13.87 43.88
N PRO A 37 -56.32 -13.95 42.76
CA PRO A 37 -56.63 -13.32 41.49
C PRO A 37 -57.78 -14.06 40.84
N LEU A 38 -58.55 -13.42 39.96
CA LEU A 38 -59.60 -14.15 39.27
C LEU A 38 -59.13 -14.70 37.92
N GLU A 39 -57.87 -14.48 37.57
CA GLU A 39 -57.29 -15.12 36.40
C GLU A 39 -55.79 -15.16 36.59
N TYR A 40 -55.15 -16.10 35.89
CA TYR A 40 -53.71 -16.16 35.95
C TYR A 40 -53.22 -16.95 34.74
N GLU A 41 -51.93 -16.80 34.46
CA GLU A 41 -51.28 -17.50 33.37
C GLU A 41 -50.65 -18.77 33.92
N ALA A 42 -51.21 -19.91 33.54
CA ALA A 42 -50.71 -21.18 34.05
C ALA A 42 -49.64 -21.79 33.16
N PHE A 43 -49.71 -21.47 31.86
CA PHE A 43 -48.89 -22.08 30.82
C PHE A 43 -49.18 -23.57 30.71
N HIS A 44 -48.68 -24.18 29.65
CA HIS A 44 -48.70 -25.63 29.54
C HIS A 44 -47.53 -26.03 28.67
N CYS A 45 -47.20 -27.31 28.72
CA CYS A 45 -46.11 -27.88 27.96
C CYS A 45 -46.67 -28.67 26.80
N GLU A 46 -46.03 -28.58 25.65
CA GLU A 46 -46.48 -29.31 24.49
C GLU A 46 -45.37 -29.35 23.45
N GLY A 47 -45.27 -30.49 22.78
CA GLY A 47 -44.33 -30.55 21.67
C GLY A 47 -43.51 -31.81 21.68
N LEU A 48 -42.82 -32.07 20.59
CA LEU A 48 -42.09 -33.32 20.43
C LEU A 48 -40.87 -33.37 21.32
N CYS A 49 -40.63 -34.54 21.87
CA CYS A 49 -39.39 -34.87 22.57
C CYS A 49 -38.61 -35.79 21.64
N GLU A 50 -37.64 -35.23 20.94
CA GLU A 50 -36.91 -35.98 19.93
C GLU A 50 -35.46 -36.14 20.35
N PHE A 51 -34.89 -37.26 19.97
CA PHE A 51 -33.45 -37.45 20.12
C PHE A 51 -32.74 -36.44 19.23
N PRO A 52 -31.70 -35.75 19.71
CA PRO A 52 -31.16 -35.72 21.07
C PRO A 52 -31.87 -34.67 21.89
N LEU A 53 -32.06 -34.94 23.16
CA LEU A 53 -32.74 -33.98 24.02
C LEU A 53 -31.76 -32.89 24.43
N ARG A 54 -32.12 -31.64 24.13
CA ARG A 54 -31.28 -30.54 24.56
C ARG A 54 -31.25 -30.45 26.07
N SER A 55 -30.15 -29.92 26.60
CA SER A 55 -29.91 -29.92 28.05
C SER A 55 -31.06 -29.31 28.83
N HIS A 56 -31.65 -28.24 28.31
CA HIS A 56 -32.71 -27.53 29.02
C HIS A 56 -34.00 -28.33 29.12
N LEU A 57 -34.12 -29.44 28.40
CA LEU A 57 -35.27 -30.32 28.65
C LEU A 57 -35.05 -31.21 29.84
N GLU A 58 -33.84 -31.20 30.40
CA GLU A 58 -33.54 -31.82 31.69
C GLU A 58 -34.12 -33.23 31.83
N PRO A 59 -33.81 -34.13 30.90
CA PRO A 59 -34.31 -35.50 31.04
C PRO A 59 -33.71 -36.19 32.25
N THR A 60 -34.52 -37.05 32.86
CA THR A 60 -33.99 -38.04 33.76
C THR A 60 -33.13 -39.02 32.97
N ASN A 61 -32.28 -39.77 33.69
CA ASN A 61 -31.60 -40.90 33.07
C ASN A 61 -32.60 -41.76 32.31
N HIS A 62 -33.74 -42.06 32.94
CA HIS A 62 -34.73 -42.89 32.27
C HIS A 62 -35.19 -42.27 30.96
N ALA A 63 -35.46 -40.96 30.96
CA ALA A 63 -35.91 -40.31 29.73
C ALA A 63 -34.82 -40.35 28.68
N VAL A 64 -33.57 -40.19 29.08
CA VAL A 64 -32.46 -40.30 28.14
C VAL A 64 -32.49 -41.66 27.45
N ILE A 65 -32.61 -42.73 28.24
CA ILE A 65 -32.64 -44.07 27.66
C ILE A 65 -33.89 -44.27 26.82
N GLN A 66 -35.05 -43.82 27.30
CA GLN A 66 -36.27 -44.04 26.55
C GLN A 66 -36.25 -43.31 25.22
N THR A 67 -35.81 -42.04 25.22
CA THR A 67 -35.71 -41.32 23.97
C THR A 67 -34.77 -42.02 23.00
N LEU A 68 -33.65 -42.53 23.51
CA LEU A 68 -32.72 -43.29 22.66
C LEU A 68 -33.40 -44.52 22.07
N MET A 69 -34.10 -45.29 22.91
CA MET A 69 -34.70 -46.51 22.42
C MET A 69 -35.81 -46.22 21.41
N ASN A 70 -36.61 -45.19 21.67
CA ASN A 70 -37.66 -44.83 20.73
C ASN A 70 -37.06 -44.32 19.42
N SER A 71 -35.91 -43.64 19.49
CA SER A 71 -35.24 -43.23 18.26
C SER A 71 -34.80 -44.46 17.45
N MET A 72 -34.22 -45.45 18.11
CA MET A 72 -33.68 -46.62 17.40
C MET A 72 -34.79 -47.54 16.91
N ASP A 73 -35.89 -47.63 17.64
CA ASP A 73 -37.01 -48.49 17.28
C ASP A 73 -38.27 -47.91 17.89
N PRO A 74 -39.03 -47.11 17.13
CA PRO A 74 -40.26 -46.53 17.68
C PRO A 74 -41.25 -47.56 18.17
N GLU A 75 -41.17 -48.81 17.74
CA GLU A 75 -42.06 -49.85 18.25
C GLU A 75 -41.68 -50.32 19.64
N SER A 76 -40.43 -50.14 20.05
CA SER A 76 -39.99 -50.68 21.34
C SER A 76 -40.51 -49.86 22.50
N THR A 77 -40.66 -48.56 22.32
CA THR A 77 -41.22 -47.70 23.36
C THR A 77 -41.67 -46.41 22.71
N PRO A 78 -42.67 -45.75 23.27
CA PRO A 78 -43.06 -44.43 22.76
C PRO A 78 -42.00 -43.40 23.08
N PRO A 79 -42.08 -42.21 22.50
CA PRO A 79 -41.15 -41.15 22.88
C PRO A 79 -41.46 -40.70 24.31
N THR A 80 -40.49 -39.98 24.88
CA THR A 80 -40.73 -39.29 26.13
C THR A 80 -41.70 -38.14 25.90
N CYS A 81 -42.19 -37.55 26.99
CA CYS A 81 -43.29 -36.61 26.90
C CYS A 81 -42.91 -35.24 27.46
N CYS A 82 -43.38 -34.21 26.77
CA CYS A 82 -43.18 -32.83 27.17
C CYS A 82 -44.12 -32.47 28.32
N VAL A 83 -43.54 -32.22 29.50
CA VAL A 83 -44.33 -31.98 30.71
C VAL A 83 -43.63 -30.91 31.54
N PRO A 84 -44.36 -30.29 32.47
CA PRO A 84 -43.71 -29.29 33.34
C PRO A 84 -42.64 -29.96 34.19
N THR A 85 -41.45 -29.37 34.18
CA THR A 85 -40.36 -29.85 35.02
C THR A 85 -40.08 -28.93 36.18
N ARG A 86 -40.53 -27.68 36.09
CA ARG A 86 -40.47 -26.75 37.21
C ARG A 86 -41.77 -25.99 37.21
N LEU A 87 -42.36 -25.85 38.39
CA LEU A 87 -43.58 -25.08 38.55
C LEU A 87 -43.42 -24.14 39.73
N SER A 88 -44.26 -23.12 39.75
CA SER A 88 -44.23 -22.14 40.83
C SER A 88 -45.64 -21.97 41.37
N PRO A 89 -45.77 -21.49 42.60
CA PRO A 89 -47.09 -21.32 43.18
C PRO A 89 -47.69 -19.98 42.75
N ILE A 90 -49.00 -19.85 43.01
CA ILE A 90 -49.62 -18.53 43.06
C ILE A 90 -50.33 -18.39 44.39
N SER A 91 -50.38 -17.16 44.87
CA SER A 91 -51.11 -16.84 46.09
C SER A 91 -52.56 -16.60 45.73
N ILE A 92 -53.47 -17.32 46.38
CA ILE A 92 -54.90 -17.18 46.16
C ILE A 92 -55.53 -16.69 47.45
N LEU A 93 -56.34 -15.63 47.32
CA LEU A 93 -57.13 -15.11 48.42
C LEU A 93 -58.53 -15.67 48.24
N PHE A 94 -59.04 -16.35 49.25
CA PHE A 94 -60.32 -17.03 49.09
C PHE A 94 -60.98 -17.15 50.44
N ILE A 95 -62.23 -17.60 50.43
CA ILE A 95 -62.95 -17.87 51.66
C ILE A 95 -63.04 -19.38 51.84
N ASP A 96 -62.70 -19.83 53.03
CA ASP A 96 -62.62 -21.25 53.29
C ASP A 96 -63.94 -21.74 53.84
N SER A 97 -63.95 -22.96 54.38
CA SER A 97 -65.19 -23.57 54.84
C SER A 97 -65.85 -22.73 55.93
N ALA A 98 -65.06 -22.16 56.85
CA ALA A 98 -65.58 -21.43 57.99
C ALA A 98 -65.79 -19.95 57.69
N ASN A 99 -65.95 -19.59 56.42
CA ASN A 99 -66.13 -18.19 56.00
C ASN A 99 -64.96 -17.31 56.45
N ASN A 100 -63.77 -17.90 56.57
CA ASN A 100 -62.56 -17.15 56.85
C ASN A 100 -61.93 -16.73 55.54
N VAL A 101 -61.53 -15.46 55.44
CA VAL A 101 -60.70 -15.02 54.33
C VAL A 101 -59.30 -15.58 54.54
N VAL A 102 -58.84 -16.38 53.59
CA VAL A 102 -57.56 -17.06 53.67
C VAL A 102 -56.72 -16.66 52.47
N TYR A 103 -55.44 -16.42 52.71
CA TYR A 103 -54.47 -16.21 51.65
C TYR A 103 -53.47 -17.35 51.70
N LYS A 104 -53.41 -18.13 50.63
CA LYS A 104 -52.65 -19.37 50.62
C LYS A 104 -51.88 -19.49 49.32
N GLN A 105 -50.64 -19.95 49.42
CA GLN A 105 -49.87 -20.34 48.26
C GLN A 105 -50.36 -21.69 47.76
N TYR A 106 -50.91 -21.72 46.56
CA TYR A 106 -51.23 -22.98 45.89
C TYR A 106 -50.01 -23.39 45.10
N GLU A 107 -49.37 -24.48 45.52
CA GLU A 107 -48.15 -24.93 44.89
C GLU A 107 -48.43 -25.46 43.49
N ASP A 108 -47.40 -25.38 42.63
CA ASP A 108 -47.40 -26.05 41.33
C ASP A 108 -48.54 -25.58 40.44
N MET A 109 -48.72 -24.27 40.36
CA MET A 109 -49.81 -23.72 39.56
C MET A 109 -49.36 -23.16 38.22
N VAL A 110 -48.09 -22.80 38.09
CA VAL A 110 -47.56 -22.09 36.93
C VAL A 110 -46.37 -22.87 36.42
N VAL A 111 -46.41 -23.24 35.15
CA VAL A 111 -45.27 -23.91 34.54
C VAL A 111 -44.15 -22.89 34.38
N GLU A 112 -42.99 -23.20 34.96
CA GLU A 112 -41.78 -22.40 34.75
C GLU A 112 -40.86 -22.99 33.69
N SER A 113 -40.79 -24.32 33.60
CA SER A 113 -40.00 -24.92 32.54
C SER A 113 -40.67 -26.20 32.10
N CYS A 114 -40.47 -26.55 30.84
CA CYS A 114 -40.93 -27.80 30.27
C CYS A 114 -39.74 -28.67 29.96
N GLY A 115 -39.97 -29.97 30.00
CA GLY A 115 -38.91 -30.89 29.66
C GLY A 115 -39.48 -32.23 29.29
N CYS A 116 -38.59 -33.16 28.98
CA CYS A 116 -38.98 -34.44 28.41
C CYS A 116 -38.75 -35.50 29.47
N ARG A 117 -39.83 -36.21 29.82
CA ARG A 117 -39.78 -37.15 30.93
C ARG A 117 -40.39 -38.48 30.53
N LEU B 12 -56.36 -50.31 20.83
CA LEU B 12 -57.20 -49.66 21.83
C LEU B 12 -56.40 -48.67 22.66
N LYS B 13 -57.10 -47.70 23.28
CA LYS B 13 -56.45 -46.59 23.96
C LYS B 13 -56.52 -46.81 25.47
N ALA B 14 -55.44 -47.35 26.03
CA ALA B 14 -55.38 -47.64 27.46
C ALA B 14 -55.17 -46.35 28.26
N ARG B 15 -55.54 -46.41 29.53
CA ARG B 15 -55.27 -45.29 30.41
C ARG B 15 -53.84 -45.35 30.94
N CYS B 16 -53.35 -44.19 31.39
CA CYS B 16 -52.00 -44.03 31.90
C CYS B 16 -51.61 -45.20 32.82
N SER B 17 -50.58 -45.93 32.42
CA SER B 17 -50.19 -47.15 33.11
C SER B 17 -48.69 -47.31 32.98
N ARG B 18 -48.12 -48.06 33.91
CA ARG B 18 -46.73 -48.46 33.78
C ARG B 18 -46.66 -49.73 32.94
N LYS B 19 -45.81 -49.70 31.93
CA LYS B 19 -45.64 -50.80 31.01
C LYS B 19 -44.20 -51.28 31.04
N ALA B 20 -43.99 -52.48 30.52
CA ALA B 20 -42.66 -53.07 30.51
C ALA B 20 -41.76 -52.31 29.56
N LEU B 21 -40.49 -52.20 29.94
CA LEU B 21 -39.45 -51.71 29.03
C LEU B 21 -38.16 -52.36 29.48
N HIS B 22 -37.68 -53.31 28.70
CA HIS B 22 -36.46 -54.02 29.00
C HIS B 22 -35.29 -53.31 28.33
N VAL B 23 -34.25 -53.02 29.11
CA VAL B 23 -33.05 -52.37 28.59
C VAL B 23 -31.94 -53.40 28.60
N ASN B 24 -31.35 -53.67 27.43
CA ASN B 24 -30.25 -54.62 27.32
C ASN B 24 -29.00 -53.85 26.93
N PHE B 25 -28.14 -53.61 27.93
CA PHE B 25 -26.91 -52.84 27.69
C PHE B 25 -25.97 -53.57 26.75
N LYS B 26 -25.99 -54.90 26.75
CA LYS B 26 -25.11 -55.63 25.83
C LYS B 26 -25.54 -55.42 24.39
N ASP B 27 -26.86 -55.45 24.14
CA ASP B 27 -27.37 -55.18 22.80
C ASP B 27 -27.01 -53.79 22.32
N MET B 28 -26.88 -52.84 23.25
CA MET B 28 -26.50 -51.47 22.88
C MET B 28 -25.01 -51.29 22.72
N GLY B 29 -24.21 -52.32 22.97
CA GLY B 29 -22.77 -52.22 22.91
C GLY B 29 -22.12 -51.59 24.11
N TRP B 30 -22.90 -51.31 25.16
CA TRP B 30 -22.38 -50.63 26.34
C TRP B 30 -21.64 -51.54 27.28
N ASP B 31 -21.60 -52.84 27.00
CA ASP B 31 -20.77 -53.72 27.82
C ASP B 31 -19.28 -53.44 27.66
N ASP B 32 -18.86 -52.53 26.77
CA ASP B 32 -17.45 -52.19 26.78
C ASP B 32 -17.11 -51.24 27.93
N TRP B 33 -18.09 -50.65 28.60
CA TRP B 33 -17.78 -49.89 29.80
C TRP B 33 -18.61 -50.33 31.01
N ILE B 34 -19.83 -50.80 30.79
CA ILE B 34 -20.61 -51.33 31.89
C ILE B 34 -20.17 -52.76 32.16
N ILE B 35 -19.88 -53.06 33.42
CA ILE B 35 -19.61 -54.43 33.84
C ILE B 35 -20.89 -55.15 34.23
N ALA B 36 -21.71 -54.52 35.08
CA ALA B 36 -22.95 -55.14 35.55
C ALA B 36 -23.87 -54.03 36.04
N PRO B 37 -25.20 -54.21 35.92
CA PRO B 37 -25.88 -55.32 35.25
C PRO B 37 -25.79 -55.08 33.75
N LEU B 38 -25.92 -56.10 32.92
CA LEU B 38 -25.93 -55.88 31.48
C LEU B 38 -27.34 -55.72 30.94
N GLU B 39 -28.34 -55.83 31.80
CA GLU B 39 -29.71 -55.56 31.41
C GLU B 39 -30.50 -55.24 32.64
N TYR B 40 -31.58 -54.47 32.46
CA TYR B 40 -32.46 -54.23 33.59
C TYR B 40 -33.83 -53.85 33.06
N GLU B 41 -34.81 -53.88 33.96
CA GLU B 41 -36.18 -53.51 33.64
C GLU B 41 -36.39 -52.03 33.98
N ALA B 42 -36.57 -51.21 32.96
CA ALA B 42 -36.74 -49.78 33.16
C ALA B 42 -38.20 -49.38 33.26
N PHE B 43 -39.08 -50.14 32.62
CA PHE B 43 -40.48 -49.77 32.44
C PHE B 43 -40.63 -48.48 31.67
N HIS B 44 -41.86 -48.18 31.26
CA HIS B 44 -42.15 -46.88 30.71
C HIS B 44 -43.60 -46.57 31.02
N CYS B 45 -43.97 -45.32 30.83
CA CYS B 45 -45.33 -44.88 31.09
C CYS B 45 -46.04 -44.64 29.77
N GLU B 46 -47.33 -44.93 29.73
CA GLU B 46 -48.06 -44.75 28.49
C GLU B 46 -49.54 -44.84 28.79
N GLY B 47 -50.32 -44.01 28.11
CA GLY B 47 -51.76 -44.11 28.18
C GLY B 47 -52.42 -42.78 28.43
N LEU B 48 -53.74 -42.80 28.36
CA LEU B 48 -54.53 -41.58 28.43
C LEU B 48 -54.57 -40.99 29.83
N CYS B 49 -54.53 -39.66 29.88
CA CYS B 49 -54.74 -38.90 31.11
C CYS B 49 -56.08 -38.22 30.96
N GLU B 50 -57.13 -38.83 31.50
CA GLU B 50 -58.49 -38.34 31.32
C GLU B 50 -59.06 -37.81 32.63
N PHE B 51 -59.97 -36.85 32.50
CA PHE B 51 -60.72 -36.39 33.65
C PHE B 51 -61.65 -37.51 34.13
N PRO B 52 -61.71 -37.78 35.43
CA PRO B 52 -60.87 -37.21 36.49
C PRO B 52 -59.59 -38.00 36.64
N LEU B 53 -58.53 -37.34 37.09
CA LEU B 53 -57.31 -38.07 37.36
C LEU B 53 -57.52 -38.89 38.62
N ARG B 54 -57.29 -40.20 38.53
CA ARG B 54 -57.39 -41.03 39.71
C ARG B 54 -56.28 -40.65 40.68
N SER B 55 -56.56 -40.80 41.98
CA SER B 55 -55.65 -40.28 43.00
C SER B 55 -54.22 -40.78 42.82
N HIS B 56 -54.07 -42.02 42.37
CA HIS B 56 -52.72 -42.58 42.24
C HIS B 56 -51.96 -42.00 41.07
N LEU B 57 -52.62 -41.30 40.14
CA LEU B 57 -51.87 -40.54 39.14
C LEU B 57 -51.21 -39.31 39.75
N GLU B 58 -51.52 -38.99 41.01
CA GLU B 58 -50.95 -37.91 41.82
C GLU B 58 -50.62 -36.67 41.00
N PRO B 59 -51.63 -35.94 40.57
CA PRO B 59 -51.37 -34.76 39.75
C PRO B 59 -50.91 -33.58 40.58
N THR B 60 -50.08 -32.76 39.95
CA THR B 60 -49.89 -31.41 40.44
C THR B 60 -51.19 -30.62 40.35
N ASN B 61 -51.28 -29.54 41.11
CA ASN B 61 -52.39 -28.60 40.92
C ASN B 61 -52.48 -28.21 39.45
N HIS B 62 -51.34 -27.95 38.81
CA HIS B 62 -51.36 -27.56 37.41
C HIS B 62 -52.03 -28.63 36.55
N ALA B 63 -51.64 -29.90 36.76
CA ALA B 63 -52.24 -30.98 35.99
C ALA B 63 -53.73 -31.13 36.28
N VAL B 64 -54.15 -30.88 37.52
CA VAL B 64 -55.58 -30.90 37.83
C VAL B 64 -56.32 -29.87 36.98
N ILE B 65 -55.77 -28.66 36.91
CA ILE B 65 -56.43 -27.60 36.17
C ILE B 65 -56.36 -27.88 34.67
N GLN B 66 -55.20 -28.32 34.17
CA GLN B 66 -55.09 -28.57 32.74
C GLN B 66 -56.01 -29.70 32.30
N THR B 67 -56.06 -30.78 33.08
CA THR B 67 -56.98 -31.87 32.75
C THR B 67 -58.43 -31.39 32.74
N LEU B 68 -58.80 -30.56 33.71
CA LEU B 68 -60.12 -29.94 33.70
C LEU B 68 -60.33 -29.15 32.42
N MET B 69 -59.38 -28.28 32.09
CA MET B 69 -59.60 -27.41 30.93
C MET B 69 -59.64 -28.21 29.64
N ASN B 70 -58.80 -29.26 29.55
CA ASN B 70 -58.84 -30.07 28.35
C ASN B 70 -60.14 -30.85 28.25
N SER B 71 -60.69 -31.26 29.39
CA SER B 71 -61.99 -31.91 29.38
C SER B 71 -63.08 -30.97 28.90
N MET B 72 -63.06 -29.72 29.35
CA MET B 72 -64.10 -28.77 28.99
C MET B 72 -63.93 -28.27 27.56
N ASP B 73 -62.70 -28.21 27.07
CA ASP B 73 -62.41 -27.60 25.77
C ASP B 73 -61.11 -28.21 25.28
N PRO B 74 -61.18 -29.37 24.64
CA PRO B 74 -59.94 -30.03 24.19
C PRO B 74 -59.11 -29.19 23.23
N GLU B 75 -59.68 -28.13 22.65
CA GLU B 75 -58.91 -27.23 21.79
C GLU B 75 -58.18 -26.13 22.56
N SER B 76 -58.63 -25.80 23.77
CA SER B 76 -57.95 -24.77 24.54
C SER B 76 -56.65 -25.29 25.14
N THR B 77 -56.63 -26.55 25.58
CA THR B 77 -55.37 -27.10 26.02
C THR B 77 -55.34 -28.58 25.74
N PRO B 78 -54.17 -29.12 25.42
CA PRO B 78 -53.99 -30.55 25.27
C PRO B 78 -54.18 -31.26 26.61
N PRO B 79 -54.34 -32.57 26.59
CA PRO B 79 -54.44 -33.31 27.86
C PRO B 79 -53.10 -33.30 28.57
N THR B 80 -53.14 -33.63 29.85
CA THR B 80 -51.89 -33.90 30.55
C THR B 80 -51.29 -35.19 30.01
N CYS B 81 -50.05 -35.46 30.41
CA CYS B 81 -49.31 -36.56 29.81
C CYS B 81 -48.88 -37.57 30.86
N CYS B 82 -48.93 -38.83 30.47
CA CYS B 82 -48.60 -39.95 31.34
C CYS B 82 -47.08 -40.11 31.37
N VAL B 83 -46.47 -39.82 32.50
CA VAL B 83 -45.02 -39.80 32.64
C VAL B 83 -44.64 -40.40 33.98
N PRO B 84 -43.36 -40.76 34.14
CA PRO B 84 -42.93 -41.30 35.43
C PRO B 84 -43.04 -40.24 36.51
N THR B 85 -43.66 -40.60 37.63
CA THR B 85 -43.81 -39.72 38.77
C THR B 85 -42.96 -40.14 39.95
N ARG B 86 -42.51 -41.40 39.98
CA ARG B 86 -41.54 -41.87 40.94
C ARG B 86 -40.61 -42.81 40.20
N LEU B 87 -39.32 -42.65 40.42
CA LEU B 87 -38.34 -43.52 39.79
C LEU B 87 -37.37 -43.96 40.86
N SER B 88 -36.68 -45.07 40.59
CA SER B 88 -35.72 -45.59 41.53
C SER B 88 -34.39 -45.76 40.82
N PRO B 89 -33.29 -45.79 41.55
CA PRO B 89 -31.98 -45.92 40.93
C PRO B 89 -31.67 -47.39 40.66
N ILE B 90 -30.63 -47.60 39.86
CA ILE B 90 -29.98 -48.91 39.85
C ILE B 90 -28.50 -48.67 40.04
N SER B 91 -27.86 -49.64 40.67
CA SER B 91 -26.43 -49.61 40.90
C SER B 91 -25.74 -50.16 39.67
N ILE B 92 -24.80 -49.40 39.12
CA ILE B 92 -24.06 -49.82 37.95
C ILE B 92 -22.60 -49.95 38.31
N LEU B 93 -22.02 -51.10 37.98
CA LEU B 93 -20.60 -51.35 38.06
C LEU B 93 -20.03 -51.10 36.67
N PHE B 94 -19.07 -50.19 36.57
CA PHE B 94 -18.58 -49.82 35.26
C PHE B 94 -17.12 -49.41 35.36
N ILE B 95 -16.51 -49.27 34.19
CA ILE B 95 -15.12 -48.85 34.07
C ILE B 95 -15.14 -47.34 33.84
N ASP B 96 -14.54 -46.59 34.76
CA ASP B 96 -14.68 -45.14 34.71
C ASP B 96 -13.62 -44.52 33.79
N SER B 97 -13.63 -43.18 33.73
CA SER B 97 -12.73 -42.46 32.85
C SER B 97 -11.27 -42.65 33.23
N ALA B 98 -10.98 -43.01 34.47
CA ALA B 98 -9.62 -43.32 34.90
C ALA B 98 -9.29 -44.80 34.72
N ASN B 99 -10.16 -45.56 34.06
CA ASN B 99 -9.98 -46.98 33.79
C ASN B 99 -10.06 -47.83 35.05
N ASN B 100 -10.80 -47.38 36.06
CA ASN B 100 -10.97 -48.11 37.31
C ASN B 100 -12.39 -48.63 37.42
N VAL B 101 -12.55 -49.73 38.15
CA VAL B 101 -13.88 -50.24 38.44
C VAL B 101 -14.55 -49.31 39.45
N VAL B 102 -15.74 -48.85 39.10
CA VAL B 102 -16.52 -47.96 39.93
C VAL B 102 -17.92 -48.54 40.07
N TYR B 103 -18.44 -48.52 41.30
CA TYR B 103 -19.84 -48.82 41.57
C TYR B 103 -20.57 -47.52 41.88
N LYS B 104 -21.64 -47.24 41.15
CA LYS B 104 -22.34 -45.98 41.33
C LYS B 104 -23.83 -46.19 41.14
N GLN B 105 -24.62 -45.56 42.01
CA GLN B 105 -26.05 -45.48 41.83
C GLN B 105 -26.38 -44.51 40.71
N TYR B 106 -27.09 -44.99 39.68
CA TYR B 106 -27.63 -44.15 38.63
C TYR B 106 -29.07 -43.83 39.01
N GLU B 107 -29.33 -42.58 39.37
CA GLU B 107 -30.67 -42.25 39.82
C GLU B 107 -31.66 -42.24 38.66
N ASP B 108 -32.94 -42.36 39.00
CA ASP B 108 -34.04 -42.19 38.05
C ASP B 108 -33.91 -43.13 36.86
N MET B 109 -33.64 -44.41 37.13
CA MET B 109 -33.44 -45.39 36.07
C MET B 109 -34.65 -46.31 35.87
N VAL B 110 -35.43 -46.54 36.92
CA VAL B 110 -36.53 -47.49 36.88
C VAL B 110 -37.81 -46.74 37.23
N VAL B 111 -38.82 -46.84 36.37
CA VAL B 111 -40.10 -46.24 36.68
C VAL B 111 -40.77 -47.05 37.79
N GLU B 112 -41.13 -46.38 38.88
CA GLU B 112 -41.89 -47.02 39.95
C GLU B 112 -43.37 -46.68 39.89
N SER B 113 -43.71 -45.49 39.42
CA SER B 113 -45.11 -45.11 39.27
C SER B 113 -45.24 -44.14 38.12
N CYS B 114 -46.39 -44.21 37.45
CA CYS B 114 -46.73 -43.32 36.36
C CYS B 114 -47.86 -42.40 36.78
N GLY B 115 -47.93 -41.23 36.18
CA GLY B 115 -49.00 -40.31 36.52
C GLY B 115 -49.11 -39.24 35.47
N CYS B 116 -50.07 -38.35 35.67
CA CYS B 116 -50.45 -37.37 34.65
C CYS B 116 -49.94 -36.01 35.07
N ARG B 117 -49.15 -35.40 34.19
CA ARG B 117 -48.48 -34.16 34.52
C ARG B 117 -48.59 -33.14 33.40
N GLN C 4 -63.95 -33.91 56.79
CA GLN C 4 -62.77 -33.81 55.95
C GLN C 4 -63.16 -33.83 54.48
N CYS C 5 -62.28 -33.34 53.61
CA CYS C 5 -62.56 -33.40 52.18
C CYS C 5 -62.36 -34.83 51.70
N ARG C 6 -63.41 -35.43 51.16
CA ARG C 6 -63.38 -36.81 50.73
C ARG C 6 -63.62 -36.93 49.24
N ILE C 7 -63.13 -35.94 48.48
CA ILE C 7 -63.30 -35.97 47.03
C ILE C 7 -62.66 -37.21 46.42
N GLN C 8 -61.54 -37.67 46.98
CA GLN C 8 -60.85 -38.79 46.35
C GLN C 8 -61.68 -40.06 46.43
N LYS C 9 -62.52 -40.21 47.46
CA LYS C 9 -63.45 -41.32 47.51
C LYS C 9 -64.43 -41.24 46.34
N CYS C 10 -65.02 -40.06 46.11
CA CYS C 10 -65.94 -39.88 45.00
C CYS C 10 -65.27 -40.23 43.67
N THR C 11 -64.05 -39.74 43.48
CA THR C 11 -63.35 -39.98 42.23
C THR C 11 -63.02 -41.46 42.06
N THR C 12 -62.50 -42.08 43.09
CA THR C 12 -62.20 -43.52 43.04
C THR C 12 -63.42 -44.31 42.60
N ASP C 13 -64.57 -44.04 43.23
CA ASP C 13 -65.82 -44.70 42.86
C ASP C 13 -66.14 -44.48 41.39
N PHE C 14 -66.08 -43.24 40.94
CA PHE C 14 -66.41 -42.94 39.55
C PHE C 14 -65.46 -43.66 38.61
N VAL C 15 -64.16 -43.63 38.92
CA VAL C 15 -63.19 -44.29 38.07
C VAL C 15 -63.38 -45.81 38.11
N SER C 16 -63.61 -46.37 39.30
CA SER C 16 -63.88 -47.80 39.40
C SER C 16 -65.08 -48.17 38.52
N LEU C 17 -66.14 -47.39 38.62
CA LEU C 17 -67.40 -47.71 37.97
C LEU C 17 -67.33 -47.56 36.45
N THR C 18 -66.45 -46.70 35.94
CA THR C 18 -66.32 -46.45 34.51
C THR C 18 -65.06 -47.04 33.91
N SER C 19 -64.22 -47.71 34.70
CA SER C 19 -62.93 -48.19 34.22
C SER C 19 -63.08 -49.17 33.07
N HIS C 20 -64.15 -49.96 33.07
CA HIS C 20 -64.41 -50.93 32.02
C HIS C 20 -65.00 -50.30 30.76
N LEU C 21 -65.40 -49.04 30.82
CA LEU C 21 -66.05 -48.43 29.67
C LEU C 21 -65.05 -48.20 28.55
N ASN C 22 -65.43 -48.62 27.35
CA ASN C 22 -64.65 -48.44 26.14
C ASN C 22 -65.54 -47.64 25.19
N SER C 23 -65.10 -46.43 24.84
CA SER C 23 -65.93 -45.52 24.05
C SER C 23 -66.46 -46.18 22.77
N ALA C 24 -65.75 -47.19 22.27
CA ALA C 24 -66.16 -47.87 21.05
C ALA C 24 -67.20 -48.96 21.28
N VAL C 25 -67.61 -49.20 22.53
CA VAL C 25 -68.61 -50.21 22.85
C VAL C 25 -69.95 -49.52 23.04
N ASP C 26 -71.02 -50.29 22.85
CA ASP C 26 -72.31 -49.78 22.39
C ASP C 26 -73.12 -49.02 23.44
N GLY C 27 -72.78 -49.12 24.72
CA GLY C 27 -73.60 -48.46 25.72
C GLY C 27 -72.90 -47.41 26.56
N PHE C 28 -71.88 -46.78 25.99
CA PHE C 28 -70.98 -45.94 26.78
C PHE C 28 -71.72 -44.80 27.48
N ASP C 29 -72.58 -44.09 26.75
CA ASP C 29 -73.17 -42.87 27.30
C ASP C 29 -74.14 -43.14 28.45
N SER C 30 -74.92 -44.22 28.36
CA SER C 30 -75.93 -44.46 29.39
C SER C 30 -75.30 -44.86 30.72
N GLU C 31 -74.30 -45.76 30.68
CA GLU C 31 -73.60 -46.10 31.91
C GLU C 31 -72.80 -44.91 32.43
N PHE C 32 -72.22 -44.13 31.51
CA PHE C 32 -71.43 -42.97 31.89
C PHE C 32 -72.28 -41.95 32.64
N CYS C 33 -73.49 -41.67 32.14
CA CYS C 33 -74.34 -40.67 32.77
C CYS C 33 -74.75 -41.08 34.18
N LYS C 34 -75.20 -42.33 34.34
CA LYS C 34 -75.49 -42.84 35.68
C LYS C 34 -74.30 -42.66 36.61
N ALA C 35 -73.12 -43.04 36.13
CA ALA C 35 -71.89 -42.85 36.90
C ALA C 35 -71.65 -41.38 37.21
N LEU C 36 -71.78 -40.51 36.20
CA LEU C 36 -71.58 -39.09 36.42
C LEU C 36 -72.57 -38.54 37.44
N ARG C 37 -73.82 -38.96 37.36
CA ARG C 37 -74.82 -38.50 38.33
C ARG C 37 -74.42 -38.90 39.75
N ALA C 38 -73.93 -40.13 39.94
CA ALA C 38 -73.50 -40.55 41.26
C ALA C 38 -72.28 -39.76 41.72
N TYR C 39 -71.37 -39.47 40.78
CA TYR C 39 -70.19 -38.68 41.08
C TYR C 39 -70.58 -37.27 41.50
N ALA C 40 -71.53 -36.66 40.78
CA ALA C 40 -72.07 -35.36 41.17
C ALA C 40 -72.66 -35.39 42.57
N GLY C 41 -73.48 -36.40 42.87
CA GLY C 41 -74.04 -36.51 44.20
C GLY C 41 -72.99 -36.68 45.28
N CYS C 42 -72.00 -37.53 45.02
CA CYS C 42 -70.95 -37.75 46.02
C CYS C 42 -70.17 -36.46 46.27
N THR C 43 -69.80 -35.76 45.20
CA THR C 43 -69.05 -34.52 45.38
C THR C 43 -69.87 -33.47 46.12
N GLN C 44 -71.18 -33.43 45.86
CA GLN C 44 -72.01 -32.48 46.58
C GLN C 44 -72.06 -32.79 48.07
N ARG C 45 -71.99 -34.07 48.45
CA ARG C 45 -72.08 -34.42 49.86
C ARG C 45 -70.82 -34.06 50.64
N THR C 46 -69.69 -33.83 49.98
CA THR C 46 -68.49 -33.40 50.68
C THR C 46 -68.11 -31.96 50.34
N SER C 47 -69.02 -31.20 49.72
CA SER C 47 -68.71 -29.86 49.22
C SER C 47 -68.17 -28.95 50.32
N LYS C 48 -68.87 -28.85 51.44
CA LYS C 48 -68.47 -27.90 52.48
C LYS C 48 -67.05 -28.16 52.95
N ALA C 49 -66.73 -29.43 53.22
CA ALA C 49 -65.40 -29.77 53.71
C ALA C 49 -64.31 -29.49 52.68
N CYS C 50 -64.66 -29.38 51.40
CA CYS C 50 -63.67 -29.33 50.34
C CYS C 50 -63.42 -27.93 49.79
N ARG C 51 -64.08 -26.91 50.32
CA ARG C 51 -63.88 -25.58 49.77
C ARG C 51 -62.40 -25.20 49.82
N GLY C 52 -61.90 -24.67 48.71
CA GLY C 52 -60.50 -24.35 48.57
C GLY C 52 -59.64 -25.48 48.06
N ASN C 53 -60.20 -26.68 47.91
CA ASN C 53 -59.47 -27.84 47.43
C ASN C 53 -59.62 -27.91 45.92
N LEU C 54 -58.53 -27.64 45.19
CA LEU C 54 -58.61 -27.57 43.73
C LEU C 54 -59.09 -28.87 43.11
N VAL C 55 -58.73 -30.02 43.69
CA VAL C 55 -59.24 -31.27 43.16
C VAL C 55 -60.76 -31.31 43.25
N TYR C 56 -61.32 -30.86 44.38
CA TYR C 56 -62.77 -30.82 44.51
C TYR C 56 -63.41 -29.85 43.50
N HIS C 57 -62.95 -28.59 43.49
CA HIS C 57 -63.60 -27.62 42.61
C HIS C 57 -63.49 -28.04 41.15
N SER C 58 -62.35 -28.64 40.77
CA SER C 58 -62.20 -29.11 39.39
C SER C 58 -63.16 -30.25 39.10
N ALA C 59 -63.31 -31.18 40.05
CA ALA C 59 -64.26 -32.27 39.89
C ALA C 59 -65.67 -31.74 39.66
N VAL C 60 -66.12 -30.84 40.55
CA VAL C 60 -67.48 -30.31 40.44
C VAL C 60 -67.70 -29.72 39.06
N LEU C 61 -66.77 -28.88 38.61
CA LEU C 61 -66.95 -28.21 37.33
C LEU C 61 -66.81 -29.21 36.19
N GLY C 62 -65.82 -30.11 36.26
CA GLY C 62 -65.66 -31.10 35.21
C GLY C 62 -66.88 -31.99 35.06
N ILE C 63 -67.46 -32.42 36.18
CA ILE C 63 -68.66 -33.25 36.16
C ILE C 63 -69.81 -32.50 35.53
N SER C 64 -70.05 -31.28 36.02
CA SER C 64 -71.14 -30.46 35.48
C SER C 64 -70.96 -30.27 33.98
N ASP C 65 -69.73 -30.00 33.54
CA ASP C 65 -69.51 -29.79 32.13
C ASP C 65 -69.76 -31.06 31.33
N LEU C 66 -69.27 -32.20 31.81
CA LEU C 66 -69.50 -33.47 31.12
C LEU C 66 -70.99 -33.79 31.06
N MET C 67 -71.71 -33.59 32.16
CA MET C 67 -73.14 -33.84 32.14
C MET C 67 -73.84 -32.95 31.12
N SER C 68 -73.35 -31.72 30.94
CA SER C 68 -73.88 -30.89 29.88
C SER C 68 -73.46 -31.39 28.51
N GLN C 69 -72.16 -31.67 28.34
CA GLN C 69 -71.67 -32.16 27.06
C GLN C 69 -72.43 -33.39 26.60
N ARG C 70 -72.65 -34.34 27.52
CA ARG C 70 -73.25 -35.63 27.20
C ARG C 70 -74.77 -35.66 27.35
N ASN C 71 -75.38 -34.53 27.72
CA ASN C 71 -76.82 -34.44 27.90
C ASN C 71 -77.33 -35.48 28.90
N CYS C 72 -76.63 -35.60 30.03
CA CYS C 72 -77.09 -36.40 31.15
C CYS C 72 -78.01 -35.55 32.02
N SER C 73 -79.26 -35.99 32.19
CA SER C 73 -80.21 -35.24 32.99
C SER C 73 -79.68 -35.06 34.42
N LYS C 74 -80.10 -33.97 35.06
CA LYS C 74 -79.67 -33.68 36.42
C LYS C 74 -80.08 -34.78 37.37
N ASP C 75 -81.35 -35.17 37.34
CA ASP C 75 -81.86 -36.32 38.07
C ASP C 75 -81.93 -37.53 37.14
N GLY C 76 -81.82 -38.71 37.72
CA GLY C 76 -81.88 -39.94 36.97
C GLY C 76 -81.25 -41.09 37.73
N PRO C 77 -81.40 -42.30 37.21
CA PRO C 77 -80.80 -43.47 37.88
C PRO C 77 -79.29 -43.32 38.00
N GLN D 4 -13.69 -31.11 30.89
CA GLN D 4 -14.66 -32.02 31.48
C GLN D 4 -15.53 -32.63 30.37
N CYS D 5 -16.65 -33.24 30.74
CA CYS D 5 -17.55 -33.77 29.75
C CYS D 5 -18.30 -32.62 29.08
N ARG D 6 -18.25 -32.56 27.76
CA ARG D 6 -18.80 -31.44 27.01
C ARG D 6 -19.80 -31.91 25.96
N ILE D 7 -20.46 -33.03 26.23
CA ILE D 7 -21.46 -33.56 25.31
C ILE D 7 -22.58 -32.57 25.08
N GLN D 8 -22.91 -31.75 26.09
CA GLN D 8 -24.03 -30.82 25.93
C GLN D 8 -23.74 -29.81 24.83
N LYS D 9 -22.48 -29.38 24.71
CA LYS D 9 -22.11 -28.50 23.61
C LYS D 9 -22.34 -29.17 22.27
N CYS D 10 -21.94 -30.44 22.15
CA CYS D 10 -22.14 -31.16 20.90
C CYS D 10 -23.63 -31.22 20.55
N THR D 11 -24.43 -31.58 21.54
CA THR D 11 -25.85 -31.72 21.31
C THR D 11 -26.48 -30.38 20.95
N THR D 12 -26.16 -29.33 21.72
CA THR D 12 -26.65 -27.99 21.41
C THR D 12 -26.34 -27.61 19.96
N ASP D 13 -25.09 -27.83 19.52
CA ASP D 13 -24.73 -27.52 18.15
C ASP D 13 -25.60 -28.30 17.16
N PHE D 14 -25.76 -29.60 17.41
CA PHE D 14 -26.55 -30.42 16.50
C PHE D 14 -27.99 -29.93 16.45
N VAL D 15 -28.58 -29.65 17.60
CA VAL D 15 -29.97 -29.19 17.63
C VAL D 15 -30.10 -27.82 16.98
N SER D 16 -29.15 -26.91 17.28
CA SER D 16 -29.19 -25.59 16.65
C SER D 16 -29.13 -25.70 15.14
N LEU D 17 -28.27 -26.59 14.64
CA LEU D 17 -28.02 -26.71 13.21
C LEU D 17 -29.16 -27.39 12.46
N THR D 18 -29.96 -28.23 13.12
CA THR D 18 -30.96 -29.04 12.44
C THR D 18 -32.41 -28.72 12.79
N SER D 19 -32.65 -27.85 13.78
CA SER D 19 -34.01 -27.67 14.29
C SER D 19 -34.98 -27.24 13.19
N HIS D 20 -34.51 -26.42 12.23
CA HIS D 20 -35.34 -25.92 11.16
C HIS D 20 -35.60 -26.96 10.06
N LEU D 21 -34.78 -28.02 10.01
CA LEU D 21 -34.83 -28.94 8.88
C LEU D 21 -36.18 -29.64 8.81
N ASN D 22 -36.72 -29.70 7.60
CA ASN D 22 -38.03 -30.30 7.35
C ASN D 22 -37.93 -31.17 6.11
N SER D 23 -38.38 -32.42 6.23
CA SER D 23 -38.23 -33.40 5.15
C SER D 23 -38.99 -33.01 3.89
N ALA D 24 -39.84 -31.99 3.94
CA ALA D 24 -40.53 -31.54 2.74
C ALA D 24 -39.64 -30.74 1.80
N VAL D 25 -38.47 -30.30 2.27
CA VAL D 25 -37.57 -29.50 1.44
C VAL D 25 -36.50 -30.41 0.85
N ASP D 26 -35.92 -29.96 -0.26
CA ASP D 26 -35.00 -30.75 -1.06
C ASP D 26 -33.86 -31.38 -0.28
N GLY D 27 -32.95 -30.54 0.22
CA GLY D 27 -31.71 -31.06 0.79
C GLY D 27 -31.74 -31.44 2.26
N PHE D 28 -32.89 -31.88 2.75
CA PHE D 28 -33.01 -32.29 4.14
C PHE D 28 -31.94 -33.33 4.51
N ASP D 29 -31.92 -34.45 3.77
CA ASP D 29 -31.09 -35.58 4.18
C ASP D 29 -29.61 -35.24 4.12
N SER D 30 -29.17 -34.46 3.14
CA SER D 30 -27.75 -34.11 3.05
C SER D 30 -27.34 -33.20 4.20
N GLU D 31 -28.10 -32.12 4.44
CA GLU D 31 -27.81 -31.25 5.57
C GLU D 31 -27.88 -32.01 6.88
N PHE D 32 -28.86 -32.91 7.02
CA PHE D 32 -28.96 -33.68 8.24
C PHE D 32 -27.74 -34.57 8.43
N CYS D 33 -27.31 -35.25 7.36
CA CYS D 33 -26.14 -36.12 7.46
C CYS D 33 -24.88 -35.34 7.77
N LYS D 34 -24.76 -34.14 7.20
CA LYS D 34 -23.61 -33.29 7.52
C LYS D 34 -23.61 -32.96 9.01
N ALA D 35 -24.76 -32.55 9.55
CA ALA D 35 -24.85 -32.24 10.97
C ALA D 35 -24.59 -33.47 11.82
N LEU D 36 -25.04 -34.64 11.36
CA LEU D 36 -24.83 -35.86 12.11
C LEU D 36 -23.36 -36.22 12.18
N ARG D 37 -22.65 -36.10 11.06
CA ARG D 37 -21.22 -36.39 11.08
C ARG D 37 -20.50 -35.43 12.02
N ALA D 38 -20.88 -34.15 12.00
CA ALA D 38 -20.25 -33.19 12.91
C ALA D 38 -20.55 -33.53 14.35
N TYR D 39 -21.79 -33.98 14.62
CA TYR D 39 -22.18 -34.39 15.95
C TYR D 39 -21.40 -35.62 16.39
N ALA D 40 -21.29 -36.62 15.52
CA ALA D 40 -20.46 -37.78 15.80
C ALA D 40 -19.03 -37.36 16.12
N GLY D 41 -18.48 -36.43 15.36
CA GLY D 41 -17.09 -36.04 15.59
C GLY D 41 -16.93 -35.33 16.92
N CYS D 42 -17.84 -34.40 17.22
CA CYS D 42 -17.78 -33.68 18.48
C CYS D 42 -17.90 -34.63 19.67
N THR D 43 -18.81 -35.61 19.58
CA THR D 43 -18.98 -36.54 20.70
C THR D 43 -17.76 -37.43 20.86
N GLN D 44 -17.17 -37.86 19.75
CA GLN D 44 -15.96 -38.69 19.78
C GLN D 44 -14.83 -37.99 20.54
N ARG D 45 -14.67 -36.69 20.34
CA ARG D 45 -13.55 -35.96 20.92
C ARG D 45 -13.69 -35.71 22.42
N THR D 46 -14.85 -35.97 23.01
CA THR D 46 -15.04 -35.84 24.44
C THR D 46 -15.35 -37.19 25.10
N SER D 47 -14.98 -38.29 24.43
CA SER D 47 -15.38 -39.63 24.88
C SER D 47 -14.86 -39.94 26.27
N LYS D 48 -13.58 -39.65 26.53
CA LYS D 48 -12.97 -40.06 27.80
C LYS D 48 -13.58 -39.32 28.98
N ALA D 49 -13.66 -37.99 28.90
CA ALA D 49 -14.22 -37.19 29.99
C ALA D 49 -15.66 -37.60 30.29
N CYS D 50 -16.39 -38.10 29.30
CA CYS D 50 -17.81 -38.36 29.44
C CYS D 50 -18.13 -39.79 29.83
N ARG D 51 -17.12 -40.64 30.02
CA ARG D 51 -17.33 -42.03 30.37
C ARG D 51 -18.29 -42.16 31.54
N GLY D 52 -19.34 -42.96 31.36
CA GLY D 52 -20.33 -43.19 32.38
C GLY D 52 -21.50 -42.24 32.37
N ASN D 53 -21.45 -41.18 31.58
CA ASN D 53 -22.55 -40.22 31.43
C ASN D 53 -23.52 -40.78 30.39
N LEU D 54 -24.72 -41.14 30.85
CA LEU D 54 -25.69 -41.75 29.93
C LEU D 54 -26.05 -40.81 28.80
N VAL D 55 -26.04 -39.50 29.05
CA VAL D 55 -26.27 -38.55 27.96
C VAL D 55 -25.23 -38.76 26.86
N TYR D 56 -23.96 -38.91 27.26
CA TYR D 56 -22.93 -39.16 26.27
C TYR D 56 -23.12 -40.50 25.58
N HIS D 57 -23.28 -41.58 26.35
CA HIS D 57 -23.31 -42.87 25.70
C HIS D 57 -24.53 -43.00 24.80
N SER D 58 -25.66 -42.42 25.21
CA SER D 58 -26.85 -42.44 24.38
C SER D 58 -26.65 -41.63 23.11
N ALA D 59 -25.99 -40.49 23.22
CA ALA D 59 -25.67 -39.69 22.04
C ALA D 59 -24.88 -40.51 21.03
N VAL D 60 -23.79 -41.13 21.49
CA VAL D 60 -22.93 -41.93 20.60
C VAL D 60 -23.76 -42.98 19.87
N LEU D 61 -24.57 -43.74 20.61
CA LEU D 61 -25.32 -44.82 19.99
C LEU D 61 -26.44 -44.27 19.10
N GLY D 62 -27.19 -43.28 19.60
CA GLY D 62 -28.25 -42.68 18.81
C GLY D 62 -27.74 -42.04 17.54
N ILE D 63 -26.55 -41.42 17.60
CA ILE D 63 -25.96 -40.86 16.40
C ILE D 63 -25.65 -41.97 15.39
N SER D 64 -24.94 -43.02 15.86
CA SER D 64 -24.62 -44.14 14.98
C SER D 64 -25.88 -44.74 14.37
N ASP D 65 -26.93 -44.88 15.18
CA ASP D 65 -28.16 -45.46 14.67
C ASP D 65 -28.82 -44.55 13.65
N LEU D 66 -28.87 -43.25 13.93
CA LEU D 66 -29.46 -42.31 12.98
C LEU D 66 -28.68 -42.28 11.66
N MET D 67 -27.35 -42.36 11.75
CA MET D 67 -26.56 -42.37 10.53
C MET D 67 -26.86 -43.60 9.70
N SER D 68 -27.07 -44.74 10.36
CA SER D 68 -27.51 -45.94 9.66
C SER D 68 -28.89 -45.74 9.07
N GLN D 69 -29.83 -45.20 9.86
CA GLN D 69 -31.20 -45.05 9.39
C GLN D 69 -31.29 -44.09 8.21
N ARG D 70 -30.58 -42.97 8.27
CA ARG D 70 -30.63 -41.97 7.21
C ARG D 70 -29.59 -42.20 6.12
N ASN D 71 -28.84 -43.29 6.20
CA ASN D 71 -27.84 -43.66 5.18
C ASN D 71 -26.77 -42.60 5.00
N CYS D 72 -26.33 -42.02 6.11
CA CYS D 72 -25.23 -41.07 6.05
C CYS D 72 -23.91 -41.82 6.04
N SER D 73 -23.08 -41.54 5.04
CA SER D 73 -21.73 -42.10 5.05
C SER D 73 -21.01 -41.65 6.32
N LYS D 74 -20.23 -42.55 6.90
CA LYS D 74 -19.45 -42.19 8.09
C LYS D 74 -18.41 -41.13 7.74
N ASP D 75 -17.83 -41.22 6.55
CA ASP D 75 -16.93 -40.20 6.04
C ASP D 75 -17.69 -39.34 5.03
N GLY D 76 -17.43 -38.03 5.06
CA GLY D 76 -18.12 -37.10 4.22
C GLY D 76 -18.05 -35.69 4.80
N PRO D 77 -18.62 -34.72 4.10
CA PRO D 77 -18.54 -33.33 4.57
C PRO D 77 -19.45 -33.09 5.77
N THR D 78 -19.16 -32.00 6.47
CA THR D 78 -19.93 -31.62 7.65
C THR D 78 -20.56 -30.24 7.48
N PRO E 5 -103.07 0.83 31.11
CA PRO E 5 -103.53 1.78 32.14
C PRO E 5 -103.22 3.25 31.80
N MET E 6 -102.78 4.06 32.82
CA MET E 6 -102.42 5.48 32.74
C MET E 6 -100.96 5.65 32.28
N MET E 7 -100.70 6.63 31.39
CA MET E 7 -99.38 6.93 30.84
C MET E 7 -98.48 7.62 31.92
N PRO E 8 -97.29 7.05 32.25
CA PRO E 8 -96.43 7.68 33.28
C PRO E 8 -95.94 9.06 32.87
N PRO E 9 -95.63 9.97 33.82
CA PRO E 9 -95.08 11.28 33.45
C PRO E 9 -93.73 11.20 32.71
N VAL E 10 -93.40 12.24 31.93
CA VAL E 10 -92.16 12.31 31.13
C VAL E 10 -91.36 13.58 31.43
N GLY E 11 -90.17 13.68 30.84
CA GLY E 11 -89.27 14.82 30.96
C GLY E 11 -89.01 15.26 32.38
N VAL E 12 -88.68 14.30 33.26
CA VAL E 12 -88.35 14.55 34.66
C VAL E 12 -86.98 15.24 34.66
N GLN E 13 -86.91 16.42 35.28
CA GLN E 13 -85.68 17.23 35.35
C GLN E 13 -85.38 17.75 36.73
N ALA E 14 -84.12 17.60 37.16
CA ALA E 14 -83.64 18.03 38.48
C ALA E 14 -82.82 19.32 38.41
N SER E 15 -83.36 20.41 38.97
CA SER E 15 -82.70 21.71 39.02
C SER E 15 -82.07 21.92 40.42
N ILE E 16 -80.74 21.94 40.47
CA ILE E 16 -79.97 22.11 41.72
C ILE E 16 -80.01 23.55 42.19
N LEU E 17 -80.49 23.75 43.42
CA LEU E 17 -80.62 25.09 43.98
C LEU E 17 -79.63 25.39 45.07
N SER E 18 -79.23 24.37 45.87
CA SER E 18 -78.27 24.49 46.98
C SER E 18 -77.69 23.14 47.37
N HIS E 19 -77.03 23.06 48.54
CA HIS E 19 -76.48 21.85 49.14
C HIS E 19 -77.55 20.90 49.66
N ASP E 20 -78.81 21.37 49.83
CA ASP E 20 -79.90 20.53 50.36
C ASP E 20 -81.20 20.61 49.59
N THR E 21 -81.23 21.36 48.50
CA THR E 21 -82.45 21.61 47.74
C THR E 21 -82.30 21.37 46.26
N ILE E 22 -83.29 20.67 45.70
CA ILE E 22 -83.40 20.36 44.27
C ILE E 22 -84.88 20.50 43.85
N ARG E 23 -85.15 21.27 42.78
CA ARG E 23 -86.51 21.40 42.23
C ARG E 23 -86.69 20.36 41.12
N ILE E 24 -87.75 19.55 41.23
CA ILE E 24 -88.12 18.54 40.23
C ILE E 24 -89.28 19.07 39.35
N THR E 25 -89.16 18.88 38.02
CA THR E 25 -90.19 19.28 37.04
C THR E 25 -90.39 18.13 36.07
N TRP E 26 -91.62 17.95 35.57
CA TRP E 26 -91.99 16.89 34.62
C TRP E 26 -93.14 17.29 33.72
N ALA E 27 -93.31 16.57 32.61
CA ALA E 27 -94.39 16.78 31.68
C ALA E 27 -95.31 15.57 31.67
N ASP E 28 -96.61 15.80 31.45
CA ASP E 28 -97.64 14.77 31.33
C ASP E 28 -98.15 14.84 29.89
N ASN E 29 -97.95 13.77 29.10
CA ASN E 29 -98.38 13.69 27.69
C ASN E 29 -99.90 13.61 27.55
N SER E 30 -100.56 13.02 28.55
CA SER E 30 -102.00 12.87 28.67
C SER E 30 -102.67 14.24 28.84
N LEU E 31 -101.87 15.25 29.22
CA LEU E 31 -102.29 16.64 29.47
C LEU E 31 -102.20 17.53 28.22
N PRO E 32 -103.06 18.56 28.13
CA PRO E 32 -103.07 19.51 27.01
C PRO E 32 -101.86 20.45 27.12
N LYS E 33 -101.63 21.25 26.08
CA LYS E 33 -100.47 22.19 26.02
C LYS E 33 -100.52 23.16 27.20
N HIS E 34 -99.33 23.47 27.75
CA HIS E 34 -99.04 24.34 28.92
C HIS E 34 -99.26 23.57 30.23
N GLN E 35 -99.43 22.24 30.12
CA GLN E 35 -99.60 21.34 31.30
C GLN E 35 -100.76 21.79 32.18
N LYS E 36 -101.89 22.17 31.58
CA LYS E 36 -103.08 22.60 32.37
C LYS E 36 -103.82 21.37 32.89
N ILE E 37 -103.97 21.28 34.22
CA ILE E 37 -104.67 20.20 34.92
C ILE E 37 -106.14 20.61 35.06
N THR E 38 -107.05 19.87 34.42
CA THR E 38 -108.48 20.20 34.43
C THR E 38 -109.37 19.11 35.08
N ASP E 39 -108.72 18.20 35.84
CA ASP E 39 -109.34 17.06 36.53
C ASP E 39 -108.73 16.85 37.93
N SER E 40 -109.21 15.83 38.68
CA SER E 40 -108.77 15.50 40.05
C SER E 40 -107.45 14.71 40.19
N ARG E 41 -106.60 14.74 39.15
CA ARG E 41 -105.32 14.03 39.17
C ARG E 41 -104.30 14.66 40.09
N TYR E 42 -103.45 13.82 40.68
CA TYR E 42 -102.35 14.24 41.53
C TYR E 42 -101.11 13.41 41.20
N TYR E 43 -99.92 14.00 41.43
CA TYR E 43 -98.65 13.34 41.16
C TYR E 43 -97.95 12.89 42.43
N THR E 44 -97.12 11.86 42.34
CA THR E 44 -96.30 11.40 43.46
C THR E 44 -94.84 11.42 43.01
N VAL E 45 -94.01 12.14 43.75
CA VAL E 45 -92.56 12.22 43.50
C VAL E 45 -91.88 11.33 44.53
N ARG E 46 -90.94 10.49 44.08
CA ARG E 46 -90.13 9.64 44.94
C ARG E 46 -88.64 9.92 44.74
N TRP E 47 -87.86 9.85 45.83
CA TRP E 47 -86.42 10.12 45.81
C TRP E 47 -85.67 9.38 46.90
N LYS E 48 -84.41 9.07 46.62
CA LYS E 48 -83.44 8.44 47.53
C LYS E 48 -82.04 8.59 46.94
N THR E 49 -81.03 8.27 47.75
CA THR E 49 -79.63 8.20 47.41
C THR E 49 -79.16 6.80 47.87
N ASN E 50 -77.88 6.47 47.72
CA ASN E 50 -77.35 5.14 48.07
C ASN E 50 -76.60 5.11 49.37
N ILE E 51 -76.63 6.23 50.12
CA ILE E 51 -75.93 6.44 51.39
C ILE E 51 -76.92 6.89 52.49
N PRO E 52 -77.00 6.21 53.66
CA PRO E 52 -76.28 4.97 54.04
C PRO E 52 -76.88 3.73 53.36
N ALA E 53 -76.42 2.51 53.70
CA ALA E 53 -77.00 1.29 53.11
C ALA E 53 -78.51 1.13 53.40
N ASN E 54 -79.22 0.47 52.48
CA ASN E 54 -80.64 0.11 52.59
C ASN E 54 -81.62 1.22 52.87
N THR E 55 -81.43 2.42 52.31
CA THR E 55 -82.43 3.47 52.52
C THR E 55 -83.68 3.12 51.70
N LYS E 56 -84.80 3.71 52.11
CA LYS E 56 -86.07 3.54 51.42
C LYS E 56 -86.32 4.87 50.71
N TYR E 57 -87.18 4.84 49.70
CA TYR E 57 -87.61 6.00 48.95
C TYR E 57 -88.43 6.95 49.85
N LYS E 58 -88.24 8.26 49.67
CA LYS E 58 -89.06 9.27 50.31
C LYS E 58 -90.08 9.62 49.21
N ASN E 59 -91.31 9.95 49.61
CA ASN E 59 -92.42 10.25 48.68
C ASN E 59 -93.07 11.58 49.04
N ALA E 60 -93.73 12.19 48.05
CA ALA E 60 -94.46 13.44 48.19
C ALA E 60 -95.48 13.60 47.08
N ASN E 61 -96.70 14.00 47.46
CA ASN E 61 -97.74 14.27 46.50
C ASN E 61 -97.62 15.71 46.04
N ALA E 62 -97.90 15.94 44.75
CA ALA E 62 -97.84 17.25 44.14
C ALA E 62 -99.13 17.51 43.39
N THR E 63 -99.73 18.68 43.61
CA THR E 63 -100.98 19.12 42.97
C THR E 63 -100.77 19.54 41.51
N THR E 64 -99.54 20.01 41.17
CA THR E 64 -99.12 20.46 39.83
C THR E 64 -97.90 19.70 39.30
N LEU E 65 -97.30 20.19 38.20
CA LEU E 65 -96.17 19.54 37.53
C LEU E 65 -94.76 19.95 37.97
N SER E 66 -94.62 20.28 39.26
CA SER E 66 -93.33 20.61 39.89
C SER E 66 -93.35 20.32 41.38
N TYR E 67 -92.16 20.04 41.93
CA TYR E 67 -91.99 19.78 43.35
C TYR E 67 -90.59 20.15 43.84
N LEU E 68 -90.54 20.92 44.93
CA LEU E 68 -89.27 21.32 45.54
C LEU E 68 -88.90 20.33 46.64
N VAL E 69 -87.79 19.60 46.43
CA VAL E 69 -87.27 18.63 47.39
C VAL E 69 -86.23 19.31 48.31
N THR E 70 -86.50 19.31 49.65
CA THR E 70 -85.62 19.94 50.64
C THR E 70 -85.03 18.90 51.63
N GLY E 71 -84.14 19.36 52.54
CA GLY E 71 -83.47 18.55 53.54
C GLY E 71 -82.56 17.45 53.04
N LEU E 72 -81.98 17.63 51.84
CA LEU E 72 -81.06 16.67 51.21
C LEU E 72 -79.63 16.79 51.77
N LYS E 73 -78.79 15.75 51.61
CA LYS E 73 -77.41 15.79 52.10
C LYS E 73 -76.55 16.60 51.11
N PRO E 74 -75.51 17.35 51.58
CA PRO E 74 -74.65 18.07 50.61
C PRO E 74 -73.77 17.11 49.78
N ASN E 75 -73.41 17.56 48.56
CA ASN E 75 -72.56 16.82 47.60
C ASN E 75 -72.99 15.33 47.43
N THR E 76 -74.31 15.09 47.30
CA THR E 76 -74.90 13.78 47.19
C THR E 76 -75.73 13.61 45.92
N LEU E 77 -75.58 12.42 45.30
CA LEU E 77 -76.32 12.06 44.11
C LEU E 77 -77.62 11.36 44.49
N TYR E 78 -78.73 11.97 44.07
CA TYR E 78 -80.09 11.50 44.30
C TYR E 78 -80.77 11.06 43.01
N GLU E 79 -81.71 10.11 43.11
CA GLU E 79 -82.51 9.67 41.97
C GLU E 79 -83.96 10.14 42.19
N PHE E 80 -84.64 10.54 41.11
CA PHE E 80 -86.01 11.05 41.16
C PHE E 80 -86.86 10.47 40.04
N SER E 81 -88.08 10.03 40.38
CA SER E 81 -89.09 9.53 39.46
C SER E 81 -90.49 9.98 39.88
N VAL E 82 -91.38 10.16 38.89
CA VAL E 82 -92.74 10.67 39.09
C VAL E 82 -93.82 9.69 38.57
N MET E 83 -94.99 9.68 39.20
CA MET E 83 -96.16 8.88 38.82
C MET E 83 -97.40 9.75 38.99
N VAL E 84 -98.48 9.42 38.28
CA VAL E 84 -99.74 10.15 38.31
C VAL E 84 -100.86 9.20 38.78
N THR E 85 -101.83 9.76 39.51
CA THR E 85 -103.02 9.05 40.02
C THR E 85 -104.25 9.94 39.76
N LYS E 86 -105.40 9.29 39.52
CA LYS E 86 -106.71 9.90 39.29
C LYS E 86 -107.77 8.94 39.83
N GLY E 87 -108.02 9.07 41.14
CA GLY E 87 -108.97 8.23 41.88
C GLY E 87 -108.60 6.76 41.88
N ARG E 88 -109.08 6.06 40.84
CA ARG E 88 -108.87 4.63 40.60
C ARG E 88 -107.68 4.38 39.68
N ARG E 89 -107.48 5.27 38.67
CA ARG E 89 -106.39 5.13 37.71
C ARG E 89 -105.02 5.55 38.29
N SER E 90 -103.99 4.73 38.06
CA SER E 90 -102.64 5.05 38.49
C SER E 90 -101.61 4.57 37.49
N SER E 91 -100.65 5.46 37.16
CA SER E 91 -99.58 5.14 36.21
C SER E 91 -98.41 4.48 36.94
N THR E 92 -97.42 4.00 36.16
CA THR E 92 -96.20 3.44 36.70
C THR E 92 -95.24 4.61 36.93
N TRP E 93 -94.09 4.33 37.58
CA TRP E 93 -93.04 5.30 37.81
C TRP E 93 -92.34 5.61 36.51
N SER E 94 -92.13 6.90 36.24
CA SER E 94 -91.46 7.45 35.06
C SER E 94 -90.00 6.99 34.97
N MET E 95 -89.32 7.39 33.88
CA MET E 95 -87.90 7.13 33.73
C MET E 95 -87.24 7.98 34.83
N THR E 96 -86.19 7.46 35.46
CA THR E 96 -85.52 8.19 36.52
C THR E 96 -84.61 9.29 35.99
N ALA E 97 -84.55 10.39 36.74
CA ALA E 97 -83.65 11.52 36.53
C ALA E 97 -82.75 11.59 37.78
N HIS E 98 -81.51 12.08 37.61
CA HIS E 98 -80.57 12.22 38.71
C HIS E 98 -80.20 13.68 38.93
N GLY E 99 -79.76 13.97 40.14
CA GLY E 99 -79.33 15.31 40.53
C GLY E 99 -78.42 15.23 41.75
N ALA E 100 -77.24 15.86 41.66
CA ALA E 100 -76.27 15.94 42.75
C ALA E 100 -76.34 17.32 43.44
N THR E 101 -76.50 17.36 44.78
CA THR E 101 -76.58 18.62 45.53
C THR E 101 -75.20 19.32 45.57
N PHE E 102 -75.19 20.65 45.82
CA PHE E 102 -73.94 21.43 45.94
C PHE E 102 -73.17 21.06 47.22
N GLU E 103 -71.91 21.49 47.31
CA GLU E 103 -71.10 21.27 48.50
C GLU E 103 -71.51 22.23 49.62
N LEU E 104 -71.14 21.88 50.84
CA LEU E 104 -71.32 22.70 52.03
C LEU E 104 -69.99 22.55 52.80
N VAL E 105 -69.66 23.51 53.64
CA VAL E 105 -68.49 23.46 54.53
C VAL E 105 -68.60 22.11 55.35
N PRO E 106 -67.52 21.36 55.69
CA PRO E 106 -67.75 20.15 56.51
C PRO E 106 -68.48 20.54 57.81
N THR E 107 -69.39 19.69 58.31
CA THR E 107 -70.19 20.03 59.50
C THR E 107 -69.85 19.13 60.68
N SER E 108 -68.90 18.24 60.50
CA SER E 108 -68.49 17.33 61.57
C SER E 108 -66.96 17.22 61.58
N PRO E 109 -66.34 16.84 62.70
CA PRO E 109 -64.88 16.79 62.72
C PRO E 109 -64.26 15.47 62.18
N PRO E 110 -62.92 15.44 61.90
CA PRO E 110 -62.24 14.16 61.59
C PRO E 110 -62.45 13.21 62.77
N LYS E 111 -62.45 11.90 62.51
CA LYS E 111 -62.77 10.94 63.55
C LYS E 111 -61.63 10.05 63.87
N ASP E 112 -61.75 9.28 64.97
CA ASP E 112 -60.79 8.24 65.38
C ASP E 112 -59.32 8.70 65.42
N VAL E 113 -59.09 9.94 65.89
CA VAL E 113 -57.76 10.54 66.06
C VAL E 113 -56.91 9.62 66.98
N THR E 114 -55.88 9.03 66.37
CA THR E 114 -54.96 8.08 66.99
C THR E 114 -53.54 8.62 66.85
N VAL E 115 -52.80 8.65 67.96
CA VAL E 115 -51.41 9.13 67.98
C VAL E 115 -50.50 8.02 68.49
N VAL E 116 -49.47 7.68 67.71
CA VAL E 116 -48.50 6.62 68.03
C VAL E 116 -47.07 7.10 67.92
N SER E 117 -46.16 6.41 68.60
CA SER E 117 -44.74 6.71 68.55
C SER E 117 -44.17 5.96 67.35
N LYS E 118 -43.36 6.62 66.52
CA LYS E 118 -42.74 5.95 65.37
C LYS E 118 -41.69 4.94 65.86
N GLU E 119 -41.70 3.72 65.29
CA GLU E 119 -40.80 2.62 65.63
C GLU E 119 -39.34 3.05 65.37
N GLY E 120 -38.51 2.94 66.41
CA GLY E 120 -37.10 3.29 66.36
C GLY E 120 -36.80 4.78 66.41
N LYS E 121 -37.85 5.63 66.35
CA LYS E 121 -37.73 7.11 66.34
C LYS E 121 -38.69 7.66 67.38
N PRO E 122 -38.35 7.60 68.70
CA PRO E 122 -39.31 8.04 69.74
C PRO E 122 -39.59 9.56 69.81
N ARG E 123 -38.82 10.38 69.07
CA ARG E 123 -39.05 11.83 69.00
C ARG E 123 -39.98 12.18 67.83
N THR E 124 -40.43 11.16 67.11
CA THR E 124 -41.38 11.24 66.00
C THR E 124 -42.69 10.56 66.41
N ILE E 125 -43.81 11.24 66.12
CA ILE E 125 -45.13 10.70 66.34
C ILE E 125 -45.80 10.54 64.98
N ILE E 126 -46.70 9.58 64.88
CA ILE E 126 -47.53 9.36 63.70
C ILE E 126 -48.97 9.68 64.15
N VAL E 127 -49.65 10.59 63.42
CA VAL E 127 -51.06 10.94 63.69
C VAL E 127 -51.85 10.24 62.58
N ASN E 128 -52.84 9.42 62.97
CA ASN E 128 -53.71 8.70 62.08
C ASN E 128 -55.16 9.05 62.37
N TRP E 129 -55.96 9.23 61.33
CA TRP E 129 -57.36 9.59 61.54
C TRP E 129 -58.26 9.03 60.45
N GLN E 130 -59.57 9.30 60.60
CA GLN E 130 -60.61 8.93 59.67
C GLN E 130 -61.31 10.21 59.22
N PRO E 131 -61.87 10.25 58.00
CA PRO E 131 -62.53 11.50 57.56
C PRO E 131 -63.74 11.90 58.40
N PRO E 132 -64.20 13.18 58.31
CA PRO E 132 -65.49 13.52 58.95
C PRO E 132 -66.59 12.71 58.28
N SER E 133 -67.59 12.28 59.07
CA SER E 133 -68.73 11.54 58.50
C SER E 133 -69.56 12.53 57.66
N GLU E 134 -69.47 13.86 57.97
CA GLU E 134 -70.14 14.93 57.23
C GLU E 134 -69.10 15.84 56.53
N ALA E 135 -68.37 15.24 55.59
CA ALA E 135 -67.37 15.90 54.76
C ALA E 135 -68.05 16.95 53.87
N ASN E 136 -69.28 16.65 53.33
CA ASN E 136 -70.11 17.57 52.51
C ASN E 136 -69.46 18.07 51.22
N GLY E 137 -68.44 17.35 50.76
CA GLY E 137 -67.69 17.69 49.57
C GLY E 137 -66.34 17.02 49.59
N LYS E 138 -65.61 17.16 48.50
CA LYS E 138 -64.25 16.62 48.39
C LYS E 138 -63.32 17.33 49.39
N ILE E 139 -62.74 16.59 50.30
CA ILE E 139 -61.78 17.07 51.28
C ILE E 139 -60.52 17.42 50.53
N THR E 140 -60.11 18.70 50.63
CA THR E 140 -58.94 19.26 49.94
C THR E 140 -57.71 19.38 50.85
N GLY E 141 -57.92 19.15 52.15
CA GLY E 141 -56.87 19.20 53.17
C GLY E 141 -57.39 18.99 54.57
N TYR E 142 -56.45 18.83 55.50
CA TYR E 142 -56.69 18.73 56.93
C TYR E 142 -55.70 19.68 57.59
N ILE E 143 -56.01 20.09 58.82
CA ILE E 143 -55.08 20.89 59.60
C ILE E 143 -54.89 20.16 60.92
N ILE E 144 -53.64 19.82 61.25
CA ILE E 144 -53.34 19.21 62.57
C ILE E 144 -52.79 20.34 63.47
N TYR E 145 -53.39 20.50 64.64
CA TYR E 145 -52.93 21.45 65.68
C TYR E 145 -52.39 20.61 66.81
N TYR E 146 -51.23 20.98 67.33
CA TYR E 146 -50.67 20.28 68.48
C TYR E 146 -50.03 21.24 69.48
N SER E 147 -50.00 20.84 70.75
CA SER E 147 -49.41 21.65 71.81
C SER E 147 -48.95 20.77 72.97
N THR E 148 -48.01 21.30 73.79
CA THR E 148 -47.54 20.69 75.02
C THR E 148 -48.40 21.27 76.14
N ASP E 149 -49.05 22.40 75.82
CA ASP E 149 -49.96 23.10 76.71
C ASP E 149 -51.45 22.87 76.31
N VAL E 150 -52.13 22.11 77.16
CA VAL E 150 -53.54 21.76 77.05
C VAL E 150 -54.43 23.03 77.21
N ASN E 151 -53.95 24.07 77.93
CA ASN E 151 -54.71 25.31 78.15
C ASN E 151 -54.32 26.46 77.25
N ALA E 152 -53.38 26.25 76.32
CA ALA E 152 -52.98 27.28 75.38
C ALA E 152 -54.13 27.64 74.44
N GLU E 153 -54.26 28.93 74.13
CA GLU E 153 -55.27 29.42 73.19
C GLU E 153 -54.95 28.88 71.80
N ILE E 154 -55.98 28.54 71.01
CA ILE E 154 -55.86 27.89 69.69
C ILE E 154 -54.79 28.48 68.73
N HIS E 155 -54.65 29.82 68.71
CA HIS E 155 -53.66 30.51 67.88
C HIS E 155 -52.22 30.27 68.34
N ASP E 156 -52.03 29.74 69.56
CA ASP E 156 -50.69 29.43 70.11
C ASP E 156 -50.26 27.96 69.88
N TRP E 157 -51.15 27.14 69.26
CA TRP E 157 -50.89 25.74 68.94
C TRP E 157 -50.09 25.67 67.64
N VAL E 158 -49.19 24.67 67.54
CA VAL E 158 -48.37 24.47 66.35
C VAL E 158 -49.29 23.96 65.24
N ILE E 159 -49.22 24.58 64.06
CA ILE E 159 -50.05 24.21 62.92
C ILE E 159 -49.29 23.32 61.94
N GLU E 160 -49.94 22.26 61.49
CA GLU E 160 -49.38 21.30 60.57
C GLU E 160 -50.37 21.02 59.42
N PRO E 161 -50.39 21.85 58.34
CA PRO E 161 -51.32 21.59 57.22
C PRO E 161 -50.95 20.30 56.49
N VAL E 162 -51.95 19.61 55.94
CA VAL E 162 -51.82 18.29 55.34
C VAL E 162 -52.79 18.14 54.15
N VAL E 163 -52.44 17.31 53.13
CA VAL E 163 -53.28 17.00 51.97
C VAL E 163 -54.62 16.31 52.39
N GLY E 164 -55.66 16.44 51.58
CA GLY E 164 -56.97 15.88 51.91
C GLY E 164 -57.20 14.44 51.54
N ASN E 165 -56.29 13.89 50.75
CA ASN E 165 -56.39 12.51 50.28
C ASN E 165 -55.47 11.56 51.07
N ARG E 166 -55.03 12.01 52.27
CA ARG E 166 -54.20 11.22 53.18
C ARG E 166 -54.75 11.26 54.59
N LEU E 167 -54.60 10.15 55.31
CA LEU E 167 -55.14 10.01 56.67
C LEU E 167 -54.08 9.61 57.71
N THR E 168 -52.82 9.92 57.41
CA THR E 168 -51.66 9.68 58.26
C THR E 168 -50.63 10.80 58.07
N HIS E 169 -49.99 11.23 59.16
CA HIS E 169 -48.99 12.29 59.10
C HIS E 169 -47.94 12.10 60.19
N GLN E 170 -46.69 12.44 59.87
CA GLN E 170 -45.58 12.29 60.83
C GLN E 170 -45.02 13.62 61.33
N ILE E 171 -44.85 13.77 62.64
CA ILE E 171 -44.30 15.00 63.24
C ILE E 171 -43.02 14.65 63.99
N GLN E 172 -41.93 15.23 63.55
CA GLN E 172 -40.58 15.01 64.05
C GLN E 172 -40.14 16.05 65.06
N GLU E 173 -39.01 15.77 65.74
CA GLU E 173 -38.32 16.69 66.67
C GLU E 173 -39.12 17.03 67.92
N LEU E 174 -39.88 16.05 68.43
CA LEU E 174 -40.67 16.30 69.64
C LEU E 174 -39.87 15.92 70.87
N THR E 175 -40.28 16.42 72.04
CA THR E 175 -39.62 16.13 73.31
C THR E 175 -40.14 14.79 73.87
N LEU E 176 -39.20 13.98 74.37
CA LEU E 176 -39.47 12.67 74.96
C LEU E 176 -40.11 12.84 76.34
N ASP E 177 -40.81 11.78 76.82
CA ASP E 177 -41.53 11.73 78.10
C ASP E 177 -42.37 13.00 78.38
N THR E 178 -43.02 13.53 77.32
CA THR E 178 -43.82 14.75 77.35
C THR E 178 -45.25 14.55 76.82
N PRO E 179 -46.27 14.98 77.60
CA PRO E 179 -47.65 14.95 77.07
C PRO E 179 -47.86 15.96 75.92
N TYR E 180 -48.45 15.51 74.81
CA TYR E 180 -48.82 16.35 73.66
C TYR E 180 -50.33 16.17 73.44
N TYR E 181 -50.99 17.21 72.89
CA TYR E 181 -52.43 17.27 72.63
C TYR E 181 -52.59 17.61 71.18
N PHE E 182 -53.51 16.90 70.51
CA PHE E 182 -53.75 16.95 69.07
C PHE E 182 -55.19 17.21 68.75
N LYS E 183 -55.44 18.11 67.79
CA LYS E 183 -56.77 18.43 67.24
C LYS E 183 -56.64 18.44 65.72
N ILE E 184 -57.65 18.00 65.01
CA ILE E 184 -57.60 18.00 63.53
C ILE E 184 -58.88 18.62 63.02
N GLN E 185 -58.82 19.31 61.89
CA GLN E 185 -60.01 19.80 61.22
C GLN E 185 -59.93 19.52 59.72
N ALA E 186 -61.09 19.26 59.08
CA ALA E 186 -61.08 19.04 57.64
C ALA E 186 -61.40 20.32 56.92
N ARG E 187 -61.03 20.38 55.64
CA ARG E 187 -61.38 21.51 54.80
C ARG E 187 -61.78 21.06 53.43
N ASN E 188 -62.70 21.79 52.83
CA ASN E 188 -63.17 21.54 51.48
C ASN E 188 -63.25 22.89 50.69
N SER E 189 -63.74 22.89 49.45
CA SER E 189 -63.82 24.12 48.64
C SER E 189 -64.70 25.21 49.28
N LYS E 190 -65.54 24.82 50.26
CA LYS E 190 -66.43 25.74 50.96
C LYS E 190 -65.83 26.32 52.25
N GLY E 191 -64.77 25.72 52.76
CA GLY E 191 -64.12 26.18 53.98
C GLY E 191 -63.77 25.12 55.02
N MET E 192 -63.56 25.56 56.26
CA MET E 192 -63.15 24.74 57.40
C MET E 192 -64.28 24.10 58.14
N GLY E 193 -64.10 22.84 58.47
CA GLY E 193 -65.07 22.12 59.29
C GLY E 193 -64.73 22.30 60.76
N PRO E 194 -65.48 21.67 61.69
CA PRO E 194 -65.14 21.84 63.09
C PRO E 194 -63.90 21.03 63.47
N MET E 195 -63.30 21.39 64.60
CA MET E 195 -62.13 20.68 65.10
C MET E 195 -62.53 19.51 65.95
N SER E 196 -61.74 18.42 65.90
CA SER E 196 -61.98 17.27 66.76
C SER E 196 -61.56 17.66 68.18
N GLU E 197 -62.15 17.02 69.18
CA GLU E 197 -61.78 17.28 70.59
C GLU E 197 -60.36 16.79 70.85
N ALA E 198 -59.55 17.58 71.55
CA ALA E 198 -58.15 17.24 71.78
C ALA E 198 -57.93 15.81 72.26
N VAL E 199 -56.92 15.15 71.69
CA VAL E 199 -56.48 13.80 72.06
C VAL E 199 -55.11 13.97 72.73
N GLN E 200 -54.89 13.31 73.87
CA GLN E 200 -53.58 13.36 74.55
C GLN E 200 -52.69 12.16 74.19
N PHE E 201 -51.39 12.42 73.98
CA PHE E 201 -50.38 11.39 73.78
C PHE E 201 -49.08 11.81 74.48
N ARG E 202 -48.62 10.98 75.42
CA ARG E 202 -47.35 11.22 76.12
C ARG E 202 -46.27 10.48 75.34
N THR E 203 -45.21 11.20 74.91
CA THR E 203 -44.12 10.58 74.15
C THR E 203 -43.37 9.62 75.04
N PRO E 204 -42.74 8.57 74.47
CA PRO E 204 -41.98 7.63 75.32
C PRO E 204 -40.69 8.19 75.93
N LYS E 205 -40.11 7.46 76.89
CA LYS E 205 -38.81 7.83 77.44
C LYS E 205 -37.79 6.74 77.08
N ALA E 206 -36.53 6.90 77.52
CA ALA E 206 -35.45 5.99 77.23
C ALA E 206 -35.45 4.85 78.25
N LEU E 207 -35.09 3.66 77.75
CA LEU E 207 -34.95 2.42 78.49
C LEU E 207 -33.44 2.12 78.38
N GLY E 208 -32.66 2.58 79.40
CA GLY E 208 -31.21 2.43 79.48
C GLY E 208 -30.79 0.96 79.57
N SER E 209 -29.85 0.53 78.70
CA SER E 209 -29.37 -0.85 78.57
C SER E 209 -28.09 -1.10 79.35
N PRO F 5 -3.95 -77.25 -2.18
CA PRO F 5 -2.70 -77.84 -1.68
C PRO F 5 -2.83 -79.31 -1.26
N MET F 6 -2.19 -79.70 -0.12
CA MET F 6 -2.18 -81.04 0.48
C MET F 6 -3.39 -81.23 1.41
N MET F 7 -4.02 -82.42 1.34
CA MET F 7 -5.20 -82.78 2.15
C MET F 7 -4.81 -83.02 3.64
N PRO F 8 -5.42 -82.27 4.59
CA PRO F 8 -5.07 -82.46 6.01
C PRO F 8 -5.40 -83.86 6.53
N PRO F 9 -4.68 -84.38 7.56
CA PRO F 9 -5.03 -85.71 8.11
C PRO F 9 -6.44 -85.76 8.71
N VAL F 10 -7.03 -86.97 8.80
CA VAL F 10 -8.40 -87.19 9.33
C VAL F 10 -8.41 -88.22 10.44
N GLY F 11 -9.57 -88.41 11.06
CA GLY F 11 -9.81 -89.38 12.13
C GLY F 11 -8.80 -89.32 13.26
N VAL F 12 -8.55 -88.09 13.76
CA VAL F 12 -7.65 -87.86 14.88
C VAL F 12 -8.37 -88.38 16.13
N GLN F 13 -7.70 -89.31 16.86
CA GLN F 13 -8.26 -89.94 18.06
C GLN F 13 -7.30 -89.96 19.21
N ALA F 14 -7.80 -89.59 20.41
CA ALA F 14 -7.02 -89.52 21.65
C ALA F 14 -7.32 -90.70 22.58
N SER F 15 -6.33 -91.59 22.76
CA SER F 15 -6.43 -92.74 23.64
C SER F 15 -5.73 -92.42 24.99
N ILE F 16 -6.53 -92.34 26.07
CA ILE F 16 -6.03 -92.02 27.42
C ILE F 16 -5.35 -93.23 28.05
N LEU F 17 -4.09 -93.07 28.44
CA LEU F 17 -3.31 -94.15 29.00
C LEU F 17 -3.05 -94.00 30.47
N SER F 18 -2.90 -92.75 30.98
CA SER F 18 -2.65 -92.43 32.39
C SER F 18 -2.99 -90.98 32.70
N HIS F 19 -2.54 -90.49 33.86
CA HIS F 19 -2.69 -89.10 34.32
C HIS F 19 -1.81 -88.12 33.53
N ASP F 20 -0.80 -88.60 32.77
CA ASP F 20 0.11 -87.73 32.03
C ASP F 20 0.36 -88.15 30.59
N THR F 21 -0.30 -89.22 30.14
CA THR F 21 -0.04 -89.79 28.82
C THR F 21 -1.31 -90.05 28.03
N ILE F 22 -1.26 -89.64 26.76
CA ILE F 22 -2.32 -89.82 25.76
C ILE F 22 -1.69 -90.21 24.42
N ARG F 23 -2.17 -91.31 23.79
CA ARG F 23 -1.71 -91.71 22.46
C ARG F 23 -2.64 -91.11 21.40
N ILE F 24 -2.06 -90.39 20.43
CA ILE F 24 -2.78 -89.79 19.31
C ILE F 24 -2.61 -90.65 18.04
N THR F 25 -3.72 -90.91 17.32
CA THR F 25 -3.73 -91.68 16.07
C THR F 25 -4.58 -90.93 15.05
N TRP F 26 -4.23 -91.03 13.76
CA TRP F 26 -4.92 -90.35 12.66
C TRP F 26 -4.79 -91.11 11.35
N ALA F 27 -5.69 -90.82 10.40
CA ALA F 27 -5.66 -91.40 9.07
C ALA F 27 -5.33 -90.33 8.04
N ASP F 28 -4.65 -90.73 6.97
CA ASP F 28 -4.30 -89.87 5.83
C ASP F 28 -5.05 -90.45 4.62
N ASN F 29 -5.99 -89.68 4.05
CA ASN F 29 -6.80 -90.09 2.89
C ASN F 29 -5.97 -90.20 1.60
N SER F 30 -4.92 -89.36 1.50
CA SER F 30 -3.96 -89.29 0.42
C SER F 30 -3.14 -90.59 0.36
N LEU F 31 -3.08 -91.28 1.50
CA LEU F 31 -2.30 -92.53 1.64
C LEU F 31 -3.02 -93.69 0.94
N PRO F 32 -2.28 -94.76 0.57
CA PRO F 32 -2.85 -95.94 -0.10
C PRO F 32 -3.46 -96.89 0.95
N LYS F 33 -4.04 -98.01 0.49
CA LYS F 33 -4.67 -99.00 1.40
C LYS F 33 -3.61 -99.54 2.37
N HIS F 34 -4.02 -99.72 3.64
CA HIS F 34 -3.23 -100.20 4.82
C HIS F 34 -2.39 -99.06 5.41
N GLN F 35 -2.60 -97.84 4.94
CA GLN F 35 -1.91 -96.61 5.45
C GLN F 35 -0.39 -96.78 5.40
N LYS F 36 0.15 -97.32 4.31
CA LYS F 36 1.63 -97.47 4.20
C LYS F 36 2.24 -96.21 3.55
N ILE F 37 3.18 -95.58 4.28
CA ILE F 37 3.91 -94.38 3.85
C ILE F 37 5.02 -94.84 2.91
N THR F 38 4.96 -94.43 1.63
CA THR F 38 5.94 -94.85 0.62
C THR F 38 6.75 -93.68 0.02
N ASP F 39 6.73 -92.53 0.71
CA ASP F 39 7.40 -91.28 0.33
C ASP F 39 8.02 -90.57 1.55
N SER F 40 8.68 -89.40 1.34
CA SER F 40 9.38 -88.62 2.38
C SER F 40 8.49 -87.72 3.29
N ARG F 41 7.17 -88.01 3.35
CA ARG F 41 6.25 -87.25 4.17
C ARG F 41 6.43 -87.45 5.65
N TYR F 42 6.16 -86.40 6.43
CA TYR F 42 6.21 -86.44 7.88
C TYR F 42 5.01 -85.66 8.44
N TYR F 43 4.56 -86.05 9.64
CA TYR F 43 3.42 -85.41 10.30
C TYR F 43 3.86 -84.54 11.46
N THR F 44 3.05 -83.52 11.78
CA THR F 44 3.28 -82.65 12.93
C THR F 44 2.04 -82.70 13.82
N VAL F 45 2.22 -83.09 15.07
CA VAL F 45 1.14 -83.12 16.07
C VAL F 45 1.32 -81.90 16.96
N ARG F 46 0.21 -81.17 17.22
CA ARG F 46 0.19 -80.03 18.12
C ARG F 46 -0.85 -80.24 19.23
N TRP F 47 -0.53 -79.77 20.44
CA TRP F 47 -1.39 -79.90 21.62
C TRP F 47 -1.20 -78.80 22.63
N LYS F 48 -2.26 -78.49 23.36
CA LYS F 48 -2.31 -77.52 24.47
C LYS F 48 -3.60 -77.74 25.26
N THR F 49 -3.69 -77.11 26.43
CA THR F 49 -4.84 -77.04 27.30
C THR F 49 -5.08 -75.53 27.56
N ASN F 50 -6.06 -75.17 28.39
CA ASN F 50 -6.39 -73.77 28.64
C ASN F 50 -5.89 -73.25 29.97
N ILE F 51 -5.07 -74.07 30.66
CA ILE F 51 -4.52 -73.80 31.99
C ILE F 51 -2.98 -73.95 31.97
N PRO F 52 -2.20 -72.93 32.40
CA PRO F 52 -2.61 -71.59 32.86
C PRO F 52 -3.00 -70.68 31.67
N ALA F 53 -3.29 -69.39 31.90
CA ALA F 53 -3.63 -68.47 30.80
C ALA F 53 -2.49 -68.35 29.75
N ASN F 54 -2.88 -68.08 28.49
CA ASN F 54 -1.98 -67.81 27.37
C ASN F 54 -0.92 -68.85 27.04
N THR F 55 -1.22 -70.15 27.20
CA THR F 55 -0.22 -71.14 26.82
C THR F 55 -0.13 -71.18 25.29
N LYS F 56 1.01 -71.69 24.80
CA LYS F 56 1.26 -71.86 23.38
C LYS F 56 1.14 -73.36 23.13
N TYR F 57 0.92 -73.72 21.87
CA TYR F 57 0.86 -75.11 21.42
C TYR F 57 2.25 -75.76 21.54
N LYS F 58 2.27 -77.05 21.93
CA LYS F 58 3.47 -77.87 21.93
C LYS F 58 3.36 -78.62 20.60
N ASN F 59 4.50 -78.90 19.95
CA ASN F 59 4.55 -79.58 18.64
C ASN F 59 5.49 -80.76 18.69
N ALA F 60 5.29 -81.71 17.77
CA ALA F 60 6.11 -82.90 17.61
C ALA F 60 5.96 -83.48 16.23
N ASN F 61 7.08 -83.85 15.61
CA ASN F 61 7.06 -84.49 14.32
C ASN F 61 6.94 -85.99 14.53
N ALA F 62 6.20 -86.64 13.64
CA ALA F 62 5.97 -88.07 13.68
C ALA F 62 6.25 -88.67 12.30
N THR F 63 7.05 -89.75 12.28
CA THR F 63 7.44 -90.46 11.05
C THR F 63 6.29 -91.32 10.48
N THR F 64 5.36 -91.77 11.37
CA THR F 64 4.19 -92.60 11.04
C THR F 64 2.87 -91.96 11.49
N LEU F 65 1.77 -92.73 11.45
CA LEU F 65 0.43 -92.24 11.77
C LEU F 65 -0.04 -92.38 13.23
N SER F 66 0.90 -92.25 14.17
CA SER F 66 0.65 -92.26 15.61
C SER F 66 1.72 -91.50 16.38
N TYR F 67 1.33 -90.97 17.55
CA TYR F 67 2.24 -90.24 18.42
C TYR F 67 1.81 -90.34 19.88
N LEU F 68 2.76 -90.71 20.76
CA LEU F 68 2.50 -90.79 22.18
C LEU F 68 2.89 -89.46 22.85
N VAL F 69 1.90 -88.75 23.40
CA VAL F 69 2.09 -87.47 24.10
C VAL F 69 2.27 -87.74 25.62
N THR F 70 3.44 -87.34 26.16
CA THR F 70 3.78 -87.52 27.59
C THR F 70 3.93 -86.18 28.34
N GLY F 71 4.15 -86.25 29.67
CA GLY F 71 4.32 -85.11 30.56
C GLY F 71 3.14 -84.16 30.68
N LEU F 72 1.91 -84.69 30.50
CA LEU F 72 0.66 -83.91 30.60
C LEU F 72 0.23 -83.72 32.06
N LYS F 73 -0.64 -82.73 32.34
CA LYS F 73 -1.13 -82.50 33.71
C LYS F 73 -2.24 -83.51 34.03
N PRO F 74 -2.39 -83.99 35.29
CA PRO F 74 -3.51 -84.90 35.59
C PRO F 74 -4.87 -84.21 35.55
N ASN F 75 -5.93 -84.99 35.25
CA ASN F 75 -7.33 -84.54 35.16
C ASN F 75 -7.50 -83.22 34.33
N THR F 76 -6.83 -83.16 33.18
CA THR F 76 -6.81 -81.99 32.29
C THR F 76 -7.27 -82.31 30.89
N LEU F 77 -8.08 -81.39 30.34
CA LEU F 77 -8.60 -81.49 28.99
C LEU F 77 -7.63 -80.82 28.01
N TYR F 78 -7.12 -81.61 27.07
CA TYR F 78 -6.20 -81.20 26.02
C TYR F 78 -6.84 -81.25 24.65
N GLU F 79 -6.37 -80.41 23.72
CA GLU F 79 -6.82 -80.42 22.32
C GLU F 79 -5.65 -80.90 21.45
N PHE F 80 -5.96 -81.69 20.41
CA PHE F 80 -4.96 -82.25 19.52
C PHE F 80 -5.39 -82.15 18.05
N SER F 81 -4.45 -81.72 17.19
CA SER F 81 -4.62 -81.63 15.75
C SER F 81 -3.33 -82.02 15.02
N VAL F 82 -3.48 -82.59 13.82
CA VAL F 82 -2.38 -83.11 13.00
C VAL F 82 -2.31 -82.44 11.61
N MET F 83 -1.09 -82.31 11.07
CA MET F 83 -0.81 -81.78 9.72
C MET F 83 0.28 -82.63 9.09
N VAL F 84 0.34 -82.64 7.75
CA VAL F 84 1.31 -83.42 6.98
C VAL F 84 2.16 -82.46 6.14
N THR F 85 3.44 -82.83 5.94
CA THR F 85 4.42 -82.09 5.15
C THR F 85 5.18 -83.10 4.26
N LYS F 86 5.58 -82.66 3.06
CA LYS F 86 6.34 -83.42 2.08
C LYS F 86 7.22 -82.41 1.32
N GLY F 87 8.40 -82.14 1.90
CA GLY F 87 9.37 -81.19 1.38
C GLY F 87 8.84 -79.77 1.26
N ARG F 88 8.21 -79.49 0.12
CA ARG F 88 7.61 -78.21 -0.23
C ARG F 88 6.11 -78.17 0.09
N ARG F 89 5.42 -79.32 -0.09
CA ARG F 89 3.98 -79.42 0.16
C ARG F 89 3.65 -79.50 1.67
N SER F 90 2.67 -78.73 2.12
CA SER F 90 2.21 -78.78 3.51
C SER F 90 0.70 -78.58 3.60
N SER F 91 0.04 -79.44 4.39
CA SER F 91 -1.40 -79.36 4.59
C SER F 91 -1.73 -78.41 5.74
N THR F 92 -3.03 -78.14 5.94
CA THR F 92 -3.51 -77.34 7.06
C THR F 92 -3.69 -78.30 8.25
N TRP F 93 -3.99 -77.73 9.42
CA TRP F 93 -4.26 -78.48 10.63
C TRP F 93 -5.61 -79.15 10.50
N SER F 94 -5.68 -80.43 10.86
CA SER F 94 -6.88 -81.27 10.84
C SER F 94 -7.95 -80.75 11.79
N MET F 95 -9.12 -81.44 11.81
CA MET F 95 -10.17 -81.13 12.76
C MET F 95 -9.58 -81.52 14.13
N THR F 96 -9.88 -80.74 15.17
CA THR F 96 -9.34 -81.04 16.48
C THR F 96 -10.09 -82.17 17.17
N ALA F 97 -9.33 -82.96 17.94
CA ALA F 97 -9.82 -84.02 18.80
C ALA F 97 -9.42 -83.61 20.25
N HIS F 98 -10.23 -84.02 21.23
CA HIS F 98 -9.96 -83.72 22.63
C HIS F 98 -9.71 -85.00 23.43
N GLY F 99 -9.03 -84.86 24.54
CA GLY F 99 -8.73 -85.95 25.46
C GLY F 99 -8.39 -85.42 26.83
N ALA F 100 -9.07 -85.93 27.87
CA ALA F 100 -8.84 -85.58 29.27
C ALA F 100 -8.00 -86.67 29.97
N THR F 101 -6.88 -86.28 30.62
CA THR F 101 -6.01 -87.24 31.32
C THR F 101 -6.70 -87.77 32.60
N PHE F 102 -6.23 -88.94 33.11
CA PHE F 102 -6.77 -89.53 34.34
C PHE F 102 -6.36 -88.71 35.58
N GLU F 103 -7.00 -88.99 36.72
CA GLU F 103 -6.65 -88.33 37.98
C GLU F 103 -5.35 -88.90 38.56
N LEU F 104 -4.74 -88.15 39.45
CA LEU F 104 -3.56 -88.54 40.20
C LEU F 104 -3.84 -88.05 41.64
N VAL F 105 -3.22 -88.66 42.62
CA VAL F 105 -3.30 -88.22 44.03
C VAL F 105 -2.89 -86.72 44.07
N PRO F 106 -3.47 -85.80 44.90
CA PRO F 106 -2.95 -84.42 44.87
C PRO F 106 -1.44 -84.42 45.16
N THR F 107 -0.67 -83.51 44.50
CA THR F 107 0.79 -83.52 44.67
C THR F 107 1.30 -82.27 45.37
N SER F 108 0.38 -81.41 45.76
CA SER F 108 0.74 -80.17 46.45
C SER F 108 -0.24 -79.94 47.63
N PRO F 109 0.14 -79.18 48.66
CA PRO F 109 -0.77 -78.99 49.79
C PRO F 109 -1.83 -77.88 49.61
N PRO F 110 -2.90 -77.83 50.48
CA PRO F 110 -3.82 -76.67 50.50
C PRO F 110 -2.99 -75.42 50.75
N LYS F 111 -3.46 -74.26 50.26
CA LYS F 111 -2.67 -73.05 50.36
C LYS F 111 -3.33 -72.02 51.19
N ASP F 112 -2.59 -70.94 51.53
CA ASP F 112 -3.10 -69.75 52.24
C ASP F 112 -3.89 -70.06 53.51
N VAL F 113 -3.43 -71.07 54.30
CA VAL F 113 -4.01 -71.45 55.57
C VAL F 113 -4.03 -70.23 56.53
N THR F 114 -5.26 -69.79 56.83
CA THR F 114 -5.56 -68.62 57.64
C THR F 114 -6.45 -69.07 58.80
N VAL F 115 -6.07 -68.67 60.01
CA VAL F 115 -6.82 -69.02 61.23
C VAL F 115 -7.24 -67.72 61.94
N VAL F 116 -8.55 -67.58 62.21
CA VAL F 116 -9.12 -66.40 62.86
C VAL F 116 -10.01 -66.77 64.05
N SER F 117 -10.21 -65.81 64.96
CA SER F 117 -11.07 -66.01 66.11
C SER F 117 -12.49 -65.65 65.67
N LYS F 118 -13.49 -66.48 65.99
CA LYS F 118 -14.87 -66.18 65.64
C LYS F 118 -15.36 -64.98 66.46
N GLU F 119 -16.05 -64.01 65.80
CA GLU F 119 -16.57 -62.80 66.43
C GLU F 119 -17.59 -63.17 67.52
N GLY F 120 -17.36 -62.66 68.72
CA GLY F 120 -18.20 -62.90 69.88
C GLY F 120 -18.04 -64.26 70.53
N LYS F 121 -17.26 -65.17 69.91
CA LYS F 121 -17.05 -66.55 70.38
C LYS F 121 -15.54 -66.82 70.39
N PRO F 122 -14.78 -66.30 71.38
CA PRO F 122 -13.30 -66.46 71.35
C PRO F 122 -12.76 -67.88 71.58
N ARG F 123 -13.62 -68.84 71.96
CA ARG F 123 -13.24 -70.24 72.13
C ARG F 123 -13.46 -71.03 70.82
N THR F 124 -13.93 -70.33 69.78
CA THR F 124 -14.16 -70.84 68.44
C THR F 124 -13.17 -70.18 67.47
N ILE F 125 -12.55 -71.00 66.63
CA ILE F 125 -11.66 -70.53 65.58
C ILE F 125 -12.31 -70.88 64.24
N ILE F 126 -12.02 -70.06 63.24
CA ILE F 126 -12.42 -70.31 61.86
C ILE F 126 -11.12 -70.59 61.08
N VAL F 127 -11.05 -71.73 60.38
CA VAL F 127 -9.90 -72.08 59.53
C VAL F 127 -10.38 -71.84 58.09
N ASN F 128 -9.64 -71.02 57.33
CA ASN F 128 -9.91 -70.70 55.95
C ASN F 128 -8.71 -71.05 55.09
N TRP F 129 -8.97 -71.62 53.93
CA TRP F 129 -7.86 -71.99 53.04
C TRP F 129 -8.22 -71.90 51.58
N GLN F 130 -7.24 -72.21 50.72
CA GLN F 130 -7.36 -72.25 49.27
C GLN F 130 -7.00 -73.64 48.82
N PRO F 131 -7.57 -74.14 47.70
CA PRO F 131 -7.22 -75.50 47.26
C PRO F 131 -5.74 -75.71 46.90
N PRO F 132 -5.25 -76.97 46.83
CA PRO F 132 -3.91 -77.19 46.28
C PRO F 132 -3.88 -76.73 44.84
N SER F 133 -2.76 -76.15 44.39
CA SER F 133 -2.62 -75.73 43.00
C SER F 133 -2.53 -77.00 42.13
N GLU F 134 -2.08 -78.14 42.73
CA GLU F 134 -2.00 -79.45 42.06
C GLU F 134 -2.98 -80.45 42.69
N ALA F 135 -4.28 -80.13 42.57
CA ALA F 135 -5.38 -80.95 43.04
C ALA F 135 -5.42 -82.28 42.29
N ASN F 136 -5.12 -82.26 40.95
CA ASN F 136 -5.01 -83.46 40.07
C ASN F 136 -6.30 -84.30 39.96
N GLY F 137 -7.42 -83.70 40.31
CA GLY F 137 -8.72 -84.35 40.30
C GLY F 137 -9.69 -83.60 41.18
N LYS F 138 -10.94 -84.02 41.16
CA LYS F 138 -11.99 -83.45 41.99
C LYS F 138 -11.67 -83.72 43.49
N ILE F 139 -11.49 -82.66 44.27
CA ILE F 139 -11.26 -82.73 45.70
C ILE F 139 -12.54 -83.22 46.34
N THR F 140 -12.46 -84.35 47.06
CA THR F 140 -13.58 -85.01 47.71
C THR F 140 -13.65 -84.72 49.22
N GLY F 141 -12.59 -84.11 49.74
CA GLY F 141 -12.46 -83.75 51.15
C GLY F 141 -11.14 -83.13 51.50
N TYR F 142 -11.06 -82.60 52.71
CA TYR F 142 -9.85 -82.08 53.32
C TYR F 142 -9.78 -82.67 54.72
N ILE F 143 -8.58 -82.68 55.29
CA ILE F 143 -8.41 -83.11 56.68
C ILE F 143 -7.68 -81.97 57.38
N ILE F 144 -8.28 -81.44 58.46
CA ILE F 144 -7.61 -80.43 59.28
C ILE F 144 -7.04 -81.15 60.52
N TYR F 145 -5.75 -80.97 60.78
CA TYR F 145 -5.06 -81.49 61.97
C TYR F 145 -4.73 -80.28 62.81
N TYR F 146 -4.97 -80.37 64.10
CA TYR F 146 -4.61 -79.30 65.02
C TYR F 146 -4.06 -79.83 66.35
N SER F 147 -3.21 -79.04 66.99
CA SER F 147 -2.61 -79.40 68.27
C SER F 147 -2.21 -78.17 69.05
N THR F 148 -2.07 -78.33 70.39
CA THR F 148 -1.56 -77.31 71.32
C THR F 148 -0.06 -77.57 71.44
N ASP F 149 0.33 -78.78 71.04
CA ASP F 149 1.72 -79.23 71.04
C ASP F 149 2.29 -79.26 69.60
N VAL F 150 3.21 -78.32 69.35
CA VAL F 150 3.94 -78.14 68.10
C VAL F 150 4.88 -79.36 67.83
N ASN F 151 5.33 -80.06 68.90
CA ASN F 151 6.22 -81.22 68.76
C ASN F 151 5.55 -82.57 68.84
N ALA F 152 4.22 -82.59 68.99
CA ALA F 152 3.47 -83.84 69.04
C ALA F 152 3.56 -84.57 67.69
N GLU F 153 3.67 -85.91 67.75
CA GLU F 153 3.70 -86.75 66.55
C GLU F 153 2.34 -86.66 65.87
N ILE F 154 2.33 -86.68 64.52
CA ILE F 154 1.11 -86.50 63.70
C ILE F 154 -0.16 -87.28 64.12
N HIS F 155 0.02 -88.53 64.57
CA HIS F 155 -1.07 -89.37 65.05
C HIS F 155 -1.69 -88.88 66.36
N ASP F 156 -0.99 -87.97 67.08
CA ASP F 156 -1.48 -87.39 68.35
C ASP F 156 -2.23 -86.05 68.16
N TRP F 157 -2.30 -85.55 66.90
CA TRP F 157 -3.00 -84.31 66.55
C TRP F 157 -4.50 -84.60 66.41
N VAL F 158 -5.34 -83.63 66.78
CA VAL F 158 -6.79 -83.76 66.69
C VAL F 158 -7.15 -83.71 65.21
N ILE F 159 -7.96 -84.67 64.75
CA ILE F 159 -8.37 -84.76 63.35
C ILE F 159 -9.76 -84.18 63.15
N GLU F 160 -9.92 -83.38 62.11
CA GLU F 160 -11.17 -82.73 61.75
C GLU F 160 -11.45 -82.91 60.26
N PRO F 161 -12.09 -84.04 59.84
CA PRO F 161 -12.41 -84.23 58.41
C PRO F 161 -13.46 -83.23 57.94
N VAL F 162 -13.38 -82.84 56.66
CA VAL F 162 -14.19 -81.78 56.07
C VAL F 162 -14.51 -82.11 54.60
N VAL F 163 -15.67 -81.62 54.08
CA VAL F 163 -16.07 -81.77 52.67
C VAL F 163 -15.06 -81.09 51.69
N GLY F 164 -15.00 -81.56 50.45
CA GLY F 164 -14.03 -81.03 49.49
C GLY F 164 -14.48 -79.81 48.72
N ASN F 165 -15.75 -79.47 48.83
CA ASN F 165 -16.33 -78.34 48.12
C ASN F 165 -16.50 -77.11 49.03
N ARG F 166 -15.77 -77.12 50.18
CA ARG F 166 -15.78 -76.01 51.13
C ARG F 166 -14.36 -75.63 51.53
N LEU F 167 -14.15 -74.34 51.77
CA LEU F 167 -12.82 -73.80 52.08
C LEU F 167 -12.78 -73.01 53.41
N THR F 168 -13.73 -73.29 54.29
CA THR F 168 -13.87 -72.69 55.61
C THR F 168 -14.42 -73.74 56.59
N HIS F 169 -13.91 -73.73 57.83
CA HIS F 169 -14.36 -74.68 58.85
C HIS F 169 -14.25 -74.06 60.24
N GLN F 170 -15.20 -74.39 61.12
CA GLN F 170 -15.20 -73.84 62.50
C GLN F 170 -14.91 -74.90 63.55
N ILE F 171 -13.98 -74.59 64.49
CA ILE F 171 -13.63 -75.52 65.57
C ILE F 171 -13.93 -74.84 66.91
N GLN F 172 -14.84 -75.45 67.66
CA GLN F 172 -15.35 -74.98 68.93
C GLN F 172 -14.64 -75.58 70.13
N GLU F 173 -14.90 -75.02 71.32
CA GLU F 173 -14.44 -75.52 72.64
C GLU F 173 -12.93 -75.50 72.82
N LEU F 174 -12.27 -74.48 72.26
CA LEU F 174 -10.83 -74.38 72.40
C LEU F 174 -10.47 -73.56 73.64
N THR F 175 -9.23 -73.68 74.11
CA THR F 175 -8.74 -72.96 75.28
C THR F 175 -8.28 -71.55 74.85
N LEU F 176 -8.66 -70.54 75.65
CA LEU F 176 -8.32 -69.14 75.44
C LEU F 176 -6.84 -68.91 75.77
N ASP F 177 -6.26 -67.80 75.24
CA ASP F 177 -4.86 -67.40 75.40
C ASP F 177 -3.85 -68.56 75.23
N THR F 178 -4.15 -69.46 74.26
CA THR F 178 -3.37 -70.67 73.97
C THR F 178 -2.92 -70.76 72.51
N PRO F 179 -1.61 -71.00 72.28
CA PRO F 179 -1.14 -71.25 70.90
C PRO F 179 -1.67 -72.59 70.34
N TYR F 180 -2.23 -72.58 69.13
CA TYR F 180 -2.69 -73.76 68.40
C TYR F 180 -1.93 -73.79 67.06
N TYR F 181 -1.72 -74.99 66.50
CA TYR F 181 -1.01 -75.25 65.25
C TYR F 181 -1.93 -76.06 64.39
N PHE F 182 -2.01 -75.67 63.10
CA PHE F 182 -2.93 -76.21 62.11
C PHE F 182 -2.21 -76.67 60.86
N LYS F 183 -2.61 -77.86 60.35
CA LYS F 183 -2.11 -78.43 59.09
C LYS F 183 -3.33 -78.94 58.32
N ILE F 184 -3.33 -78.82 57.02
CA ILE F 184 -4.47 -79.31 56.21
C ILE F 184 -3.92 -80.15 55.08
N GLN F 185 -4.68 -81.16 54.67
CA GLN F 185 -4.33 -81.94 53.49
C GLN F 185 -5.56 -82.16 52.62
N ALA F 186 -5.38 -82.21 51.29
CA ALA F 186 -6.51 -82.47 50.41
C ALA F 186 -6.58 -83.94 50.08
N ARG F 187 -7.76 -84.38 49.65
CA ARG F 187 -7.95 -85.75 49.20
C ARG F 187 -8.81 -85.79 47.98
N ASN F 188 -8.54 -86.76 47.11
CA ASN F 188 -9.32 -87.00 45.91
C ASN F 188 -9.59 -88.52 45.75
N SER F 189 -10.21 -88.97 44.65
CA SER F 189 -10.51 -90.40 44.45
C SER F 189 -9.25 -91.28 44.43
N LYS F 190 -8.07 -90.67 44.23
CA LYS F 190 -6.80 -91.38 44.18
C LYS F 190 -6.08 -91.45 45.54
N GLY F 191 -6.49 -90.64 46.50
CA GLY F 191 -5.89 -90.63 47.83
C GLY F 191 -5.53 -89.28 48.41
N MET F 192 -4.65 -89.26 49.40
CA MET F 192 -4.21 -88.09 50.15
C MET F 192 -3.08 -87.33 49.53
N GLY F 193 -3.20 -86.02 49.53
CA GLY F 193 -2.12 -85.15 49.06
C GLY F 193 -1.21 -84.81 50.22
N PRO F 194 -0.16 -83.99 50.00
CA PRO F 194 0.72 -83.66 51.12
C PRO F 194 0.06 -82.68 52.08
N MET F 195 0.60 -82.60 53.28
CA MET F 195 0.10 -81.68 54.30
C MET F 195 0.75 -80.33 54.17
N SER F 196 -0.01 -79.26 54.48
CA SER F 196 0.55 -77.92 54.48
C SER F 196 1.43 -77.79 55.72
N GLU F 197 2.43 -76.91 55.67
CA GLU F 197 3.31 -76.67 56.83
C GLU F 197 2.51 -76.01 57.95
N ALA F 198 2.70 -76.47 59.19
CA ALA F 198 1.92 -75.96 60.32
C ALA F 198 1.86 -74.43 60.40
N VAL F 199 0.66 -73.91 60.68
CA VAL F 199 0.38 -72.49 60.87
C VAL F 199 0.06 -72.32 62.36
N GLN F 200 0.64 -71.31 63.01
CA GLN F 200 0.34 -71.03 64.43
C GLN F 200 -0.73 -69.95 64.60
N PHE F 201 -1.65 -70.17 65.57
CA PHE F 201 -2.65 -69.17 65.96
C PHE F 201 -2.84 -69.24 67.47
N ARG F 202 -2.60 -68.12 68.15
CA ARG F 202 -2.81 -68.02 69.60
C ARG F 202 -4.23 -67.49 69.80
N THR F 203 -5.07 -68.22 70.56
CA THR F 203 -6.45 -67.80 70.82
C THR F 203 -6.44 -66.54 71.65
N PRO F 204 -7.49 -65.69 71.54
CA PRO F 204 -7.52 -64.46 72.37
C PRO F 204 -7.75 -64.70 73.87
N LYS F 205 -7.55 -63.65 74.69
CA LYS F 205 -7.86 -63.72 76.10
C LYS F 205 -9.01 -62.73 76.40
N ALA F 206 -9.42 -62.64 77.67
CA ALA F 206 -10.50 -61.78 78.10
C ALA F 206 -9.98 -60.39 78.38
N LEU F 207 -10.82 -59.40 78.06
CA LEU F 207 -10.61 -57.97 78.28
C LEU F 207 -11.69 -57.61 79.31
N GLY F 208 -11.32 -57.65 80.61
CA GLY F 208 -12.21 -57.38 81.75
C GLY F 208 -12.70 -55.92 81.74
N SER F 209 -14.03 -55.73 81.87
CA SER F 209 -14.71 -54.42 81.79
C SER F 209 -14.98 -53.83 83.17
N LEU G 12 -45.73 57.62 -50.18
CA LEU G 12 -45.29 56.31 -49.70
C LEU G 12 -44.06 55.84 -50.46
N LYS G 13 -43.29 54.93 -49.86
CA LYS G 13 -41.99 54.52 -50.39
C LYS G 13 -42.11 53.15 -51.06
N ALA G 14 -42.28 53.16 -52.38
CA ALA G 14 -42.42 51.93 -53.13
C ALA G 14 -41.08 51.22 -53.29
N ARG G 15 -41.15 49.91 -53.55
CA ARG G 15 -39.94 49.16 -53.83
C ARG G 15 -39.55 49.34 -55.30
N CYS G 16 -38.27 49.07 -55.57
CA CYS G 16 -37.69 49.20 -56.90
C CYS G 16 -38.61 48.62 -57.96
N SER G 17 -39.04 49.48 -58.88
CA SER G 17 -40.04 49.12 -59.88
C SER G 17 -39.76 49.90 -61.14
N ARG G 18 -40.24 49.37 -62.27
CA ARG G 18 -40.22 50.13 -63.50
C ARG G 18 -41.46 51.00 -63.56
N LYS G 19 -41.26 52.28 -63.83
CA LYS G 19 -42.34 53.26 -63.89
C LYS G 19 -42.35 53.89 -65.27
N ALA G 20 -43.48 54.53 -65.58
CA ALA G 20 -43.65 55.17 -66.87
C ALA G 20 -42.73 56.37 -67.00
N LEU G 21 -42.22 56.57 -68.21
CA LEU G 21 -41.52 57.81 -68.55
C LEU G 21 -41.72 58.01 -70.03
N HIS G 22 -42.54 59.00 -70.37
CA HIS G 22 -42.84 59.31 -71.75
C HIS G 22 -41.87 60.37 -72.23
N VAL G 23 -41.23 60.12 -73.38
CA VAL G 23 -40.30 61.06 -73.99
C VAL G 23 -40.94 61.62 -75.23
N ASN G 24 -41.11 62.94 -75.29
CA ASN G 24 -41.71 63.59 -76.45
C ASN G 24 -40.63 64.43 -77.12
N PHE G 25 -40.07 63.91 -78.21
CA PHE G 25 -39.01 64.61 -78.92
C PHE G 25 -39.49 65.91 -79.53
N LYS G 26 -40.76 65.99 -79.91
CA LYS G 26 -41.26 67.24 -80.47
C LYS G 26 -41.29 68.33 -79.40
N ASP G 27 -41.73 67.99 -78.18
CA ASP G 27 -41.72 68.94 -77.09
C ASP G 27 -40.31 69.43 -76.76
N MET G 28 -39.30 68.60 -76.99
CA MET G 28 -37.92 68.98 -76.76
C MET G 28 -37.31 69.79 -77.91
N GLY G 29 -38.05 69.98 -78.99
CA GLY G 29 -37.52 70.67 -80.16
C GLY G 29 -36.65 69.82 -81.04
N TRP G 30 -36.54 68.52 -80.77
CA TRP G 30 -35.65 67.65 -81.53
C TRP G 30 -36.24 67.19 -82.84
N ASP G 31 -37.49 67.56 -83.14
CA ASP G 31 -38.01 67.25 -84.46
C ASP G 31 -37.33 68.04 -85.57
N ASP G 32 -36.41 68.95 -85.27
CA ASP G 32 -35.67 69.53 -86.37
C ASP G 32 -34.58 68.59 -86.89
N TRP G 33 -34.26 67.52 -86.17
CA TRP G 33 -33.35 66.52 -86.75
C TRP G 33 -33.93 65.11 -86.69
N ILE G 34 -34.75 64.80 -85.70
CA ILE G 34 -35.42 63.51 -85.67
C ILE G 34 -36.62 63.57 -86.59
N ILE G 35 -36.74 62.58 -87.48
CA ILE G 35 -37.93 62.42 -88.30
C ILE G 35 -38.97 61.55 -87.60
N ALA G 36 -38.56 60.39 -87.09
CA ALA G 36 -39.47 59.46 -86.43
C ALA G 36 -38.65 58.55 -85.53
N PRO G 37 -39.23 58.08 -84.41
CA PRO G 37 -40.53 58.47 -83.85
C PRO G 37 -40.37 59.83 -83.20
N LEU G 38 -41.44 60.58 -83.02
CA LEU G 38 -41.34 61.85 -82.32
C LEU G 38 -41.64 61.71 -80.84
N GLU G 39 -41.98 60.50 -80.40
CA GLU G 39 -42.15 60.24 -79.00
C GLU G 39 -41.99 58.75 -78.77
N TYR G 40 -41.59 58.39 -77.56
CA TYR G 40 -41.54 56.98 -77.22
C TYR G 40 -41.62 56.82 -75.71
N GLU G 41 -41.86 55.59 -75.29
CA GLU G 41 -41.94 55.25 -73.87
C GLU G 41 -40.58 54.75 -73.41
N ALA G 42 -39.92 55.54 -72.56
CA ALA G 42 -38.59 55.17 -72.09
C ALA G 42 -38.62 54.41 -70.77
N PHE G 43 -39.66 54.65 -69.98
CA PHE G 43 -39.73 54.17 -68.60
C PHE G 43 -38.59 54.71 -67.75
N HIS G 44 -38.70 54.52 -66.44
CA HIS G 44 -37.58 54.79 -65.56
C HIS G 44 -37.70 53.84 -64.39
N CYS G 45 -36.63 53.76 -63.62
CA CYS G 45 -36.59 52.91 -62.45
C CYS G 45 -36.66 53.76 -61.20
N GLU G 46 -37.32 53.25 -60.17
CA GLU G 46 -37.45 54.03 -58.96
C GLU G 46 -37.94 53.12 -57.86
N GLY G 47 -37.43 53.32 -56.65
CA GLY G 47 -37.95 52.64 -55.49
C GLY G 47 -36.84 52.03 -54.65
N LEU G 48 -37.27 51.51 -53.50
CA LEU G 48 -36.33 51.02 -52.50
C LEU G 48 -35.69 49.71 -52.92
N CYS G 49 -34.41 49.58 -52.58
CA CYS G 49 -33.66 48.35 -52.71
C CYS G 49 -33.41 47.83 -51.31
N GLU G 50 -34.25 46.92 -50.84
CA GLU G 50 -34.20 46.47 -49.47
C GLU G 50 -33.78 45.01 -49.40
N PHE G 51 -33.15 44.66 -48.28
CA PHE G 51 -32.84 43.26 -48.01
C PHE G 51 -34.13 42.51 -47.77
N PRO G 52 -34.33 41.33 -48.38
CA PRO G 52 -33.45 40.71 -49.37
C PRO G 52 -33.81 41.19 -50.75
N LEU G 53 -32.85 41.22 -51.66
CA LEU G 53 -33.18 41.56 -53.03
C LEU G 53 -33.93 40.38 -53.65
N ARG G 54 -35.11 40.67 -54.19
CA ARG G 54 -35.85 39.63 -54.87
C ARG G 54 -35.09 39.22 -56.13
N SER G 55 -35.22 37.93 -56.50
CA SER G 55 -34.39 37.38 -57.57
C SER G 55 -34.46 38.21 -58.86
N HIS G 56 -35.63 38.77 -59.16
CA HIS G 56 -35.78 39.51 -60.40
C HIS G 56 -35.08 40.86 -60.37
N LEU G 57 -34.67 41.35 -59.20
CA LEU G 57 -33.81 42.52 -59.16
C LEU G 57 -32.39 42.19 -59.62
N GLU G 58 -32.08 40.90 -59.82
CA GLU G 58 -30.84 40.35 -60.34
C GLU G 58 -29.63 41.15 -59.90
N PRO G 59 -29.25 41.03 -58.64
CA PRO G 59 -28.11 41.80 -58.15
C PRO G 59 -26.79 41.18 -58.56
N THR G 60 -25.79 42.05 -58.74
CA THR G 60 -24.41 41.61 -58.73
C THR G 60 -24.06 41.06 -57.35
N ASN G 61 -23.00 40.25 -57.29
CA ASN G 61 -22.45 39.89 -55.99
C ASN G 61 -22.21 41.13 -55.15
N HIS G 62 -21.67 42.19 -55.76
CA HIS G 62 -21.40 43.40 -55.01
C HIS G 62 -22.67 43.96 -54.39
N ALA G 63 -23.76 44.01 -55.17
CA ALA G 63 -25.02 44.53 -54.65
C ALA G 63 -25.58 43.63 -53.55
N VAL G 64 -25.38 42.31 -53.66
CA VAL G 64 -25.80 41.40 -52.60
C VAL G 64 -25.09 41.77 -51.30
N ILE G 65 -23.78 41.97 -51.37
CA ILE G 65 -23.02 42.29 -50.18
C ILE G 65 -23.36 43.67 -49.66
N GLN G 66 -23.48 44.66 -50.55
CA GLN G 66 -23.79 46.01 -50.09
C GLN G 66 -25.17 46.08 -49.45
N THR G 67 -26.16 45.44 -50.06
CA THR G 67 -27.49 45.41 -49.47
C THR G 67 -27.46 44.74 -48.09
N LEU G 68 -26.71 43.65 -47.96
CA LEU G 68 -26.51 43.03 -46.65
C LEU G 68 -25.91 44.03 -45.67
N MET G 69 -24.82 44.68 -46.07
CA MET G 69 -24.13 45.57 -45.13
C MET G 69 -25.01 46.77 -44.76
N ASN G 70 -25.76 47.29 -45.74
CA ASN G 70 -26.64 48.41 -45.42
C ASN G 70 -27.77 47.97 -44.50
N SER G 71 -28.24 46.73 -44.66
CA SER G 71 -29.25 46.22 -43.74
C SER G 71 -28.71 46.11 -42.32
N MET G 72 -27.47 45.62 -42.18
CA MET G 72 -26.90 45.42 -40.85
C MET G 72 -26.47 46.75 -40.22
N ASP G 73 -26.08 47.72 -41.03
CA ASP G 73 -25.52 48.97 -40.52
C ASP G 73 -25.75 50.03 -41.60
N PRO G 74 -26.91 50.65 -41.60
CA PRO G 74 -27.21 51.64 -42.65
C PRO G 74 -26.25 52.81 -42.68
N GLU G 75 -25.44 53.01 -41.64
CA GLU G 75 -24.42 54.05 -41.64
C GLU G 75 -23.10 53.61 -42.27
N SER G 76 -22.83 52.30 -42.33
CA SER G 76 -21.59 51.84 -42.95
C SER G 76 -21.67 51.91 -44.46
N THR G 77 -22.83 51.61 -45.03
CA THR G 77 -22.94 51.81 -46.47
C THR G 77 -24.37 52.18 -46.80
N PRO G 78 -24.57 53.02 -47.81
CA PRO G 78 -25.90 53.31 -48.33
C PRO G 78 -26.52 52.10 -48.97
N PRO G 79 -27.83 52.12 -49.20
CA PRO G 79 -28.47 51.00 -49.90
C PRO G 79 -28.01 50.95 -51.34
N THR G 80 -28.25 49.81 -51.97
CA THR G 80 -28.09 49.76 -53.41
C THR G 80 -29.18 50.58 -54.07
N CYS G 81 -29.05 50.80 -55.37
CA CYS G 81 -29.92 51.73 -56.07
C CYS G 81 -30.68 51.04 -57.19
N CYS G 82 -31.93 51.46 -57.34
CA CYS G 82 -32.83 50.91 -58.34
C CYS G 82 -32.54 51.57 -59.67
N VAL G 83 -32.00 50.80 -60.62
CA VAL G 83 -31.54 51.31 -61.90
C VAL G 83 -31.90 50.32 -62.98
N PRO G 84 -31.86 50.75 -64.25
CA PRO G 84 -32.16 49.83 -65.35
C PRO G 84 -31.10 48.74 -65.40
N THR G 85 -31.56 47.49 -65.48
CA THR G 85 -30.68 46.35 -65.60
C THR G 85 -30.75 45.69 -66.97
N ARG G 86 -31.81 45.95 -67.72
CA ARG G 86 -31.90 45.55 -69.11
C ARG G 86 -32.58 46.69 -69.86
N LEU G 87 -32.03 47.04 -71.00
CA LEU G 87 -32.63 48.09 -71.80
C LEU G 87 -32.67 47.60 -73.23
N SER G 88 -33.54 48.22 -74.01
CA SER G 88 -33.69 47.84 -75.41
C SER G 88 -33.52 49.07 -76.27
N PRO G 89 -33.17 48.90 -77.53
CA PRO G 89 -32.96 50.04 -78.41
C PRO G 89 -34.29 50.52 -78.98
N ILE G 90 -34.24 51.71 -79.58
CA ILE G 90 -35.29 52.09 -80.51
C ILE G 90 -34.62 52.56 -81.78
N SER G 91 -35.31 52.34 -82.89
CA SER G 91 -34.85 52.75 -84.19
C SER G 91 -35.26 54.20 -84.40
N ILE G 92 -34.29 55.05 -84.74
CA ILE G 92 -34.56 56.47 -84.97
C ILE G 92 -34.23 56.79 -86.41
N LEU G 93 -35.18 57.42 -87.09
CA LEU G 93 -34.99 57.99 -88.40
C LEU G 93 -34.68 59.46 -88.21
N PHE G 94 -33.54 59.91 -88.71
CA PHE G 94 -33.14 61.28 -88.44
C PHE G 94 -32.31 61.81 -89.60
N ILE G 95 -32.08 63.12 -89.57
CA ILE G 95 -31.27 63.80 -90.57
C ILE G 95 -29.87 63.90 -90.00
N ASP G 96 -28.90 63.28 -90.69
CA ASP G 96 -27.56 63.17 -90.13
C ASP G 96 -26.73 64.41 -90.43
N SER G 97 -25.46 64.37 -90.02
CA SER G 97 -24.56 65.50 -90.18
C SER G 97 -24.30 65.82 -91.64
N ALA G 98 -24.46 64.85 -92.54
CA ALA G 98 -24.33 65.09 -93.97
C ALA G 98 -25.65 65.50 -94.61
N ASN G 99 -26.68 65.76 -93.81
CA ASN G 99 -28.01 66.19 -94.26
C ASN G 99 -28.75 65.08 -94.99
N ASN G 100 -28.46 63.82 -94.67
CA ASN G 100 -29.11 62.68 -95.30
C ASN G 100 -30.03 61.99 -94.29
N VAL G 101 -31.07 61.34 -94.81
CA VAL G 101 -31.92 60.52 -93.95
C VAL G 101 -31.17 59.27 -93.55
N VAL G 102 -31.10 59.03 -92.24
CA VAL G 102 -30.42 57.87 -91.69
C VAL G 102 -31.37 57.17 -90.73
N TYR G 103 -31.43 55.84 -90.82
CA TYR G 103 -32.11 55.01 -89.85
C TYR G 103 -31.07 54.32 -88.99
N LYS G 104 -31.16 54.48 -87.68
CA LYS G 104 -30.15 53.93 -86.79
C LYS G 104 -30.80 53.45 -85.50
N GLN G 105 -30.37 52.28 -85.03
CA GLN G 105 -30.73 51.81 -83.70
C GLN G 105 -29.98 52.60 -82.64
N TYR G 106 -30.71 53.24 -81.74
CA TYR G 106 -30.14 53.89 -80.57
C TYR G 106 -30.24 52.90 -79.43
N GLU G 107 -29.10 52.37 -78.99
CA GLU G 107 -29.15 51.35 -77.95
C GLU G 107 -29.51 51.97 -76.60
N ASP G 108 -29.97 51.09 -75.70
CA ASP G 108 -30.22 51.46 -74.30
C ASP G 108 -31.15 52.65 -74.16
N MET G 109 -32.27 52.61 -74.89
CA MET G 109 -33.23 53.70 -74.88
C MET G 109 -34.46 53.42 -74.04
N VAL G 110 -34.85 52.16 -73.91
CA VAL G 110 -36.08 51.78 -73.22
C VAL G 110 -35.71 50.85 -72.08
N VAL G 111 -36.17 51.18 -70.88
CA VAL G 111 -35.95 50.29 -69.74
C VAL G 111 -36.83 49.07 -69.91
N GLU G 112 -36.23 47.88 -69.89
CA GLU G 112 -36.98 46.63 -69.89
C GLU G 112 -37.10 46.01 -68.52
N SER G 113 -36.10 46.21 -67.66
CA SER G 113 -36.16 45.70 -66.30
C SER G 113 -35.36 46.61 -65.40
N CYS G 114 -35.80 46.69 -64.15
CA CYS G 114 -35.13 47.47 -63.12
C CYS G 114 -34.57 46.52 -62.07
N GLY G 115 -33.51 46.96 -61.41
CA GLY G 115 -32.93 46.11 -60.38
C GLY G 115 -32.02 46.93 -59.51
N CYS G 116 -31.43 46.27 -58.52
CA CYS G 116 -30.68 46.95 -57.46
C CYS G 116 -29.20 46.71 -57.68
N ARG G 117 -28.46 47.79 -57.78
CA ARG G 117 -27.04 47.71 -58.13
C ARG G 117 -26.18 48.59 -57.24
N LYS H 13 -23.56 66.66 -50.29
CA LYS H 13 -23.91 67.10 -51.63
C LYS H 13 -22.86 66.65 -52.64
N ALA H 14 -22.18 65.55 -52.33
CA ALA H 14 -21.10 65.07 -53.17
C ALA H 14 -21.65 64.49 -54.47
N ARG H 15 -20.85 64.60 -55.53
CA ARG H 15 -21.25 64.05 -56.81
C ARG H 15 -20.77 62.60 -56.92
N CYS H 16 -21.40 61.86 -57.83
CA CYS H 16 -21.18 60.43 -58.00
C CYS H 16 -19.70 60.08 -57.97
N SER H 17 -19.32 59.25 -57.01
CA SER H 17 -17.91 58.90 -56.82
C SER H 17 -17.83 57.47 -56.32
N ARG H 18 -16.66 56.87 -56.48
CA ARG H 18 -16.35 55.59 -55.85
C ARG H 18 -15.81 55.85 -54.45
N LYS H 19 -16.44 55.25 -53.46
CA LYS H 19 -16.09 55.47 -52.07
C LYS H 19 -15.64 54.16 -51.44
N ALA H 20 -14.94 54.27 -50.33
CA ALA H 20 -14.43 53.08 -49.68
C ALA H 20 -15.56 52.24 -49.12
N LEU H 21 -15.38 50.92 -49.18
CA LEU H 21 -16.29 49.99 -48.51
C LEU H 21 -15.49 48.75 -48.19
N HIS H 22 -15.17 48.55 -46.92
CA HIS H 22 -14.37 47.43 -46.48
C HIS H 22 -15.28 46.29 -46.05
N VAL H 23 -15.06 45.11 -46.61
CA VAL H 23 -15.83 43.93 -46.28
C VAL H 23 -14.95 43.01 -45.44
N ASN H 24 -15.41 42.67 -44.25
CA ASN H 24 -14.64 41.81 -43.36
C ASN H 24 -15.41 40.52 -43.17
N PHE H 25 -15.00 39.46 -43.88
CA PHE H 25 -15.68 38.18 -43.80
C PHE H 25 -15.63 37.59 -42.40
N LYS H 26 -14.54 37.83 -41.66
CA LYS H 26 -14.44 37.30 -40.31
C LYS H 26 -15.45 37.95 -39.38
N ASP H 27 -15.62 39.28 -39.51
CA ASP H 27 -16.64 39.98 -38.74
C ASP H 27 -18.03 39.45 -39.05
N MET H 28 -18.26 38.99 -40.27
CA MET H 28 -19.54 38.41 -40.66
C MET H 28 -19.66 36.95 -40.26
N GLY H 29 -18.59 36.35 -39.73
CA GLY H 29 -18.63 34.96 -39.36
C GLY H 29 -18.48 33.99 -40.49
N TRP H 30 -18.07 34.47 -41.67
CA TRP H 30 -17.92 33.60 -42.82
C TRP H 30 -16.59 32.89 -42.86
N ASP H 31 -15.74 33.09 -41.86
CA ASP H 31 -14.50 32.34 -41.79
C ASP H 31 -14.70 30.89 -41.37
N ASP H 32 -15.95 30.43 -41.15
CA ASP H 32 -16.11 29.00 -41.04
C ASP H 32 -16.15 28.31 -42.41
N TRP H 33 -16.27 29.06 -43.51
CA TRP H 33 -16.19 28.43 -44.83
C TRP H 33 -15.22 29.14 -45.76
N ILE H 34 -14.99 30.43 -45.58
CA ILE H 34 -13.99 31.13 -46.37
C ILE H 34 -12.62 30.97 -45.73
N ILE H 35 -11.65 30.52 -46.52
CA ILE H 35 -10.27 30.42 -46.05
C ILE H 35 -9.53 31.74 -46.24
N ALA H 36 -9.64 32.32 -47.43
CA ALA H 36 -8.92 33.54 -47.75
C ALA H 36 -9.57 34.16 -48.98
N PRO H 37 -9.51 35.49 -49.14
CA PRO H 37 -9.07 36.46 -48.13
C PRO H 37 -10.18 36.58 -47.09
N LEU H 38 -9.86 36.98 -45.87
CA LEU H 38 -10.91 37.20 -44.89
C LEU H 38 -11.39 38.65 -44.85
N GLU H 39 -10.83 39.50 -45.71
CA GLU H 39 -11.36 40.84 -45.88
C GLU H 39 -10.95 41.34 -47.24
N TYR H 40 -11.69 42.30 -47.75
CA TYR H 40 -11.33 42.90 -49.02
C TYR H 40 -12.02 44.24 -49.13
N GLU H 41 -11.53 45.05 -50.07
CA GLU H 41 -12.08 46.37 -50.34
C GLU H 41 -13.08 46.24 -51.49
N ALA H 42 -14.35 46.41 -51.19
CA ALA H 42 -15.38 46.25 -52.21
C ALA H 42 -15.70 47.57 -52.90
N PHE H 43 -15.51 48.68 -52.18
CA PHE H 43 -15.92 50.01 -52.60
C PHE H 43 -17.44 50.09 -52.74
N HIS H 44 -17.95 51.30 -52.88
CA HIS H 44 -19.33 51.49 -53.24
C HIS H 44 -19.45 52.81 -53.97
N CYS H 45 -20.57 52.99 -54.65
CA CYS H 45 -20.82 54.20 -55.40
C CYS H 45 -21.83 55.04 -54.66
N GLU H 46 -21.63 56.35 -54.67
CA GLU H 46 -22.56 57.24 -53.99
C GLU H 46 -22.35 58.66 -54.48
N GLY H 47 -23.45 59.39 -54.61
CA GLY H 47 -23.31 60.79 -54.93
C GLY H 47 -24.26 61.24 -56.02
N LEU H 48 -24.38 62.54 -56.19
CA LEU H 48 -25.37 63.09 -57.09
C LEU H 48 -25.00 62.82 -58.55
N CYS H 49 -26.01 62.52 -59.35
CA CYS H 49 -25.91 62.45 -60.80
C CYS H 49 -26.62 63.69 -61.32
N GLU H 50 -25.85 64.71 -61.68
CA GLU H 50 -26.42 65.99 -62.07
C GLU H 50 -26.11 66.25 -63.52
N PHE H 51 -27.05 66.93 -64.18
CA PHE H 51 -26.79 67.45 -65.52
C PHE H 51 -25.68 68.50 -65.44
N PRO H 52 -24.68 68.46 -66.33
CA PRO H 52 -24.40 67.48 -67.38
C PRO H 52 -23.55 66.37 -66.83
N LEU H 53 -23.77 65.15 -67.29
CA LEU H 53 -23.00 64.02 -66.82
C LEU H 53 -21.64 64.01 -67.50
N ARG H 54 -20.58 64.04 -66.71
CA ARG H 54 -19.25 63.96 -67.28
C ARG H 54 -19.06 62.60 -67.95
N SER H 55 -18.19 62.57 -68.96
CA SER H 55 -18.01 61.39 -69.80
C SER H 55 -17.71 60.13 -68.98
N HIS H 56 -16.90 60.27 -67.93
CA HIS H 56 -16.49 59.11 -67.15
C HIS H 56 -17.62 58.50 -66.32
N LEU H 57 -18.77 59.16 -66.24
CA LEU H 57 -19.92 58.52 -65.62
C LEU H 57 -20.63 57.61 -66.60
N GLU H 58 -20.22 57.62 -67.87
CA GLU H 58 -20.63 56.66 -68.88
C GLU H 58 -22.13 56.38 -68.87
N PRO H 59 -22.97 57.40 -68.98
CA PRO H 59 -24.41 57.16 -69.02
C PRO H 59 -24.81 56.39 -70.25
N THR H 60 -25.81 55.54 -70.09
CA THR H 60 -26.55 55.03 -71.23
C THR H 60 -27.28 56.19 -71.91
N ASN H 61 -27.69 55.96 -73.16
CA ASN H 61 -28.62 56.90 -73.80
C ASN H 61 -29.79 57.20 -72.88
N HIS H 62 -30.36 56.15 -72.27
CA HIS H 62 -31.49 56.36 -71.38
C HIS H 62 -31.12 57.30 -70.23
N ALA H 63 -29.96 57.09 -69.62
CA ALA H 63 -29.56 57.95 -68.50
C ALA H 63 -29.35 59.38 -68.97
N VAL H 64 -28.80 59.56 -70.17
CA VAL H 64 -28.65 60.90 -70.73
C VAL H 64 -30.00 61.59 -70.80
N ILE H 65 -31.00 60.90 -71.36
CA ILE H 65 -32.32 61.51 -71.48
C ILE H 65 -32.94 61.72 -70.10
N GLN H 66 -32.82 60.75 -69.20
CA GLN H 66 -33.45 60.90 -67.89
C GLN H 66 -32.84 62.05 -67.11
N THR H 67 -31.51 62.16 -67.11
CA THR H 67 -30.86 63.27 -66.44
C THR H 67 -31.34 64.60 -67.01
N LEU H 68 -31.46 64.67 -68.34
CA LEU H 68 -31.97 65.88 -68.98
C LEU H 68 -33.38 66.20 -68.50
N MET H 69 -34.25 65.20 -68.51
CA MET H 69 -35.64 65.46 -68.14
C MET H 69 -35.75 65.85 -66.67
N ASN H 70 -34.99 65.20 -65.81
CA ASN H 70 -35.02 65.56 -64.40
C ASN H 70 -34.44 66.96 -64.18
N SER H 71 -33.45 67.35 -64.98
CA SER H 71 -32.96 68.72 -64.90
C SER H 71 -34.05 69.72 -65.26
N MET H 72 -34.79 69.45 -66.35
CA MET H 72 -35.79 70.40 -66.83
C MET H 72 -37.03 70.42 -65.94
N ASP H 73 -37.38 69.29 -65.36
CA ASP H 73 -38.57 69.18 -64.51
C ASP H 73 -38.34 68.04 -63.53
N PRO H 74 -37.85 68.33 -62.32
CA PRO H 74 -37.61 67.26 -61.35
C PRO H 74 -38.86 66.45 -61.02
N GLU H 75 -40.05 66.97 -61.28
CA GLU H 75 -41.27 66.19 -61.05
C GLU H 75 -41.51 65.14 -62.12
N SER H 76 -40.95 65.31 -63.31
CA SER H 76 -41.23 64.39 -64.40
C SER H 76 -40.52 63.06 -64.23
N THR H 77 -39.33 63.06 -63.63
CA THR H 77 -38.61 61.83 -63.37
C THR H 77 -37.56 62.12 -62.33
N PRO H 78 -37.18 61.14 -61.52
CA PRO H 78 -36.08 61.32 -60.58
C PRO H 78 -34.76 61.44 -61.33
N PRO H 79 -33.70 61.85 -60.65
CA PRO H 79 -32.39 61.84 -61.29
C PRO H 79 -31.93 60.40 -61.53
N THR H 80 -30.93 60.26 -62.39
CA THR H 80 -30.26 58.98 -62.53
C THR H 80 -29.47 58.69 -61.26
N CYS H 81 -28.97 57.46 -61.15
CA CYS H 81 -28.40 56.99 -59.90
C CYS H 81 -26.95 56.56 -60.07
N CYS H 82 -26.15 56.90 -59.06
CA CYS H 82 -24.74 56.54 -59.00
C CYS H 82 -24.59 55.07 -58.61
N VAL H 83 -24.10 54.25 -59.54
CA VAL H 83 -24.02 52.80 -59.33
C VAL H 83 -22.74 52.30 -59.98
N PRO H 84 -22.29 51.09 -59.59
CA PRO H 84 -21.09 50.53 -60.22
C PRO H 84 -21.35 50.28 -61.70
N THR H 85 -20.45 50.78 -62.54
CA THR H 85 -20.53 50.54 -63.97
C THR H 85 -19.47 49.57 -64.45
N ARG H 86 -18.43 49.35 -63.66
CA ARG H 86 -17.43 48.32 -63.93
C ARG H 86 -17.10 47.69 -62.59
N LEU H 87 -17.05 46.37 -62.57
CA LEU H 87 -16.66 45.64 -61.38
C LEU H 87 -15.65 44.59 -61.76
N SER H 88 -14.92 44.12 -60.76
CA SER H 88 -13.90 43.10 -60.96
C SER H 88 -14.11 41.99 -59.96
N PRO H 89 -13.61 40.80 -60.25
CA PRO H 89 -13.78 39.68 -59.32
C PRO H 89 -12.72 39.71 -58.24
N ILE H 90 -12.95 38.90 -57.21
CA ILE H 90 -11.87 38.48 -56.31
C ILE H 90 -11.86 36.97 -56.26
N SER H 91 -10.68 36.43 -56.06
CA SER H 91 -10.50 35.00 -55.89
C SER H 91 -10.71 34.68 -54.41
N ILE H 92 -11.62 33.74 -54.16
CA ILE H 92 -11.93 33.30 -52.79
C ILE H 92 -11.55 31.83 -52.67
N LEU H 93 -10.79 31.52 -51.63
CA LEU H 93 -10.44 30.15 -51.29
C LEU H 93 -11.40 29.73 -50.18
N PHE H 94 -12.13 28.65 -50.40
CA PHE H 94 -13.17 28.29 -49.45
C PHE H 94 -13.38 26.79 -49.51
N ILE H 95 -14.18 26.28 -48.57
CA ILE H 95 -14.55 24.88 -48.59
C ILE H 95 -16.01 24.78 -49.03
N ASP H 96 -16.26 23.89 -49.97
CA ASP H 96 -17.57 23.80 -50.59
C ASP H 96 -18.39 22.77 -49.84
N SER H 97 -19.52 22.35 -50.44
CA SER H 97 -20.42 21.43 -49.76
C SER H 97 -19.74 20.11 -49.43
N ALA H 98 -18.91 19.60 -50.34
CA ALA H 98 -18.27 18.31 -50.18
C ALA H 98 -16.95 18.37 -49.44
N ASN H 99 -16.74 19.42 -48.63
CA ASN H 99 -15.49 19.62 -47.90
C ASN H 99 -14.28 19.67 -48.83
N ASN H 100 -14.48 20.12 -50.05
CA ASN H 100 -13.39 20.35 -50.98
C ASN H 100 -12.90 21.77 -50.81
N VAL H 101 -11.58 21.94 -50.74
CA VAL H 101 -10.99 23.28 -50.83
C VAL H 101 -11.10 23.75 -52.27
N VAL H 102 -11.79 24.86 -52.48
CA VAL H 102 -12.06 25.39 -53.80
C VAL H 102 -11.52 26.80 -53.87
N TYR H 103 -10.90 27.14 -55.00
CA TYR H 103 -10.49 28.51 -55.28
C TYR H 103 -11.28 28.97 -56.50
N LYS H 104 -12.08 30.01 -56.30
CA LYS H 104 -13.04 30.44 -57.31
C LYS H 104 -13.02 31.96 -57.43
N GLN H 105 -13.09 32.44 -58.67
CA GLN H 105 -13.31 33.85 -58.91
C GLN H 105 -14.78 34.17 -58.67
N TYR H 106 -15.06 35.01 -57.69
CA TYR H 106 -16.40 35.54 -57.49
C TYR H 106 -16.49 36.83 -58.31
N GLU H 107 -17.31 36.80 -59.35
CA GLU H 107 -17.41 37.94 -60.26
C GLU H 107 -18.10 39.11 -59.56
N ASP H 108 -17.78 40.32 -60.03
CA ASP H 108 -18.53 41.53 -59.66
C ASP H 108 -18.48 41.79 -58.16
N MET H 109 -17.28 41.69 -57.58
CA MET H 109 -17.13 41.89 -56.14
C MET H 109 -16.56 43.25 -55.77
N VAL H 110 -15.86 43.92 -56.69
CA VAL H 110 -15.10 45.12 -56.42
C VAL H 110 -15.53 46.16 -57.43
N VAL H 111 -16.00 47.31 -56.94
CA VAL H 111 -16.34 48.41 -57.84
C VAL H 111 -15.04 48.97 -58.43
N GLU H 112 -14.95 48.98 -59.75
CA GLU H 112 -13.86 49.65 -60.45
C GLU H 112 -14.22 51.04 -60.93
N SER H 113 -15.47 51.24 -61.35
CA SER H 113 -15.89 52.58 -61.73
C SER H 113 -17.35 52.77 -61.35
N CYS H 114 -17.69 54.01 -61.07
CA CYS H 114 -19.07 54.40 -60.79
C CYS H 114 -19.57 55.26 -61.93
N GLY H 115 -20.89 55.21 -62.12
CA GLY H 115 -21.47 56.05 -63.15
C GLY H 115 -22.94 56.22 -62.90
N CYS H 116 -23.58 56.96 -63.79
CA CYS H 116 -24.96 57.38 -63.59
C CYS H 116 -25.84 56.60 -64.55
N ARG H 117 -26.80 55.87 -64.01
CA ARG H 117 -27.60 54.96 -64.81
C ARG H 117 -29.08 55.15 -64.50
N GLY I 3 -12.46 68.38 -85.16
CA GLY I 3 -12.90 67.72 -86.37
C GLY I 3 -14.15 66.87 -86.20
N GLN I 4 -14.16 66.05 -85.15
CA GLN I 4 -15.28 65.16 -84.86
C GLN I 4 -16.20 65.81 -83.82
N CYS I 5 -17.08 65.03 -83.21
CA CYS I 5 -17.92 65.56 -82.15
C CYS I 5 -17.09 65.75 -80.90
N ARG I 6 -17.12 66.95 -80.34
CA ARG I 6 -16.27 67.30 -79.22
C ARG I 6 -17.09 67.84 -78.04
N ILE I 7 -18.33 67.37 -77.93
CA ILE I 7 -19.20 67.81 -76.84
C ILE I 7 -18.58 67.44 -75.49
N GLN I 8 -17.83 66.34 -75.42
CA GLN I 8 -17.29 65.93 -74.13
C GLN I 8 -16.32 66.96 -73.59
N LYS I 9 -15.55 67.61 -74.48
CA LYS I 9 -14.68 68.69 -74.04
C LYS I 9 -15.48 69.84 -73.45
N CYS I 10 -16.59 70.21 -74.12
CA CYS I 10 -17.42 71.30 -73.61
C CYS I 10 -17.94 70.96 -72.22
N THR I 11 -18.44 69.73 -72.07
CA THR I 11 -19.01 69.32 -70.81
C THR I 11 -17.93 69.28 -69.73
N THR I 12 -16.79 68.67 -70.03
CA THR I 12 -15.68 68.63 -69.08
C THR I 12 -15.32 70.03 -68.59
N ASP I 13 -15.20 70.99 -69.52
CA ASP I 13 -14.91 72.36 -69.13
C ASP I 13 -15.97 72.92 -68.20
N PHE I 14 -17.24 72.71 -68.55
CA PHE I 14 -18.32 73.23 -67.71
C PHE I 14 -18.29 72.61 -66.32
N VAL I 15 -18.11 71.30 -66.25
CA VAL I 15 -18.07 70.62 -64.95
C VAL I 15 -16.85 71.06 -64.16
N SER I 16 -15.69 71.16 -64.82
CA SER I 16 -14.48 71.60 -64.12
C SER I 16 -14.68 72.99 -63.54
N LEU I 17 -15.31 73.88 -64.31
CA LEU I 17 -15.45 75.28 -63.93
C LEU I 17 -16.49 75.49 -62.83
N THR I 18 -17.48 74.61 -62.70
CA THR I 18 -18.59 74.84 -61.78
C THR I 18 -18.67 73.86 -60.62
N SER I 19 -17.85 72.81 -60.60
CA SER I 19 -18.05 71.75 -59.60
C SER I 19 -18.00 72.28 -58.17
N HIS I 20 -17.15 73.27 -57.91
CA HIS I 20 -17.00 73.85 -56.58
C HIS I 20 -18.13 74.79 -56.20
N LEU I 21 -18.92 75.26 -57.18
CA LEU I 21 -19.88 76.31 -56.91
C LEU I 21 -20.95 75.84 -55.94
N GLY I 27 -21.47 85.01 -55.17
CA GLY I 27 -21.55 85.08 -56.62
C GLY I 27 -21.83 83.78 -57.35
N PHE I 28 -22.55 82.86 -56.71
CA PHE I 28 -22.88 81.59 -57.36
C PHE I 28 -23.52 81.81 -58.72
N ASP I 29 -24.64 82.55 -58.75
CA ASP I 29 -25.45 82.63 -59.97
C ASP I 29 -24.70 83.32 -61.11
N SER I 30 -23.88 84.33 -60.80
CA SER I 30 -23.14 85.01 -61.87
C SER I 30 -22.07 84.10 -62.46
N GLU I 31 -21.27 83.47 -61.60
CA GLU I 31 -20.26 82.53 -62.08
C GLU I 31 -20.91 81.37 -62.83
N PHE I 32 -22.04 80.89 -62.33
CA PHE I 32 -22.72 79.79 -63.00
C PHE I 32 -23.20 80.22 -64.38
N CYS I 33 -23.79 81.42 -64.48
CA CYS I 33 -24.27 81.90 -65.77
C CYS I 33 -23.13 82.13 -66.75
N LYS I 34 -22.00 82.62 -66.25
CA LYS I 34 -20.83 82.76 -67.12
C LYS I 34 -20.40 81.41 -67.67
N ALA I 35 -20.31 80.39 -66.81
CA ALA I 35 -19.94 79.06 -67.27
C ALA I 35 -20.98 78.50 -68.22
N LEU I 36 -22.25 78.80 -67.98
CA LEU I 36 -23.30 78.29 -68.85
C LEU I 36 -23.21 78.90 -70.24
N ARG I 37 -22.97 80.22 -70.31
CA ARG I 37 -22.83 80.85 -71.61
C ARG I 37 -21.64 80.26 -72.36
N ALA I 38 -20.53 80.02 -71.65
CA ALA I 38 -19.36 79.42 -72.30
C ALA I 38 -19.67 78.01 -72.78
N TYR I 39 -20.44 77.26 -71.98
CA TYR I 39 -20.86 75.91 -72.35
C TYR I 39 -21.77 75.95 -73.57
N ALA I 40 -22.75 76.86 -73.57
CA ALA I 40 -23.59 77.04 -74.74
C ALA I 40 -22.75 77.36 -75.98
N GLY I 41 -21.75 78.23 -75.84
CA GLY I 41 -20.96 78.59 -76.99
C GLY I 41 -20.14 77.43 -77.51
N CYS I 42 -19.51 76.71 -76.60
CA CYS I 42 -18.70 75.54 -76.99
C CYS I 42 -19.56 74.50 -77.69
N THR I 43 -20.77 74.24 -77.17
CA THR I 43 -21.62 73.23 -77.79
C THR I 43 -22.11 73.68 -79.17
N GLN I 44 -22.43 74.97 -79.30
CA GLN I 44 -22.85 75.52 -80.57
C GLN I 44 -21.81 75.29 -81.66
N ARG I 45 -20.53 75.45 -81.32
CA ARG I 45 -19.47 75.38 -82.32
C ARG I 45 -19.16 73.96 -82.79
N THR I 46 -19.71 72.93 -82.14
CA THR I 46 -19.54 71.55 -82.57
C THR I 46 -20.87 70.94 -83.01
N SER I 47 -21.86 71.77 -83.34
CA SER I 47 -23.20 71.29 -83.59
C SER I 47 -23.26 70.28 -84.73
N LYS I 48 -22.59 70.59 -85.85
CA LYS I 48 -22.71 69.76 -87.04
C LYS I 48 -22.10 68.39 -86.83
N ALA I 49 -20.86 68.33 -86.34
CA ALA I 49 -20.20 67.05 -86.11
C ALA I 49 -20.98 66.17 -85.14
N CYS I 50 -21.74 66.77 -84.23
CA CYS I 50 -22.40 66.04 -83.16
C CYS I 50 -23.83 65.65 -83.48
N ARG I 51 -24.33 65.98 -84.67
CA ARG I 51 -25.68 65.67 -85.06
C ARG I 51 -26.01 64.21 -84.79
N GLY I 52 -27.10 63.97 -84.06
CA GLY I 52 -27.54 62.63 -83.74
C GLY I 52 -26.98 62.06 -82.45
N ASN I 53 -26.00 62.73 -81.84
CA ASN I 53 -25.44 62.30 -80.56
C ASN I 53 -26.32 62.83 -79.44
N LEU I 54 -26.98 61.93 -78.72
CA LEU I 54 -27.90 62.37 -77.69
C LEU I 54 -27.20 63.16 -76.61
N VAL I 55 -25.94 62.85 -76.34
CA VAL I 55 -25.17 63.65 -75.38
C VAL I 55 -25.14 65.11 -75.85
N TYR I 56 -24.88 65.32 -77.14
CA TYR I 56 -24.88 66.68 -77.67
C TYR I 56 -26.27 67.31 -77.59
N HIS I 57 -27.29 66.62 -78.10
CA HIS I 57 -28.58 67.28 -78.17
C HIS I 57 -29.12 67.57 -76.78
N SER I 58 -28.88 66.65 -75.83
CA SER I 58 -29.31 66.87 -74.46
C SER I 58 -28.58 68.04 -73.84
N ALA I 59 -27.27 68.15 -74.11
CA ALA I 59 -26.50 69.30 -73.63
C ALA I 59 -27.13 70.60 -74.10
N VAL I 60 -27.36 70.72 -75.41
CA VAL I 60 -27.93 71.95 -75.98
C VAL I 60 -29.23 72.32 -75.27
N LEU I 61 -30.14 71.35 -75.13
CA LEU I 61 -31.43 71.65 -74.52
C LEU I 61 -31.31 71.91 -73.03
N GLY I 62 -30.54 71.05 -72.33
CA GLY I 62 -30.34 71.26 -70.90
C GLY I 62 -29.67 72.58 -70.58
N ILE I 63 -28.73 73.01 -71.44
CA ILE I 63 -28.11 74.32 -71.25
C ILE I 63 -29.14 75.42 -71.40
N SER I 64 -29.90 75.39 -72.51
CA SER I 64 -30.93 76.40 -72.73
C SER I 64 -31.93 76.43 -71.57
N ASP I 65 -32.30 75.25 -71.07
CA ASP I 65 -33.26 75.21 -69.98
C ASP I 65 -32.66 75.76 -68.69
N LEU I 66 -31.41 75.41 -68.39
CA LEU I 66 -30.76 75.93 -67.21
C LEU I 66 -30.60 77.45 -67.28
N MET I 67 -30.27 77.96 -68.47
CA MET I 67 -30.14 79.41 -68.61
C MET I 67 -31.46 80.10 -68.34
N SER I 68 -32.55 79.49 -68.81
CA SER I 68 -33.87 80.01 -68.47
C SER I 68 -34.14 79.91 -66.97
N GLN I 69 -33.85 78.76 -66.37
CA GLN I 69 -34.14 78.56 -64.95
C GLN I 69 -33.34 79.51 -64.08
N ARG I 70 -32.05 79.70 -64.37
CA ARG I 70 -31.19 80.55 -63.57
C ARG I 70 -31.17 82.00 -64.05
N ASN I 71 -32.00 82.34 -65.05
CA ASN I 71 -32.13 83.72 -65.54
C ASN I 71 -30.82 84.28 -66.07
N CYS I 72 -30.05 83.44 -66.76
CA CYS I 72 -28.83 83.90 -67.38
C CYS I 72 -29.15 84.55 -68.72
N SER I 73 -28.71 85.79 -68.90
CA SER I 73 -28.85 86.41 -70.22
C SER I 73 -28.12 85.57 -71.25
N LYS I 74 -28.71 85.44 -72.44
CA LYS I 74 -28.04 84.70 -73.51
C LYS I 74 -26.76 85.40 -73.93
N ASP I 75 -26.76 86.73 -73.92
CA ASP I 75 -25.56 87.51 -74.16
C ASP I 75 -25.03 88.02 -72.82
N GLY I 76 -23.71 88.01 -72.67
CA GLY I 76 -23.07 88.41 -71.44
C GLY I 76 -21.69 87.81 -71.34
N PRO I 77 -20.97 88.12 -70.26
CA PRO I 77 -19.59 87.64 -70.13
C PRO I 77 -19.55 86.15 -69.81
N THR I 78 -18.37 85.57 -70.05
CA THR I 78 -18.14 84.14 -69.80
C THR I 78 -17.03 83.93 -68.78
N GLN J 4 -29.78 20.95 -54.71
CA GLN J 4 -29.39 22.22 -55.32
C GLN J 4 -29.63 23.37 -54.35
N CYS J 5 -28.97 24.50 -54.57
CA CYS J 5 -29.21 25.65 -53.72
C CYS J 5 -30.55 26.27 -54.10
N ARG J 6 -31.46 26.33 -53.14
CA ARG J 6 -32.81 26.82 -53.39
C ARG J 6 -33.09 28.07 -52.57
N ILE J 7 -32.06 28.90 -52.35
CA ILE J 7 -32.24 30.12 -51.59
C ILE J 7 -33.27 31.03 -52.23
N GLN J 8 -33.35 31.06 -53.55
CA GLN J 8 -34.26 32.00 -54.19
C GLN J 8 -35.72 31.65 -53.89
N LYS J 9 -36.02 30.37 -53.68
CA LYS J 9 -37.36 29.99 -53.23
C LYS J 9 -37.66 30.60 -51.87
N CYS J 10 -36.71 30.47 -50.93
CA CYS J 10 -36.90 31.05 -49.61
C CYS J 10 -37.12 32.55 -49.69
N THR J 11 -36.31 33.23 -50.50
CA THR J 11 -36.42 34.67 -50.61
C THR J 11 -37.74 35.07 -51.24
N THR J 12 -38.12 34.41 -52.34
CA THR J 12 -39.40 34.70 -52.98
C THR J 12 -40.54 34.60 -51.99
N ASP J 13 -40.57 33.51 -51.20
CA ASP J 13 -41.60 33.34 -50.18
C ASP J 13 -41.60 34.50 -49.20
N PHE J 14 -40.42 34.85 -48.68
CA PHE J 14 -40.33 35.92 -47.71
C PHE J 14 -40.81 37.23 -48.31
N VAL J 15 -40.38 37.53 -49.54
CA VAL J 15 -40.78 38.77 -50.20
C VAL J 15 -42.27 38.74 -50.49
N SER J 16 -42.79 37.62 -50.99
CA SER J 16 -44.23 37.51 -51.21
C SER J 16 -45.00 37.79 -49.93
N LEU J 17 -44.57 37.18 -48.83
CA LEU J 17 -45.28 37.24 -47.57
C LEU J 17 -45.23 38.63 -46.93
N THR J 18 -44.18 39.40 -47.20
CA THR J 18 -44.01 40.72 -46.60
C THR J 18 -44.24 41.86 -47.58
N SER J 19 -44.58 41.56 -48.84
CA SER J 19 -44.69 42.59 -49.87
C SER J 19 -45.75 43.63 -49.51
N HIS J 20 -46.82 43.21 -48.84
CA HIS J 20 -47.89 44.10 -48.44
C HIS J 20 -47.55 44.92 -47.22
N LEU J 21 -46.47 44.61 -46.52
CA LEU J 21 -46.15 45.31 -45.29
C LEU J 21 -45.72 46.73 -45.58
N ASN J 22 -46.32 47.67 -44.85
CA ASN J 22 -46.00 49.09 -44.93
C ASN J 22 -45.57 49.49 -43.52
N SER J 23 -44.32 49.92 -43.37
CA SER J 23 -43.76 50.20 -42.06
C SER J 23 -44.62 51.15 -41.25
N ALA J 24 -45.42 51.99 -41.92
CA ALA J 24 -46.28 52.95 -41.24
C ALA J 24 -47.60 52.34 -40.78
N VAL J 25 -47.85 51.07 -41.06
CA VAL J 25 -49.09 50.41 -40.65
C VAL J 25 -48.82 49.61 -39.38
N ASP J 26 -49.88 49.37 -38.62
CA ASP J 26 -49.80 49.17 -37.17
C ASP J 26 -49.25 47.83 -36.72
N GLY J 27 -49.15 46.83 -37.60
CA GLY J 27 -48.70 45.53 -37.15
C GLY J 27 -47.43 45.01 -37.81
N PHE J 28 -46.56 45.93 -38.23
CA PHE J 28 -45.44 45.56 -39.10
C PHE J 28 -44.53 44.53 -38.45
N ASP J 29 -44.16 44.75 -37.18
CA ASP J 29 -43.12 43.92 -36.57
C ASP J 29 -43.59 42.48 -36.33
N SER J 30 -44.86 42.29 -35.95
CA SER J 30 -45.30 40.94 -35.62
C SER J 30 -45.41 40.07 -36.86
N GLU J 31 -45.97 40.59 -37.94
CA GLU J 31 -46.00 39.82 -39.18
C GLU J 31 -44.59 39.64 -39.73
N PHE J 32 -43.75 40.67 -39.60
CA PHE J 32 -42.38 40.59 -40.09
C PHE J 32 -41.61 39.46 -39.41
N CYS J 33 -41.73 39.36 -38.07
CA CYS J 33 -40.97 38.35 -37.33
C CYS J 33 -41.39 36.95 -37.73
N LYS J 34 -42.70 36.68 -37.79
CA LYS J 34 -43.19 35.40 -38.27
C LYS J 34 -42.60 35.07 -39.63
N ALA J 35 -42.65 36.05 -40.55
CA ALA J 35 -42.05 35.89 -41.86
C ALA J 35 -40.55 35.61 -41.77
N LEU J 36 -39.84 36.40 -40.97
CA LEU J 36 -38.40 36.20 -40.80
C LEU J 36 -38.10 34.81 -40.26
N ARG J 37 -38.88 34.34 -39.28
CA ARG J 37 -38.66 33.02 -38.73
C ARG J 37 -38.82 31.95 -39.81
N ALA J 38 -39.83 32.09 -40.67
CA ALA J 38 -40.02 31.11 -41.75
C ALA J 38 -38.88 31.19 -42.74
N TYR J 39 -38.40 32.40 -43.02
CA TYR J 39 -37.27 32.61 -43.92
C TYR J 39 -36.02 31.95 -43.35
N ALA J 40 -35.77 32.14 -42.06
CA ALA J 40 -34.66 31.47 -41.38
C ALA J 40 -34.75 29.95 -41.52
N GLY J 41 -35.94 29.40 -41.24
CA GLY J 41 -36.13 27.96 -41.38
C GLY J 41 -35.89 27.47 -42.80
N CYS J 42 -36.43 28.19 -43.78
CA CYS J 42 -36.25 27.78 -45.17
C CYS J 42 -34.79 27.82 -45.56
N THR J 43 -34.08 28.89 -45.20
CA THR J 43 -32.67 28.97 -45.56
C THR J 43 -31.87 27.88 -44.87
N GLN J 44 -32.22 27.53 -43.64
CA GLN J 44 -31.51 26.45 -42.96
C GLN J 44 -31.72 25.12 -43.68
N ARG J 45 -32.90 24.90 -44.27
CA ARG J 45 -33.15 23.61 -44.92
C ARG J 45 -32.38 23.45 -46.22
N THR J 46 -31.87 24.52 -46.83
CA THR J 46 -31.05 24.39 -48.02
C THR J 46 -29.60 24.76 -47.77
N SER J 47 -29.19 24.87 -46.51
CA SER J 47 -27.86 25.36 -46.16
C SER J 47 -26.75 24.55 -46.82
N LYS J 48 -26.78 23.22 -46.69
CA LYS J 48 -25.67 22.41 -47.21
C LYS J 48 -25.48 22.63 -48.70
N ALA J 49 -26.57 22.61 -49.47
CA ALA J 49 -26.47 22.79 -50.91
C ALA J 49 -25.96 24.17 -51.29
N CYS J 50 -26.05 25.15 -50.40
CA CYS J 50 -25.78 26.53 -50.76
C CYS J 50 -24.42 27.04 -50.33
N ARG J 51 -23.60 26.20 -49.71
CA ARG J 51 -22.31 26.69 -49.23
C ARG J 51 -21.51 27.27 -50.39
N GLY J 52 -20.95 28.45 -50.18
CA GLY J 52 -20.24 29.17 -51.21
C GLY J 52 -21.10 30.07 -52.05
N ASN J 53 -22.42 30.05 -51.86
CA ASN J 53 -23.33 30.89 -52.62
C ASN J 53 -23.55 32.17 -51.84
N LEU J 54 -23.02 33.29 -52.37
CA LEU J 54 -23.09 34.55 -51.63
C LEU J 54 -24.52 34.98 -51.34
N VAL J 55 -25.46 34.70 -52.24
CA VAL J 55 -26.85 35.04 -51.94
C VAL J 55 -27.32 34.29 -50.70
N TYR J 56 -26.98 33.01 -50.59
CA TYR J 56 -27.35 32.25 -49.40
C TYR J 56 -26.70 32.81 -48.15
N HIS J 57 -25.36 32.94 -48.15
CA HIS J 57 -24.70 33.37 -46.92
C HIS J 57 -25.16 34.76 -46.51
N SER J 58 -25.42 35.63 -47.48
CA SER J 58 -25.93 36.96 -47.13
C SER J 58 -27.32 36.89 -46.53
N ALA J 59 -28.17 36.03 -47.09
CA ALA J 59 -29.51 35.84 -46.53
C ALA J 59 -29.44 35.38 -45.09
N VAL J 60 -28.65 34.32 -44.82
CA VAL J 60 -28.54 33.78 -43.47
C VAL J 60 -28.14 34.88 -42.50
N LEU J 61 -27.10 35.65 -42.85
CA LEU J 61 -26.62 36.67 -41.94
C LEU J 61 -27.60 37.82 -41.85
N GLY J 62 -28.16 38.24 -42.98
CA GLY J 62 -29.13 39.32 -42.96
C GLY J 62 -30.35 38.99 -42.11
N ILE J 63 -30.85 37.76 -42.25
CA ILE J 63 -32.00 37.31 -41.46
C ILE J 63 -31.66 37.31 -39.98
N SER J 64 -30.54 36.68 -39.63
CA SER J 64 -30.11 36.63 -38.23
C SER J 64 -29.99 38.04 -37.67
N ASP J 65 -29.40 38.95 -38.44
CA ASP J 65 -29.24 40.31 -37.94
C ASP J 65 -30.58 40.99 -37.74
N LEU J 66 -31.49 40.85 -38.72
CA LEU J 66 -32.82 41.46 -38.58
C LEU J 66 -33.56 40.89 -37.39
N MET J 67 -33.50 39.57 -37.21
CA MET J 67 -34.17 38.98 -36.06
C MET J 67 -33.59 39.52 -34.76
N SER J 68 -32.29 39.81 -34.74
CA SER J 68 -31.72 40.47 -33.57
C SER J 68 -32.18 41.92 -33.48
N GLN J 69 -32.07 42.67 -34.58
CA GLN J 69 -32.49 44.06 -34.58
C GLN J 69 -33.93 44.21 -34.09
N ARG J 70 -34.83 43.37 -34.59
CA ARG J 70 -36.26 43.48 -34.33
C ARG J 70 -36.71 42.68 -33.12
N ASN J 71 -35.79 42.00 -32.42
CA ASN J 71 -36.13 41.19 -31.24
C ASN J 71 -37.20 40.15 -31.56
N CYS J 72 -37.01 39.45 -32.68
CA CYS J 72 -37.83 38.29 -33.02
C CYS J 72 -37.23 37.05 -32.37
N SER J 73 -38.01 36.39 -31.52
CA SER J 73 -37.52 35.20 -30.86
C SER J 73 -37.09 34.15 -31.88
N LYS J 74 -36.12 33.31 -31.47
CA LYS J 74 -35.63 32.27 -32.35
C LYS J 74 -36.73 31.30 -32.75
N ASP J 75 -37.48 30.80 -31.77
CA ASP J 75 -38.67 30.01 -32.01
C ASP J 75 -39.90 30.89 -31.88
N GLY J 76 -40.96 30.50 -32.59
CA GLY J 76 -42.20 31.23 -32.56
C GLY J 76 -43.05 30.89 -33.77
N PRO K 5 -54.28 101.44 -101.07
CA PRO K 5 -54.47 101.37 -102.52
C PRO K 5 -55.88 100.93 -102.94
N MET K 6 -55.98 100.06 -103.98
CA MET K 6 -57.22 99.49 -104.55
C MET K 6 -57.66 98.25 -103.77
N MET K 7 -58.98 98.11 -103.52
CA MET K 7 -59.59 96.99 -102.79
C MET K 7 -59.58 95.69 -103.66
N PRO K 8 -58.96 94.59 -103.17
CA PRO K 8 -58.93 93.35 -103.97
C PRO K 8 -60.32 92.76 -104.22
N PRO K 9 -60.54 92.02 -105.33
CA PRO K 9 -61.85 91.39 -105.55
C PRO K 9 -62.25 90.39 -104.46
N VAL K 10 -63.56 90.13 -104.30
CA VAL K 10 -64.11 89.22 -103.27
C VAL K 10 -65.01 88.16 -103.89
N GLY K 11 -65.46 87.21 -103.06
CA GLY K 11 -66.37 86.13 -103.44
C GLY K 11 -65.95 85.36 -104.67
N VAL K 12 -64.67 84.96 -104.71
CA VAL K 12 -64.10 84.17 -105.80
C VAL K 12 -64.70 82.75 -105.66
N GLN K 13 -65.35 82.27 -106.75
CA GLN K 13 -66.02 80.97 -106.78
C GLN K 13 -65.67 80.17 -108.01
N ALA K 14 -65.35 78.88 -107.80
CA ALA K 14 -64.97 77.94 -108.86
C ALA K 14 -66.11 76.98 -109.19
N SER K 15 -66.68 77.11 -110.41
CA SER K 15 -67.74 76.24 -110.91
C SER K 15 -67.15 75.18 -111.86
N ILE K 16 -67.19 73.91 -111.43
CA ILE K 16 -66.65 72.77 -112.19
C ILE K 16 -67.56 72.40 -113.34
N LEU K 17 -67.03 72.41 -114.56
CA LEU K 17 -67.81 72.13 -115.75
C LEU K 17 -67.48 70.80 -116.38
N SER K 18 -66.19 70.36 -116.31
CA SER K 18 -65.70 69.09 -116.88
C SER K 18 -64.39 68.68 -116.24
N HIS K 19 -63.69 67.71 -116.86
CA HIS K 19 -62.38 67.22 -116.45
C HIS K 19 -61.26 68.23 -116.75
N ASP K 20 -61.51 69.26 -117.58
CA ASP K 20 -60.48 70.25 -117.93
C ASP K 20 -60.93 71.70 -117.85
N THR K 21 -62.17 71.94 -117.43
CA THR K 21 -62.76 73.27 -117.43
C THR K 21 -63.40 73.64 -116.11
N ILE K 22 -63.10 74.86 -115.66
CA ILE K 22 -63.65 75.47 -114.46
C ILE K 22 -63.95 76.96 -114.74
N ARG K 23 -65.19 77.41 -114.42
CA ARG K 23 -65.56 78.83 -114.57
C ARG K 23 -65.32 79.54 -113.23
N ILE K 24 -64.55 80.63 -113.26
CA ILE K 24 -64.27 81.47 -112.10
C ILE K 24 -65.15 82.73 -112.13
N THR K 25 -65.76 83.08 -110.97
CA THR K 25 -66.60 84.28 -110.81
C THR K 25 -66.19 84.98 -109.51
N TRP K 26 -66.29 86.32 -109.48
CA TRP K 26 -65.92 87.15 -108.32
C TRP K 26 -66.73 88.43 -108.28
N ALA K 27 -66.76 89.06 -107.10
CA ALA K 27 -67.42 90.33 -106.89
C ALA K 27 -66.38 91.41 -106.57
N ASP K 28 -66.67 92.64 -106.99
CA ASP K 28 -65.84 93.83 -106.72
C ASP K 28 -66.70 94.76 -105.85
N ASN K 29 -66.25 94.99 -104.60
CA ASN K 29 -66.98 95.85 -103.63
C ASN K 29 -66.95 97.34 -104.04
N SER K 30 -65.87 97.74 -104.72
CA SER K 30 -65.62 99.07 -105.25
C SER K 30 -66.64 99.40 -106.35
N LEU K 31 -67.29 98.35 -106.89
CA LEU K 31 -68.28 98.41 -107.98
C LEU K 31 -69.73 98.57 -107.47
N PRO K 32 -70.61 99.16 -108.30
CA PRO K 32 -72.03 99.33 -107.96
C PRO K 32 -72.73 97.96 -108.07
N LYS K 33 -74.02 97.90 -107.69
CA LYS K 33 -74.79 96.62 -107.69
C LYS K 33 -74.86 96.02 -109.12
N HIS K 34 -74.83 94.68 -109.16
CA HIS K 34 -74.82 93.80 -110.38
C HIS K 34 -73.42 93.76 -111.00
N GLN K 35 -72.42 94.20 -110.24
CA GLN K 35 -70.99 94.18 -110.68
C GLN K 35 -70.81 94.92 -112.00
N LYS K 36 -71.46 96.07 -112.18
CA LYS K 36 -71.32 96.85 -113.43
C LYS K 36 -69.93 97.49 -113.49
N ILE K 37 -69.39 97.66 -114.70
CA ILE K 37 -68.08 98.28 -114.90
C ILE K 37 -68.30 99.53 -115.76
N THR K 38 -68.02 100.71 -115.21
CA THR K 38 -68.23 101.99 -115.91
C THR K 38 -66.94 102.79 -116.13
N ASP K 39 -65.78 102.12 -116.00
CA ASP K 39 -64.43 102.67 -116.14
C ASP K 39 -63.48 101.70 -116.88
N SER K 40 -62.20 102.09 -117.08
CA SER K 40 -61.18 101.32 -117.80
C SER K 40 -60.49 100.18 -117.00
N ARG K 41 -61.13 99.71 -115.91
CA ARG K 41 -60.57 98.64 -115.09
C ARG K 41 -60.61 97.28 -115.76
N TYR K 42 -59.61 96.46 -115.45
CA TYR K 42 -59.51 95.09 -115.92
C TYR K 42 -59.06 94.17 -114.78
N TYR K 43 -59.45 92.90 -114.85
CA TYR K 43 -59.10 91.92 -113.82
C TYR K 43 -58.04 90.94 -114.31
N THR K 44 -57.26 90.38 -113.39
CA THR K 44 -56.28 89.35 -113.69
C THR K 44 -56.59 88.12 -112.84
N VAL K 45 -56.81 86.99 -113.49
CA VAL K 45 -57.07 85.70 -112.82
C VAL K 45 -55.77 84.90 -112.89
N ARG K 46 -55.35 84.31 -111.75
CA ARG K 46 -54.19 83.44 -111.67
C ARG K 46 -54.59 82.07 -111.13
N TRP K 47 -53.95 81.01 -111.64
CA TRP K 47 -54.22 79.62 -111.24
C TRP K 47 -53.03 78.72 -111.40
N LYS K 48 -52.97 77.68 -110.57
CA LYS K 48 -51.96 76.60 -110.58
C LYS K 48 -52.46 75.46 -109.70
N THR K 49 -51.79 74.32 -109.79
CA THR K 49 -51.96 73.13 -108.98
C THR K 49 -50.57 72.79 -108.41
N ASN K 50 -50.42 71.71 -107.66
CA ASN K 50 -49.14 71.34 -107.03
C ASN K 50 -48.40 70.23 -107.73
N ILE K 51 -48.91 69.83 -108.92
CA ILE K 51 -48.40 68.74 -109.74
C ILE K 51 -48.12 69.24 -111.18
N PRO K 52 -46.89 69.05 -111.73
CA PRO K 52 -45.68 68.49 -111.11
C PRO K 52 -45.02 69.49 -110.15
N ALA K 53 -43.83 69.17 -109.58
CA ALA K 53 -43.14 70.11 -108.69
C ALA K 53 -42.80 71.44 -109.37
N ASN K 54 -42.75 72.52 -108.58
CA ASN K 54 -42.33 73.88 -108.98
C ASN K 54 -43.06 74.50 -110.15
N THR K 55 -44.38 74.29 -110.28
CA THR K 55 -45.09 74.96 -111.36
C THR K 55 -45.22 76.45 -111.00
N LYS K 56 -45.43 77.26 -112.04
CA LYS K 56 -45.65 78.69 -111.89
C LYS K 56 -47.13 78.92 -112.14
N TYR K 57 -47.65 80.04 -111.66
CA TYR K 57 -49.03 80.47 -111.88
C TYR K 57 -49.27 80.77 -113.36
N LYS K 58 -50.46 80.43 -113.86
CA LYS K 58 -50.91 80.81 -115.18
C LYS K 58 -51.78 82.05 -114.90
N ASN K 59 -51.79 83.02 -115.83
CA ASN K 59 -52.53 84.29 -115.68
C ASN K 59 -53.40 84.54 -116.89
N ALA K 60 -54.43 85.36 -116.69
CA ALA K 60 -55.37 85.77 -117.74
C ALA K 60 -56.08 87.05 -117.34
N ASN K 61 -56.17 87.98 -118.29
CA ASN K 61 -56.89 89.22 -118.07
C ASN K 61 -58.35 88.99 -118.45
N ALA K 62 -59.25 89.62 -117.69
CA ALA K 62 -60.68 89.51 -117.91
C ALA K 62 -61.28 90.92 -117.93
N THR K 63 -62.10 91.18 -118.96
CA THR K 63 -62.77 92.48 -119.14
C THR K 63 -63.96 92.67 -118.17
N THR K 64 -64.58 91.55 -117.72
CA THR K 64 -65.72 91.51 -116.80
C THR K 64 -65.43 90.67 -115.54
N LEU K 65 -66.47 90.37 -114.75
CA LEU K 65 -66.35 89.66 -113.48
C LEU K 65 -66.49 88.12 -113.52
N SER K 66 -66.03 87.51 -114.64
CA SER K 66 -65.99 86.06 -114.83
C SER K 66 -64.91 85.67 -115.81
N TYR K 67 -64.41 84.43 -115.66
CA TYR K 67 -63.40 83.88 -116.54
C TYR K 67 -63.49 82.35 -116.61
N LEU K 68 -63.52 81.81 -117.84
CA LEU K 68 -63.54 80.37 -118.06
C LEU K 68 -62.12 79.85 -118.23
N VAL K 69 -61.67 79.01 -117.29
CA VAL K 69 -60.33 78.40 -117.30
C VAL K 69 -60.42 77.02 -118.01
N THR K 70 -59.67 76.85 -119.11
CA THR K 70 -59.64 75.60 -119.90
C THR K 70 -58.25 74.92 -119.88
N GLY K 71 -58.16 73.73 -120.49
CA GLY K 71 -56.94 72.93 -120.59
C GLY K 71 -56.34 72.43 -119.28
N LEU K 72 -57.20 72.24 -118.26
CA LEU K 72 -56.78 71.75 -116.93
C LEU K 72 -56.60 70.22 -116.92
N LYS K 73 -55.86 69.68 -115.92
CA LYS K 73 -55.67 68.22 -115.82
C LYS K 73 -56.93 67.59 -115.20
N PRO K 74 -57.32 66.35 -115.57
CA PRO K 74 -58.48 65.71 -114.90
C PRO K 74 -58.18 65.34 -113.45
N ASN K 75 -59.25 65.31 -112.61
CA ASN K 75 -59.20 64.95 -111.19
C ASN K 75 -58.07 65.67 -110.40
N THR K 76 -57.90 66.98 -110.66
CA THR K 76 -56.85 67.81 -110.09
C THR K 76 -57.39 69.01 -109.34
N LEU K 77 -56.78 69.28 -108.16
CA LEU K 77 -57.12 70.40 -107.33
C LEU K 77 -56.29 71.62 -107.72
N TYR K 78 -56.99 72.69 -108.13
CA TYR K 78 -56.42 73.97 -108.54
C TYR K 78 -56.76 75.07 -107.56
N GLU K 79 -55.89 76.08 -107.47
CA GLU K 79 -56.15 77.28 -106.65
C GLU K 79 -56.36 78.48 -107.60
N PHE K 80 -57.28 79.37 -107.23
CA PHE K 80 -57.62 80.54 -108.03
C PHE K 80 -57.75 81.80 -107.17
N SER K 81 -57.15 82.91 -107.65
CA SER K 81 -57.23 84.22 -107.04
C SER K 81 -57.31 85.31 -108.11
N VAL K 82 -58.00 86.42 -107.77
CA VAL K 82 -58.25 87.54 -108.69
C VAL K 82 -57.71 88.88 -108.14
N MET K 83 -57.30 89.78 -109.06
CA MET K 83 -56.81 91.13 -108.76
C MET K 83 -57.39 92.07 -109.81
N VAL K 84 -57.48 93.36 -109.46
CA VAL K 84 -58.03 94.40 -110.34
C VAL K 84 -56.94 95.47 -110.59
N THR K 85 -56.96 96.05 -111.80
CA THR K 85 -56.06 97.10 -112.25
C THR K 85 -56.89 98.18 -112.96
N LYS K 86 -56.45 99.44 -112.85
CA LYS K 86 -57.05 100.63 -113.47
C LYS K 86 -55.91 101.61 -113.75
N GLY K 87 -55.28 101.42 -114.91
CA GLY K 87 -54.14 102.21 -115.38
C GLY K 87 -52.94 102.13 -114.46
N ARG K 88 -52.93 103.03 -113.46
CA ARG K 88 -51.89 103.16 -112.45
C ARG K 88 -52.24 102.40 -111.17
N ARG K 89 -53.54 102.37 -110.81
CA ARG K 89 -54.01 101.68 -109.61
C ARG K 89 -54.07 100.15 -109.77
N SER K 90 -53.55 99.41 -108.79
CA SER K 90 -53.61 97.95 -108.80
C SER K 90 -53.83 97.40 -107.41
N SER K 91 -54.76 96.45 -107.28
CA SER K 91 -55.08 95.81 -106.00
C SER K 91 -54.16 94.61 -105.78
N THR K 92 -54.24 94.02 -104.58
CA THR K 92 -53.51 92.80 -104.25
C THR K 92 -54.38 91.62 -104.71
N TRP K 93 -53.83 90.41 -104.63
CA TRP K 93 -54.53 89.18 -104.95
C TRP K 93 -55.54 88.89 -103.87
N SER K 94 -56.77 88.54 -104.28
CA SER K 94 -57.89 88.19 -103.42
C SER K 94 -57.61 86.95 -102.58
N MET K 95 -58.59 86.59 -101.72
CA MET K 95 -58.51 85.35 -100.95
C MET K 95 -58.62 84.23 -102.01
N THR K 96 -57.87 83.15 -101.83
CA THR K 96 -57.89 82.07 -102.79
C THR K 96 -59.13 81.19 -102.63
N ALA K 97 -59.62 80.70 -103.78
CA ALA K 97 -60.69 79.73 -103.89
C ALA K 97 -60.09 78.47 -104.57
N HIS K 98 -60.62 77.30 -104.24
CA HIS K 98 -60.15 76.05 -104.82
C HIS K 98 -61.25 75.37 -105.65
N GLY K 99 -60.83 74.52 -106.57
CA GLY K 99 -61.72 73.76 -107.42
C GLY K 99 -61.01 72.55 -107.99
N ALA K 100 -61.61 71.36 -107.82
CA ALA K 100 -61.09 70.09 -108.35
C ALA K 100 -61.84 69.69 -109.64
N THR K 101 -61.12 69.42 -110.74
CA THR K 101 -61.73 69.03 -112.01
C THR K 101 -62.33 67.61 -111.92
N PHE K 102 -63.29 67.27 -112.81
CA PHE K 102 -63.91 65.95 -112.87
C PHE K 102 -62.91 64.89 -113.38
N GLU K 103 -63.26 63.61 -113.22
CA GLU K 103 -62.42 62.51 -113.73
C GLU K 103 -62.57 62.36 -115.25
N LEU K 104 -61.61 61.70 -115.86
CA LEU K 104 -61.61 61.34 -117.26
C LEU K 104 -61.09 59.90 -117.29
N VAL K 105 -61.43 59.15 -118.33
CA VAL K 105 -60.93 57.78 -118.55
C VAL K 105 -59.37 57.86 -118.51
N PRO K 106 -58.58 56.89 -117.97
CA PRO K 106 -57.11 57.06 -118.03
C PRO K 106 -56.68 57.26 -119.50
N THR K 107 -55.66 58.10 -119.75
CA THR K 107 -55.25 58.40 -121.13
C THR K 107 -53.85 57.88 -121.44
N SER K 108 -53.25 57.22 -120.48
CA SER K 108 -51.91 56.66 -120.66
C SER K 108 -51.86 55.24 -120.05
N PRO K 109 -50.94 54.37 -120.49
CA PRO K 109 -50.93 53.02 -119.94
C PRO K 109 -50.16 52.85 -118.61
N PRO K 110 -50.34 51.68 -117.88
CA PRO K 110 -49.48 51.38 -116.72
C PRO K 110 -48.03 51.38 -117.19
N LYS K 111 -47.09 51.69 -116.29
CA LYS K 111 -45.70 51.84 -116.69
C LYS K 111 -44.82 50.83 -116.05
N ASP K 112 -43.56 50.72 -116.52
CA ASP K 112 -42.50 49.88 -115.92
C ASP K 112 -42.91 48.42 -115.67
N VAL K 113 -43.69 47.84 -116.61
CA VAL K 113 -44.12 46.44 -116.57
C VAL K 113 -42.87 45.53 -116.48
N THR K 114 -42.77 44.85 -115.34
CA THR K 114 -41.66 43.98 -114.97
C THR K 114 -42.24 42.60 -114.64
N VAL K 115 -41.65 41.56 -115.23
CA VAL K 115 -42.09 40.18 -115.00
C VAL K 115 -40.92 39.36 -114.46
N VAL K 116 -41.11 38.70 -113.31
CA VAL K 116 -40.09 37.89 -112.64
C VAL K 116 -40.58 36.50 -112.29
N SER K 117 -39.66 35.56 -112.12
CA SER K 117 -39.99 34.20 -111.73
C SER K 117 -40.06 34.18 -110.20
N LYS K 118 -41.11 33.58 -109.63
CA LYS K 118 -41.22 33.48 -108.17
C LYS K 118 -40.13 32.53 -107.63
N GLU K 119 -39.46 32.94 -106.53
CA GLU K 119 -38.39 32.18 -105.89
C GLU K 119 -38.93 30.83 -105.40
N GLY K 120 -38.28 29.74 -105.82
CA GLY K 120 -38.66 28.39 -105.47
C GLY K 120 -39.86 27.82 -106.20
N LYS K 121 -40.57 28.66 -106.98
CA LYS K 121 -41.78 28.30 -107.71
C LYS K 121 -41.63 28.77 -109.17
N PRO K 122 -40.85 28.04 -110.01
CA PRO K 122 -40.61 28.53 -111.39
C PRO K 122 -41.80 28.50 -112.35
N ARG K 123 -42.92 27.88 -111.94
CA ARG K 123 -44.15 27.85 -112.75
C ARG K 123 -45.07 29.02 -112.38
N THR K 124 -44.62 29.85 -111.45
CA THR K 124 -45.27 31.07 -110.98
C THR K 124 -44.44 32.28 -111.41
N ILE K 125 -45.14 33.28 -111.96
CA ILE K 125 -44.51 34.55 -112.31
C ILE K 125 -45.14 35.64 -111.43
N ILE K 126 -44.35 36.67 -111.17
CA ILE K 126 -44.81 37.87 -110.45
C ILE K 126 -44.78 39.01 -111.48
N VAL K 127 -45.91 39.72 -111.66
CA VAL K 127 -46.01 40.88 -112.56
C VAL K 127 -46.03 42.08 -111.63
N ASN K 128 -45.10 43.03 -111.85
CA ASN K 128 -44.98 44.26 -111.09
C ASN K 128 -45.06 45.45 -112.02
N TRP K 129 -45.76 46.48 -111.62
CA TRP K 129 -45.89 47.67 -112.46
C TRP K 129 -46.02 48.96 -111.67
N GLN K 130 -46.12 50.07 -112.40
CA GLN K 130 -46.30 51.41 -111.87
C GLN K 130 -47.58 51.97 -112.45
N PRO K 131 -48.29 52.86 -111.75
CA PRO K 131 -49.55 53.39 -112.32
C PRO K 131 -49.36 54.20 -113.62
N PRO K 132 -50.45 54.43 -114.39
CA PRO K 132 -50.34 55.36 -115.54
C PRO K 132 -50.00 56.75 -114.98
N SER K 133 -49.17 57.50 -115.72
CA SER K 133 -48.84 58.87 -115.31
C SER K 133 -50.11 59.74 -115.49
N GLU K 134 -51.03 59.31 -116.40
CA GLU K 134 -52.32 59.98 -116.65
C GLU K 134 -53.49 59.08 -116.24
N ALA K 135 -53.55 58.81 -114.91
CA ALA K 135 -54.59 58.02 -114.28
C ALA K 135 -55.94 58.74 -114.41
N ASN K 136 -55.95 60.11 -114.28
CA ASN K 136 -57.14 60.99 -114.45
C ASN K 136 -58.31 60.70 -113.49
N GLY K 137 -58.00 60.02 -112.40
CA GLY K 137 -58.99 59.63 -111.39
C GLY K 137 -58.47 58.48 -110.56
N LYS K 138 -59.22 58.12 -109.54
CA LYS K 138 -58.88 57.00 -108.67
C LYS K 138 -58.93 55.69 -109.48
N ILE K 139 -57.82 54.99 -109.57
CA ILE K 139 -57.70 53.69 -110.23
C ILE K 139 -58.46 52.69 -109.38
N THR K 140 -59.46 52.05 -110.00
CA THR K 140 -60.36 51.08 -109.35
C THR K 140 -59.99 49.63 -109.67
N GLY K 141 -59.06 49.45 -110.61
CA GLY K 141 -58.57 48.15 -111.04
C GLY K 141 -57.59 48.22 -112.19
N TYR K 142 -56.96 47.09 -112.46
CA TYR K 142 -56.07 46.87 -113.60
C TYR K 142 -56.51 45.57 -114.25
N ILE K 143 -56.15 45.39 -115.52
CA ILE K 143 -56.40 44.13 -116.21
C ILE K 143 -55.06 43.67 -116.76
N ILE K 144 -54.62 42.47 -116.37
CA ILE K 144 -53.40 41.89 -116.95
C ILE K 144 -53.84 40.88 -118.04
N TYR K 145 -53.30 41.04 -119.25
CA TYR K 145 -53.51 40.12 -120.37
C TYR K 145 -52.20 39.40 -120.59
N TYR K 146 -52.24 38.10 -120.77
CA TYR K 146 -51.05 37.33 -121.07
C TYR K 146 -51.30 36.25 -122.12
N SER K 147 -50.25 35.90 -122.86
CA SER K 147 -50.33 34.87 -123.89
C SER K 147 -48.98 34.24 -124.15
N THR K 148 -48.99 32.99 -124.71
CA THR K 148 -47.80 32.28 -125.16
C THR K 148 -47.63 32.62 -126.64
N ASP K 149 -48.71 33.13 -127.23
CA ASP K 149 -48.76 33.57 -128.61
C ASP K 149 -48.75 35.11 -128.72
N VAL K 150 -47.63 35.63 -129.21
CA VAL K 150 -47.35 37.04 -129.44
C VAL K 150 -48.28 37.60 -130.57
N ASN K 151 -48.75 36.73 -131.50
CA ASN K 151 -49.62 37.15 -132.60
C ASN K 151 -51.09 36.87 -132.40
N ALA K 152 -51.47 36.31 -131.23
CA ALA K 152 -52.87 36.06 -130.92
C ALA K 152 -53.65 37.37 -130.82
N GLU K 153 -54.89 37.35 -131.31
CA GLU K 153 -55.79 38.50 -131.22
C GLU K 153 -56.14 38.74 -129.75
N ILE K 154 -56.26 40.01 -129.34
CA ILE K 154 -56.48 40.43 -127.94
C ILE K 154 -57.54 39.63 -127.13
N HIS K 155 -58.65 39.27 -127.79
CA HIS K 155 -59.73 38.49 -127.17
C HIS K 155 -59.32 37.04 -126.86
N ASP K 156 -58.20 36.57 -127.44
CA ASP K 156 -57.68 35.21 -127.22
C ASP K 156 -56.62 35.14 -126.10
N TRP K 157 -56.26 36.32 -125.52
CA TRP K 157 -55.29 36.43 -124.43
C TRP K 157 -55.99 36.10 -123.11
N VAL K 158 -55.26 35.47 -122.16
CA VAL K 158 -55.79 35.12 -120.85
C VAL K 158 -55.95 36.41 -120.07
N ILE K 159 -57.12 36.61 -119.47
CA ILE K 159 -57.45 37.81 -118.70
C ILE K 159 -57.28 37.57 -117.20
N GLU K 160 -56.64 38.51 -116.53
CA GLU K 160 -56.39 38.45 -115.09
C GLU K 160 -56.76 39.78 -114.45
N PRO K 161 -58.06 39.99 -114.06
CA PRO K 161 -58.43 41.27 -113.41
C PRO K 161 -57.80 41.38 -112.02
N VAL K 162 -57.51 42.61 -111.60
CA VAL K 162 -56.76 42.91 -110.38
C VAL K 162 -57.28 44.22 -109.75
N VAL K 163 -57.17 44.36 -108.40
CA VAL K 163 -57.55 45.57 -107.65
C VAL K 163 -56.69 46.81 -108.08
N GLY K 164 -57.21 48.01 -107.91
CA GLY K 164 -56.52 49.23 -108.35
C GLY K 164 -55.54 49.81 -107.36
N ASN K 165 -55.56 49.30 -106.13
CA ASN K 165 -54.68 49.80 -105.09
C ASN K 165 -53.48 48.86 -104.85
N ARG K 166 -53.20 48.00 -105.85
CA ARG K 166 -52.05 47.07 -105.82
C ARG K 166 -51.27 47.14 -107.12
N LEU K 167 -49.95 46.96 -107.03
CA LEU K 167 -49.05 47.06 -108.17
C LEU K 167 -48.17 45.81 -108.38
N THR K 168 -48.64 44.68 -107.86
CA THR K 168 -48.00 43.38 -107.96
C THR K 168 -49.07 42.28 -108.03
N HIS K 169 -48.83 41.27 -108.87
CA HIS K 169 -49.77 40.17 -109.03
C HIS K 169 -49.05 38.87 -109.38
N GLN K 170 -49.54 37.74 -108.87
CA GLN K 170 -48.91 36.44 -109.12
C GLN K 170 -49.76 35.52 -110.00
N ILE K 171 -49.14 34.92 -111.03
CA ILE K 171 -49.84 34.00 -111.95
C ILE K 171 -49.17 32.63 -111.87
N GLN K 172 -49.93 31.64 -111.44
CA GLN K 172 -49.52 30.27 -111.23
C GLN K 172 -49.82 29.36 -112.39
N GLU K 173 -49.24 28.13 -112.36
CA GLU K 173 -49.50 27.03 -113.31
C GLU K 173 -49.05 27.32 -114.73
N LEU K 174 -47.93 28.05 -114.87
CA LEU K 174 -47.44 28.36 -116.22
C LEU K 174 -46.45 27.29 -116.67
N THR K 175 -46.19 27.22 -117.97
CA THR K 175 -45.27 26.25 -118.55
C THR K 175 -43.83 26.78 -118.45
N LEU K 176 -42.90 25.91 -118.06
CA LEU K 176 -41.48 26.20 -117.91
C LEU K 176 -40.83 26.34 -119.28
N ASP K 177 -39.65 27.02 -119.34
CA ASP K 177 -38.87 27.29 -120.55
C ASP K 177 -39.73 27.77 -121.75
N THR K 178 -40.75 28.61 -121.45
CA THR K 178 -41.71 29.13 -122.41
C THR K 178 -41.79 30.66 -122.42
N PRO K 179 -41.68 31.29 -123.61
CA PRO K 179 -41.91 32.75 -123.70
C PRO K 179 -43.38 33.13 -123.43
N TYR K 180 -43.62 34.11 -122.55
CA TYR K 180 -44.94 34.67 -122.25
C TYR K 180 -44.86 36.19 -122.55
N TYR K 181 -46.01 36.78 -122.92
CA TYR K 181 -46.17 38.20 -123.27
C TYR K 181 -47.25 38.75 -122.40
N PHE K 182 -47.02 39.94 -121.84
CA PHE K 182 -47.86 40.61 -120.85
C PHE K 182 -48.21 42.02 -121.26
N LYS K 183 -49.49 42.38 -121.10
CA LYS K 183 -50.01 43.74 -121.34
C LYS K 183 -50.89 44.10 -120.14
N ILE K 184 -50.88 45.34 -119.72
CA ILE K 184 -51.72 45.77 -118.59
C ILE K 184 -52.47 47.01 -118.98
N GLN K 185 -53.67 47.18 -118.45
CA GLN K 185 -54.42 48.41 -118.64
C GLN K 185 -55.05 48.86 -117.32
N ALA K 186 -55.14 50.18 -117.11
CA ALA K 186 -55.77 50.68 -115.89
C ALA K 186 -57.23 50.99 -116.14
N ARG K 187 -58.01 51.03 -115.06
CA ARG K 187 -59.40 51.42 -115.14
C ARG K 187 -59.79 52.31 -114.01
N ASN K 188 -60.71 53.22 -114.28
CA ASN K 188 -61.24 54.13 -113.28
C ASN K 188 -62.79 54.21 -113.41
N SER K 189 -63.47 55.07 -112.66
CA SER K 189 -64.94 55.18 -112.72
C SER K 189 -65.44 55.60 -114.11
N LYS K 190 -64.56 56.15 -114.96
CA LYS K 190 -64.90 56.59 -116.31
C LYS K 190 -64.65 55.52 -117.38
N GLY K 191 -63.91 54.47 -117.06
CA GLY K 191 -63.64 53.40 -118.01
C GLY K 191 -62.19 52.94 -118.12
N MET K 192 -61.86 52.27 -119.22
CA MET K 192 -60.56 51.68 -119.50
C MET K 192 -59.57 52.61 -120.13
N GLY K 193 -58.35 52.56 -119.65
CA GLY K 193 -57.25 53.34 -120.24
C GLY K 193 -56.58 52.51 -121.33
N PRO K 194 -55.53 53.04 -121.97
CA PRO K 194 -54.88 52.24 -123.01
C PRO K 194 -54.05 51.12 -122.43
N MET K 195 -53.72 50.14 -123.27
CA MET K 195 -52.90 49.01 -122.84
C MET K 195 -51.44 49.32 -123.02
N SER K 196 -50.60 48.79 -122.12
CA SER K 196 -49.16 48.95 -122.24
C SER K 196 -48.70 48.04 -123.38
N GLU K 197 -47.57 48.39 -124.01
CA GLU K 197 -47.02 47.56 -125.10
C GLU K 197 -46.51 46.24 -124.52
N ALA K 198 -46.80 45.12 -125.18
CA ALA K 198 -46.43 43.80 -124.66
C ALA K 198 -44.98 43.70 -124.21
N VAL K 199 -44.79 43.05 -123.04
CA VAL K 199 -43.48 42.78 -122.44
C VAL K 199 -43.30 41.26 -122.55
N GLN K 200 -42.12 40.80 -122.98
CA GLN K 200 -41.81 39.35 -123.05
C GLN K 200 -41.06 38.85 -121.83
N PHE K 201 -41.44 37.65 -121.34
CA PHE K 201 -40.73 36.97 -120.26
C PHE K 201 -40.73 35.47 -120.55
N ARG K 202 -39.53 34.88 -120.66
CA ARG K 202 -39.38 33.44 -120.87
C ARG K 202 -39.23 32.81 -119.48
N THR K 203 -40.11 31.84 -119.15
CA THR K 203 -40.06 31.17 -117.85
C THR K 203 -38.78 30.36 -117.74
N PRO K 204 -38.27 30.14 -116.51
CA PRO K 204 -37.03 29.34 -116.38
C PRO K 204 -37.20 27.84 -116.70
N LYS K 205 -36.07 27.12 -116.83
CA LYS K 205 -36.11 25.66 -116.97
C LYS K 205 -35.44 25.02 -115.73
N ALA K 206 -35.38 23.69 -115.71
CA ALA K 206 -34.81 22.93 -114.61
C ALA K 206 -33.30 22.81 -114.78
N LEU K 207 -32.61 22.85 -113.64
CA LEU K 207 -31.17 22.70 -113.48
C LEU K 207 -31.04 21.39 -112.70
N GLY K 208 -30.87 20.26 -113.45
CA GLY K 208 -30.76 18.90 -112.90
C GLY K 208 -29.50 18.74 -112.04
N SER K 209 -29.66 18.22 -110.79
CA SER K 209 -28.61 18.06 -109.78
C SER K 209 -28.01 16.67 -109.79
N PRO L 5 -13.39 32.30 2.92
CA PRO L 5 -12.60 31.10 3.24
C PRO L 5 -11.17 31.40 3.69
N MET L 6 -10.17 30.59 3.21
CA MET L 6 -8.73 30.69 3.50
C MET L 6 -8.04 31.68 2.54
N MET L 7 -7.13 32.52 3.07
CA MET L 7 -6.38 33.52 2.29
C MET L 7 -5.32 32.85 1.38
N PRO L 8 -5.36 33.08 0.04
CA PRO L 8 -4.37 32.45 -0.84
C PRO L 8 -2.93 32.91 -0.55
N PRO L 9 -1.91 32.08 -0.86
CA PRO L 9 -0.50 32.53 -0.65
C PRO L 9 -0.13 33.76 -1.49
N VAL L 10 0.88 34.52 -1.07
CA VAL L 10 1.35 35.75 -1.74
C VAL L 10 2.85 35.69 -2.04
N GLY L 11 3.35 36.71 -2.75
CA GLY L 11 4.76 36.86 -3.11
C GLY L 11 5.39 35.63 -3.72
N VAL L 12 4.71 35.04 -4.72
CA VAL L 12 5.18 33.88 -5.46
C VAL L 12 6.34 34.39 -6.34
N GLN L 13 7.51 33.75 -6.20
CA GLN L 13 8.73 34.13 -6.94
C GLN L 13 9.43 32.95 -7.54
N ALA L 14 9.82 33.08 -8.82
CA ALA L 14 10.51 32.04 -9.59
C ALA L 14 12.01 32.34 -9.74
N SER L 15 12.85 31.50 -9.11
CA SER L 15 14.30 31.62 -9.17
C SER L 15 14.85 30.60 -10.18
N ILE L 16 15.40 31.09 -11.30
CA ILE L 16 15.95 30.24 -12.38
C ILE L 16 17.30 29.67 -11.99
N LEU L 17 17.41 28.35 -12.02
CA LEU L 17 18.64 27.67 -11.62
C LEU L 17 19.39 27.05 -12.77
N SER L 18 18.67 26.58 -13.81
CA SER L 18 19.25 25.95 -15.03
C SER L 18 18.26 25.94 -16.18
N HIS L 19 18.54 25.15 -17.22
CA HIS L 19 17.69 24.94 -18.39
C HIS L 19 16.44 24.10 -18.08
N ASP L 20 16.41 23.41 -16.92
CA ASP L 20 15.27 22.54 -16.56
C ASP L 20 14.77 22.70 -15.14
N THR L 21 15.36 23.63 -14.38
CA THR L 21 15.05 23.80 -12.96
C THR L 21 14.77 25.23 -12.58
N ILE L 22 13.69 25.40 -11.80
CA ILE L 22 13.24 26.67 -11.24
C ILE L 22 12.77 26.44 -9.80
N ARG L 23 13.28 27.25 -8.84
CA ARG L 23 12.84 27.18 -7.45
C ARG L 23 11.71 28.20 -7.23
N ILE L 24 10.57 27.74 -6.72
CA ILE L 24 9.41 28.58 -6.39
C ILE L 24 9.38 28.87 -4.87
N THR L 25 9.14 30.13 -4.50
CA THR L 25 9.03 30.58 -3.09
C THR L 25 7.81 31.49 -2.98
N TRP L 26 7.12 31.45 -1.81
CA TRP L 26 5.92 32.25 -1.55
C TRP L 26 5.77 32.56 -0.06
N ALA L 27 4.97 33.58 0.24
CA ALA L 27 4.66 33.95 1.61
C ALA L 27 3.18 33.69 1.91
N ASP L 28 2.88 33.35 3.17
CA ASP L 28 1.53 33.13 3.67
C ASP L 28 1.28 34.22 4.71
N ASN L 29 0.29 35.11 4.44
CA ASN L 29 -0.06 36.22 5.34
C ASN L 29 -0.72 35.74 6.65
N SER L 30 -1.45 34.62 6.55
CA SER L 30 -2.13 33.93 7.65
C SER L 30 -1.10 33.39 8.66
N LEU L 31 0.17 33.28 8.22
CA LEU L 31 1.30 32.77 8.99
C LEU L 31 2.05 33.86 9.78
N PRO L 32 2.67 33.52 10.91
CA PRO L 32 3.42 34.48 11.74
C PRO L 32 4.71 34.88 11.01
N LYS L 33 5.39 35.93 11.48
CA LYS L 33 6.63 36.43 10.83
C LYS L 33 7.65 35.29 10.76
N HIS L 34 8.33 35.20 9.59
CA HIS L 34 9.33 34.18 9.15
C HIS L 34 8.60 32.95 8.60
N GLN L 35 7.29 33.06 8.43
CA GLN L 35 6.41 32.00 7.84
C GLN L 35 6.53 30.67 8.59
N LYS L 36 6.59 30.68 9.92
CA LYS L 36 6.67 29.38 10.65
C LYS L 36 5.31 28.68 10.54
N ILE L 37 5.34 27.37 10.26
CA ILE L 37 4.12 26.55 10.12
C ILE L 37 3.96 25.79 11.44
N THR L 38 2.87 26.06 12.18
CA THR L 38 2.63 25.43 13.49
C THR L 38 1.34 24.59 13.53
N ASP L 39 0.82 24.23 12.34
CA ASP L 39 -0.41 23.45 12.14
C ASP L 39 -0.25 22.44 10.97
N SER L 40 -1.30 21.64 10.68
CA SER L 40 -1.32 20.60 9.64
C SER L 40 -1.52 21.08 8.18
N ARG L 41 -1.26 22.38 7.91
CA ARG L 41 -1.42 22.93 6.56
C ARG L 41 -0.37 22.46 5.59
N TYR L 42 -0.78 22.34 4.33
CA TYR L 42 0.11 21.99 3.22
C TYR L 42 -0.21 22.85 2.01
N TYR L 43 0.81 23.09 1.16
CA TYR L 43 0.66 23.91 -0.03
C TYR L 43 0.64 23.06 -1.30
N THR L 44 0.01 23.57 -2.35
CA THR L 44 -0.02 22.92 -3.66
C THR L 44 0.52 23.92 -4.68
N VAL L 45 1.57 23.53 -5.39
CA VAL L 45 2.18 24.34 -6.46
C VAL L 45 1.71 23.75 -7.78
N ARG L 46 1.26 24.61 -8.71
CA ARG L 46 0.86 24.23 -10.06
C ARG L 46 1.68 25.00 -11.10
N TRP L 47 2.01 24.33 -12.21
CA TRP L 47 2.81 24.91 -13.30
C TRP L 47 2.50 24.29 -14.65
N LYS L 48 2.68 25.08 -15.70
CA LYS L 48 2.54 24.70 -17.12
C LYS L 48 3.16 25.80 -17.99
N THR L 49 3.34 25.50 -19.27
CA THR L 49 3.77 26.39 -20.33
C THR L 49 2.71 26.27 -21.44
N ASN L 50 2.89 26.95 -22.56
CA ASN L 50 1.91 26.96 -23.64
C ASN L 50 2.27 26.08 -24.82
N ILE L 51 3.36 25.30 -24.66
CA ILE L 51 3.93 24.42 -25.68
C ILE L 51 4.05 22.97 -25.13
N PRO L 52 3.49 21.94 -25.81
CA PRO L 52 2.67 21.98 -27.03
C PRO L 52 1.23 22.46 -26.72
N ALA L 53 0.32 22.45 -27.73
CA ALA L 53 -1.07 22.85 -27.47
C ALA L 53 -1.77 21.98 -26.40
N ASN L 54 -2.73 22.58 -25.68
CA ASN L 54 -3.61 21.93 -24.69
C ASN L 54 -2.93 21.18 -23.56
N THR L 55 -1.80 21.69 -23.04
CA THR L 55 -1.21 21.01 -21.90
C THR L 55 -2.07 21.26 -20.66
N LYS L 56 -1.93 20.39 -19.67
CA LYS L 56 -2.63 20.50 -18.40
C LYS L 56 -1.56 20.93 -17.39
N TYR L 57 -2.02 21.51 -16.28
CA TYR L 57 -1.16 21.92 -15.17
C TYR L 57 -0.53 20.69 -14.50
N LYS L 58 0.73 20.82 -14.09
CA LYS L 58 1.40 19.82 -13.26
C LYS L 58 1.23 20.37 -11.84
N ASN L 59 1.09 19.48 -10.84
CA ASN L 59 0.87 19.85 -9.44
C ASN L 59 1.87 19.15 -8.55
N ALA L 60 2.10 19.73 -7.36
CA ALA L 60 2.98 19.19 -6.32
C ALA L 60 2.62 19.78 -4.97
N ASN L 61 2.58 18.90 -3.96
CA ASN L 61 2.33 19.33 -2.60
C ASN L 61 3.67 19.68 -1.96
N ALA L 62 3.66 20.71 -1.13
CA ALA L 62 4.84 21.18 -0.42
C ALA L 62 4.52 21.32 1.06
N THR L 63 5.39 20.77 1.91
CA THR L 63 5.25 20.82 3.38
C THR L 63 5.58 22.20 3.96
N THR L 64 6.46 22.96 3.27
CA THR L 64 6.93 24.31 3.63
C THR L 64 6.65 25.35 2.54
N LEU L 65 7.24 26.56 2.68
CA LEU L 65 7.01 27.68 1.77
C LEU L 65 7.97 27.82 0.57
N SER L 66 8.44 26.67 0.05
CA SER L 66 9.28 26.59 -1.13
C SER L 66 9.13 25.26 -1.84
N TYR L 67 9.38 25.26 -3.16
CA TYR L 67 9.33 24.06 -3.97
C TYR L 67 10.25 24.16 -5.19
N LEU L 68 11.08 23.12 -5.38
CA LEU L 68 11.99 23.04 -6.52
C LEU L 68 11.32 22.29 -7.65
N VAL L 69 11.05 22.98 -8.78
CA VAL L 69 10.43 22.40 -9.98
C VAL L 69 11.54 21.93 -10.94
N THR L 70 11.55 20.61 -11.26
CA THR L 70 12.55 20.01 -12.16
C THR L 70 11.91 19.44 -13.46
N GLY L 71 12.75 18.94 -14.38
CA GLY L 71 12.35 18.36 -15.66
C GLY L 71 11.64 19.28 -16.63
N LEU L 72 11.94 20.60 -16.55
CA LEU L 72 11.35 21.62 -17.43
C LEU L 72 12.05 21.68 -18.80
N LYS L 73 11.40 22.26 -19.82
CA LYS L 73 12.02 22.38 -21.15
C LYS L 73 13.01 23.54 -21.15
N PRO L 74 14.14 23.49 -21.91
CA PRO L 74 15.04 24.66 -21.96
C PRO L 74 14.43 25.84 -22.72
N ASN L 75 14.86 27.08 -22.35
CA ASN L 75 14.43 28.35 -22.95
C ASN L 75 12.88 28.47 -23.09
N THR L 76 12.15 28.06 -22.04
CA THR L 76 10.70 28.03 -22.01
C THR L 76 10.12 28.85 -20.87
N LEU L 77 9.05 29.59 -21.19
CA LEU L 77 8.32 30.40 -20.24
C LEU L 77 7.21 29.58 -19.58
N TYR L 78 7.30 29.47 -18.25
CA TYR L 78 6.36 28.74 -17.40
C TYR L 78 5.59 29.68 -16.49
N GLU L 79 4.38 29.28 -16.12
CA GLU L 79 3.55 30.03 -15.15
C GLU L 79 3.45 29.21 -13.85
N PHE L 80 3.47 29.87 -12.71
CA PHE L 80 3.41 29.23 -11.40
C PHE L 80 2.45 29.96 -10.45
N SER L 81 1.62 29.17 -9.75
CA SER L 81 0.69 29.66 -8.74
C SER L 81 0.60 28.66 -7.58
N VAL L 82 0.35 29.18 -6.36
CA VAL L 82 0.31 28.41 -5.11
C VAL L 82 -1.05 28.53 -4.39
N MET L 83 -1.46 27.48 -3.68
CA MET L 83 -2.67 27.41 -2.86
C MET L 83 -2.33 26.68 -1.57
N VAL L 84 -3.12 26.92 -0.51
CA VAL L 84 -2.93 26.32 0.80
C VAL L 84 -4.19 25.51 1.17
N THR L 85 -4.00 24.40 1.90
CA THR L 85 -5.03 23.52 2.40
C THR L 85 -4.73 23.18 3.86
N LYS L 86 -5.79 22.99 4.67
CA LYS L 86 -5.74 22.61 6.08
C LYS L 86 -6.99 21.76 6.37
N GLY L 87 -6.86 20.46 6.10
CA GLY L 87 -7.91 19.47 6.26
C GLY L 87 -9.13 19.74 5.39
N ARG L 88 -10.05 20.56 5.95
CA ARG L 88 -11.30 20.98 5.32
C ARG L 88 -11.15 22.33 4.62
N ARG L 89 -10.35 23.24 5.20
CA ARG L 89 -10.14 24.58 4.63
C ARG L 89 -9.18 24.57 3.42
N SER L 90 -9.56 25.26 2.34
CA SER L 90 -8.71 25.39 1.17
C SER L 90 -8.84 26.78 0.55
N SER L 91 -7.69 27.39 0.21
CA SER L 91 -7.66 28.71 -0.40
C SER L 91 -7.75 28.58 -1.92
N THR L 92 -7.88 29.73 -2.60
CA THR L 92 -7.87 29.79 -4.06
C THR L 92 -6.40 29.86 -4.50
N TRP L 93 -6.17 29.78 -5.82
CA TRP L 93 -4.86 29.89 -6.41
C TRP L 93 -4.41 31.35 -6.34
N SER L 94 -3.17 31.56 -5.92
CA SER L 94 -2.52 32.87 -5.79
C SER L 94 -2.39 33.58 -7.13
N MET L 95 -1.85 34.81 -7.09
CA MET L 95 -1.54 35.54 -8.31
C MET L 95 -0.42 34.75 -8.98
N THR L 96 -0.45 34.65 -10.31
CA THR L 96 0.57 33.89 -11.01
C THR L 96 1.89 34.65 -11.13
N ALA L 97 2.99 33.90 -11.06
CA ALA L 97 4.35 34.36 -11.28
C ALA L 97 4.88 33.58 -12.52
N HIS L 98 5.77 34.20 -13.28
CA HIS L 98 6.36 33.58 -14.46
C HIS L 98 7.87 33.39 -14.28
N GLY L 99 8.41 32.45 -15.04
CA GLY L 99 9.84 32.16 -15.04
C GLY L 99 10.23 31.42 -16.31
N ALA L 100 11.25 31.93 -17.02
CA ALA L 100 11.78 31.33 -18.24
C ALA L 100 13.10 30.57 -17.93
N THR L 101 13.18 29.27 -18.33
CA THR L 101 14.37 28.46 -18.08
C THR L 101 15.54 28.91 -18.98
N PHE L 102 16.79 28.58 -18.58
CA PHE L 102 17.99 28.92 -19.36
C PHE L 102 18.08 28.09 -20.66
N GLU L 103 18.95 28.49 -21.57
CA GLU L 103 19.16 27.75 -22.82
C GLU L 103 19.98 26.48 -22.57
N LEU L 104 19.91 25.55 -23.50
CA LEU L 104 20.70 24.33 -23.53
C LEU L 104 21.13 24.17 -25.00
N VAL L 105 22.22 23.47 -25.24
CA VAL L 105 22.70 23.15 -26.59
C VAL L 105 21.50 22.47 -27.34
N PRO L 106 21.24 22.66 -28.67
CA PRO L 106 20.11 21.92 -29.28
C PRO L 106 20.30 20.41 -29.06
N THR L 107 19.20 19.66 -28.83
CA THR L 107 19.32 18.22 -28.52
C THR L 107 18.72 17.36 -29.62
N SER L 108 18.25 17.99 -30.68
CA SER L 108 17.66 17.25 -31.80
C SER L 108 18.16 17.88 -33.12
N PRO L 109 18.14 17.14 -34.23
CA PRO L 109 18.65 17.73 -35.47
C PRO L 109 17.62 18.57 -36.28
N PRO L 110 18.09 19.38 -37.29
CA PRO L 110 17.14 20.05 -38.22
C PRO L 110 16.29 18.97 -38.88
N LYS L 111 15.07 19.31 -39.28
CA LYS L 111 14.15 18.32 -39.80
C LYS L 111 13.80 18.57 -41.22
N ASP L 112 13.14 17.58 -41.86
CA ASP L 112 12.58 17.69 -43.23
C ASP L 112 13.58 18.21 -44.28
N VAL L 113 14.85 17.78 -44.19
CA VAL L 113 15.92 18.12 -45.13
C VAL L 113 15.48 17.69 -46.56
N THR L 114 15.29 18.71 -47.40
CA THR L 114 14.81 18.60 -48.77
C THR L 114 15.85 19.27 -49.68
N VAL L 115 16.25 18.56 -50.74
CA VAL L 115 17.23 19.06 -51.71
C VAL L 115 16.60 19.07 -53.10
N VAL L 116 16.62 20.23 -53.78
CA VAL L 116 16.04 20.42 -55.11
C VAL L 116 17.03 21.05 -56.08
N SER L 117 16.79 20.86 -57.37
CA SER L 117 17.61 21.46 -58.42
C SER L 117 17.04 22.86 -58.69
N LYS L 118 17.89 23.89 -58.76
CA LYS L 118 17.42 25.23 -59.07
C LYS L 118 16.92 25.29 -60.53
N GLU L 119 15.74 25.92 -60.74
CA GLU L 119 15.11 26.06 -62.06
C GLU L 119 16.05 26.86 -63.00
N GLY L 120 16.35 26.26 -64.16
CA GLY L 120 17.22 26.85 -65.16
C GLY L 120 18.71 26.80 -64.86
N LYS L 121 19.08 26.36 -63.65
CA LYS L 121 20.47 26.29 -63.17
C LYS L 121 20.71 24.90 -62.59
N PRO L 122 20.90 23.85 -63.42
CA PRO L 122 21.02 22.48 -62.88
C PRO L 122 22.32 22.16 -62.10
N ARG L 123 23.30 23.09 -62.12
CA ARG L 123 24.54 22.93 -61.35
C ARG L 123 24.41 23.59 -59.96
N THR L 124 23.23 24.15 -59.68
CA THR L 124 22.85 24.77 -58.42
C THR L 124 21.75 23.92 -57.76
N ILE L 125 21.93 23.67 -56.46
CA ILE L 125 20.94 22.98 -55.66
C ILE L 125 20.43 23.96 -54.61
N ILE L 126 19.18 23.76 -54.20
CA ILE L 126 18.57 24.52 -53.11
C ILE L 126 18.34 23.50 -51.97
N VAL L 127 18.86 23.80 -50.76
CA VAL L 127 18.66 22.96 -49.57
C VAL L 127 17.62 23.70 -48.74
N ASN L 128 16.52 23.01 -48.38
CA ASN L 128 15.44 23.54 -47.57
C ASN L 128 15.24 22.65 -46.36
N TRP L 129 15.01 23.25 -45.21
CA TRP L 129 14.81 22.47 -43.99
C TRP L 129 13.87 23.14 -43.01
N GLN L 130 13.63 22.45 -41.89
CA GLN L 130 12.80 22.90 -40.78
C GLN L 130 13.67 22.91 -39.54
N PRO L 131 13.39 23.80 -38.56
CA PRO L 131 14.25 23.83 -37.36
C PRO L 131 14.22 22.52 -36.53
N PRO L 132 15.21 22.32 -35.62
CA PRO L 132 15.09 21.18 -34.68
C PRO L 132 13.86 21.41 -33.81
N SER L 133 13.15 20.33 -33.47
CA SER L 133 11.99 20.44 -32.59
C SER L 133 12.51 20.78 -31.17
N GLU L 134 13.79 20.42 -30.87
CA GLU L 134 14.45 20.73 -29.59
C GLU L 134 15.62 21.71 -29.82
N ALA L 135 15.28 22.94 -30.27
CA ALA L 135 16.20 24.03 -30.51
C ALA L 135 16.82 24.48 -29.18
N ASN L 136 16.03 24.48 -28.07
CA ASN L 136 16.48 24.82 -26.68
C ASN L 136 17.08 26.22 -26.50
N GLY L 137 16.78 27.10 -27.44
CA GLY L 137 17.28 28.47 -27.44
C GLY L 137 17.18 29.05 -28.84
N LYS L 138 17.49 30.34 -28.95
CA LYS L 138 17.51 31.04 -30.23
C LYS L 138 18.60 30.44 -31.14
N ILE L 139 18.22 29.90 -32.28
CA ILE L 139 19.12 29.36 -33.28
C ILE L 139 19.86 30.54 -33.90
N THR L 140 21.20 30.50 -33.78
CA THR L 140 22.11 31.56 -34.25
C THR L 140 22.76 31.22 -35.59
N GLY L 141 22.59 29.98 -36.04
CA GLY L 141 23.12 29.47 -37.30
C GLY L 141 22.85 28.01 -37.53
N TYR L 142 23.14 27.55 -38.74
CA TYR L 142 23.09 26.16 -39.16
C TYR L 142 24.39 25.87 -39.88
N ILE L 143 24.76 24.60 -39.97
CA ILE L 143 25.92 24.20 -40.76
C ILE L 143 25.43 23.13 -41.73
N ILE L 144 25.62 23.37 -43.03
CA ILE L 144 25.30 22.35 -44.04
C ILE L 144 26.62 21.66 -44.44
N TYR L 145 26.64 20.33 -44.36
CA TYR L 145 27.77 19.50 -44.78
C TYR L 145 27.30 18.77 -46.02
N TYR L 146 28.13 18.72 -47.04
CA TYR L 146 27.81 17.97 -48.25
C TYR L 146 29.02 17.24 -48.83
N SER L 147 28.77 16.13 -49.52
CA SER L 147 29.83 15.33 -50.14
C SER L 147 29.30 14.54 -51.31
N VAL L 162 25.62 28.91 -42.35
CA VAL L 162 24.41 29.63 -42.72
C VAL L 162 23.80 30.33 -41.50
N VAL L 163 23.08 31.46 -41.70
CA VAL L 163 22.37 32.21 -40.63
C VAL L 163 21.26 31.34 -39.96
N GLY L 164 20.90 31.64 -38.72
CA GLY L 164 19.93 30.84 -37.98
C GLY L 164 18.48 31.22 -38.20
N ASN L 165 18.26 32.36 -38.85
CA ASN L 165 16.91 32.85 -39.10
C ASN L 165 16.45 32.60 -40.55
N ARG L 166 17.15 31.63 -41.22
CA ARG L 166 16.81 31.22 -42.58
C ARG L 166 16.75 29.70 -42.68
N LEU L 167 15.87 29.20 -43.53
CA LEU L 167 15.63 27.76 -43.70
C LEU L 167 15.77 27.28 -45.15
N THR L 168 16.51 28.03 -45.95
CA THR L 168 16.79 27.76 -47.35
C THR L 168 18.22 28.26 -47.69
N HIS L 169 18.94 27.48 -48.50
CA HIS L 169 20.30 27.86 -48.90
C HIS L 169 20.62 27.31 -50.29
N GLN L 170 21.39 28.08 -51.07
CA GLN L 170 21.76 27.67 -52.43
C GLN L 170 23.24 27.35 -52.59
N ILE L 171 23.55 26.19 -53.21
CA ILE L 171 24.94 25.77 -53.43
C ILE L 171 25.17 25.63 -54.93
N LEU L 176 26.92 17.81 -62.58
CA LEU L 176 25.67 17.26 -63.10
C LEU L 176 25.70 15.75 -63.05
N ASP L 177 24.50 15.10 -63.09
CA ASP L 177 24.29 13.66 -63.03
C ASP L 177 25.15 12.94 -61.95
N THR L 178 25.29 13.61 -60.78
CA THR L 178 26.11 13.16 -59.66
C THR L 178 25.34 13.07 -58.34
N PRO L 179 25.41 11.92 -57.64
CA PRO L 179 24.81 11.84 -56.30
C PRO L 179 25.56 12.71 -55.27
N TYR L 180 24.82 13.52 -54.50
CA TYR L 180 25.35 14.35 -53.41
C TYR L 180 24.60 13.93 -52.13
N TYR L 181 25.25 14.08 -50.97
CA TYR L 181 24.73 13.73 -49.64
C TYR L 181 24.85 14.96 -48.79
N PHE L 182 23.79 15.26 -48.02
CA PHE L 182 23.61 16.46 -47.22
C PHE L 182 23.26 16.15 -45.79
N LYS L 183 23.92 16.85 -44.86
CA LYS L 183 23.66 16.78 -43.40
C LYS L 183 23.59 18.21 -42.89
N ILE L 184 22.73 18.49 -41.93
CA ILE L 184 22.63 19.84 -41.36
C ILE L 184 22.66 19.74 -39.86
N GLN L 185 23.22 20.74 -39.20
CA GLN L 185 23.16 20.81 -37.75
C GLN L 185 22.81 22.24 -37.30
N ALA L 186 22.07 22.37 -36.19
CA ALA L 186 21.74 23.70 -35.70
C ALA L 186 22.73 24.12 -34.64
N ARG L 187 22.83 25.43 -34.41
CA ARG L 187 23.65 25.96 -33.35
C ARG L 187 22.97 27.08 -32.62
N ASN L 188 23.24 27.18 -31.33
CA ASN L 188 22.71 28.25 -30.50
C ASN L 188 23.85 28.82 -29.59
N SER L 189 23.56 29.74 -28.68
CA SER L 189 24.59 30.34 -27.81
C SER L 189 25.30 29.30 -26.93
N LYS L 190 24.71 28.11 -26.76
CA LYS L 190 25.28 27.03 -25.97
C LYS L 190 26.15 26.05 -26.77
N GLY L 191 26.05 26.07 -28.09
CA GLY L 191 26.83 25.19 -28.95
C GLY L 191 26.08 24.47 -30.06
N MET L 192 26.67 23.40 -30.57
CA MET L 192 26.17 22.60 -31.69
C MET L 192 25.21 21.52 -31.30
N GLY L 193 24.15 21.39 -32.07
CA GLY L 193 23.19 20.32 -31.87
C GLY L 193 23.60 19.11 -32.69
N PRO L 194 22.82 18.01 -32.68
CA PRO L 194 23.22 16.85 -33.47
C PRO L 194 23.00 17.08 -34.96
N MET L 195 23.64 16.27 -35.78
CA MET L 195 23.49 16.35 -37.23
C MET L 195 22.34 15.50 -37.69
N SER L 196 21.64 15.96 -38.74
CA SER L 196 20.56 15.18 -39.33
C SER L 196 21.20 14.04 -40.11
N GLU L 197 20.47 12.93 -40.28
CA GLU L 197 20.98 11.79 -41.05
C GLU L 197 21.08 12.17 -42.52
N ALA L 198 22.19 11.80 -43.18
CA ALA L 198 22.42 12.19 -44.56
C ALA L 198 21.25 11.95 -45.49
N VAL L 199 20.98 12.94 -46.35
CA VAL L 199 19.93 12.89 -47.38
C VAL L 199 20.67 12.82 -48.72
N GLN L 200 20.25 11.95 -49.62
CA GLN L 200 20.86 11.86 -50.97
C GLN L 200 20.06 12.64 -52.02
N PHE L 201 20.78 13.34 -52.92
CA PHE L 201 20.21 14.03 -54.07
C PHE L 201 21.14 13.87 -55.26
N ARG L 202 20.65 13.28 -56.34
CA ARG L 202 21.41 13.14 -57.59
C ARG L 202 21.08 14.34 -58.45
N THR L 203 22.11 15.11 -58.87
CA THR L 203 21.89 16.30 -59.71
C THR L 203 21.38 15.87 -61.06
N PRO L 204 20.60 16.75 -61.76
CA PRO L 204 20.09 16.35 -63.10
C PRO L 204 21.17 16.27 -64.18
N LYS L 205 20.79 15.70 -65.36
CA LYS L 205 21.69 15.70 -66.52
C LYS L 205 21.04 16.53 -67.64
N ALA L 206 21.71 16.63 -68.78
CA ALA L 206 21.26 17.41 -69.91
C ALA L 206 20.30 16.58 -70.76
N LEU L 207 19.30 17.28 -71.32
CA LEU L 207 18.28 16.76 -72.22
C LEU L 207 18.58 17.51 -73.54
N GLY L 208 19.38 16.85 -74.41
CA GLY L 208 19.82 17.40 -75.71
C GLY L 208 18.63 17.59 -76.66
N SER L 209 18.52 18.81 -77.26
CA SER L 209 17.42 19.24 -78.13
C SER L 209 17.75 19.07 -79.61
N LYS M 13 79.60 -21.35 2.94
CA LYS M 13 80.41 -21.18 4.16
C LYS M 13 80.23 -19.78 4.73
N ALA M 14 79.08 -19.17 4.46
CA ALA M 14 78.82 -17.81 4.88
C ALA M 14 78.64 -17.73 6.39
N ARG M 15 79.00 -16.59 6.95
CA ARG M 15 78.83 -16.38 8.39
C ARG M 15 77.47 -15.77 8.65
N CYS M 16 77.01 -15.91 9.89
CA CYS M 16 75.68 -15.50 10.32
C CYS M 16 75.31 -14.12 9.78
N SER M 17 74.25 -14.08 8.99
CA SER M 17 73.83 -12.84 8.34
C SER M 17 72.31 -12.84 8.23
N ARG M 18 71.76 -11.63 8.05
CA ARG M 18 70.36 -11.48 7.70
C ARG M 18 70.22 -11.56 6.19
N LYS M 19 69.38 -12.48 5.73
CA LYS M 19 69.21 -12.75 4.31
C LYS M 19 67.78 -12.44 3.92
N ALA M 20 67.57 -12.26 2.62
CA ALA M 20 66.23 -11.94 2.14
C ALA M 20 65.29 -13.11 2.34
N LEU M 21 64.03 -12.79 2.65
CA LEU M 21 62.97 -13.81 2.68
C LEU M 21 61.67 -13.07 2.39
N HIS M 22 61.14 -13.28 1.19
CA HIS M 22 59.92 -12.61 0.76
C HIS M 22 58.73 -13.49 1.06
N VAL M 23 57.74 -12.95 1.76
CA VAL M 23 56.52 -13.68 2.08
C VAL M 23 55.40 -13.11 1.23
N ASN M 24 54.75 -13.97 0.46
CA ASN M 24 53.67 -13.54 -0.42
C ASN M 24 52.38 -14.20 0.07
N PHE M 25 51.56 -13.44 0.78
CA PHE M 25 50.30 -13.96 1.32
C PHE M 25 49.36 -14.42 0.22
N LYS M 26 49.38 -13.75 -0.92
CA LYS M 26 48.49 -14.13 -2.01
C LYS M 26 48.89 -15.49 -2.57
N ASP M 27 50.20 -15.72 -2.74
CA ASP M 27 50.68 -17.03 -3.17
C ASP M 27 50.27 -18.13 -2.20
N MET M 28 50.17 -17.80 -0.92
CA MET M 28 49.74 -18.75 0.10
C MET M 28 48.23 -18.89 0.16
N GLY M 29 47.49 -18.07 -0.58
CA GLY M 29 46.05 -18.11 -0.54
C GLY M 29 45.43 -17.42 0.64
N TRP M 30 46.20 -16.63 1.38
CA TRP M 30 45.68 -15.95 2.56
C TRP M 30 44.98 -14.65 2.23
N ASP M 31 44.89 -14.30 0.95
CA ASP M 31 44.13 -13.12 0.57
C ASP M 31 42.63 -13.34 0.66
N ASP M 32 42.15 -14.51 1.09
CA ASP M 32 40.73 -14.55 1.44
C ASP M 32 40.44 -13.99 2.82
N TRP M 33 41.48 -13.73 3.64
CA TRP M 33 41.22 -13.07 4.92
C TRP M 33 42.15 -11.88 5.17
N ILE M 34 43.33 -11.87 4.58
CA ILE M 34 44.22 -10.71 4.68
C ILE M 34 43.85 -9.71 3.60
N ILE M 35 43.62 -8.46 4.01
CA ILE M 35 43.38 -7.38 3.06
C ILE M 35 44.68 -6.76 2.59
N ALA M 36 45.57 -6.44 3.53
CA ALA M 36 46.83 -5.78 3.20
C ALA M 36 47.76 -5.94 4.38
N PRO M 37 49.09 -5.95 4.16
CA PRO M 37 49.74 -6.05 2.85
C PRO M 37 49.59 -7.48 2.36
N LEU M 38 49.64 -7.72 1.05
CA LEU M 38 49.59 -9.09 0.57
C LEU M 38 50.98 -9.67 0.37
N GLU M 39 52.03 -8.91 0.67
CA GLU M 39 53.37 -9.46 0.70
C GLU M 39 54.22 -8.58 1.59
N TYR M 40 55.30 -9.16 2.10
CA TYR M 40 56.21 -8.38 2.91
C TYR M 40 57.54 -9.10 2.95
N GLU M 41 58.56 -8.35 3.36
CA GLU M 41 59.91 -8.88 3.48
C GLU M 41 60.12 -9.31 4.92
N ALA M 42 60.22 -10.61 5.15
CA ALA M 42 60.37 -11.14 6.49
C ALA M 42 61.83 -11.27 6.90
N PHE M 43 62.70 -11.49 5.91
CA PHE M 43 64.09 -11.84 6.10
C PHE M 43 64.23 -13.17 6.82
N HIS M 44 65.45 -13.70 6.85
CA HIS M 44 65.74 -14.85 7.68
C HIS M 44 67.22 -14.78 8.03
N CYS M 45 67.60 -15.54 9.04
CA CYS M 45 68.98 -15.60 9.49
C CYS M 45 69.59 -16.91 9.04
N GLU M 46 70.86 -16.84 8.63
CA GLU M 46 71.55 -18.04 8.18
C GLU M 46 73.04 -17.79 8.18
N GLY M 47 73.80 -18.81 8.55
CA GLY M 47 75.23 -18.69 8.42
C GLY M 47 75.96 -19.18 9.64
N LEU M 48 77.27 -19.35 9.51
CA LEU M 48 78.06 -19.94 10.57
C LEU M 48 78.20 -19.00 11.76
N CYS M 49 78.14 -19.57 12.94
CA CYS M 49 78.47 -18.90 14.19
C CYS M 49 79.82 -19.46 14.63
N GLU M 50 80.88 -18.72 14.36
CA GLU M 50 82.23 -19.20 14.61
C GLU M 50 82.88 -18.36 15.69
N PHE M 51 83.72 -19.03 16.48
CA PHE M 51 84.58 -18.31 17.41
C PHE M 51 85.54 -17.43 16.61
N PRO M 52 85.74 -16.17 17.00
CA PRO M 52 85.08 -15.40 18.06
C PRO M 52 83.85 -14.74 17.50
N LEU M 53 82.82 -14.63 18.32
CA LEU M 53 81.58 -14.00 17.87
C LEU M 53 81.73 -12.49 17.92
N ARG M 54 81.52 -11.85 16.78
CA ARG M 54 81.58 -10.39 16.76
C ARG M 54 80.45 -9.81 17.60
N SER M 55 80.69 -8.61 18.14
CA SER M 55 79.77 -8.02 19.12
C SER M 55 78.34 -7.93 18.59
N HIS M 56 78.18 -7.63 17.31
CA HIS M 56 76.84 -7.46 16.75
C HIS M 56 76.05 -8.76 16.64
N LEU M 57 76.68 -9.90 16.86
CA LEU M 57 75.91 -11.13 16.96
C LEU M 57 75.31 -11.30 18.35
N GLU M 58 75.67 -10.42 19.29
CA GLU M 58 75.02 -10.30 20.58
C GLU M 58 74.77 -11.65 21.26
N PRO M 59 75.81 -12.46 21.45
CA PRO M 59 75.60 -13.74 22.12
C PRO M 59 75.21 -13.54 23.58
N THR M 60 74.35 -14.44 24.06
CA THR M 60 74.19 -14.61 25.49
C THR M 60 75.50 -15.11 26.08
N ASN M 61 75.64 -14.97 27.42
CA ASN M 61 76.73 -15.66 28.10
C ASN M 61 76.78 -17.13 27.70
N HIS M 62 75.61 -17.78 27.67
CA HIS M 62 75.60 -19.19 27.29
C HIS M 62 76.18 -19.40 25.90
N ALA M 63 75.78 -18.57 24.94
CA ALA M 63 76.30 -18.72 23.59
C ALA M 63 77.81 -18.48 23.54
N VAL M 64 78.29 -17.53 24.33
CA VAL M 64 79.73 -17.29 24.41
C VAL M 64 80.44 -18.57 24.85
N ILE M 65 79.94 -19.18 25.91
CA ILE M 65 80.58 -20.40 26.42
C ILE M 65 80.42 -21.55 25.40
N GLN M 66 79.23 -21.69 24.81
CA GLN M 66 79.03 -22.80 23.89
C GLN M 66 79.92 -22.67 22.65
N THR M 67 80.00 -21.46 22.09
CA THR M 67 80.88 -21.26 20.95
C THR M 67 82.33 -21.59 21.31
N LEU M 68 82.76 -21.17 22.50
CA LEU M 68 84.10 -21.50 22.96
C LEU M 68 84.31 -23.01 23.03
N MET M 69 83.36 -23.71 23.65
CA MET M 69 83.53 -25.15 23.83
C MET M 69 83.51 -25.87 22.50
N ASN M 70 82.63 -25.45 21.59
CA ASN M 70 82.60 -26.08 20.28
C ASN M 70 83.87 -25.78 19.49
N SER M 71 84.45 -24.60 19.69
CA SER M 71 85.74 -24.32 19.06
C SER M 71 86.81 -25.26 19.58
N MET M 72 86.87 -25.47 20.89
CA MET M 72 87.93 -26.29 21.48
C MET M 72 87.73 -27.77 21.21
N ASP M 73 86.48 -28.22 21.14
CA ASP M 73 86.17 -29.62 20.90
C ASP M 73 84.80 -29.70 20.25
N PRO M 74 84.74 -29.76 18.91
CA PRO M 74 83.44 -29.83 18.24
C PRO M 74 82.58 -31.02 18.66
N GLU M 75 83.18 -32.06 19.25
CA GLU M 75 82.38 -33.18 19.74
C GLU M 75 81.67 -32.87 21.05
N SER M 76 82.15 -31.89 21.82
CA SER M 76 81.57 -31.62 23.12
C SER M 76 80.23 -30.92 23.02
N THR M 77 80.05 -30.08 22.02
CA THR M 77 78.78 -29.41 21.81
C THR M 77 78.76 -28.89 20.39
N PRO M 78 77.60 -28.77 19.77
CA PRO M 78 77.50 -28.16 18.46
C PRO M 78 77.78 -26.67 18.54
N PRO M 79 77.97 -26.00 17.41
CA PRO M 79 78.11 -24.55 17.44
C PRO M 79 76.80 -23.90 17.82
N THR M 80 76.88 -22.64 18.20
CA THR M 80 75.68 -21.83 18.38
C THR M 80 75.04 -21.60 17.01
N CYS M 81 73.81 -21.06 17.03
CA CYS M 81 73.01 -21.00 15.82
C CYS M 81 72.62 -19.57 15.48
N CYS M 82 72.66 -19.27 14.18
CA CYS M 82 72.27 -17.97 13.65
C CYS M 82 70.75 -17.84 13.63
N VAL M 83 70.21 -16.96 14.45
CA VAL M 83 68.76 -16.81 14.59
C VAL M 83 68.42 -15.34 14.76
N PRO M 84 67.16 -14.97 14.56
CA PRO M 84 66.77 -13.58 14.76
C PRO M 84 66.94 -13.20 16.24
N THR M 85 67.63 -12.09 16.47
CA THR M 85 67.79 -11.56 17.81
C THR M 85 66.96 -10.32 18.05
N ARG M 86 66.53 -9.66 16.99
CA ARG M 86 65.59 -8.54 17.08
C ARG M 86 64.62 -8.71 15.94
N LEU M 87 63.34 -8.54 16.23
CA LEU M 87 62.31 -8.60 15.22
C LEU M 87 61.38 -7.42 15.40
N SER M 88 60.64 -7.10 14.35
CA SER M 88 59.71 -5.99 14.37
C SER M 88 58.37 -6.47 13.86
N PRO M 89 57.30 -5.79 14.21
CA PRO M 89 55.97 -6.20 13.76
C PRO M 89 55.68 -5.67 12.37
N ILE M 90 54.62 -6.21 11.76
CA ILE M 90 53.96 -5.55 10.65
C ILE M 90 52.50 -5.41 10.97
N SER M 91 51.90 -4.34 10.46
CA SER M 91 50.47 -4.12 10.59
C SER M 91 49.76 -4.88 9.48
N ILE M 92 48.81 -5.71 9.87
CA ILE M 92 48.02 -6.49 8.91
C ILE M 92 46.56 -6.04 9.03
N LEU M 93 45.96 -5.73 7.88
CA LEU M 93 44.55 -5.42 7.79
C LEU M 93 43.87 -6.69 7.32
N PHE M 94 42.89 -7.17 8.09
CA PHE M 94 42.30 -8.46 7.76
C PHE M 94 40.88 -8.49 8.29
N ILE M 95 40.15 -9.53 7.94
CA ILE M 95 38.80 -9.73 8.45
C ILE M 95 38.86 -10.88 9.46
N ASP M 96 38.27 -10.64 10.62
CA ASP M 96 38.37 -11.59 11.72
C ASP M 96 37.18 -12.53 11.67
N SER M 97 36.97 -13.28 12.75
CA SER M 97 35.91 -14.28 12.77
C SER M 97 34.54 -13.66 12.54
N ALA M 98 34.29 -12.50 13.12
CA ALA M 98 32.98 -11.86 13.06
C ALA M 98 32.83 -10.94 11.85
N ASN M 99 33.61 -11.18 10.79
CA ASN M 99 33.58 -10.35 9.57
C ASN M 99 33.86 -8.88 9.88
N ASN M 100 34.63 -8.62 10.94
CA ASN M 100 35.09 -7.28 11.23
C ASN M 100 36.41 -7.03 10.52
N VAL M 101 36.53 -5.88 9.88
CA VAL M 101 37.82 -5.45 9.37
C VAL M 101 38.67 -5.00 10.55
N VAL M 102 39.80 -5.67 10.74
CA VAL M 102 40.68 -5.44 11.87
C VAL M 102 42.06 -5.05 11.35
N TYR M 103 42.68 -4.07 12.00
CA TYR M 103 44.06 -3.72 11.73
C TYR M 103 44.86 -4.00 13.00
N LYS M 104 45.81 -4.91 12.89
CA LYS M 104 46.51 -5.42 14.06
C LYS M 104 48.00 -5.51 13.76
N GLN M 105 48.80 -5.12 14.75
CA GLN M 105 50.24 -5.37 14.70
C GLN M 105 50.50 -6.83 15.02
N TYR M 106 51.05 -7.56 14.04
CA TYR M 106 51.53 -8.91 14.28
C TYR M 106 52.99 -8.79 14.70
N GLU M 107 53.27 -9.12 15.96
CA GLU M 107 54.60 -8.97 16.51
C GLU M 107 55.55 -9.99 15.87
N ASP M 108 56.84 -9.63 15.85
CA ASP M 108 57.91 -10.57 15.52
C ASP M 108 57.76 -11.15 14.12
N MET M 109 57.48 -10.28 13.14
CA MET M 109 57.29 -10.74 11.78
C MET M 109 58.48 -10.50 10.87
N VAL M 110 59.35 -9.56 11.22
CA VAL M 110 60.43 -9.10 10.36
C VAL M 110 61.71 -9.19 11.16
N VAL M 111 62.69 -9.92 10.63
CA VAL M 111 64.00 -9.97 11.27
C VAL M 111 64.67 -8.61 11.11
N GLU M 112 65.05 -8.01 12.23
CA GLU M 112 65.85 -6.80 12.23
C GLU M 112 67.33 -7.08 12.44
N SER M 113 67.66 -8.06 13.27
CA SER M 113 69.06 -8.43 13.43
C SER M 113 69.17 -9.93 13.64
N CYS M 114 70.29 -10.47 13.22
CA CYS M 114 70.61 -11.88 13.44
C CYS M 114 71.76 -11.97 14.42
N GLY M 115 71.79 -13.08 15.14
CA GLY M 115 72.88 -13.29 16.06
C GLY M 115 73.00 -14.75 16.41
N CYS M 116 73.97 -15.05 17.26
CA CYS M 116 74.34 -16.42 17.54
C CYS M 116 73.87 -16.77 18.94
N ARG M 117 73.02 -17.79 19.05
CA ARG M 117 72.39 -18.12 20.31
C ARG M 117 72.51 -19.61 20.61
N LEU N 12 71.25 -40.73 14.24
CA LEU N 12 69.85 -40.40 13.98
C LEU N 12 69.59 -38.92 14.25
N LYS N 13 68.52 -38.37 13.66
CA LYS N 13 68.26 -36.94 13.69
C LYS N 13 67.13 -36.65 14.68
N ALA N 14 67.49 -36.27 15.89
CA ALA N 14 66.52 -35.99 16.93
C ALA N 14 65.86 -34.64 16.70
N ARG N 15 64.68 -34.47 17.29
CA ARG N 15 64.02 -33.18 17.23
C ARG N 15 64.56 -32.24 18.31
N CYS N 16 64.37 -30.94 18.09
CA CYS N 16 64.85 -29.90 19.00
C CYS N 16 64.61 -30.26 20.45
N SER N 17 65.69 -30.37 21.21
CA SER N 17 65.63 -30.85 22.58
C SER N 17 66.72 -30.17 23.37
N ARG N 18 66.53 -30.11 24.69
CA ARG N 18 67.58 -29.68 25.58
C ARG N 18 68.47 -30.87 25.92
N LYS N 19 69.77 -30.71 25.73
CA LYS N 19 70.73 -31.75 25.98
C LYS N 19 71.73 -31.28 27.03
N ALA N 20 72.44 -32.26 27.60
CA ALA N 20 73.41 -31.95 28.63
C ALA N 20 74.59 -31.18 28.07
N LEU N 21 75.11 -30.26 28.86
CA LEU N 21 76.37 -29.60 28.55
C LEU N 21 76.98 -29.22 29.88
N HIS N 22 78.03 -29.93 30.27
CA HIS N 22 78.72 -29.67 31.52
C HIS N 22 79.86 -28.70 31.28
N VAL N 23 79.92 -27.64 32.07
CA VAL N 23 80.97 -26.64 31.98
C VAL N 23 81.86 -26.79 33.20
N ASN N 24 83.14 -27.05 32.99
CA ASN N 24 84.10 -27.20 34.08
C ASN N 24 85.08 -26.03 34.01
N PHE N 25 84.86 -25.03 34.87
CA PHE N 25 85.71 -23.84 34.88
C PHE N 25 87.13 -24.16 35.26
N LYS N 26 87.34 -25.19 36.11
CA LYS N 26 88.70 -25.54 36.48
C LYS N 26 89.46 -26.11 35.27
N ASP N 27 88.80 -26.95 34.48
CA ASP N 27 89.42 -27.47 33.27
C ASP N 27 89.78 -26.36 32.29
N MET N 28 89.02 -25.27 32.29
CA MET N 28 89.30 -24.14 31.42
C MET N 28 90.38 -23.21 31.97
N GLY N 29 90.88 -23.47 33.18
CA GLY N 29 91.85 -22.60 33.81
C GLY N 29 91.26 -21.36 34.44
N TRP N 30 89.94 -21.24 34.49
CA TRP N 30 89.28 -20.05 35.01
C TRP N 30 89.22 -20.02 36.52
N ASP N 31 89.67 -21.07 37.19
CA ASP N 31 89.74 -21.00 38.64
C ASP N 31 90.79 -20.01 39.14
N ASP N 32 91.57 -19.38 38.26
CA ASP N 32 92.42 -18.31 38.78
C ASP N 32 91.65 -17.03 39.02
N TRP N 33 90.41 -16.91 38.53
CA TRP N 33 89.59 -15.76 38.92
C TRP N 33 88.24 -16.17 39.48
N ILE N 34 87.67 -17.29 39.01
CA ILE N 34 86.43 -17.78 39.60
C ILE N 34 86.76 -18.52 40.88
N ILE N 35 86.06 -18.17 41.95
CA ILE N 35 86.14 -18.91 43.21
C ILE N 35 85.14 -20.05 43.24
N ALA N 36 83.87 -19.77 42.91
CA ALA N 36 82.81 -20.77 42.96
C ALA N 36 81.68 -20.30 42.07
N PRO N 37 80.93 -21.22 41.44
CA PRO N 37 81.17 -22.67 41.39
C PRO N 37 82.31 -22.92 40.40
N LEU N 38 82.99 -24.04 40.49
CA LEU N 38 84.02 -24.35 39.52
C LEU N 38 83.48 -25.19 38.38
N GLU N 39 82.22 -25.57 38.44
CA GLU N 39 81.58 -26.27 37.35
C GLU N 39 80.08 -26.06 37.45
N TYR N 40 79.40 -26.14 36.32
CA TYR N 40 77.95 -26.09 36.38
C TYR N 40 77.38 -26.74 35.13
N GLU N 41 76.09 -27.01 35.17
CA GLU N 41 75.38 -27.62 34.05
C GLU N 41 74.75 -26.52 33.22
N ALA N 42 75.25 -26.32 32.01
CA ALA N 42 74.76 -25.26 31.14
C ALA N 42 73.67 -25.74 30.20
N PHE N 43 73.69 -27.03 29.85
CA PHE N 43 72.86 -27.59 28.80
C PHE N 43 73.13 -26.95 27.45
N HIS N 44 72.59 -27.55 26.40
CA HIS N 44 72.60 -26.90 25.10
C HIS N 44 71.36 -27.39 24.36
N CYS N 45 71.06 -26.71 23.28
CA CYS N 45 69.91 -27.05 22.46
C CYS N 45 70.39 -27.70 21.16
N GLU N 46 69.63 -28.66 20.67
CA GLU N 46 70.05 -29.33 19.46
C GLU N 46 68.88 -30.14 18.93
N GLY N 47 68.74 -30.17 17.61
CA GLY N 47 67.78 -31.04 16.98
C GLY N 47 66.94 -30.30 15.95
N LEU N 48 66.14 -31.11 15.25
CA LEU N 48 65.38 -30.59 14.12
C LEU N 48 64.22 -29.70 14.55
N CYS N 49 63.99 -28.67 13.76
CA CYS N 49 62.82 -27.81 13.89
C CYS N 49 61.94 -28.09 12.69
N GLU N 50 60.95 -28.96 12.86
CA GLU N 50 60.13 -29.41 11.75
C GLU N 50 58.71 -28.91 11.88
N PHE N 51 58.05 -28.74 10.74
CA PHE N 51 56.63 -28.43 10.74
C PHE N 51 55.86 -29.65 11.26
N PRO N 52 54.90 -29.46 12.16
CA PRO N 52 54.56 -28.21 12.84
C PRO N 52 55.41 -28.04 14.07
N LEU N 53 55.66 -26.80 14.47
CA LEU N 53 56.37 -26.58 15.71
C LEU N 53 55.43 -26.91 16.86
N ARG N 54 55.87 -27.79 17.74
CA ARG N 54 55.06 -28.10 18.90
C ARG N 54 55.00 -26.86 19.80
N SER N 55 53.87 -26.71 20.51
CA SER N 55 53.61 -25.47 21.26
C SER N 55 54.76 -25.11 22.19
N HIS N 56 55.40 -26.11 22.80
CA HIS N 56 56.46 -25.82 23.75
C HIS N 56 57.74 -25.33 23.09
N LEU N 57 57.88 -25.48 21.77
CA LEU N 57 58.97 -24.81 21.08
C LEU N 57 58.76 -23.30 20.99
N GLU N 58 57.58 -22.82 21.38
CA GLU N 58 57.17 -21.43 21.46
C GLU N 58 57.80 -20.57 20.37
N PRO N 59 57.34 -20.71 19.15
CA PRO N 59 57.92 -19.95 18.05
C PRO N 59 57.41 -18.52 18.03
N THR N 60 58.28 -17.62 17.56
CA THR N 60 57.83 -16.32 17.10
C THR N 60 56.92 -16.50 15.88
N ASN N 61 56.11 -15.47 15.61
CA ASN N 61 55.39 -15.45 14.33
C ASN N 61 56.35 -15.70 13.18
N HIS N 62 57.53 -15.06 13.23
CA HIS N 62 58.50 -15.24 12.15
C HIS N 62 58.87 -16.69 11.98
N ALA N 63 59.17 -17.38 13.10
CA ALA N 63 59.53 -18.79 13.03
C ALA N 63 58.38 -19.64 12.52
N VAL N 64 57.14 -19.29 12.88
CA VAL N 64 55.99 -20.01 12.35
C VAL N 64 55.97 -19.93 10.83
N ILE N 65 56.17 -18.72 10.29
CA ILE N 65 56.13 -18.52 8.85
C ILE N 65 57.33 -19.18 8.20
N GLN N 66 58.52 -19.03 8.77
CA GLN N 66 59.70 -19.62 8.16
C GLN N 66 59.61 -21.14 8.13
N THR N 67 59.18 -21.74 9.24
CA THR N 67 59.00 -23.19 9.27
C THR N 67 57.99 -23.64 8.22
N LEU N 68 56.89 -22.90 8.08
CA LEU N 68 55.94 -23.18 7.02
C LEU N 68 56.63 -23.11 5.65
N MET N 69 57.34 -22.03 5.39
CA MET N 69 57.92 -21.88 4.07
C MET N 69 58.99 -22.92 3.80
N ASN N 70 59.76 -23.28 4.82
CA ASN N 70 60.77 -24.31 4.62
C ASN N 70 60.12 -25.67 4.38
N SER N 71 58.98 -25.91 5.03
CA SER N 71 58.25 -27.15 4.78
C SER N 71 57.75 -27.21 3.34
N MET N 72 57.22 -26.10 2.84
CA MET N 72 56.66 -26.08 1.48
C MET N 72 57.74 -26.07 0.42
N ASP N 73 58.90 -25.49 0.72
CA ASP N 73 59.96 -25.29 -0.27
C ASP N 73 61.26 -25.19 0.49
N PRO N 74 61.89 -26.31 0.81
CA PRO N 74 63.13 -26.26 1.59
C PRO N 74 64.25 -25.47 0.92
N GLU N 75 64.14 -25.17 -0.37
CA GLU N 75 65.12 -24.34 -1.05
C GLU N 75 64.85 -22.85 -0.92
N SER N 76 63.60 -22.45 -0.65
CA SER N 76 63.32 -21.03 -0.50
C SER N 76 63.80 -20.50 0.84
N THR N 77 63.68 -21.30 1.90
CA THR N 77 64.27 -20.85 3.15
C THR N 77 64.74 -22.07 3.94
N PRO N 78 65.82 -21.92 4.68
CA PRO N 78 66.27 -22.96 5.60
C PRO N 78 65.28 -23.16 6.72
N PRO N 79 65.40 -24.25 7.46
CA PRO N 79 64.52 -24.45 8.61
C PRO N 79 64.86 -23.46 9.71
N THR N 80 63.94 -23.32 10.65
CA THR N 80 64.27 -22.59 11.86
C THR N 80 65.27 -23.40 12.67
N CYS N 81 65.82 -22.79 13.70
CA CYS N 81 66.93 -23.39 14.43
C CYS N 81 66.58 -23.57 15.90
N CYS N 82 67.05 -24.69 16.43
CA CYS N 82 66.80 -25.07 17.83
C CYS N 82 67.80 -24.33 18.71
N VAL N 83 67.31 -23.39 19.50
CA VAL N 83 68.15 -22.51 20.31
C VAL N 83 67.49 -22.31 21.66
N PRO N 84 68.26 -21.81 22.65
CA PRO N 84 67.67 -21.56 23.95
C PRO N 84 66.63 -20.47 23.86
N THR N 85 65.46 -20.73 24.42
CA THR N 85 64.38 -19.77 24.47
C THR N 85 64.11 -19.23 25.86
N ARG N 86 64.59 -19.91 26.89
CA ARG N 86 64.59 -19.41 28.25
C ARG N 86 65.88 -19.85 28.88
N LEU N 87 66.54 -18.92 29.57
CA LEU N 87 67.78 -19.24 30.25
C LEU N 87 67.70 -18.67 31.65
N SER N 88 68.52 -19.21 32.54
CA SER N 88 68.53 -18.76 33.91
C SER N 88 69.95 -18.37 34.28
N PRO N 89 70.12 -17.55 35.29
CA PRO N 89 71.46 -17.11 35.68
C PRO N 89 72.10 -18.14 36.60
N ILE N 90 73.41 -17.97 36.80
CA ILE N 90 74.05 -18.60 37.94
C ILE N 90 74.83 -17.53 38.67
N SER N 91 74.93 -17.70 39.97
CA SER N 91 75.68 -16.80 40.82
C SER N 91 77.14 -17.23 40.80
N ILE N 92 78.03 -16.29 40.48
CA ILE N 92 79.46 -16.58 40.43
C ILE N 92 80.15 -15.74 41.48
N LEU N 93 80.97 -16.40 42.30
CA LEU N 93 81.87 -15.77 43.23
C LEU N 93 83.23 -15.70 42.55
N PHE N 94 83.78 -14.51 42.40
CA PHE N 94 85.01 -14.38 41.66
C PHE N 94 85.82 -13.21 42.20
N ILE N 95 87.07 -13.14 41.75
CA ILE N 95 87.99 -12.08 42.11
C ILE N 95 87.90 -11.02 41.03
N ASP N 96 87.48 -9.81 41.39
CA ASP N 96 87.20 -8.81 40.37
C ASP N 96 88.47 -8.04 39.99
N SER N 97 88.28 -7.05 39.11
CA SER N 97 89.41 -6.28 38.59
C SER N 97 90.11 -5.47 39.68
N ALA N 98 89.43 -5.19 40.78
CA ALA N 98 90.05 -4.52 41.92
C ALA N 98 90.64 -5.50 42.92
N ASN N 99 90.68 -6.80 42.56
CA ASN N 99 91.24 -7.86 43.39
C ASN N 99 90.39 -8.14 44.63
N ASN N 100 89.08 -7.88 44.55
CA ASN N 100 88.17 -8.12 45.66
C ASN N 100 87.24 -9.27 45.33
N VAL N 101 86.78 -9.96 46.37
CA VAL N 101 85.77 -11.00 46.18
C VAL N 101 84.44 -10.35 45.84
N VAL N 102 83.85 -10.79 44.73
CA VAL N 102 82.57 -10.27 44.27
C VAL N 102 81.66 -11.46 44.00
N TYR N 103 80.40 -11.34 44.44
CA TYR N 103 79.35 -12.27 44.07
C TYR N 103 78.43 -11.58 43.07
N LYS N 104 78.23 -12.22 41.91
CA LYS N 104 77.44 -11.60 40.86
C LYS N 104 76.64 -12.65 40.13
N GLN N 105 75.39 -12.33 39.84
CA GLN N 105 74.57 -13.14 38.94
C GLN N 105 75.03 -12.96 37.51
N TYR N 106 75.41 -14.06 36.85
CA TYR N 106 75.70 -14.05 35.43
C TYR N 106 74.43 -14.50 34.72
N GLU N 107 73.79 -13.59 34.00
CA GLU N 107 72.54 -13.95 33.38
C GLU N 107 72.75 -14.87 32.20
N ASP N 108 71.69 -15.58 31.81
CA ASP N 108 71.65 -16.38 30.58
C ASP N 108 72.78 -17.41 30.54
N MET N 109 72.95 -18.13 31.65
CA MET N 109 74.02 -19.12 31.74
C MET N 109 73.54 -20.55 31.60
N VAL N 110 72.30 -20.83 31.96
CA VAL N 110 71.76 -22.18 31.97
C VAL N 110 70.55 -22.22 31.05
N VAL N 111 70.55 -23.15 30.10
CA VAL N 111 69.38 -23.31 29.24
C VAL N 111 68.27 -23.94 30.06
N GLU N 112 67.11 -23.27 30.10
CA GLU N 112 65.92 -23.84 30.73
C GLU N 112 64.95 -24.44 29.73
N SER N 113 64.89 -23.88 28.53
CA SER N 113 64.03 -24.43 27.50
C SER N 113 64.64 -24.14 26.14
N CYS N 114 64.38 -25.05 25.20
CA CYS N 114 64.85 -24.93 23.82
C CYS N 114 63.64 -24.73 22.93
N GLY N 115 63.85 -24.08 21.80
CA GLY N 115 62.75 -23.87 20.88
C GLY N 115 63.29 -23.47 19.53
N CYS N 116 62.37 -23.27 18.59
CA CYS N 116 62.73 -23.07 17.19
C CYS N 116 62.53 -21.60 16.83
N ARG N 117 63.59 -20.99 16.33
CA ARG N 117 63.58 -19.56 16.10
C ARG N 117 64.17 -19.22 14.73
N GLN O 4 36.95 -20.80 21.06
CA GLN O 4 38.33 -20.34 21.10
C GLN O 4 39.18 -21.05 20.07
N CYS O 5 40.31 -20.47 19.69
CA CYS O 5 41.20 -21.14 18.75
C CYS O 5 41.92 -22.26 19.48
N ARG O 6 41.74 -23.49 18.99
CA ARG O 6 42.29 -24.66 19.64
C ARG O 6 43.27 -25.38 18.72
N ILE O 7 43.99 -24.60 17.90
CA ILE O 7 44.96 -25.19 16.99
C ILE O 7 46.03 -25.97 17.73
N GLN O 8 46.41 -25.51 18.92
CA GLN O 8 47.51 -26.18 19.61
C GLN O 8 47.12 -27.59 20.03
N LYS O 9 45.83 -27.82 20.30
CA LYS O 9 45.36 -29.19 20.56
C LYS O 9 45.59 -30.07 19.33
N CYS O 10 45.18 -29.57 18.15
CA CYS O 10 45.38 -30.32 16.91
C CYS O 10 46.85 -30.63 16.69
N THR O 11 47.72 -29.64 16.91
CA THR O 11 49.15 -29.83 16.68
C THR O 11 49.72 -30.83 17.67
N THR O 12 49.38 -30.67 18.95
CA THR O 12 49.86 -31.61 19.96
C THR O 12 49.52 -33.04 19.59
N ASP O 13 48.25 -33.27 19.19
CA ASP O 13 47.83 -34.60 18.77
C ASP O 13 48.68 -35.10 17.60
N PHE O 14 48.84 -34.26 16.58
CA PHE O 14 49.62 -34.68 15.42
C PHE O 14 51.05 -35.01 15.80
N VAL O 15 51.66 -34.15 16.62
CA VAL O 15 53.03 -34.38 17.06
C VAL O 15 53.12 -35.62 17.93
N SER O 16 52.18 -35.78 18.87
CA SER O 16 52.16 -36.99 19.68
C SER O 16 52.09 -38.23 18.80
N LEU O 17 51.20 -38.22 17.82
CA LEU O 17 50.93 -39.37 16.99
C LEU O 17 52.08 -39.72 16.05
N THR O 18 52.88 -38.73 15.65
CA THR O 18 53.98 -38.95 14.73
C THR O 18 55.35 -38.87 15.39
N SER O 19 55.41 -38.65 16.70
CA SER O 19 56.69 -38.45 17.39
C SER O 19 57.61 -39.65 17.24
N HIS O 20 57.03 -40.86 17.20
CA HIS O 20 57.80 -42.08 17.06
C HIS O 20 58.26 -42.34 15.64
N LEU O 21 57.75 -41.59 14.67
CA LEU O 21 58.07 -41.88 13.28
C LEU O 21 59.53 -41.50 13.00
N ASN O 22 60.23 -42.42 12.36
CA ASN O 22 61.61 -42.24 11.94
C ASN O 22 61.60 -42.45 10.43
N SER O 23 61.96 -41.41 9.68
CA SER O 23 61.86 -41.44 8.23
C SER O 23 62.58 -42.65 7.63
N GLY O 27 57.48 -47.81 7.39
CA GLY O 27 56.10 -47.45 7.14
C GLY O 27 55.76 -45.98 7.34
N PHE O 28 56.75 -45.10 7.12
CA PHE O 28 56.62 -43.71 7.51
C PHE O 28 55.43 -43.04 6.82
N ASP O 29 55.29 -43.21 5.51
CA ASP O 29 54.30 -42.44 4.76
C ASP O 29 52.87 -42.82 5.11
N SER O 30 52.60 -44.11 5.33
CA SER O 30 51.22 -44.51 5.57
C SER O 30 50.71 -44.03 6.93
N GLU O 31 51.52 -44.16 7.98
CA GLU O 31 51.12 -43.62 9.27
C GLU O 31 51.07 -42.10 9.23
N PHE O 32 52.01 -41.48 8.50
CA PHE O 32 52.05 -40.03 8.39
C PHE O 32 50.77 -39.49 7.76
N CYS O 33 50.31 -40.12 6.67
CA CYS O 33 49.13 -39.63 5.97
C CYS O 33 47.88 -39.72 6.85
N LYS O 34 47.67 -40.87 7.50
CA LYS O 34 46.57 -40.99 8.45
C LYS O 34 46.63 -39.88 9.49
N ALA O 35 47.81 -39.66 10.06
CA ALA O 35 48.01 -38.56 11.01
C ALA O 35 47.70 -37.21 10.39
N LEU O 36 48.23 -36.95 9.19
CA LEU O 36 47.96 -35.69 8.51
C LEU O 36 46.47 -35.49 8.26
N ARG O 37 45.77 -36.55 7.84
CA ARG O 37 44.34 -36.44 7.62
C ARG O 37 43.60 -36.06 8.89
N ALA O 38 43.99 -36.65 10.03
CA ALA O 38 43.35 -36.29 11.30
C ALA O 38 43.68 -34.86 11.68
N TYR O 39 44.91 -34.44 11.42
CA TYR O 39 45.33 -33.07 11.68
C TYR O 39 44.53 -32.09 10.85
N ALA O 40 44.36 -32.39 9.56
CA ALA O 40 43.51 -31.59 8.69
C ALA O 40 42.09 -31.48 9.24
N GLY O 41 41.50 -32.61 9.63
CA GLY O 41 40.15 -32.57 10.18
C GLY O 41 40.08 -31.75 11.45
N CYS O 42 41.04 -31.93 12.36
CA CYS O 42 41.02 -31.18 13.60
C CYS O 42 41.14 -29.68 13.34
N THR O 43 42.06 -29.29 12.46
CA THR O 43 42.21 -27.86 12.17
C THR O 43 40.97 -27.29 11.52
N GLN O 44 40.29 -28.08 10.67
CA GLN O 44 39.06 -27.59 10.07
C GLN O 44 37.97 -27.37 11.12
N ARG O 45 37.95 -28.18 12.18
CA ARG O 45 36.89 -28.04 13.17
C ARG O 45 37.08 -26.80 14.06
N THR O 46 38.26 -26.20 14.10
CA THR O 46 38.45 -24.96 14.85
C THR O 46 38.72 -23.77 13.93
N SER O 47 38.47 -23.91 12.63
CA SER O 47 38.81 -22.89 11.65
C SER O 47 38.21 -21.53 12.00
N LYS O 48 36.89 -21.48 12.22
CA LYS O 48 36.24 -20.19 12.44
C LYS O 48 36.86 -19.44 13.61
N ALA O 49 37.06 -20.13 14.73
CA ALA O 49 37.63 -19.48 15.90
C ALA O 49 39.05 -18.99 15.68
N CYS O 50 39.75 -19.53 14.69
CA CYS O 50 41.17 -19.27 14.54
C CYS O 50 41.52 -18.26 13.47
N ARG O 51 40.54 -17.67 12.80
CA ARG O 51 40.85 -16.73 11.74
C ARG O 51 41.72 -15.60 12.27
N GLY O 52 42.78 -15.29 11.55
CA GLY O 52 43.74 -14.29 11.98
C GLY O 52 44.87 -14.83 12.84
N ASN O 53 44.80 -16.11 13.22
CA ASN O 53 45.83 -16.72 14.04
C ASN O 53 46.86 -17.36 13.12
N LEU O 54 48.08 -16.78 13.09
CA LEU O 54 49.08 -17.25 12.14
C LEU O 54 49.45 -18.71 12.36
N VAL O 55 49.43 -19.19 13.61
CA VAL O 55 49.70 -20.60 13.83
C VAL O 55 48.65 -21.46 13.13
N TYR O 56 47.38 -21.07 13.22
CA TYR O 56 46.34 -21.81 12.53
C TYR O 56 46.52 -21.76 11.01
N HIS O 57 46.61 -20.56 10.43
CA HIS O 57 46.69 -20.48 8.98
C HIS O 57 47.92 -21.20 8.45
N SER O 58 49.04 -21.14 9.18
CA SER O 58 50.22 -21.87 8.74
C SER O 58 50.01 -23.37 8.81
N ALA O 59 49.35 -23.85 9.87
CA ALA O 59 49.03 -25.26 9.98
C ALA O 59 48.19 -25.73 8.80
N VAL O 60 47.10 -25.01 8.52
CA VAL O 60 46.21 -25.40 7.42
C VAL O 60 46.99 -25.53 6.14
N LEU O 61 47.80 -24.52 5.82
CA LEU O 61 48.53 -24.54 4.56
C LEU O 61 49.63 -25.58 4.59
N GLY O 62 50.35 -25.68 5.71
CA GLY O 62 51.40 -26.68 5.80
C GLY O 62 50.87 -28.09 5.64
N ILE O 63 49.72 -28.39 6.28
CA ILE O 63 49.10 -29.70 6.18
C ILE O 63 48.70 -29.98 4.74
N SER O 64 47.97 -29.03 4.14
CA SER O 64 47.54 -29.19 2.75
C SER O 64 48.74 -29.44 1.85
N ASP O 65 49.82 -28.69 2.05
CA ASP O 65 50.98 -28.87 1.21
C ASP O 65 51.61 -30.24 1.40
N LEU O 66 51.76 -30.67 2.65
CA LEU O 66 52.32 -31.99 2.93
C LEU O 66 51.46 -33.08 2.34
N MET O 67 50.14 -32.98 2.50
CA MET O 67 49.27 -33.99 1.91
C MET O 67 49.41 -34.03 0.40
N SER O 68 49.67 -32.88 -0.24
CA SER O 68 49.98 -32.90 -1.65
C SER O 68 51.36 -33.49 -1.91
N GLN O 69 52.37 -33.02 -1.18
CA GLN O 69 53.73 -33.55 -1.37
C GLN O 69 53.77 -35.06 -1.24
N ARG O 70 53.10 -35.60 -0.24
CA ARG O 70 53.15 -37.03 0.09
C ARG O 70 52.07 -37.84 -0.58
N ASN O 71 51.21 -37.22 -1.38
CA ASN O 71 50.12 -37.91 -2.07
C ASN O 71 49.21 -38.65 -1.08
N CYS O 72 48.84 -37.98 -0.01
CA CYS O 72 47.84 -38.47 0.93
C CYS O 72 46.47 -38.06 0.43
N SER O 73 45.61 -39.05 0.17
CA SER O 73 44.26 -38.74 -0.31
C SER O 73 43.52 -37.85 0.68
N LYS O 74 42.60 -37.04 0.15
CA LYS O 74 41.82 -36.13 0.97
C LYS O 74 41.03 -36.90 2.02
N ASP O 75 40.29 -37.92 1.60
CA ASP O 75 39.60 -38.83 2.50
C ASP O 75 40.43 -40.09 2.67
N GLY O 76 40.28 -40.74 3.82
CA GLY O 76 41.00 -41.95 4.12
C GLY O 76 41.02 -42.22 5.61
N PRO O 77 41.50 -43.40 6.00
CA PRO O 77 41.59 -43.73 7.43
C PRO O 77 42.46 -42.72 8.17
N GLY P 3 90.60 2.49 28.50
CA GLY P 3 90.31 2.63 29.91
C GLY P 3 89.47 1.50 30.49
N GLN P 4 88.40 1.15 29.79
CA GLN P 4 87.48 0.10 30.22
C GLN P 4 87.84 -1.21 29.52
N CYS P 5 86.93 -2.18 29.55
CA CYS P 5 87.16 -3.42 28.83
C CYS P 5 86.99 -3.18 27.34
N ARG P 6 88.00 -3.55 26.55
CA ARG P 6 88.01 -3.25 25.13
C ARG P 6 88.22 -4.51 24.31
N ILE P 7 87.76 -5.65 24.83
CA ILE P 7 87.88 -6.91 24.12
C ILE P 7 87.17 -6.86 22.78
N GLN P 8 86.07 -6.10 22.69
CA GLN P 8 85.31 -6.07 21.45
C GLN P 8 86.15 -5.50 20.31
N LYS P 9 86.99 -4.51 20.61
CA LYS P 9 87.90 -3.99 19.60
C LYS P 9 88.86 -5.07 19.12
N CYS P 10 89.42 -5.85 20.05
CA CYS P 10 90.33 -6.92 19.66
C CYS P 10 89.63 -7.91 18.76
N THR P 11 88.44 -8.31 19.15
CA THR P 11 87.70 -9.29 18.37
C THR P 11 87.35 -8.75 17.00
N THR P 12 86.83 -7.52 16.95
CA THR P 12 86.51 -6.88 15.68
C THR P 12 87.71 -6.88 14.74
N ASP P 13 88.89 -6.49 15.26
CA ASP P 13 90.10 -6.51 14.44
C ASP P 13 90.39 -7.90 13.93
N PHE P 14 90.31 -8.91 14.80
CA PHE P 14 90.61 -10.27 14.39
C PHE P 14 89.64 -10.74 13.31
N VAL P 15 88.35 -10.48 13.51
CA VAL P 15 87.34 -10.89 12.53
C VAL P 15 87.52 -10.13 11.22
N SER P 16 87.77 -8.83 11.30
CA SER P 16 87.99 -8.05 10.08
C SER P 16 89.18 -8.59 9.29
N LEU P 17 90.25 -8.95 10.00
CA LEU P 17 91.49 -9.36 9.38
C LEU P 17 91.41 -10.77 8.78
N THR P 18 90.54 -11.64 9.30
CA THR P 18 90.53 -13.05 8.89
C THR P 18 89.28 -13.48 8.15
N SER P 19 88.25 -12.64 8.06
CA SER P 19 86.96 -13.11 7.55
C SER P 19 87.07 -13.69 6.14
N HIS P 20 87.95 -13.12 5.31
CA HIS P 20 88.13 -13.56 3.94
C HIS P 20 88.95 -14.85 3.83
N LEU P 21 89.69 -15.21 4.87
CA LEU P 21 90.64 -16.30 4.77
C LEU P 21 89.93 -17.61 4.48
N ASN P 22 90.48 -18.37 3.54
CA ASN P 22 89.92 -19.63 3.11
C ASN P 22 91.05 -20.65 2.98
N SER P 23 90.87 -21.80 3.61
CA SER P 23 91.92 -22.82 3.67
C SER P 23 92.30 -23.36 2.30
N ALA P 24 91.54 -23.06 1.24
CA ALA P 24 91.92 -23.50 -0.09
C ALA P 24 93.07 -22.69 -0.69
N VAL P 25 93.40 -21.55 -0.11
CA VAL P 25 94.47 -20.70 -0.62
C VAL P 25 95.75 -20.99 0.15
N ASP P 26 96.89 -20.67 -0.49
CA ASP P 26 98.21 -21.04 0.00
C ASP P 26 98.47 -20.60 1.45
N GLY P 27 98.55 -19.29 1.69
CA GLY P 27 99.02 -18.80 2.97
C GLY P 27 97.98 -18.63 4.05
N PHE P 28 96.92 -19.45 4.03
CA PHE P 28 95.89 -19.37 5.05
C PHE P 28 96.48 -19.44 6.45
N ASP P 29 97.22 -20.51 6.74
CA ASP P 29 97.64 -20.78 8.11
C ASP P 29 98.60 -19.71 8.63
N SER P 30 99.48 -19.18 7.78
CA SER P 30 100.41 -18.15 8.22
C SER P 30 99.67 -16.86 8.54
N GLU P 31 98.83 -16.40 7.61
CA GLU P 31 98.04 -15.20 7.87
C GLU P 31 97.15 -15.37 9.08
N PHE P 32 96.55 -16.55 9.23
CA PHE P 32 95.70 -16.81 10.38
C PHE P 32 96.50 -16.73 11.67
N CYS P 33 97.68 -17.35 11.70
CA CYS P 33 98.50 -17.33 12.90
C CYS P 33 98.97 -15.92 13.23
N LYS P 34 99.28 -15.13 12.21
CA LYS P 34 99.64 -13.74 12.45
C LYS P 34 98.50 -12.99 13.11
N ALA P 35 97.28 -13.15 12.57
CA ALA P 35 96.12 -12.50 13.17
C ALA P 35 95.86 -13.02 14.58
N LEU P 36 96.09 -14.30 14.80
CA LEU P 36 95.87 -14.87 16.13
C LEU P 36 96.82 -14.28 17.15
N ARG P 37 98.10 -14.17 16.77
CA ARG P 37 99.07 -13.58 17.69
C ARG P 37 98.69 -12.14 18.01
N ALA P 38 98.25 -11.38 17.00
CA ALA P 38 97.82 -10.00 17.24
C ALA P 38 96.61 -9.97 18.16
N TYR P 39 95.67 -10.91 17.96
CA TYR P 39 94.50 -11.00 18.80
C TYR P 39 94.88 -11.35 20.23
N ALA P 40 95.76 -12.34 20.40
CA ALA P 40 96.28 -12.67 21.72
C ALA P 40 96.90 -11.43 22.39
N GLY P 41 97.68 -10.66 21.63
CA GLY P 41 98.35 -9.52 22.22
C GLY P 41 97.35 -8.45 22.64
N CYS P 42 96.38 -8.16 21.76
CA CYS P 42 95.37 -7.17 22.07
C CYS P 42 94.56 -7.56 23.30
N THR P 43 94.19 -8.85 23.41
CA THR P 43 93.41 -9.28 24.56
C THR P 43 94.23 -9.21 25.84
N GLN P 44 95.51 -9.58 25.77
CA GLN P 44 96.39 -9.52 26.92
C GLN P 44 96.45 -8.11 27.50
N ARG P 45 96.49 -7.09 26.64
CA ARG P 45 96.67 -5.72 27.10
C ARG P 45 95.43 -5.12 27.75
N THR P 46 94.28 -5.77 27.67
CA THR P 46 93.07 -5.31 28.33
C THR P 46 92.61 -6.29 29.40
N SER P 47 93.53 -7.14 29.89
CA SER P 47 93.15 -8.23 30.79
C SER P 47 92.49 -7.72 32.07
N LYS P 48 93.08 -6.70 32.69
CA LYS P 48 92.61 -6.25 34.00
C LYS P 48 91.22 -5.65 33.91
N ALA P 49 91.02 -4.70 32.99
CA ALA P 49 89.71 -4.06 32.84
C ALA P 49 88.61 -5.09 32.54
N CYS P 50 88.96 -6.19 31.90
CA CYS P 50 87.96 -7.15 31.43
C CYS P 50 87.70 -8.29 32.39
N ARG P 51 88.37 -8.29 33.54
CA ARG P 51 88.19 -9.35 34.52
C ARG P 51 86.71 -9.61 34.79
N GLY P 52 86.31 -10.87 34.66
CA GLY P 52 84.93 -11.28 34.90
C GLY P 52 84.03 -11.23 33.70
N ASN P 53 84.48 -10.64 32.59
CA ASN P 53 83.72 -10.58 31.34
C ASN P 53 83.94 -11.88 30.59
N LEU P 54 82.88 -12.69 30.46
CA LEU P 54 83.04 -14.00 29.83
C LEU P 54 83.49 -13.86 28.38
N VAL P 55 83.10 -12.78 27.70
CA VAL P 55 83.60 -12.54 26.35
C VAL P 55 85.12 -12.47 26.39
N TYR P 56 85.68 -11.74 27.35
CA TYR P 56 87.13 -11.66 27.47
C TYR P 56 87.73 -13.02 27.81
N HIS P 57 87.22 -13.68 28.85
CA HIS P 57 87.90 -14.90 29.27
C HIS P 57 87.81 -15.96 28.20
N SER P 58 86.67 -16.03 27.51
CA SER P 58 86.51 -16.99 26.42
C SER P 58 87.45 -16.68 25.28
N ALA P 59 87.62 -15.40 24.95
CA ALA P 59 88.57 -15.00 23.93
C ALA P 59 89.97 -15.51 24.25
N VAL P 60 90.44 -15.22 25.47
CA VAL P 60 91.78 -15.64 25.88
C VAL P 60 91.96 -17.14 25.70
N LEU P 61 91.01 -17.92 26.19
CA LEU P 61 91.15 -19.37 26.13
C LEU P 61 90.99 -19.87 24.70
N GLY P 62 89.97 -19.37 23.98
CA GLY P 62 89.77 -19.79 22.60
C GLY P 62 90.96 -19.42 21.71
N ILE P 63 91.57 -18.27 21.96
CA ILE P 63 92.77 -17.90 21.21
C ILE P 63 93.89 -18.89 21.48
N SER P 64 94.18 -19.14 22.77
CA SER P 64 95.22 -20.09 23.13
C SER P 64 94.95 -21.46 22.52
N ASP P 65 93.69 -21.89 22.54
CA ASP P 65 93.36 -23.20 21.97
C ASP P 65 93.53 -23.21 20.47
N LEU P 66 93.09 -22.15 19.78
CA LEU P 66 93.27 -22.08 18.33
C LEU P 66 94.74 -22.05 17.95
N MET P 67 95.56 -21.34 18.73
CA MET P 67 96.98 -21.30 18.42
C MET P 67 97.59 -22.68 18.56
N SER P 68 97.15 -23.44 19.56
CA SER P 68 97.58 -24.82 19.68
C SER P 68 97.09 -25.65 18.50
N GLN P 69 95.81 -25.51 18.16
CA GLN P 69 95.23 -26.32 17.08
C GLN P 69 95.90 -26.03 15.74
N ARG P 70 96.13 -24.76 15.42
CA ARG P 70 96.72 -24.38 14.15
C ARG P 70 98.25 -24.32 14.20
N ASN P 71 98.86 -24.70 15.32
CA ASN P 71 100.33 -24.76 15.46
C ASN P 71 100.98 -23.41 15.24
N CYS P 72 100.35 -22.36 15.74
CA CYS P 72 100.94 -21.03 15.67
C CYS P 72 101.94 -20.86 16.80
N SER P 73 103.17 -20.51 16.48
CA SER P 73 104.13 -20.17 17.52
C SER P 73 103.60 -19.01 18.34
N LYS P 74 103.81 -19.06 19.65
CA LYS P 74 103.38 -17.96 20.51
C LYS P 74 104.14 -16.69 20.18
N ASP P 75 105.42 -16.82 19.84
CA ASP P 75 106.21 -15.71 19.34
C ASP P 75 106.34 -15.81 17.83
N GLY P 76 106.26 -14.67 17.16
CA GLY P 76 106.29 -14.61 15.71
C GLY P 76 105.68 -13.32 15.21
N PRO P 77 105.66 -13.13 13.89
CA PRO P 77 105.13 -11.88 13.34
C PRO P 77 103.63 -11.81 13.42
N THR P 78 103.11 -10.60 13.29
CA THR P 78 101.68 -10.35 13.35
C THR P 78 101.17 -9.71 12.06
N PRO Q 5 20.53 -23.62 -32.75
CA PRO Q 5 19.36 -22.76 -32.93
C PRO Q 5 19.59 -21.63 -33.95
N MET Q 6 19.09 -20.40 -33.65
CA MET Q 6 19.19 -19.17 -34.45
C MET Q 6 20.50 -18.44 -34.17
N MET Q 7 21.16 -17.91 -35.24
CA MET Q 7 22.43 -17.18 -35.15
C MET Q 7 22.22 -15.76 -34.53
N PRO Q 8 22.91 -15.43 -33.42
CA PRO Q 8 22.72 -14.10 -32.81
C PRO Q 8 23.16 -12.95 -33.73
N PRO Q 9 22.57 -11.74 -33.58
CA PRO Q 9 23.02 -10.60 -34.41
C PRO Q 9 24.50 -10.23 -34.19
N VAL Q 10 25.13 -9.57 -35.18
CA VAL Q 10 26.54 -9.17 -35.15
C VAL Q 10 26.71 -7.68 -35.42
N GLY Q 11 27.95 -7.19 -35.29
CA GLY Q 11 28.34 -5.81 -35.55
C GLY Q 11 27.47 -4.78 -34.85
N VAL Q 12 27.23 -4.99 -33.55
CA VAL Q 12 26.46 -4.07 -32.70
C VAL Q 12 27.34 -2.83 -32.51
N GLN Q 13 26.78 -1.65 -32.87
CA GLN Q 13 27.49 -0.38 -32.79
C GLN Q 13 26.67 0.72 -32.14
N ALA Q 14 27.29 1.45 -31.21
CA ALA Q 14 26.66 2.54 -30.46
C ALA Q 14 27.10 3.92 -30.97
N SER Q 15 26.16 4.66 -31.57
CA SER Q 15 26.40 6.01 -32.08
C SER Q 15 25.86 7.04 -31.07
N ILE Q 16 26.76 7.81 -30.45
CA ILE Q 16 26.42 8.82 -29.44
C ILE Q 16 25.85 10.06 -30.10
N LEU Q 17 24.64 10.44 -29.70
CA LEU Q 17 23.96 11.60 -30.28
C LEU Q 17 23.86 12.78 -29.35
N SER Q 18 23.74 12.54 -28.02
CA SER Q 18 23.64 13.58 -26.98
C SER Q 18 23.98 13.03 -25.61
N HIS Q 19 23.65 13.77 -24.56
CA HIS Q 19 23.81 13.41 -23.15
C HIS Q 19 22.83 12.31 -22.70
N ASP Q 20 21.76 12.05 -23.49
CA ASP Q 20 20.74 11.07 -23.11
C ASP Q 20 20.33 10.11 -24.23
N THR Q 21 20.96 10.23 -25.40
CA THR Q 21 20.57 9.46 -26.58
C THR Q 21 21.74 8.80 -27.26
N ILE Q 22 21.54 7.52 -27.61
CA ILE Q 22 22.48 6.67 -28.32
C ILE Q 22 21.70 5.82 -29.34
N ARG Q 23 22.14 5.83 -30.62
CA ARG Q 23 21.54 4.99 -31.67
C ARG Q 23 22.33 3.68 -31.75
N ILE Q 24 21.62 2.55 -31.65
CA ILE Q 24 22.19 1.19 -31.77
C ILE Q 24 21.91 0.63 -33.18
N THR Q 25 22.92 0.05 -33.83
CA THR Q 25 22.82 -0.60 -35.14
C THR Q 25 23.52 -1.94 -35.08
N TRP Q 26 23.02 -2.95 -35.84
CA TRP Q 26 23.57 -4.30 -35.89
C TRP Q 26 23.31 -4.96 -37.23
N ALA Q 27 24.08 -6.02 -37.53
CA ALA Q 27 23.91 -6.81 -38.73
C ALA Q 27 23.44 -8.21 -38.36
N ASP Q 28 22.65 -8.83 -39.25
CA ASP Q 28 22.15 -10.20 -39.13
C ASP Q 28 22.77 -10.98 -40.29
N ASN Q 29 23.62 -11.98 -39.97
CA ASN Q 29 24.30 -12.82 -40.99
C ASN Q 29 23.33 -13.75 -41.72
N SER Q 30 22.26 -14.16 -41.03
CA SER Q 30 21.17 -15.00 -41.52
C SER Q 30 20.38 -14.26 -42.61
N LEU Q 31 20.54 -12.93 -42.67
CA LEU Q 31 19.87 -12.02 -43.59
C LEU Q 31 20.65 -11.79 -44.90
N PRO Q 32 19.96 -11.51 -46.02
CA PRO Q 32 20.62 -11.26 -47.32
C PRO Q 32 21.35 -9.91 -47.26
N LYS Q 33 22.21 -9.64 -48.25
CA LYS Q 33 23.00 -8.39 -48.29
C LYS Q 33 22.05 -7.18 -48.25
N HIS Q 34 22.44 -6.18 -47.44
CA HIS Q 34 21.73 -4.91 -47.09
C HIS Q 34 20.74 -5.15 -45.96
N GLN Q 35 20.79 -6.36 -45.37
CA GLN Q 35 19.96 -6.77 -44.21
C GLN Q 35 18.46 -6.63 -44.48
N LYS Q 36 18.00 -6.98 -45.68
CA LYS Q 36 16.53 -6.90 -45.95
C LYS Q 36 15.81 -7.97 -45.12
N ILE Q 37 14.70 -7.60 -44.48
CA ILE Q 37 13.89 -8.51 -43.66
C ILE Q 37 12.70 -8.93 -44.51
N THR Q 38 12.59 -10.23 -44.86
CA THR Q 38 11.52 -10.75 -45.72
C THR Q 38 10.62 -11.78 -45.02
N ASP Q 39 10.68 -11.82 -43.67
CA ASP Q 39 9.94 -12.73 -42.80
C ASP Q 39 9.44 -12.02 -41.52
N SER Q 40 8.73 -12.75 -40.62
CA SER Q 40 8.13 -12.23 -39.38
C SER Q 40 9.10 -12.05 -38.17
N ARG Q 41 10.42 -11.99 -38.44
CA ARG Q 41 11.42 -11.81 -37.38
C ARG Q 41 11.41 -10.44 -36.77
N TYR Q 42 11.73 -10.39 -35.46
CA TYR Q 42 11.86 -9.14 -34.71
C TYR Q 42 13.09 -9.23 -33.81
N TYR Q 43 13.69 -8.07 -33.51
CA TYR Q 43 14.88 -7.98 -32.67
C TYR Q 43 14.55 -7.44 -31.28
N THR Q 44 15.37 -7.80 -30.29
CA THR Q 44 15.24 -7.28 -28.93
C THR Q 44 16.57 -6.65 -28.55
N VAL Q 45 16.56 -5.37 -28.18
CA VAL Q 45 17.74 -4.63 -27.74
C VAL Q 45 17.64 -4.54 -26.21
N ARG Q 46 18.75 -4.83 -25.51
CA ARG Q 46 18.84 -4.70 -24.06
C ARG Q 46 20.00 -3.77 -23.69
N TRP Q 47 19.82 -2.97 -22.62
CA TRP Q 47 20.81 -2.01 -22.14
C TRP Q 47 20.70 -1.75 -20.67
N LYS Q 48 21.83 -1.40 -20.05
CA LYS Q 48 21.99 -1.01 -18.65
C LYS Q 48 23.37 -0.37 -18.45
N THR Q 49 23.57 0.25 -17.30
CA THR Q 49 24.81 0.82 -16.82
C THR Q 49 25.03 0.20 -15.42
N ASN Q 50 26.09 0.58 -14.71
CA ASN Q 50 26.42 0.02 -13.40
C ASN Q 50 26.06 0.90 -12.23
N ILE Q 51 25.36 2.02 -12.52
CA ILE Q 51 24.95 3.04 -11.56
C ILE Q 51 23.42 3.28 -11.63
N PRO Q 52 22.66 3.18 -10.51
CA PRO Q 52 23.09 2.79 -9.15
C PRO Q 52 23.31 1.27 -9.05
N ALA Q 53 23.60 0.73 -7.84
CA ALA Q 53 23.77 -0.72 -7.67
C ALA Q 53 22.53 -1.54 -8.08
N ASN Q 54 22.75 -2.77 -8.55
CA ASN Q 54 21.72 -3.76 -8.88
C ASN Q 54 20.66 -3.35 -9.89
N THR Q 55 21.02 -2.56 -10.92
CA THR Q 55 20.01 -2.23 -11.92
C THR Q 55 19.74 -3.48 -12.77
N LYS Q 56 18.57 -3.49 -13.41
CA LYS Q 56 18.17 -4.56 -14.31
C LYS Q 56 18.28 -3.98 -15.71
N TYR Q 57 18.37 -4.86 -16.70
CA TYR Q 57 18.41 -4.49 -18.11
C TYR Q 57 17.08 -3.89 -18.54
N LYS Q 58 17.13 -2.87 -19.42
CA LYS Q 58 15.96 -2.31 -20.07
C LYS Q 58 15.94 -3.03 -21.42
N ASN Q 59 14.75 -3.29 -21.96
CA ASN Q 59 14.56 -4.01 -23.22
C ASN Q 59 13.65 -3.23 -24.16
N ALA Q 60 13.78 -3.52 -25.47
CA ALA Q 60 12.97 -2.91 -26.52
C ALA Q 60 13.00 -3.78 -27.77
N ASN Q 61 11.81 -3.97 -28.35
CA ASN Q 61 11.70 -4.71 -29.59
C ASN Q 61 11.88 -3.74 -30.75
N ALA Q 62 12.53 -4.23 -31.81
CA ALA Q 62 12.81 -3.45 -33.01
C ALA Q 62 12.38 -4.25 -34.23
N THR Q 63 11.62 -3.60 -35.12
CA THR Q 63 11.11 -4.20 -36.36
C THR Q 63 12.21 -4.35 -37.43
N THR Q 64 13.25 -3.46 -37.39
CA THR Q 64 14.40 -3.41 -38.30
C THR Q 64 15.74 -3.54 -37.57
N LEU Q 65 16.85 -3.28 -38.28
CA LEU Q 65 18.20 -3.42 -37.76
C LEU Q 65 18.85 -2.18 -37.10
N SER Q 66 18.00 -1.37 -36.46
CA SER Q 66 18.43 -0.18 -35.70
C SER Q 66 17.44 0.17 -34.61
N TYR Q 67 17.94 0.81 -33.56
CA TYR Q 67 17.12 1.25 -32.44
C TYR Q 67 17.72 2.49 -31.75
N LEU Q 68 16.88 3.53 -31.55
CA LEU Q 68 17.31 4.74 -30.87
C LEU Q 68 16.96 4.63 -29.39
N VAL Q 69 17.99 4.60 -28.53
CA VAL Q 69 17.85 4.51 -27.07
C VAL Q 69 17.84 5.95 -26.47
N THR Q 70 16.74 6.32 -25.79
CA THR Q 70 16.58 7.65 -25.17
C THR Q 70 16.47 7.57 -23.62
N GLY Q 71 16.41 8.75 -22.97
CA GLY Q 71 16.31 8.90 -21.53
C GLY Q 71 17.47 8.36 -20.70
N LEU Q 72 18.68 8.35 -21.29
CA LEU Q 72 19.91 7.88 -20.63
C LEU Q 72 20.52 8.95 -19.71
N LYS Q 73 21.38 8.55 -18.75
CA LYS Q 73 22.02 9.52 -17.85
C LYS Q 73 23.17 10.21 -18.57
N PRO Q 74 23.48 11.50 -18.31
CA PRO Q 74 24.66 12.13 -18.96
C PRO Q 74 25.99 11.56 -18.45
N ASN Q 75 27.03 11.60 -19.31
CA ASN Q 75 28.39 11.14 -19.03
C ASN Q 75 28.44 9.72 -18.38
N THR Q 76 27.63 8.80 -18.91
CA THR Q 76 27.48 7.44 -18.39
C THR Q 76 27.78 6.39 -19.44
N LEU Q 77 28.50 5.33 -18.99
CA LEU Q 77 28.86 4.21 -19.82
C LEU Q 77 27.77 3.13 -19.72
N TYR Q 78 27.18 2.82 -20.88
CA TYR Q 78 26.12 1.82 -21.06
C TYR Q 78 26.61 0.63 -21.87
N GLU Q 79 26.01 -0.54 -21.63
CA GLU Q 79 26.30 -1.75 -22.40
C GLU Q 79 25.05 -2.09 -23.24
N PHE Q 80 25.25 -2.57 -24.47
CA PHE Q 80 24.18 -2.91 -25.39
C PHE Q 80 24.43 -4.24 -26.10
N SER Q 81 23.38 -5.08 -26.16
CA SER Q 81 23.39 -6.37 -26.87
C SER Q 81 22.03 -6.61 -27.54
N VAL Q 82 22.06 -7.34 -28.68
CA VAL Q 82 20.88 -7.62 -29.50
C VAL Q 82 20.63 -9.13 -29.67
N MET Q 83 19.35 -9.52 -29.83
CA MET Q 83 18.91 -10.89 -30.07
C MET Q 83 17.78 -10.84 -31.10
N VAL Q 84 17.57 -11.94 -31.81
CA VAL Q 84 16.54 -12.07 -32.84
C VAL Q 84 15.57 -13.19 -32.46
N THR Q 85 14.28 -13.01 -32.81
CA THR Q 85 13.20 -13.97 -32.59
C THR Q 85 12.38 -14.07 -33.88
N LYS Q 86 11.83 -15.28 -34.14
CA LYS Q 86 10.97 -15.61 -35.28
C LYS Q 86 9.98 -16.68 -34.80
N GLY Q 87 8.88 -16.21 -34.21
CA GLY Q 87 7.82 -17.05 -33.65
C GLY Q 87 8.30 -17.96 -32.54
N ARG Q 88 8.79 -19.15 -32.93
CA ARG Q 88 9.30 -20.20 -32.06
C ARG Q 88 10.83 -20.11 -31.92
N ARG Q 89 11.53 -19.73 -33.01
CA ARG Q 89 12.99 -19.62 -33.01
C ARG Q 89 13.49 -18.35 -32.30
N SER Q 90 14.50 -18.50 -31.43
CA SER Q 90 15.11 -17.36 -30.75
C SER Q 90 16.61 -17.56 -30.59
N SER Q 91 17.39 -16.52 -30.92
CA SER Q 91 18.84 -16.55 -30.80
C SER Q 91 19.27 -16.13 -29.40
N THR Q 92 20.58 -16.26 -29.11
CA THR Q 92 21.16 -15.80 -27.87
C THR Q 92 21.50 -14.32 -28.04
N TRP Q 93 21.92 -13.67 -26.94
CA TRP Q 93 22.35 -12.28 -26.95
C TRP Q 93 23.71 -12.19 -27.62
N SER Q 94 23.84 -11.21 -28.52
CA SER Q 94 25.05 -10.91 -29.29
C SER Q 94 26.21 -10.51 -28.38
N MET Q 95 27.39 -10.26 -28.99
CA MET Q 95 28.54 -9.75 -28.27
C MET Q 95 28.12 -8.33 -27.84
N THR Q 96 28.51 -7.91 -26.64
CA THR Q 96 28.14 -6.59 -26.17
C THR Q 96 28.99 -5.49 -26.78
N ALA Q 97 28.34 -4.34 -27.00
CA ALA Q 97 28.96 -3.10 -27.45
C ALA Q 97 28.74 -2.07 -26.32
N HIS Q 98 29.65 -1.11 -26.17
CA HIS Q 98 29.55 -0.07 -25.15
C HIS Q 98 29.43 1.31 -25.80
N GLY Q 99 28.87 2.24 -25.05
CA GLY Q 99 28.70 3.63 -25.47
C GLY Q 99 28.52 4.53 -24.28
N ALA Q 100 29.32 5.59 -24.19
CA ALA Q 100 29.24 6.60 -23.12
C ALA Q 100 28.52 7.87 -23.63
N THR Q 101 27.47 8.32 -22.92
CA THR Q 101 26.71 9.52 -23.31
C THR Q 101 27.55 10.80 -23.10
N PHE Q 102 27.19 11.90 -23.80
CA PHE Q 102 27.88 13.19 -23.65
C PHE Q 102 27.59 13.84 -22.29
N GLU Q 103 28.37 14.86 -21.94
CA GLU Q 103 28.15 15.61 -20.69
C GLU Q 103 26.94 16.54 -20.82
N LEU Q 104 26.42 16.95 -19.68
CA LEU Q 104 25.35 17.93 -19.56
C LEU Q 104 25.77 18.83 -18.38
N VAL Q 105 25.29 20.05 -18.34
CA VAL Q 105 25.51 20.99 -17.24
C VAL Q 105 25.08 20.25 -15.92
N PRO Q 106 25.72 20.39 -14.73
CA PRO Q 106 25.17 19.69 -13.55
C PRO Q 106 23.69 20.09 -13.34
N THR Q 107 22.84 19.16 -12.91
CA THR Q 107 21.40 19.45 -12.76
C THR Q 107 20.95 19.42 -11.32
N SER Q 108 21.88 19.19 -10.41
CA SER Q 108 21.56 19.15 -8.99
C SER Q 108 22.66 19.89 -8.20
N PRO Q 109 22.39 20.39 -6.99
CA PRO Q 109 23.42 21.14 -6.27
C PRO Q 109 24.42 20.26 -5.46
N PRO Q 110 25.58 20.86 -4.99
CA PRO Q 110 26.47 20.14 -4.05
C PRO Q 110 25.63 19.76 -2.82
N LYS Q 111 26.01 18.69 -2.13
CA LYS Q 111 25.21 18.21 -1.02
C LYS Q 111 25.92 18.28 0.27
N ASP Q 112 25.20 18.07 1.40
CA ASP Q 112 25.76 17.96 2.75
C ASP Q 112 26.70 19.12 3.15
N VAL Q 113 26.35 20.35 2.74
CA VAL Q 113 27.10 21.57 3.07
C VAL Q 113 27.19 21.70 4.61
N THR Q 114 28.43 21.59 5.10
CA THR Q 114 28.79 21.60 6.51
C THR Q 114 29.82 22.71 6.72
N VAL Q 115 29.57 23.56 7.72
CA VAL Q 115 30.47 24.68 8.05
C VAL Q 115 30.94 24.53 9.49
N VAL Q 116 32.26 24.53 9.72
CA VAL Q 116 32.88 24.38 11.04
C VAL Q 116 33.90 25.47 11.33
N SER Q 117 34.18 25.70 12.61
CA SER Q 117 35.17 26.67 13.04
C SER Q 117 36.52 25.95 13.05
N LYS Q 118 37.57 26.56 12.47
CA LYS Q 118 38.90 25.94 12.49
C LYS Q 118 39.44 25.93 13.93
N GLU Q 119 40.02 24.79 14.35
CA GLU Q 119 40.58 24.59 15.69
C GLU Q 119 41.73 25.59 15.93
N GLY Q 120 41.62 26.36 17.02
CA GLY Q 120 42.60 27.36 17.39
C GLY Q 120 42.55 28.66 16.61
N LYS Q 121 41.74 28.71 15.54
CA LYS Q 121 41.60 29.87 14.64
C LYS Q 121 40.12 30.18 14.46
N PRO Q 122 39.46 30.82 15.47
CA PRO Q 122 38.01 31.05 15.38
C PRO Q 122 37.53 32.06 14.32
N ARG Q 123 38.47 32.80 13.68
CA ARG Q 123 38.13 33.73 12.60
C ARG Q 123 38.22 33.04 11.23
N THR Q 124 38.55 31.75 11.24
CA THR Q 124 38.64 30.87 10.09
C THR Q 124 37.53 29.82 10.17
N ILE Q 125 36.84 29.62 9.04
CA ILE Q 125 35.82 28.59 8.92
C ILE Q 125 36.31 27.58 7.88
N ILE Q 126 35.88 26.34 8.04
CA ILE Q 126 36.14 25.27 7.08
C ILE Q 126 34.77 24.91 6.48
N VAL Q 127 34.65 24.94 5.14
CA VAL Q 127 33.42 24.55 4.43
C VAL Q 127 33.72 23.18 3.85
N ASN Q 128 32.86 22.18 4.16
CA ASN Q 128 32.99 20.82 3.68
C ASN Q 128 31.70 20.42 2.97
N TRP Q 129 31.82 19.72 1.85
CA TRP Q 129 30.64 19.31 1.11
C TRP Q 129 30.82 18.00 0.39
N GLN Q 130 29.76 17.55 -0.29
CA GLN Q 130 29.72 16.35 -1.11
C GLN Q 130 29.35 16.76 -2.52
N PRO Q 131 29.79 16.02 -3.55
CA PRO Q 131 29.44 16.43 -4.93
C PRO Q 131 27.93 16.40 -5.22
N PRO Q 132 27.47 17.07 -6.32
CA PRO Q 132 26.07 16.89 -6.74
C PRO Q 132 25.87 15.43 -7.13
N SER Q 133 24.69 14.87 -6.83
CA SER Q 133 24.38 13.49 -7.22
C SER Q 133 24.23 13.46 -8.75
N GLU Q 134 23.88 14.63 -9.37
CA GLU Q 134 23.76 14.78 -10.83
C GLU Q 134 24.83 15.74 -11.36
N ALA Q 135 26.10 15.31 -11.22
CA ALA Q 135 27.28 16.03 -11.70
C ALA Q 135 27.25 16.10 -13.23
N ASN Q 136 26.79 15.01 -13.92
CA ASN Q 136 26.63 14.92 -15.41
C ASN Q 136 27.91 15.14 -16.22
N GLY Q 137 29.05 14.98 -15.57
CA GLY Q 137 30.36 15.17 -16.17
C GLY Q 137 31.41 15.41 -15.11
N LYS Q 138 32.66 15.48 -15.52
CA LYS Q 138 33.77 15.75 -14.63
C LYS Q 138 33.63 17.18 -14.05
N ILE Q 139 33.53 17.29 -12.73
CA ILE Q 139 33.46 18.55 -12.02
C ILE Q 139 34.82 19.19 -12.12
N THR Q 140 34.86 20.41 -12.70
CA THR Q 140 36.07 21.19 -12.95
C THR Q 140 36.29 22.29 -11.91
N GLY Q 141 35.29 22.52 -11.06
CA GLY Q 141 35.32 23.52 -10.00
C GLY Q 141 34.02 23.63 -9.23
N TYR Q 142 34.07 24.37 -8.14
CA TYR Q 142 32.92 24.73 -7.32
C TYR Q 142 33.02 26.22 -7.07
N ILE Q 143 31.91 26.84 -6.73
CA ILE Q 143 31.90 28.25 -6.34
C ILE Q 143 31.24 28.32 -4.97
N ILE Q 144 31.94 28.85 -3.98
CA ILE Q 144 31.34 29.08 -2.65
C ILE Q 144 30.95 30.57 -2.57
N TYR Q 145 29.68 30.83 -2.22
CA TYR Q 145 29.15 32.18 -2.01
C TYR Q 145 28.89 32.29 -0.52
N TYR Q 146 29.28 33.38 0.09
CA TYR Q 146 29.00 33.62 1.49
C TYR Q 146 28.62 35.07 1.79
N SER Q 147 27.82 35.27 2.82
CA SER Q 147 27.38 36.60 3.23
C SER Q 147 27.03 36.65 4.70
N THR Q 148 27.07 37.87 5.29
CA THR Q 148 26.63 38.15 6.66
C THR Q 148 25.17 38.56 6.56
N ASP Q 149 24.76 38.93 5.35
CA ASP Q 149 23.41 39.31 5.02
C ASP Q 149 22.66 38.19 4.25
N VAL Q 150 21.70 37.58 4.94
CA VAL Q 150 20.83 36.52 4.45
C VAL Q 150 19.90 37.05 3.32
N ASN Q 151 19.59 38.37 3.31
CA ASN Q 151 18.72 38.98 2.30
C ASN Q 151 19.43 39.70 1.18
N ALA Q 152 20.77 39.68 1.19
CA ALA Q 152 21.55 40.31 0.12
C ALA Q 152 21.33 39.59 -1.21
N GLU Q 153 21.28 40.37 -2.29
CA GLU Q 153 21.12 39.83 -3.65
C GLU Q 153 22.39 39.05 -3.99
N ILE Q 154 22.25 37.93 -4.73
CA ILE Q 154 23.35 37.00 -5.06
C ILE Q 154 24.69 37.64 -5.54
N HIS Q 155 24.59 38.70 -6.35
CA HIS Q 155 25.76 39.43 -6.85
C HIS Q 155 26.51 40.20 -5.75
N ASP Q 156 25.88 40.39 -4.58
CA ASP Q 156 26.48 41.09 -3.43
C ASP Q 156 27.18 40.13 -2.43
N TRP Q 157 27.10 38.79 -2.69
CA TRP Q 157 27.70 37.76 -1.85
C TRP Q 157 29.18 37.63 -2.23
N VAL Q 158 30.04 37.32 -1.24
CA VAL Q 158 31.48 37.16 -1.47
C VAL Q 158 31.65 35.85 -2.22
N ILE Q 159 32.43 35.89 -3.32
CA ILE Q 159 32.68 34.72 -4.16
C ILE Q 159 34.03 34.08 -3.83
N GLU Q 160 34.04 32.77 -3.72
CA GLU Q 160 35.22 31.99 -3.41
C GLU Q 160 35.34 30.80 -4.37
N PRO Q 161 35.95 30.99 -5.57
CA PRO Q 161 36.11 29.86 -6.51
C PRO Q 161 37.07 28.81 -5.96
N VAL Q 162 36.83 27.54 -6.31
CA VAL Q 162 37.54 26.38 -5.77
C VAL Q 162 37.69 25.29 -6.85
N VAL Q 163 38.77 24.47 -6.76
CA VAL Q 163 39.02 23.32 -7.66
C VAL Q 163 37.88 22.25 -7.57
N GLY Q 164 37.68 21.47 -8.62
CA GLY Q 164 36.61 20.49 -8.65
C GLY Q 164 36.92 19.14 -8.06
N ASN Q 165 38.20 18.91 -7.77
CA ASN Q 165 38.65 17.64 -7.21
C ASN Q 165 38.90 17.72 -5.69
N ARG Q 166 38.31 18.78 -5.05
CA ARG Q 166 38.39 18.98 -3.60
C ARG Q 166 37.02 19.26 -3.02
N LEU Q 167 36.80 18.80 -1.79
CA LEU Q 167 35.50 18.92 -1.11
C LEU Q 167 35.60 19.62 0.26
N THR Q 168 36.65 20.39 0.46
CA THR Q 168 36.92 21.16 1.66
C THR Q 168 37.61 22.49 1.28
N HIS Q 169 37.25 23.57 1.96
CA HIS Q 169 37.85 24.88 1.71
C HIS Q 169 37.87 25.73 2.96
N GLN Q 170 38.92 26.53 3.14
CA GLN Q 170 39.07 27.39 4.32
C GLN Q 170 38.93 28.87 4.02
N ILE Q 171 38.11 29.59 4.80
CA ILE Q 171 37.91 31.03 4.62
C ILE Q 171 38.35 31.76 5.90
N GLN Q 172 39.35 32.61 5.75
CA GLN Q 172 39.99 33.37 6.81
C GLN Q 172 39.44 34.78 6.97
N GLU Q 173 39.82 35.43 8.09
CA GLU Q 173 39.53 36.86 8.38
C GLU Q 173 38.05 37.16 8.56
N LEU Q 174 37.30 36.23 9.14
CA LEU Q 174 35.88 36.46 9.36
C LEU Q 174 35.64 37.08 10.72
N THR Q 175 34.48 37.69 10.92
CA THR Q 175 34.11 38.33 12.18
C THR Q 175 33.56 37.27 13.16
N LEU Q 176 34.00 37.35 14.42
CA LEU Q 176 33.59 36.46 15.50
C LEU Q 176 32.16 36.78 15.93
N ASP Q 177 31.50 35.80 16.60
CA ASP Q 177 30.11 35.88 17.08
C ASP Q 177 29.12 36.48 16.04
N THR Q 178 29.33 36.11 14.77
CA THR Q 178 28.56 36.60 13.62
C THR Q 178 27.94 35.48 12.77
N PRO Q 179 26.62 35.56 12.50
CA PRO Q 179 26.01 34.60 11.57
C PRO Q 179 26.50 34.80 10.12
N TYR Q 180 26.92 33.71 9.46
CA TYR Q 180 27.33 33.69 8.05
C TYR Q 180 26.42 32.66 7.34
N TYR Q 181 26.18 32.87 6.04
CA TYR Q 181 25.33 32.04 5.17
C TYR Q 181 26.16 31.64 3.99
N PHE Q 182 26.08 30.35 3.62
CA PHE Q 182 26.90 29.70 2.60
C PHE Q 182 26.06 28.99 1.57
N LYS Q 183 26.42 29.16 0.28
CA LYS Q 183 25.81 28.47 -0.86
C LYS Q 183 26.94 27.97 -1.74
N ILE Q 184 26.79 26.81 -2.35
CA ILE Q 184 27.83 26.26 -3.23
C ILE Q 184 27.19 25.84 -4.52
N GLN Q 185 27.92 25.94 -5.63
CA GLN Q 185 27.46 25.41 -6.90
C GLN Q 185 28.59 24.67 -7.61
N ALA Q 186 28.25 23.60 -8.35
CA ALA Q 186 29.28 22.88 -9.09
C ALA Q 186 29.35 23.38 -10.50
N ARG Q 187 30.49 23.12 -11.15
CA ARG Q 187 30.66 23.45 -12.55
C ARG Q 187 31.38 22.36 -13.29
N ASN Q 188 31.03 22.19 -14.55
CA ASN Q 188 31.68 21.22 -15.42
C ASN Q 188 31.97 21.88 -16.80
N SER Q 189 32.47 21.13 -17.79
CA SER Q 189 32.79 21.69 -19.12
C SER Q 189 31.55 22.29 -19.83
N LYS Q 190 30.34 21.93 -19.38
CA LYS Q 190 29.09 22.41 -19.95
C LYS Q 190 28.54 23.67 -19.25
N GLY Q 191 29.04 23.99 -18.06
CA GLY Q 191 28.59 25.16 -17.33
C GLY Q 191 28.27 24.96 -15.86
N MET Q 192 27.51 25.88 -15.29
CA MET Q 192 27.13 25.94 -13.87
C MET Q 192 25.91 25.14 -13.52
N GLY Q 193 26.00 24.42 -12.42
CA GLY Q 193 24.85 23.68 -11.90
C GLY Q 193 24.06 24.56 -10.95
N PRO Q 194 22.98 24.06 -10.34
CA PRO Q 194 22.22 24.92 -9.42
C PRO Q 194 22.96 25.13 -8.11
N MET Q 195 22.55 26.14 -7.37
CA MET Q 195 23.15 26.45 -6.08
C MET Q 195 22.45 25.69 -4.98
N SER Q 196 23.20 25.28 -3.95
CA SER Q 196 22.61 24.63 -2.80
C SER Q 196 21.88 25.70 -1.99
N GLU Q 197 20.86 25.29 -1.23
CA GLU Q 197 20.11 26.23 -0.37
C GLU Q 197 21.02 26.73 0.76
N ALA Q 198 20.99 28.03 1.05
CA ALA Q 198 21.87 28.61 2.05
C ALA Q 198 21.90 27.85 3.37
N VAL Q 199 23.12 27.68 3.91
CA VAL Q 199 23.37 27.04 5.21
C VAL Q 199 23.86 28.16 6.13
N GLN Q 200 23.34 28.24 7.35
CA GLN Q 200 23.78 29.24 8.35
C GLN Q 200 24.83 28.69 9.30
N PHE Q 201 25.87 29.50 9.61
CA PHE Q 201 26.88 29.18 10.61
C PHE Q 201 27.24 30.47 11.36
N ARG Q 202 27.06 30.46 12.68
CA ARG Q 202 27.43 31.59 13.53
C ARG Q 202 28.84 31.32 14.03
N THR Q 203 29.79 32.26 13.79
CA THR Q 203 31.17 32.08 14.22
C THR Q 203 31.23 32.11 15.74
N PRO Q 204 32.23 31.44 16.35
CA PRO Q 204 32.32 31.48 17.83
C PRO Q 204 32.73 32.82 18.42
N LYS Q 205 32.59 32.97 19.76
CA LYS Q 205 33.08 34.16 20.44
C LYS Q 205 34.22 33.75 21.40
N ALA Q 206 34.77 34.71 22.13
CA ALA Q 206 35.88 34.50 23.04
C ALA Q 206 35.35 34.05 24.40
N LEU Q 207 36.11 33.15 25.03
CA LEU Q 207 35.89 32.59 26.35
C LEU Q 207 37.09 33.13 27.17
N GLY Q 208 36.86 34.29 27.84
CA GLY Q 208 37.86 34.99 28.66
C GLY Q 208 38.31 34.15 29.86
N SER Q 209 39.65 34.00 30.04
CA SER Q 209 40.28 33.16 31.07
C SER Q 209 40.68 33.97 32.29
N PRO R 5 122.07 -46.22 44.26
CA PRO R 5 122.76 -45.76 45.47
C PRO R 5 122.49 -46.65 46.70
N MET R 6 122.29 -46.02 47.90
CA MET R 6 122.02 -46.66 49.20
C MET R 6 120.52 -46.93 49.37
N MET R 7 120.17 -48.12 49.92
CA MET R 7 118.78 -48.55 50.16
C MET R 7 118.14 -47.77 51.33
N PRO R 8 117.01 -47.06 51.11
CA PRO R 8 116.38 -46.30 52.21
C PRO R 8 115.91 -47.19 53.36
N PRO R 9 115.84 -46.68 54.61
CA PRO R 9 115.32 -47.50 55.73
C PRO R 9 113.86 -47.94 55.53
N VAL R 10 113.46 -49.04 56.20
CA VAL R 10 112.10 -49.62 56.09
C VAL R 10 111.46 -49.78 57.47
N GLY R 11 110.19 -50.19 57.47
CA GLY R 11 109.40 -50.45 58.68
C GLY R 11 109.44 -49.34 59.71
N VAL R 12 109.22 -48.09 59.24
CA VAL R 12 109.16 -46.90 60.08
C VAL R 12 107.85 -47.00 60.89
N GLN R 13 107.96 -46.95 62.23
CA GLN R 13 106.83 -47.07 63.13
C GLN R 13 106.81 -46.01 64.21
N ALA R 14 105.65 -45.40 64.42
CA ALA R 14 105.44 -44.33 65.41
C ALA R 14 104.71 -44.84 66.66
N SER R 15 105.41 -44.87 67.79
CA SER R 15 104.87 -45.29 69.08
C SER R 15 104.50 -44.04 69.92
N ILE R 16 103.21 -43.83 70.16
CA ILE R 16 102.69 -42.68 70.91
C ILE R 16 102.91 -42.87 72.41
N LEU R 17 103.60 -41.92 73.03
CA LEU R 17 103.92 -42.01 74.45
C LEU R 17 103.17 -41.02 75.30
N SER R 18 102.85 -39.82 74.75
CA SER R 18 102.11 -38.75 75.45
C SER R 18 101.53 -37.75 74.46
N HIS R 19 101.09 -36.59 74.96
CA HIS R 19 100.57 -35.46 74.20
C HIS R 19 101.66 -34.73 73.40
N ASP R 20 102.96 -34.95 73.72
CA ASP R 20 104.06 -34.26 73.05
C ASP R 20 105.21 -35.16 72.62
N THR R 21 105.09 -36.46 72.84
CA THR R 21 106.17 -37.40 72.59
C THR R 21 105.74 -38.61 71.79
N ILE R 22 106.56 -38.95 70.79
CA ILE R 22 106.40 -40.11 69.91
C ILE R 22 107.78 -40.74 69.67
N ARG R 23 107.90 -42.07 69.90
CA ARG R 23 109.15 -42.80 69.61
C ARG R 23 109.06 -43.37 68.18
N ILE R 24 110.07 -43.08 67.36
CA ILE R 24 110.19 -43.58 65.98
C ILE R 24 111.20 -44.74 65.94
N THR R 25 110.84 -45.85 65.26
CA THR R 25 111.70 -47.03 65.07
C THR R 25 111.64 -47.43 63.60
N TRP R 26 112.76 -47.98 63.07
CA TRP R 26 112.87 -48.41 61.67
C TRP R 26 113.88 -49.54 61.51
N ALA R 27 113.78 -50.26 60.40
CA ALA R 27 114.70 -51.33 60.06
C ALA R 27 115.52 -50.94 58.83
N ASP R 28 116.76 -51.42 58.78
CA ASP R 28 117.69 -51.23 57.66
C ASP R 28 117.94 -52.62 57.06
N ASN R 29 117.53 -52.83 55.80
CA ASN R 29 117.69 -54.12 55.09
C ASN R 29 119.15 -54.42 54.77
N SER R 30 119.95 -53.36 54.54
CA SER R 30 121.37 -53.38 54.27
C SER R 30 122.15 -53.91 55.49
N LEU R 31 121.50 -53.89 56.65
CA LEU R 31 122.04 -54.31 57.96
C LEU R 31 121.79 -55.79 58.26
N PRO R 32 122.68 -56.44 59.06
CA PRO R 32 122.53 -57.85 59.41
C PRO R 32 121.36 -58.02 60.40
N LYS R 33 120.93 -59.26 60.65
CA LYS R 33 119.78 -59.54 61.54
C LYS R 33 120.04 -58.92 62.92
N HIS R 34 119.00 -58.29 63.49
CA HIS R 34 118.92 -57.51 64.76
C HIS R 34 119.42 -56.08 64.54
N GLN R 35 119.64 -55.71 63.27
CA GLN R 35 120.05 -54.35 62.84
C GLN R 35 121.34 -53.89 63.53
N LYS R 36 122.33 -54.78 63.70
CA LYS R 36 123.61 -54.32 64.32
C LYS R 36 124.33 -53.38 63.35
N ILE R 37 124.85 -52.27 63.86
CA ILE R 37 125.58 -51.28 63.07
C ILE R 37 127.08 -51.52 63.30
N THR R 38 127.81 -51.91 62.26
CA THR R 38 129.25 -52.23 62.37
C THR R 38 130.15 -51.31 61.53
N ASP R 39 129.60 -50.15 61.11
CA ASP R 39 130.26 -49.13 60.28
C ASP R 39 129.88 -47.70 60.73
N SER R 40 130.43 -46.66 60.05
CA SER R 40 130.24 -45.24 60.38
C SER R 40 128.90 -44.59 59.91
N ARG R 41 127.87 -45.42 59.62
CA ARG R 41 126.58 -44.93 59.16
C ARG R 41 125.78 -44.24 60.25
N TYR R 42 125.00 -43.24 59.83
CA TYR R 42 124.10 -42.50 60.72
C TYR R 42 122.77 -42.28 60.00
N TYR R 43 121.69 -42.17 60.78
CA TYR R 43 120.34 -41.96 60.25
C TYR R 43 119.86 -40.53 60.47
N THR R 44 118.95 -40.07 59.60
CA THR R 44 118.33 -38.75 59.75
C THR R 44 116.82 -38.97 59.79
N VAL R 45 116.18 -38.51 60.86
CA VAL R 45 114.71 -38.58 61.02
C VAL R 45 114.18 -37.17 60.74
N ARG R 46 113.11 -37.10 59.92
CA ARG R 46 112.42 -35.85 59.62
C ARG R 46 110.94 -35.95 59.98
N TRP R 47 110.36 -34.84 60.48
CA TRP R 47 108.95 -34.77 60.90
C TRP R 47 108.38 -33.39 60.77
N LYS R 48 107.06 -33.33 60.56
CA LYS R 48 106.23 -32.12 60.49
C LYS R 48 104.76 -32.52 60.57
N THR R 49 103.90 -31.53 60.76
CA THR R 49 102.45 -31.61 60.74
C THR R 49 101.99 -30.54 59.73
N ASN R 50 100.68 -30.37 59.55
CA ASN R 50 100.14 -29.42 58.56
C ASN R 50 99.63 -28.13 59.16
N ILE R 51 99.86 -27.94 60.48
CA ILE R 51 99.42 -26.81 61.28
C ILE R 51 100.62 -26.15 62.01
N PRO R 52 100.85 -24.82 61.86
CA PRO R 52 100.14 -23.85 61.00
C PRO R 52 100.54 -24.02 59.51
N ALA R 53 100.05 -23.14 58.61
CA ALA R 53 100.43 -23.22 57.19
C ALA R 53 101.96 -23.09 56.97
N ASN R 54 102.45 -23.73 55.90
CA ASN R 54 103.84 -23.67 55.42
C ASN R 54 104.94 -24.03 56.40
N THR R 55 104.72 -25.02 57.29
CA THR R 55 105.80 -25.40 58.18
C THR R 55 106.86 -26.16 57.36
N LYS R 56 108.07 -26.20 57.91
CA LYS R 56 109.19 -26.90 57.32
C LYS R 56 109.40 -28.14 58.18
N TYR R 57 110.06 -29.15 57.63
CA TYR R 57 110.41 -30.38 58.32
C TYR R 57 111.44 -30.08 59.42
N LYS R 58 111.32 -30.77 60.55
CA LYS R 58 112.30 -30.75 61.63
C LYS R 58 113.13 -32.01 61.35
N ASN R 59 114.44 -31.97 61.64
CA ASN R 59 115.38 -33.08 61.38
C ASN R 59 116.16 -33.40 62.64
N ALA R 60 116.68 -34.64 62.70
CA ALA R 60 117.50 -35.15 63.79
C ALA R 60 118.31 -36.34 63.33
N ASN R 61 119.60 -36.34 63.69
CA ASN R 61 120.47 -37.45 63.39
C ASN R 61 120.36 -38.47 64.53
N ALA R 62 120.42 -39.75 64.17
CA ALA R 62 120.33 -40.85 65.11
C ALA R 62 121.49 -41.81 64.87
N THR R 63 122.19 -42.19 65.94
CA THR R 63 123.33 -43.11 65.89
C THR R 63 122.89 -44.57 65.70
N THR R 64 121.66 -44.91 66.15
CA THR R 64 121.04 -46.25 66.08
C THR R 64 119.69 -46.23 65.34
N LEU R 65 118.94 -47.34 65.41
CA LEU R 65 117.67 -47.51 64.69
C LEU R 65 116.39 -47.10 65.43
N SER R 66 116.50 -46.06 66.28
CA SER R 66 115.38 -45.46 67.01
C SER R 66 115.64 -44.02 67.35
N TYR R 67 114.55 -43.24 67.49
CA TYR R 67 114.62 -41.84 67.85
C TYR R 67 113.37 -41.38 68.59
N LEU R 68 113.56 -40.71 69.75
CA LEU R 68 112.45 -40.18 70.51
C LEU R 68 112.21 -38.72 70.12
N VAL R 69 111.04 -38.44 69.54
CA VAL R 69 110.64 -37.09 69.11
C VAL R 69 109.83 -36.42 70.25
N THR R 70 110.33 -35.27 70.76
CA THR R 70 109.68 -34.52 71.85
C THR R 70 109.21 -33.11 71.39
N GLY R 71 108.54 -32.39 72.30
CA GLY R 71 108.01 -31.04 72.07
C GLY R 71 106.95 -30.91 70.98
N LEU R 72 106.17 -31.99 70.75
CA LEU R 72 105.09 -32.01 69.75
C LEU R 72 103.81 -31.36 70.28
N LYS R 73 102.89 -30.96 69.38
CA LYS R 73 101.61 -30.35 69.81
C LYS R 73 100.65 -31.46 70.26
N PRO R 74 99.77 -31.23 71.26
CA PRO R 74 98.78 -32.28 71.63
C PRO R 74 97.71 -32.49 70.55
N ASN R 75 97.17 -33.72 70.49
CA ASN R 75 96.12 -34.15 69.55
C ASN R 75 96.41 -33.74 68.07
N THR R 76 97.66 -33.93 67.64
CA THR R 76 98.14 -33.55 66.32
C THR R 76 98.72 -34.71 65.54
N LEU R 77 98.38 -34.76 64.24
CA LEU R 77 98.87 -35.76 63.32
C LEU R 77 100.17 -35.30 62.67
N TYR R 78 101.24 -36.09 62.90
CA TYR R 78 102.58 -35.86 62.38
C TYR R 78 102.97 -36.91 61.36
N GLU R 79 103.85 -36.55 60.43
CA GLU R 79 104.41 -37.50 59.45
C GLU R 79 105.90 -37.70 59.77
N PHE R 80 106.40 -38.92 59.60
CA PHE R 80 107.78 -39.27 59.89
C PHE R 80 108.38 -40.15 58.79
N SER R 81 109.62 -39.82 58.38
CA SER R 81 110.40 -40.57 57.41
C SER R 81 111.89 -40.57 57.80
N VAL R 82 112.59 -41.66 57.45
CA VAL R 82 114.00 -41.88 57.80
C VAL R 82 114.90 -42.07 56.55
N MET R 83 116.16 -41.66 56.65
CA MET R 83 117.19 -41.81 55.60
C MET R 83 118.49 -42.20 56.30
N VAL R 84 119.40 -42.84 55.55
CA VAL R 84 120.70 -43.29 56.05
C VAL R 84 121.82 -42.62 55.25
N THR R 85 122.94 -42.33 55.91
CA THR R 85 124.14 -41.74 55.34
C THR R 85 125.37 -42.51 55.85
N LYS R 86 126.41 -42.61 55.01
CA LYS R 86 127.69 -43.25 55.30
C LYS R 86 128.76 -42.49 54.50
N GLY R 87 129.26 -41.42 55.12
CA GLY R 87 130.27 -40.52 54.55
C GLY R 87 129.81 -39.86 53.27
N ARG R 88 130.04 -40.56 52.14
CA ARG R 88 129.70 -40.12 50.78
C ARG R 88 128.35 -40.69 50.35
N ARG R 89 128.04 -41.93 50.76
CA ARG R 89 126.79 -42.59 50.39
C ARG R 89 125.57 -42.06 51.19
N SER R 90 124.48 -41.78 50.49
CA SER R 90 123.24 -41.35 51.14
C SER R 90 122.02 -41.91 50.44
N SER R 91 121.08 -42.44 51.23
CA SER R 91 119.84 -43.01 50.69
C SER R 91 118.77 -41.93 50.56
N THR R 92 117.63 -42.29 49.94
CA THR R 92 116.48 -41.40 49.83
C THR R 92 115.67 -41.56 51.12
N TRP R 93 114.63 -40.72 51.27
CA TRP R 93 113.71 -40.77 52.38
C TRP R 93 112.81 -41.98 52.23
N SER R 94 112.64 -42.74 53.31
CA SER R 94 111.81 -43.94 53.41
C SER R 94 110.34 -43.62 53.15
N MET R 95 109.49 -44.68 53.17
CA MET R 95 108.05 -44.51 53.06
C MET R 95 107.66 -43.81 54.37
N THR R 96 106.70 -42.87 54.29
CA THR R 96 106.29 -42.15 55.49
C THR R 96 105.37 -42.97 56.38
N ALA R 97 105.52 -42.75 57.68
CA ALA R 97 104.68 -43.31 58.73
C ALA R 97 104.02 -42.09 59.44
N HIS R 98 102.80 -42.29 59.98
CA HIS R 98 102.08 -41.24 60.68
C HIS R 98 101.86 -41.61 62.13
N GLY R 99 101.66 -40.60 62.95
CA GLY R 99 101.39 -40.75 64.38
C GLY R 99 100.72 -39.51 64.94
N ALA R 100 99.58 -39.70 65.63
CA ALA R 100 98.83 -38.62 66.28
C ALA R 100 99.11 -38.61 67.80
N THR R 101 99.52 -37.45 68.36
CA THR R 101 99.81 -37.33 69.79
C THR R 101 98.51 -37.39 70.62
N PHE R 102 98.63 -37.74 71.92
CA PHE R 102 97.48 -37.79 72.84
C PHE R 102 96.93 -36.39 73.15
N GLU R 103 95.74 -36.33 73.73
CA GLU R 103 95.13 -35.05 74.14
C GLU R 103 95.80 -34.51 75.40
N LEU R 104 95.64 -33.22 75.63
CA LEU R 104 96.08 -32.53 76.84
C LEU R 104 94.90 -31.60 77.19
N VAL R 105 94.79 -31.21 78.46
CA VAL R 105 93.80 -30.24 78.92
C VAL R 105 93.97 -28.96 78.04
N PRO R 106 92.92 -28.18 77.64
CA PRO R 106 93.22 -26.96 76.85
C PRO R 106 94.18 -26.06 77.63
N THR R 107 95.12 -25.37 76.94
CA THR R 107 96.12 -24.56 77.64
C THR R 107 95.96 -23.09 77.36
N SER R 108 94.93 -22.74 76.61
CA SER R 108 94.67 -21.33 76.28
C SER R 108 93.16 -21.07 76.38
N PRO R 109 92.72 -19.82 76.60
CA PRO R 109 91.28 -19.59 76.74
C PRO R 109 90.50 -19.42 75.42
N PRO R 110 89.12 -19.47 75.46
CA PRO R 110 88.31 -19.12 74.26
C PRO R 110 88.68 -17.68 73.87
N LYS R 111 88.54 -17.36 72.57
CA LYS R 111 88.98 -16.06 72.10
C LYS R 111 87.87 -15.25 71.58
N ASP R 112 88.12 -13.95 71.32
CA ASP R 112 87.18 -13.01 70.67
C ASP R 112 85.78 -12.97 71.30
N VAL R 113 85.72 -13.06 72.65
CA VAL R 113 84.49 -12.97 73.43
C VAL R 113 83.76 -11.65 73.10
N THR R 114 82.59 -11.79 72.46
CA THR R 114 81.74 -10.72 71.98
C THR R 114 80.36 -10.88 72.59
N VAL R 115 79.83 -9.80 73.18
CA VAL R 115 78.51 -9.81 73.82
C VAL R 115 77.63 -8.76 73.13
N VAL R 116 76.45 -9.17 72.65
CA VAL R 116 75.50 -8.30 71.96
C VAL R 116 74.09 -8.40 72.54
N SER R 117 73.28 -7.37 72.32
CA SER R 117 71.90 -7.36 72.76
C SER R 117 71.07 -8.04 71.67
N LYS R 118 70.17 -8.96 72.03
CA LYS R 118 69.32 -9.61 71.05
C LYS R 118 68.31 -8.59 70.47
N GLU R 119 68.14 -8.60 69.13
CA GLU R 119 67.23 -7.70 68.41
C GLU R 119 65.79 -7.92 68.89
N GLY R 120 65.14 -6.82 69.32
CA GLY R 120 63.78 -6.84 69.82
C GLY R 120 63.59 -7.38 71.22
N LYS R 121 64.67 -7.94 71.81
CA LYS R 121 64.65 -8.56 73.16
C LYS R 121 65.82 -7.99 73.97
N PRO R 122 65.71 -6.75 74.49
CA PRO R 122 66.87 -6.14 75.18
C PRO R 122 67.25 -6.75 76.53
N ARG R 123 66.42 -7.66 77.08
CA ARG R 123 66.73 -8.36 78.33
C ARG R 123 67.46 -9.70 78.04
N THR R 124 67.71 -9.97 76.77
CA THR R 124 68.44 -11.12 76.25
C THR R 124 69.76 -10.64 75.64
N ILE R 125 70.84 -11.34 75.98
CA ILE R 125 72.14 -11.09 75.40
C ILE R 125 72.55 -12.34 74.61
N ILE R 126 73.35 -12.13 73.59
CA ILE R 126 73.94 -13.20 72.79
C ILE R 126 75.45 -13.13 73.07
N VAL R 127 76.05 -14.27 73.50
CA VAL R 127 77.51 -14.37 73.73
C VAL R 127 78.04 -15.16 72.54
N ASN R 128 79.03 -14.60 71.83
CA ASN R 128 79.68 -15.21 70.69
C ASN R 128 81.18 -15.29 70.93
N TRP R 129 81.78 -16.41 70.56
CA TRP R 129 83.22 -16.57 70.78
C TRP R 129 83.88 -17.42 69.72
N GLN R 130 85.20 -17.58 69.85
CA GLN R 130 86.03 -18.39 68.98
C GLN R 130 86.71 -19.43 69.86
N PRO R 131 87.05 -20.62 69.32
CA PRO R 131 87.70 -21.64 70.17
C PRO R 131 89.07 -21.21 70.73
N PRO R 132 89.60 -21.90 71.77
CA PRO R 132 91.00 -21.64 72.18
C PRO R 132 91.91 -22.05 71.02
N SER R 133 92.99 -21.30 70.82
CA SER R 133 93.97 -21.64 69.77
C SER R 133 94.69 -22.92 70.20
N GLU R 134 94.74 -23.20 71.54
CA GLU R 134 95.34 -24.42 72.11
C GLU R 134 94.27 -25.29 72.79
N ALA R 135 93.32 -25.78 71.96
CA ALA R 135 92.26 -26.67 72.35
C ALA R 135 92.82 -28.00 72.84
N ASN R 136 93.91 -28.51 72.19
CA ASN R 136 94.65 -29.76 72.57
C ASN R 136 93.81 -31.04 72.57
N GLY R 137 92.68 -31.00 71.89
CA GLY R 137 91.75 -32.12 71.80
C GLY R 137 90.38 -31.63 71.39
N LYS R 138 89.47 -32.56 71.17
CA LYS R 138 88.10 -32.26 70.82
C LYS R 138 87.41 -31.53 71.99
N ILE R 139 86.95 -30.31 71.77
CA ILE R 139 86.21 -29.52 72.74
C ILE R 139 84.86 -30.18 72.92
N THR R 140 84.55 -30.57 74.17
CA THR R 140 83.33 -31.28 74.56
C THR R 140 82.30 -30.34 75.20
N GLY R 141 82.72 -29.12 75.49
CA GLY R 141 81.88 -28.08 76.10
C GLY R 141 82.62 -26.80 76.41
N TYR R 142 81.85 -25.79 76.77
CA TYR R 142 82.34 -24.50 77.24
C TYR R 142 81.55 -24.17 78.49
N ILE R 143 82.10 -23.29 79.33
CA ILE R 143 81.37 -22.80 80.50
C ILE R 143 81.37 -21.29 80.41
N ILE R 144 80.19 -20.67 80.39
CA ILE R 144 80.09 -19.21 80.44
C ILE R 144 79.78 -18.80 81.89
N TYR R 145 80.60 -17.89 82.44
CA TYR R 145 80.40 -17.31 83.77
C TYR R 145 80.01 -15.87 83.55
N TYR R 146 79.00 -15.40 84.26
CA TYR R 146 78.59 -14.01 84.17
C TYR R 146 78.21 -13.43 85.53
N SER R 147 78.39 -12.12 85.70
CA SER R 147 78.05 -11.43 86.93
C SER R 147 77.75 -9.96 86.69
N THR R 148 77.01 -9.33 87.62
CA THR R 148 76.73 -7.90 87.64
C THR R 148 77.80 -7.27 88.52
N ASP R 149 78.47 -8.11 89.31
CA ASP R 149 79.57 -7.75 90.19
C ASP R 149 80.93 -8.20 89.61
N VAL R 150 81.71 -7.21 89.18
CA VAL R 150 83.06 -7.35 88.63
C VAL R 150 84.03 -7.88 89.72
N ASN R 151 83.76 -7.60 91.02
CA ASN R 151 84.62 -8.03 92.12
C ASN R 151 84.17 -9.28 92.85
N ALA R 152 83.06 -9.89 92.40
CA ALA R 152 82.56 -11.13 93.01
C ALA R 152 83.55 -12.26 92.79
N GLU R 153 83.70 -13.13 93.80
CA GLU R 153 84.56 -14.30 93.73
C GLU R 153 83.96 -15.26 92.71
N ILE R 154 84.81 -15.97 91.94
CA ILE R 154 84.40 -16.87 90.84
C ILE R 154 83.22 -17.84 91.12
N HIS R 155 83.17 -18.39 92.33
CA HIS R 155 82.10 -19.29 92.76
C HIS R 155 80.75 -18.58 92.92
N ASP R 156 80.74 -17.25 92.97
CA ASP R 156 79.52 -16.44 93.09
C ASP R 156 78.95 -15.97 91.73
N TRP R 157 79.67 -16.30 90.62
CA TRP R 157 79.26 -15.95 89.26
C TRP R 157 78.23 -16.97 88.77
N VAL R 158 77.27 -16.51 87.95
CA VAL R 158 76.23 -17.39 87.39
C VAL R 158 76.91 -18.28 86.36
N ILE R 159 76.67 -19.59 86.44
CA ILE R 159 77.25 -20.58 85.53
C ILE R 159 76.26 -20.97 84.43
N GLU R 160 76.76 -21.01 83.20
CA GLU R 160 75.98 -21.35 82.03
C GLU R 160 76.73 -22.39 81.18
N PRO R 161 76.61 -23.71 81.48
CA PRO R 161 77.30 -24.72 80.65
C PRO R 161 76.73 -24.78 79.25
N VAL R 162 77.56 -25.11 78.26
CA VAL R 162 77.24 -25.07 76.85
C VAL R 162 77.97 -26.21 76.10
N VAL R 163 77.39 -26.70 74.98
CA VAL R 163 77.99 -27.74 74.11
C VAL R 163 79.33 -27.24 73.48
N GLY R 164 80.22 -28.15 73.11
CA GLY R 164 81.53 -27.79 72.58
C GLY R 164 81.58 -27.56 71.10
N ASN R 165 80.51 -27.90 70.40
CA ASN R 165 80.44 -27.75 68.94
C ASN R 165 79.62 -26.51 68.53
N ARG R 166 79.44 -25.57 69.50
CA ARG R 166 78.73 -24.31 69.26
C ARG R 166 79.53 -23.14 69.80
N LEU R 167 79.43 -22.00 69.13
CA LEU R 167 80.19 -20.80 69.46
C LEU R 167 79.31 -19.55 69.69
N THR R 168 78.05 -19.79 70.01
CA THR R 168 77.04 -18.76 70.29
C THR R 168 76.07 -19.28 71.37
N HIS R 169 75.67 -18.39 72.29
CA HIS R 169 74.75 -18.76 73.35
C HIS R 169 73.90 -17.58 73.76
N GLN R 170 72.63 -17.83 74.11
CA GLN R 170 71.70 -16.76 74.53
C GLN R 170 71.33 -16.81 75.99
N ILE R 171 71.42 -15.66 76.69
CA ILE R 171 71.07 -15.58 78.12
C ILE R 171 69.92 -14.59 78.29
N GLN R 172 68.79 -15.09 78.78
CA GLN R 172 67.56 -14.36 78.98
C GLN R 172 67.37 -13.84 80.39
N GLU R 173 66.35 -12.96 80.56
CA GLU R 173 65.91 -12.42 81.85
C GLU R 173 66.94 -11.55 82.57
N LEU R 174 67.72 -10.79 81.79
CA LEU R 174 68.73 -9.93 82.40
C LEU R 174 68.14 -8.55 82.68
N THR R 175 68.79 -7.77 83.54
CA THR R 175 68.35 -6.43 83.90
C THR R 175 68.86 -5.42 82.85
N LEU R 176 67.98 -4.51 82.44
CA LEU R 176 68.26 -3.44 81.47
C LEU R 176 69.16 -2.38 82.11
N ASP R 177 69.85 -1.59 81.25
CA ASP R 177 70.79 -0.52 81.63
C ASP R 177 71.75 -0.92 82.78
N THR R 178 72.23 -2.18 82.73
CA THR R 178 73.10 -2.79 83.73
C THR R 178 74.39 -3.37 83.15
N PRO R 179 75.56 -2.99 83.71
CA PRO R 179 76.81 -3.64 83.29
C PRO R 179 76.89 -5.13 83.69
N TYR R 180 77.23 -6.01 82.76
CA TYR R 180 77.45 -7.45 83.00
C TYR R 180 78.89 -7.77 82.55
N TYR R 181 79.50 -8.78 83.16
CA TYR R 181 80.87 -9.25 82.92
C TYR R 181 80.79 -10.71 82.61
N PHE R 182 81.52 -11.13 81.57
CA PHE R 182 81.51 -12.47 80.99
C PHE R 182 82.88 -13.06 80.90
N LYS R 183 83.01 -14.35 81.28
CA LYS R 183 84.23 -15.15 81.16
C LYS R 183 83.84 -16.51 80.59
N ILE R 184 84.67 -17.09 79.74
CA ILE R 184 84.37 -18.40 79.16
C ILE R 184 85.57 -19.29 79.33
N GLN R 185 85.34 -20.58 79.49
CA GLN R 185 86.43 -21.55 79.51
C GLN R 185 86.06 -22.77 78.66
N ALA R 186 87.07 -23.38 78.00
CA ALA R 186 86.80 -24.58 77.22
C ALA R 186 87.07 -25.81 78.03
N ARG R 187 86.48 -26.93 77.61
CA ARG R 187 86.74 -28.21 78.24
C ARG R 187 86.86 -29.30 77.21
N ASN R 188 87.71 -30.27 77.51
CA ASN R 188 87.90 -31.44 76.66
C ASN R 188 87.93 -32.73 77.55
N SER R 189 88.19 -33.90 76.98
CA SER R 189 88.21 -35.16 77.75
C SER R 189 89.25 -35.16 78.87
N LYS R 190 90.24 -34.25 78.81
CA LYS R 190 91.29 -34.13 79.80
C LYS R 190 90.97 -33.14 80.94
N GLY R 191 89.97 -32.28 80.74
CA GLY R 191 89.58 -31.30 81.75
C GLY R 191 89.38 -29.88 81.27
N MET R 192 89.41 -28.92 82.20
CA MET R 192 89.16 -27.50 81.98
C MET R 192 90.35 -26.71 81.55
N GLY R 193 90.16 -25.86 80.57
CA GLY R 193 91.21 -24.95 80.13
C GLY R 193 91.14 -23.66 80.94
N PRO R 194 92.01 -22.67 80.65
CA PRO R 194 91.94 -21.44 81.42
C PRO R 194 90.75 -20.59 81.01
N MET R 195 90.38 -19.65 81.88
CA MET R 195 89.27 -18.75 81.61
C MET R 195 89.73 -17.54 80.85
N SER R 196 88.88 -17.01 79.95
CA SER R 196 89.20 -15.80 79.24
C SER R 196 89.06 -14.63 80.22
N GLU R 197 89.78 -13.53 79.97
CA GLU R 197 89.68 -12.34 80.83
C GLU R 197 88.30 -11.70 80.68
N ALA R 198 87.68 -11.31 81.79
CA ALA R 198 86.33 -10.77 81.76
C ALA R 198 86.11 -9.69 80.71
N VAL R 199 84.97 -9.79 80.02
CA VAL R 199 84.53 -8.83 79.00
C VAL R 199 83.31 -8.12 79.62
N GLN R 200 83.24 -6.79 79.52
CA GLN R 200 82.08 -6.02 80.02
C GLN R 200 81.07 -5.71 78.91
N PHE R 201 79.77 -5.83 79.24
CA PHE R 201 78.67 -5.44 78.36
C PHE R 201 77.56 -4.82 79.20
N ARG R 202 77.21 -3.57 78.89
CA ARG R 202 76.12 -2.88 79.57
C ARG R 202 74.87 -3.10 78.73
N THR R 203 73.80 -3.66 79.35
CA THR R 203 72.55 -3.92 78.62
C THR R 203 71.90 -2.61 78.23
N PRO R 204 71.11 -2.59 77.12
CA PRO R 204 70.46 -1.33 76.73
C PRO R 204 69.35 -0.85 77.66
N LYS R 205 68.89 0.40 77.48
CA LYS R 205 67.74 0.91 78.21
C LYS R 205 66.59 1.19 77.22
N ALA R 206 65.47 1.69 77.71
CA ALA R 206 64.29 1.96 76.91
C ALA R 206 64.40 3.35 76.30
N LEU R 207 63.88 3.47 75.08
CA LEU R 207 63.78 4.67 74.27
C LEU R 207 62.26 4.91 74.16
N GLY R 208 61.71 5.73 75.10
CA GLY R 208 60.29 6.06 75.20
C GLY R 208 59.79 6.83 73.97
N SER R 209 58.69 6.35 73.35
CA SER R 209 58.11 6.90 72.11
C SER R 209 56.97 7.88 72.39
N PRO S 109 -48.45 -8.56 33.89
CA PRO S 109 -48.32 -7.93 35.22
C PRO S 109 -48.61 -8.88 36.37
N SER S 110 -47.80 -8.83 37.44
CA SER S 110 -47.98 -9.68 38.63
C SER S 110 -48.70 -8.93 39.77
N TYR S 111 -49.56 -9.67 40.51
CA TYR S 111 -50.39 -9.16 41.58
C TYR S 111 -49.96 -9.51 42.99
N LEU S 112 -50.03 -8.50 43.87
CA LEU S 112 -49.75 -8.59 45.30
C LEU S 112 -51.09 -8.52 46.03
N PHE S 113 -51.25 -9.33 47.09
CA PHE S 113 -52.50 -9.40 47.85
C PHE S 113 -52.33 -9.02 49.33
N CYS S 114 -53.27 -8.24 49.84
CA CYS S 114 -53.30 -7.85 51.24
C CYS S 114 -54.63 -8.19 51.88
N GLY S 115 -54.60 -8.67 53.12
CA GLY S 115 -55.80 -9.05 53.87
C GLY S 115 -55.80 -8.68 55.33
N LEU S 116 -56.98 -8.35 55.87
CA LEU S 116 -57.19 -7.97 57.28
C LEU S 116 -58.51 -8.58 57.68
N PHE S 117 -58.50 -9.38 58.74
CA PHE S 117 -59.69 -10.13 59.18
C PHE S 117 -59.56 -10.51 60.64
N GLY S 118 -60.66 -10.94 61.22
CA GLY S 118 -60.72 -11.42 62.62
C GLY S 118 -60.54 -12.94 62.76
N PRO S 120 -56.13 -7.15 64.72
CA PRO S 120 -56.66 -8.31 63.96
C PRO S 120 -55.56 -9.07 63.24
N HIS S 121 -55.95 -10.07 62.43
CA HIS S 121 -54.93 -10.82 61.65
C HIS S 121 -54.63 -10.06 60.36
N LEU S 122 -53.36 -9.98 59.98
CA LEU S 122 -52.94 -9.30 58.76
C LEU S 122 -52.12 -10.22 57.86
N ARG S 123 -52.39 -10.23 56.56
CA ARG S 123 -51.61 -10.96 55.57
C ARG S 123 -51.08 -9.86 54.65
N THR S 124 -49.74 -9.63 54.67
CA THR S 124 -49.09 -8.54 53.91
C THR S 124 -48.87 -8.88 52.43
N PHE S 125 -48.54 -7.86 51.62
CA PHE S 125 -48.23 -8.00 50.20
C PHE S 125 -47.04 -8.94 50.04
N LYS S 126 -46.21 -9.05 51.12
CA LYS S 126 -45.00 -9.89 51.19
C LYS S 126 -45.28 -11.28 51.78
N ASP S 127 -46.59 -11.63 51.93
CA ASP S 127 -47.08 -12.91 52.45
C ASP S 127 -46.64 -13.30 53.85
N ASN S 128 -46.34 -12.29 54.69
CA ASN S 128 -46.03 -12.51 56.10
C ASN S 128 -47.40 -12.43 56.77
N PHE S 129 -47.73 -13.39 57.66
CA PHE S 129 -49.01 -13.39 58.38
C PHE S 129 -48.67 -12.93 59.77
N GLN S 130 -49.43 -11.93 60.26
CA GLN S 130 -49.23 -11.33 61.59
C GLN S 130 -50.53 -11.12 62.38
N THR S 131 -50.42 -11.17 63.71
CA THR S 131 -51.50 -10.82 64.61
C THR S 131 -51.09 -9.55 65.30
N CYS S 132 -51.81 -8.47 64.96
CA CYS S 132 -51.55 -7.12 65.42
C CYS S 132 -52.68 -6.59 66.23
N LYS S 133 -52.34 -5.75 67.24
CA LYS S 133 -53.31 -5.06 68.08
C LYS S 133 -53.77 -3.81 67.28
N VAL S 134 -52.82 -2.97 66.86
CA VAL S 134 -53.11 -1.78 66.05
C VAL S 134 -54.50 -1.09 66.36
N GLU S 135 -54.68 -0.73 67.62
CA GLU S 135 -55.90 -0.11 68.11
C GLU S 135 -56.01 1.30 67.56
N GLY S 136 -57.24 1.70 67.19
CA GLY S 136 -57.54 3.00 66.62
C GLY S 136 -57.40 3.00 65.12
N ALA S 137 -57.14 4.20 64.54
CA ALA S 137 -56.98 4.39 63.09
C ALA S 137 -55.55 4.10 62.63
N TRP S 138 -55.41 3.22 61.62
CA TRP S 138 -54.12 2.79 61.07
C TRP S 138 -54.12 2.70 59.55
N PRO S 139 -53.04 3.15 58.87
CA PRO S 139 -52.98 3.00 57.41
C PRO S 139 -52.54 1.60 56.95
N LEU S 140 -53.37 0.97 56.11
CA LEU S 140 -53.01 -0.30 55.51
C LEU S 140 -52.24 0.02 54.26
N ILE S 141 -52.75 0.97 53.48
CA ILE S 141 -52.14 1.46 52.25
C ILE S 141 -52.14 2.98 52.29
N ASP S 142 -51.01 3.56 51.88
CA ASP S 142 -50.78 4.98 51.83
C ASP S 142 -49.75 5.21 50.73
N ASN S 143 -50.20 5.15 49.47
CA ASN S 143 -49.30 5.28 48.35
C ASN S 143 -49.75 6.36 47.36
N ASN S 144 -49.12 6.41 46.18
CA ASN S 144 -49.42 7.43 45.18
C ASN S 144 -50.80 7.39 44.56
N TYR S 145 -51.48 6.24 44.64
CA TYR S 145 -52.76 5.97 43.99
C TYR S 145 -53.92 5.69 44.93
N LEU S 146 -53.63 5.24 46.13
CA LEU S 146 -54.67 4.77 47.01
C LEU S 146 -54.34 4.96 48.48
N SER S 147 -55.38 5.26 49.26
CA SER S 147 -55.31 5.31 50.72
C SER S 147 -56.31 4.30 51.26
N VAL S 148 -55.85 3.36 52.09
CA VAL S 148 -56.72 2.40 52.77
C VAL S 148 -56.52 2.60 54.29
N GLN S 149 -57.55 3.07 55.00
CA GLN S 149 -57.48 3.37 56.44
C GLN S 149 -58.47 2.55 57.22
N VAL S 150 -58.01 1.89 58.31
CA VAL S 150 -58.91 1.08 59.14
C VAL S 150 -58.93 1.54 60.59
N THR S 151 -60.07 1.30 61.27
CA THR S 151 -60.23 1.51 62.71
C THR S 151 -60.45 0.14 63.34
N ASN S 152 -59.61 -0.17 64.34
CA ASN S 152 -59.66 -1.42 65.09
C ASN S 152 -59.98 -1.14 66.54
N VAL S 153 -60.81 -2.01 67.10
CA VAL S 153 -61.33 -1.89 68.46
C VAL S 153 -61.06 -3.18 69.25
N PRO S 154 -60.63 -3.09 70.54
CA PRO S 154 -60.45 -4.32 71.33
C PRO S 154 -61.80 -5.04 71.40
N VAL S 155 -61.79 -6.36 71.22
CA VAL S 155 -62.97 -7.22 71.19
C VAL S 155 -63.82 -7.09 72.49
N VAL S 156 -63.13 -6.93 73.63
CA VAL S 156 -63.64 -6.63 74.97
C VAL S 156 -62.65 -5.58 75.54
N PRO S 157 -63.06 -4.71 76.49
CA PRO S 157 -62.09 -3.72 77.04
C PRO S 157 -60.85 -4.40 77.69
N GLY S 158 -59.69 -3.82 77.42
CA GLY S 158 -58.40 -4.30 77.92
C GLY S 158 -57.78 -5.44 77.15
N SER S 159 -58.49 -5.98 76.15
CA SER S 159 -58.01 -7.09 75.32
C SER S 159 -56.94 -6.63 74.31
N SER S 160 -55.94 -7.49 74.07
CA SER S 160 -54.92 -7.22 73.04
C SER S 160 -55.48 -7.67 71.66
N ALA S 161 -56.55 -8.50 71.64
CA ALA S 161 -57.23 -8.98 70.44
C ALA S 161 -58.15 -7.86 69.95
N THR S 162 -57.88 -7.38 68.73
CA THR S 162 -58.66 -6.30 68.17
C THR S 162 -59.30 -6.71 66.86
N ALA S 163 -60.36 -5.99 66.45
CA ALA S 163 -61.10 -6.25 65.22
C ALA S 163 -61.56 -4.95 64.60
N THR S 164 -61.83 -5.00 63.30
CA THR S 164 -62.18 -3.86 62.44
C THR S 164 -63.64 -3.40 62.45
N ASN S 165 -63.86 -2.13 62.80
CA ASN S 165 -65.21 -1.57 62.78
C ASN S 165 -65.39 -0.49 61.71
N LYS S 166 -64.31 -0.07 61.02
CA LYS S 166 -64.39 0.94 59.96
C LYS S 166 -63.32 0.73 58.89
N ILE S 167 -63.74 0.84 57.62
CA ILE S 167 -62.85 0.73 56.48
C ILE S 167 -63.06 1.95 55.61
N THR S 168 -62.01 2.76 55.44
CA THR S 168 -62.03 3.91 54.54
C THR S 168 -61.07 3.68 53.37
N ILE S 169 -61.57 3.85 52.14
CA ILE S 169 -60.75 3.74 50.93
C ILE S 169 -60.82 5.05 50.16
N ILE S 170 -59.66 5.66 49.89
CA ILE S 170 -59.56 6.85 49.07
C ILE S 170 -58.92 6.50 47.72
N PHE S 171 -59.71 6.55 46.66
CA PHE S 171 -59.24 6.38 45.30
C PHE S 171 -58.89 7.79 44.85
N LYS S 172 -57.61 8.14 44.93
CA LYS S 172 -57.07 9.45 44.54
C LYS S 172 -57.42 9.83 43.10
N ALA S 173 -57.61 11.14 42.82
CA ALA S 173 -57.96 11.58 41.45
C ALA S 173 -56.94 11.15 40.43
N HIS S 174 -57.43 10.51 39.36
CA HIS S 174 -56.60 10.02 38.26
C HIS S 174 -57.09 10.67 36.99
N HIS S 175 -56.48 11.81 36.62
CA HIS S 175 -56.83 12.63 35.46
C HIS S 175 -57.24 11.81 34.21
N GLY S 176 -58.45 12.07 33.73
CA GLY S 176 -59.03 11.40 32.58
C GLY S 176 -59.70 10.05 32.85
N CYS S 177 -59.65 9.56 34.10
CA CYS S 177 -60.20 8.26 34.48
C CYS S 177 -61.22 8.34 35.58
N THR S 178 -60.85 9.00 36.68
CA THR S 178 -61.70 9.19 37.84
C THR S 178 -61.38 10.47 38.59
N ASP S 179 -62.41 11.05 39.20
CA ASP S 179 -62.26 12.16 40.14
C ASP S 179 -62.00 11.39 41.46
N GLN S 180 -61.63 12.09 42.53
CA GLN S 180 -61.38 11.43 43.80
C GLN S 180 -62.67 10.82 44.36
N LYS S 181 -62.61 9.56 44.75
CA LYS S 181 -63.75 8.88 45.35
C LYS S 181 -63.36 8.31 46.69
N VAL S 182 -64.29 8.39 47.64
CA VAL S 182 -64.09 7.87 48.98
C VAL S 182 -65.18 6.84 49.25
N TYR S 183 -64.75 5.65 49.68
CA TYR S 183 -65.65 4.60 50.13
C TYR S 183 -65.47 4.46 51.63
N GLN S 184 -66.57 4.30 52.33
CA GLN S 184 -66.50 4.02 53.75
C GLN S 184 -67.58 3.04 54.18
N ALA S 185 -67.16 1.94 54.81
CA ALA S 185 -68.05 0.95 55.44
C ALA S 185 -67.75 0.96 56.95
N VAL S 186 -68.79 0.72 57.76
CA VAL S 186 -68.69 0.60 59.21
C VAL S 186 -69.50 -0.63 59.58
N THR S 187 -69.36 -1.12 60.82
CA THR S 187 -70.17 -2.25 61.33
C THR S 187 -71.66 -1.84 61.17
N ASP S 188 -72.45 -2.71 60.53
CA ASP S 188 -73.90 -2.58 60.23
C ASP S 188 -74.24 -1.54 59.16
N ASP S 189 -73.22 -1.07 58.42
CA ASP S 189 -73.39 -0.14 57.31
C ASP S 189 -72.34 -0.37 56.24
N LEU S 190 -72.68 -1.25 55.28
CA LEU S 190 -71.89 -1.60 54.11
C LEU S 190 -72.64 -1.14 52.84
N PRO S 191 -72.52 0.16 52.48
CA PRO S 191 -73.21 0.62 51.26
C PRO S 191 -72.58 0.12 49.96
N ALA S 192 -73.31 0.23 48.86
CA ALA S 192 -72.82 -0.19 47.54
C ALA S 192 -72.53 1.08 46.72
N ALA S 193 -72.00 2.11 47.39
CA ALA S 193 -71.72 3.43 46.81
C ALA S 193 -70.66 4.18 47.61
N PHE S 194 -70.04 5.17 46.94
CA PHE S 194 -69.07 6.09 47.55
C PHE S 194 -69.86 7.07 48.43
N VAL S 195 -69.18 7.78 49.35
CA VAL S 195 -69.81 8.71 50.30
C VAL S 195 -70.72 9.79 49.65
N ASP S 196 -70.48 10.12 48.36
CA ASP S 196 -71.28 11.11 47.60
C ASP S 196 -72.49 10.48 46.89
N GLY S 197 -72.77 9.21 47.19
CA GLY S 197 -73.89 8.45 46.65
C GLY S 197 -73.69 7.85 45.27
N THR S 198 -72.50 8.07 44.66
CA THR S 198 -72.12 7.58 43.32
C THR S 198 -71.62 6.15 43.44
N THR S 199 -71.74 5.39 42.35
CA THR S 199 -71.37 3.98 42.21
C THR S 199 -70.26 3.81 41.16
N SER S 200 -69.80 4.94 40.57
CA SER S 200 -68.73 4.98 39.58
C SER S 200 -67.98 6.32 39.60
N GLY S 201 -66.70 6.28 39.23
CA GLY S 201 -65.82 7.43 39.15
C GLY S 201 -66.06 8.25 37.90
N GLY S 202 -65.78 9.55 37.99
CA GLY S 202 -65.94 10.51 36.91
C GLY S 202 -67.35 10.59 36.34
N ASP S 203 -67.44 10.69 34.99
CA ASP S 203 -68.68 10.79 34.20
C ASP S 203 -69.57 9.53 34.29
N SER S 204 -70.70 9.54 33.57
CA SER S 204 -71.63 8.41 33.47
C SER S 204 -70.99 7.34 32.57
N ASP S 205 -70.25 7.79 31.54
CA ASP S 205 -69.54 6.95 30.57
C ASP S 205 -68.27 6.31 31.16
N ALA S 206 -67.66 6.96 32.19
CA ALA S 206 -66.43 6.52 32.86
C ALA S 206 -66.69 5.38 33.83
N LYS S 207 -66.23 4.18 33.45
CA LYS S 207 -66.40 2.96 34.26
C LYS S 207 -65.05 2.34 34.73
N SER S 208 -63.93 3.14 34.65
CA SER S 208 -62.57 2.79 35.10
C SER S 208 -62.60 2.51 36.62
N LEU S 209 -63.53 3.18 37.35
CA LEU S 209 -63.76 2.97 38.78
C LEU S 209 -65.26 2.68 39.06
N ARG S 210 -65.57 1.50 39.63
CA ARG S 210 -66.95 1.13 39.93
C ARG S 210 -67.10 0.29 41.20
N ILE S 211 -68.32 0.28 41.78
CA ILE S 211 -68.70 -0.52 42.97
C ILE S 211 -69.87 -1.43 42.63
N VAL S 212 -69.75 -2.71 43.02
CA VAL S 212 -70.79 -3.73 42.82
C VAL S 212 -71.11 -4.49 44.10
N GLU S 213 -72.39 -4.78 44.33
CA GLU S 213 -72.89 -5.51 45.51
C GLU S 213 -73.17 -6.96 45.17
N TYR S 219 -70.25 -9.67 49.96
CA TYR S 219 -69.17 -8.73 49.61
C TYR S 219 -69.62 -7.55 48.75
N VAL S 220 -69.04 -6.38 49.01
CA VAL S 220 -69.19 -5.24 48.11
C VAL S 220 -67.81 -5.15 47.48
N GLU S 221 -67.75 -4.93 46.18
CA GLU S 221 -66.46 -4.87 45.53
C GLU S 221 -66.16 -3.61 44.76
N MET S 222 -64.91 -3.15 44.83
CA MET S 222 -64.47 -1.95 44.12
C MET S 222 -63.48 -2.35 43.06
N HIS S 223 -63.80 -2.01 41.82
CA HIS S 223 -62.95 -2.33 40.69
C HIS S 223 -62.35 -1.04 40.16
N ALA S 224 -61.06 -0.83 40.46
CA ALA S 224 -60.29 0.32 40.01
C ALA S 224 -59.38 -0.19 38.89
N ARG S 225 -60.01 -0.47 37.73
CA ARG S 225 -59.35 -1.01 36.50
C ARG S 225 -58.17 -0.17 36.08
N TYR S 226 -58.31 1.17 36.19
CA TYR S 226 -57.28 2.15 35.83
C TYR S 226 -55.91 1.95 36.55
N ILE S 227 -55.94 1.34 37.77
CA ILE S 227 -54.76 0.98 38.57
C ILE S 227 -54.69 -0.54 38.83
N GLY S 228 -55.38 -1.34 38.00
CA GLY S 228 -55.46 -2.82 38.10
C GLY S 228 -55.69 -3.34 39.51
N THR S 229 -56.50 -2.59 40.30
CA THR S 229 -56.76 -2.83 41.72
C THR S 229 -58.18 -3.25 42.03
N THR S 230 -58.31 -4.29 42.86
CA THR S 230 -59.60 -4.77 43.36
C THR S 230 -59.61 -4.71 44.90
N VAL S 231 -60.72 -4.30 45.48
CA VAL S 231 -60.89 -4.18 46.93
C VAL S 231 -62.21 -4.86 47.29
N PHE S 232 -62.16 -5.96 48.09
CA PHE S 232 -63.37 -6.65 48.56
C PHE S 232 -63.60 -6.35 50.04
N VAL S 233 -64.83 -5.96 50.40
CA VAL S 233 -65.17 -5.62 51.79
C VAL S 233 -66.42 -6.42 52.18
N ARG S 234 -66.36 -7.05 53.35
CA ARG S 234 -67.52 -7.74 53.92
C ARG S 234 -67.57 -7.67 55.43
N GLN S 235 -68.76 -7.91 56.00
CA GLN S 235 -68.95 -7.93 57.45
C GLN S 235 -69.12 -9.38 57.86
N VAL S 236 -68.20 -9.88 58.70
CA VAL S 236 -68.25 -11.23 59.27
C VAL S 236 -68.53 -11.00 60.76
N GLY S 237 -69.78 -11.28 61.14
CA GLY S 237 -70.29 -11.08 62.48
C GLY S 237 -70.39 -9.62 62.86
N ARG S 238 -69.64 -9.20 63.91
CA ARG S 238 -69.68 -7.81 64.36
C ARG S 238 -68.58 -6.97 63.78
N TYR S 239 -67.76 -7.58 62.90
CA TYR S 239 -66.58 -6.89 62.36
C TYR S 239 -66.42 -6.99 60.88
N LEU S 240 -65.51 -6.16 60.33
CA LEU S 240 -65.24 -6.08 58.90
C LEU S 240 -63.97 -6.75 58.44
N THR S 241 -64.03 -7.38 57.25
CA THR S 241 -62.86 -8.00 56.62
C THR S 241 -62.57 -7.28 55.30
N LEU S 242 -61.30 -7.36 54.88
CA LEU S 242 -60.79 -6.67 53.71
C LEU S 242 -59.78 -7.52 52.94
N ALA S 243 -59.91 -7.54 51.60
CA ALA S 243 -59.01 -8.23 50.65
C ALA S 243 -58.69 -7.21 49.56
N ILE S 244 -57.39 -7.03 49.26
CA ILE S 244 -56.85 -6.10 48.25
C ILE S 244 -55.92 -6.83 47.28
N ARG S 245 -56.20 -6.68 45.98
CA ARG S 245 -55.36 -7.24 44.91
C ARG S 245 -54.83 -5.99 44.18
N MET S 246 -53.51 -5.83 44.12
CA MET S 246 -52.86 -4.66 43.53
C MET S 246 -51.63 -5.04 42.71
N PRO S 247 -51.38 -4.38 41.54
CA PRO S 247 -50.15 -4.69 40.77
C PRO S 247 -48.90 -4.30 41.55
N GLU S 248 -47.90 -5.20 41.62
CA GLU S 248 -46.65 -5.02 42.36
C GLU S 248 -45.96 -3.66 42.21
N ASP S 249 -45.84 -3.15 40.97
CA ASP S 249 -45.19 -1.85 40.71
C ASP S 249 -45.97 -0.66 41.27
N LEU S 250 -47.31 -0.80 41.36
CA LEU S 250 -48.20 0.22 41.90
C LEU S 250 -48.27 0.11 43.42
N ALA S 251 -48.33 -1.12 43.95
CA ALA S 251 -48.31 -1.41 45.37
C ALA S 251 -47.02 -0.90 46.06
N MET S 252 -45.86 -0.95 45.35
CA MET S 252 -44.57 -0.48 45.87
C MET S 252 -44.19 0.96 45.43
N SER S 253 -45.16 1.68 44.78
CA SER S 253 -44.98 3.05 44.32
C SER S 253 -45.50 4.05 45.36
N TYR S 254 -44.59 4.49 46.25
CA TYR S 254 -44.86 5.43 47.34
C TYR S 254 -43.60 6.24 47.72
N GLU S 255 -43.80 7.44 48.29
CA GLU S 255 -42.73 8.33 48.71
C GLU S 255 -42.13 7.93 50.06
N GLU S 256 -40.86 8.34 50.31
CA GLU S 256 -40.09 8.02 51.52
C GLU S 256 -40.83 8.17 52.85
N SER S 257 -41.60 9.26 53.00
CA SER S 257 -42.40 9.58 54.19
C SER S 257 -43.62 8.65 54.40
N GLN S 258 -44.02 7.89 53.37
CA GLN S 258 -45.15 6.97 53.44
C GLN S 258 -44.71 5.58 53.99
N ASP S 259 -43.88 5.59 55.06
CA ASP S 259 -43.29 4.39 55.65
C ASP S 259 -44.16 3.56 56.59
N LEU S 260 -45.35 4.07 56.97
CA LEU S 260 -46.32 3.32 57.77
C LEU S 260 -47.43 2.85 56.83
N GLN S 261 -47.36 1.56 56.44
CA GLN S 261 -48.30 0.88 55.53
C GLN S 261 -48.33 -0.57 55.91
N LEU S 262 -49.27 -0.97 56.77
CA LEU S 262 -49.41 -2.34 57.25
C LEU S 262 -49.34 -3.42 56.13
N CYS S 263 -49.92 -3.16 54.95
CA CYS S 263 -49.87 -4.06 53.78
C CYS S 263 -48.46 -4.23 53.18
N VAL S 264 -47.63 -3.20 53.28
CA VAL S 264 -46.27 -3.29 52.74
C VAL S 264 -45.31 -3.92 53.79
N ASN S 265 -45.10 -3.22 54.91
CA ASN S 265 -44.13 -3.60 55.95
C ASN S 265 -44.68 -4.35 57.18
N GLY S 266 -45.95 -4.62 57.20
CA GLY S 266 -46.57 -5.28 58.34
C GLY S 266 -46.70 -4.30 59.47
N CYS S 267 -46.93 -4.81 60.67
CA CYS S 267 -47.09 -3.99 61.88
C CYS S 267 -45.79 -3.68 62.56
N PRO S 268 -45.73 -2.52 63.29
CA PRO S 268 -44.58 -2.27 64.17
C PRO S 268 -44.44 -3.47 65.16
N LEU S 269 -43.20 -3.84 65.50
CA LEU S 269 -42.90 -4.95 66.41
C LEU S 269 -43.70 -4.85 67.73
N SER S 270 -43.87 -3.61 68.26
CA SER S 270 -44.59 -3.31 69.50
C SER S 270 -46.10 -3.58 69.41
N GLU S 271 -46.65 -3.67 68.18
CA GLU S 271 -48.07 -3.95 67.92
C GLU S 271 -48.35 -5.47 67.78
N ARG S 272 -47.27 -6.28 67.73
CA ARG S 272 -47.31 -7.76 67.59
C ARG S 272 -46.84 -8.43 68.87
N PRO T 109 -37.98 -63.16 39.34
CA PRO T 109 -36.93 -63.32 40.37
C PRO T 109 -36.08 -62.07 40.55
N SER T 110 -35.77 -61.71 41.82
CA SER T 110 -34.92 -60.54 42.13
C SER T 110 -33.47 -60.93 42.42
N TYR T 111 -32.53 -60.06 41.98
CA TYR T 111 -31.10 -60.26 42.09
C TYR T 111 -30.38 -59.44 43.14
N LEU T 112 -29.46 -60.11 43.86
CA LEU T 112 -28.59 -59.53 44.87
C LEU T 112 -27.18 -59.47 44.26
N PHE T 113 -26.45 -58.37 44.53
CA PHE T 113 -25.11 -58.16 43.99
C PHE T 113 -24.04 -58.02 45.06
N CYS T 114 -22.89 -58.67 44.83
CA CYS T 114 -21.74 -58.60 45.72
C CYS T 114 -20.50 -58.17 44.97
N GLY T 115 -19.68 -57.31 45.57
CA GLY T 115 -18.45 -56.81 44.96
C GLY T 115 -17.27 -56.67 45.90
N LEU T 116 -16.06 -56.91 45.37
CA LEU T 116 -14.79 -56.83 46.12
C LEU T 116 -13.80 -56.22 45.17
N PHE T 117 -13.16 -55.13 45.57
CA PHE T 117 -12.24 -54.36 44.72
C PHE T 117 -11.30 -53.52 45.55
N GLY T 118 -10.26 -53.01 44.91
CA GLY T 118 -9.27 -52.11 45.55
C GLY T 118 -9.60 -50.63 45.37
N PRO T 120 -9.69 -55.10 51.43
CA PRO T 120 -10.17 -54.30 50.29
C PRO T 120 -11.55 -53.72 50.52
N HIS T 121 -12.13 -53.08 49.50
CA HIS T 121 -13.50 -52.55 49.64
C HIS T 121 -14.51 -53.66 49.33
N LEU T 122 -15.57 -53.75 50.12
CA LEU T 122 -16.62 -54.76 49.92
C LEU T 122 -17.99 -54.11 49.80
N ARG T 123 -18.80 -54.55 48.85
CA ARG T 123 -20.19 -54.12 48.68
C ARG T 123 -20.98 -55.41 48.86
N THR T 124 -21.75 -55.51 49.97
CA THR T 124 -22.52 -56.74 50.32
C THR T 124 -23.84 -56.87 49.57
N PHE T 125 -24.43 -58.09 49.62
CA PHE T 125 -25.72 -58.38 49.01
C PHE T 125 -26.79 -57.46 49.60
N LYS T 126 -26.52 -56.94 50.84
CA LYS T 126 -27.40 -56.02 51.60
C LYS T 126 -27.07 -54.54 51.35
N ASP T 127 -26.21 -54.27 50.33
CA ASP T 127 -25.77 -52.93 49.90
C ASP T 127 -25.08 -52.08 50.95
N ASN T 128 -24.41 -52.73 51.93
CA ASN T 128 -23.60 -52.05 52.92
C ASN T 128 -22.22 -52.01 52.26
N PHE T 129 -21.55 -50.83 52.26
CA PHE T 129 -20.20 -50.71 51.70
C PHE T 129 -19.28 -50.67 52.87
N GLN T 130 -18.22 -51.52 52.82
CA GLN T 130 -17.22 -51.63 53.89
C GLN T 130 -15.77 -51.67 53.39
N THR T 131 -14.85 -51.18 54.23
CA THR T 131 -13.43 -51.31 53.99
C THR T 131 -12.90 -52.25 55.04
N CYS T 132 -12.48 -53.43 54.57
CA CYS T 132 -12.03 -54.54 55.39
C CYS T 132 -10.60 -54.86 55.12
N LYS T 133 -9.87 -55.30 56.18
CA LYS T 133 -8.49 -55.75 56.09
C LYS T 133 -8.55 -57.22 55.61
N VAL T 134 -9.29 -58.08 56.33
CA VAL T 134 -9.47 -59.49 55.95
C VAL T 134 -8.22 -60.14 55.22
N GLU T 135 -7.09 -60.09 55.91
CA GLU T 135 -5.84 -60.62 55.40
C GLU T 135 -5.88 -62.14 55.37
N GLY T 136 -5.31 -62.72 54.31
CA GLY T 136 -5.28 -64.16 54.09
C GLY T 136 -6.50 -64.64 53.35
N ALA T 137 -6.85 -65.94 53.53
CA ALA T 137 -8.00 -66.57 52.87
C ALA T 137 -9.30 -66.33 53.64
N TRP T 138 -10.33 -65.83 52.93
CA TRP T 138 -11.63 -65.49 53.50
C TRP T 138 -12.80 -65.90 52.61
N PRO T 139 -13.90 -66.46 53.18
CA PRO T 139 -15.06 -66.79 52.34
C PRO T 139 -15.97 -65.58 52.06
N LEU T 140 -16.21 -65.33 50.77
CA LEU T 140 -17.15 -64.30 50.37
C LEU T 140 -18.51 -64.95 50.34
N ILE T 141 -18.58 -66.14 49.75
CA ILE T 141 -19.79 -66.95 49.64
C ILE T 141 -19.44 -68.37 50.07
N ASP T 142 -20.34 -68.95 50.85
CA ASP T 142 -20.22 -70.30 51.37
C ASP T 142 -21.65 -70.78 51.60
N ASN T 143 -22.32 -71.16 50.52
CA ASN T 143 -23.71 -71.60 50.60
C ASN T 143 -23.94 -72.94 49.98
N ASN T 144 -25.23 -73.34 49.80
CA ASN T 144 -25.57 -74.66 49.27
C ASN T 144 -25.19 -74.92 47.82
N TYR T 145 -24.94 -73.86 47.04
CA TYR T 145 -24.68 -73.92 45.60
C TYR T 145 -23.31 -73.45 45.17
N LEU T 146 -22.68 -72.61 45.97
CA LEU T 146 -21.46 -71.97 45.55
C LEU T 146 -20.52 -71.64 46.69
N SER T 147 -19.22 -71.75 46.41
CA SER T 147 -18.16 -71.32 47.31
C SER T 147 -17.34 -70.28 46.58
N VAL T 148 -17.20 -69.08 47.16
CA VAL T 148 -16.33 -68.01 46.62
C VAL T 148 -15.27 -67.71 47.71
N GLN T 149 -13.99 -68.00 47.44
CA GLN T 149 -12.91 -67.80 48.40
C GLN T 149 -11.87 -66.86 47.86
N VAL T 150 -11.46 -65.86 48.67
CA VAL T 150 -10.44 -64.89 48.24
C VAL T 150 -9.25 -64.84 49.17
N THR T 151 -8.07 -64.50 48.62
CA THR T 151 -6.85 -64.23 49.37
C THR T 151 -6.52 -62.76 49.20
N ASN T 152 -6.35 -62.07 50.35
CA ASN T 152 -6.02 -60.66 50.42
C ASN T 152 -4.67 -60.47 51.07
N VAL T 153 -3.91 -59.54 50.51
CA VAL T 153 -2.53 -59.25 50.93
C VAL T 153 -2.38 -57.76 51.25
N PRO T 154 -1.66 -57.39 52.35
CA PRO T 154 -1.41 -55.96 52.62
C PRO T 154 -0.68 -55.37 51.41
N VAL T 155 -1.09 -54.18 50.97
CA VAL T 155 -0.55 -53.47 49.81
C VAL T 155 0.99 -53.24 49.93
N VAL T 156 1.44 -52.97 51.17
CA VAL T 156 2.82 -52.85 51.61
C VAL T 156 2.85 -53.57 52.99
N PRO T 157 4.00 -54.13 53.45
CA PRO T 157 4.02 -54.79 54.77
C PRO T 157 3.60 -53.86 55.92
N GLY T 158 2.78 -54.41 56.83
CA GLY T 158 2.26 -53.68 57.99
C GLY T 158 1.04 -52.79 57.73
N SER T 159 0.62 -52.68 56.46
CA SER T 159 -0.53 -51.86 56.07
C SER T 159 -1.86 -52.54 56.44
N SER T 160 -2.85 -51.72 56.85
CA SER T 160 -4.20 -52.24 57.12
C SER T 160 -4.99 -52.31 55.78
N ALA T 161 -4.49 -51.61 54.72
CA ALA T 161 -5.08 -51.61 53.38
C ALA T 161 -4.64 -52.89 52.68
N THR T 162 -5.62 -53.71 52.31
CA THR T 162 -5.33 -54.99 51.67
C THR T 162 -6.01 -55.07 50.31
N ALA T 163 -5.51 -55.96 49.45
CA ALA T 163 -6.02 -56.17 48.10
C ALA T 163 -5.93 -57.64 47.73
N THR T 164 -6.75 -58.03 46.75
CA THR T 164 -6.94 -59.41 46.30
C THR T 164 -5.92 -59.96 45.28
N ASN T 165 -5.26 -61.06 45.65
CA ASN T 165 -4.31 -61.71 44.74
C ASN T 165 -4.78 -63.09 44.26
N LYS T 166 -5.89 -63.62 44.82
CA LYS T 166 -6.43 -64.92 44.42
C LYS T 166 -7.94 -64.99 44.57
N ILE T 167 -8.62 -65.53 43.54
CA ILE T 167 -10.05 -65.72 43.56
C ILE T 167 -10.32 -67.18 43.22
N THR T 168 -10.94 -67.92 44.16
CA THR T 168 -11.37 -69.30 43.93
C THR T 168 -12.90 -69.38 43.93
N ILE T 169 -13.48 -69.98 42.89
CA ILE T 169 -14.92 -70.20 42.80
C ILE T 169 -15.19 -71.69 42.64
N ILE T 170 -15.99 -72.27 43.55
CA ILE T 170 -16.42 -73.64 43.48
C ILE T 170 -17.91 -73.70 43.11
N PHE T 171 -18.21 -74.15 41.89
CA PHE T 171 -19.56 -74.39 41.44
C PHE T 171 -19.82 -75.84 41.81
N LYS T 172 -20.49 -76.05 42.94
CA LYS T 172 -20.85 -77.37 43.49
C LYS T 172 -21.64 -78.21 42.49
N ALA T 173 -21.47 -79.55 42.52
CA ALA T 173 -22.17 -80.44 41.58
C ALA T 173 -23.68 -80.29 41.69
N HIS T 174 -24.31 -80.07 40.52
CA HIS T 174 -25.75 -79.90 40.40
C HIS T 174 -26.27 -80.97 39.46
N HIS T 175 -26.69 -82.12 40.03
CA HIS T 175 -27.17 -83.29 39.30
C HIS T 175 -28.03 -82.96 38.06
N GLY T 176 -27.57 -83.45 36.91
CA GLY T 176 -28.22 -83.24 35.62
C GLY T 176 -27.87 -81.94 34.90
N CYS T 177 -27.07 -81.06 35.54
CA CYS T 177 -26.70 -79.76 34.97
C CYS T 177 -25.21 -79.55 34.85
N THR T 178 -24.49 -79.80 35.93
CA THR T 178 -23.04 -79.67 35.98
C THR T 178 -22.42 -80.60 36.99
N ASP T 179 -21.19 -81.02 36.70
CA ASP T 179 -20.36 -81.76 37.65
C ASP T 179 -19.68 -80.59 38.41
N GLN T 180 -18.96 -80.87 39.49
CA GLN T 180 -18.30 -79.82 40.25
C GLN T 180 -17.20 -79.17 39.40
N LYS T 181 -17.20 -77.85 39.34
CA LYS T 181 -16.18 -77.09 38.62
C LYS T 181 -15.52 -76.10 39.54
N VAL T 182 -14.22 -75.94 39.39
CA VAL T 182 -13.45 -74.99 40.16
C VAL T 182 -12.77 -74.02 39.22
N TYR T 183 -12.96 -72.73 39.48
CA TYR T 183 -12.29 -71.66 38.77
C TYR T 183 -11.30 -71.03 39.72
N GLN T 184 -10.11 -70.73 39.23
CA GLN T 184 -9.14 -70.01 40.02
C GLN T 184 -8.36 -69.02 39.18
N ALA T 185 -8.38 -67.75 39.58
CA ALA T 185 -7.54 -66.69 38.99
C ALA T 185 -6.58 -66.19 40.08
N VAL T 186 -5.38 -65.77 39.68
CA VAL T 186 -4.38 -65.19 40.56
C VAL T 186 -3.83 -63.97 39.82
N THR T 187 -3.10 -63.09 40.51
CA THR T 187 -2.44 -61.93 39.88
C THR T 187 -1.54 -62.49 38.75
N ASP T 188 -1.72 -61.93 37.53
CA ASP T 188 -1.00 -62.27 36.27
C ASP T 188 -1.39 -63.62 35.66
N ASP T 189 -2.48 -64.22 36.16
CA ASP T 189 -3.02 -65.47 35.62
C ASP T 189 -4.52 -65.52 35.77
N LEU T 190 -5.21 -65.03 34.72
CA LEU T 190 -6.67 -65.03 34.58
C LEU T 190 -7.05 -65.92 33.40
N PRO T 191 -7.14 -67.25 33.61
CA PRO T 191 -7.53 -68.15 32.50
C PRO T 191 -8.99 -68.03 32.11
N ALA T 192 -9.34 -68.56 30.93
CA ALA T 192 -10.73 -68.56 30.46
C ALA T 192 -11.26 -70.00 30.54
N ALA T 193 -10.88 -70.70 31.61
CA ALA T 193 -11.22 -72.11 31.85
C ALA T 193 -11.12 -72.47 33.31
N PHE T 194 -11.81 -73.58 33.68
CA PHE T 194 -11.77 -74.18 35.02
C PHE T 194 -10.42 -74.88 35.17
N VAL T 195 -10.00 -75.19 36.41
CA VAL T 195 -8.70 -75.81 36.70
C VAL T 195 -8.40 -77.11 35.91
N ASP T 196 -9.45 -77.81 35.44
CA ASP T 196 -9.32 -79.06 34.65
C ASP T 196 -9.22 -78.79 33.14
N GLY T 197 -9.08 -77.52 32.77
CA GLY T 197 -8.94 -77.07 31.38
C GLY T 197 -10.23 -76.94 30.59
N THR T 198 -11.39 -77.26 31.22
CA THR T 198 -12.73 -77.19 30.62
C THR T 198 -13.25 -75.77 30.70
N THR T 199 -14.16 -75.42 29.79
CA THR T 199 -14.78 -74.10 29.63
C THR T 199 -16.30 -74.19 29.85
N SER T 200 -16.81 -75.41 30.15
CA SER T 200 -18.21 -75.68 30.42
C SER T 200 -18.38 -76.88 31.36
N GLY T 201 -19.47 -76.86 32.14
CA GLY T 201 -19.84 -77.90 33.07
C GLY T 201 -20.47 -79.10 32.38
N GLY T 202 -20.31 -80.27 33.00
CA GLY T 202 -20.83 -81.54 32.51
C GLY T 202 -20.35 -81.92 31.11
N ASP T 203 -21.28 -82.46 30.29
CA ASP T 203 -21.08 -82.91 28.90
C ASP T 203 -20.72 -81.76 27.93
N SER T 204 -20.55 -82.10 26.64
CA SER T 204 -20.28 -81.13 25.57
C SER T 204 -21.58 -80.36 25.26
N ASP T 205 -22.73 -81.07 25.37
CA ASP T 205 -24.08 -80.52 25.15
C ASP T 205 -24.56 -79.64 26.31
N ALA T 206 -24.02 -79.86 27.54
CA ALA T 206 -24.38 -79.14 28.76
C ALA T 206 -23.73 -77.77 28.81
N LYS T 207 -24.55 -76.71 28.64
CA LYS T 207 -24.08 -75.32 28.66
C LYS T 207 -24.71 -74.48 29.81
N SER T 208 -25.29 -75.17 30.83
CA SER T 208 -25.88 -74.59 32.05
C SER T 208 -24.77 -73.84 32.82
N LEU T 209 -23.51 -74.31 32.71
CA LEU T 209 -22.33 -73.65 33.29
C LEU T 209 -21.25 -73.42 32.22
N ARG T 210 -20.87 -72.14 31.99
CA ARG T 210 -19.86 -71.80 31.00
C ARG T 210 -18.98 -70.61 31.38
N ILE T 211 -17.78 -70.50 30.77
CA ILE T 211 -16.81 -69.40 30.95
C ILE T 211 -16.53 -68.74 29.60
N VAL T 212 -16.57 -67.40 29.59
CA VAL T 212 -16.28 -66.60 28.40
C VAL T 212 -15.28 -65.48 28.69
N GLU T 213 -14.36 -65.23 27.74
CA GLU T 213 -13.31 -64.20 27.84
C GLU T 213 -13.69 -62.97 27.05
N TYR T 219 -12.48 -58.64 31.35
CA TYR T 219 -13.23 -59.54 32.23
C TYR T 219 -13.35 -60.98 31.70
N VAL T 220 -13.26 -61.94 32.61
CA VAL T 220 -13.60 -63.32 32.28
C VAL T 220 -14.94 -63.51 33.01
N GLU T 221 -15.90 -64.13 32.36
CA GLU T 221 -17.20 -64.28 33.01
C GLU T 221 -17.69 -65.71 33.13
N MET T 222 -18.33 -66.03 34.26
CA MET T 222 -18.89 -67.34 34.51
C MET T 222 -20.40 -67.23 34.57
N HIS T 223 -21.06 -67.98 33.69
CA HIS T 223 -22.51 -67.97 33.63
C HIS T 223 -23.01 -69.31 34.13
N ALA T 224 -23.54 -69.32 35.35
CA ALA T 224 -24.13 -70.49 35.99
C ALA T 224 -25.64 -70.30 35.92
N ARG T 225 -26.19 -70.46 34.69
CA ARG T 225 -27.62 -70.30 34.36
C ARG T 225 -28.52 -71.13 35.27
N TYR T 226 -28.08 -72.37 35.56
CA TYR T 226 -28.78 -73.33 36.41
C TYR T 226 -29.14 -72.78 37.83
N ILE T 227 -28.33 -71.83 38.35
CA ILE T 227 -28.52 -71.14 39.63
C ILE T 227 -28.69 -69.62 39.45
N GLY T 228 -29.06 -69.18 38.22
CA GLY T 228 -29.24 -67.78 37.83
C GLY T 228 -28.14 -66.84 38.32
N THR T 229 -26.89 -67.34 38.34
CA THR T 229 -25.70 -66.68 38.89
C THR T 229 -24.67 -66.29 37.85
N THR T 230 -24.17 -65.05 37.95
CA THR T 230 -23.10 -64.54 37.11
C THR T 230 -21.91 -64.10 38.01
N VAL T 231 -20.69 -64.40 37.58
CA VAL T 231 -19.48 -64.04 38.31
C VAL T 231 -18.52 -63.38 37.32
N PHE T 232 -18.17 -62.10 37.53
CA PHE T 232 -17.21 -61.39 36.67
C PHE T 232 -15.89 -61.21 37.42
N VAL T 233 -14.77 -61.56 36.78
CA VAL T 233 -13.44 -61.45 37.39
C VAL T 233 -12.53 -60.67 36.46
N ARG T 234 -11.82 -59.69 37.00
CA ARG T 234 -10.81 -58.94 36.25
C ARG T 234 -9.62 -58.52 37.09
N GLN T 235 -8.50 -58.21 36.43
CA GLN T 235 -7.30 -57.74 37.10
C GLN T 235 -7.19 -56.25 36.83
N VAL T 236 -7.22 -55.43 37.89
CA VAL T 236 -7.05 -53.98 37.83
C VAL T 236 -5.70 -53.74 38.53
N GLY T 237 -4.70 -53.45 37.70
CA GLY T 237 -3.33 -53.23 38.14
C GLY T 237 -2.68 -54.50 38.66
N ARG T 238 -2.27 -54.49 39.94
CA ARG T 238 -1.62 -55.67 40.54
C ARG T 238 -2.57 -56.56 41.27
N TYR T 239 -3.87 -56.21 41.25
CA TYR T 239 -4.87 -56.93 42.03
C TYR T 239 -6.11 -57.31 41.28
N LEU T 240 -6.92 -58.20 41.89
CA LEU T 240 -8.15 -58.72 41.31
C LEU T 240 -9.43 -58.13 41.85
N THR T 241 -10.41 -57.93 40.96
CA THR T 241 -11.75 -57.45 41.33
C THR T 241 -12.77 -58.54 41.00
N LEU T 242 -13.90 -58.50 41.71
CA LEU T 242 -14.95 -59.49 41.62
C LEU T 242 -16.34 -58.86 41.75
N ALA T 243 -17.28 -59.29 40.87
CA ALA T 243 -18.69 -58.88 40.85
C ALA T 243 -19.50 -60.16 40.73
N ILE T 244 -20.50 -60.33 41.63
CA ILE T 244 -21.41 -61.49 41.70
C ILE T 244 -22.87 -61.04 41.68
N ARG T 245 -23.65 -61.62 40.76
CA ARG T 245 -25.09 -61.39 40.64
C ARG T 245 -25.71 -62.75 40.95
N MET T 246 -26.54 -62.81 42.00
CA MET T 246 -27.14 -64.07 42.47
C MET T 246 -28.63 -63.88 42.86
N PRO T 247 -29.53 -64.86 42.56
CA PRO T 247 -30.94 -64.71 42.98
C PRO T 247 -31.05 -64.74 44.50
N GLU T 248 -31.81 -63.79 45.08
CA GLU T 248 -32.00 -63.61 46.53
C GLU T 248 -32.25 -64.89 47.33
N ASP T 249 -33.16 -65.77 46.85
CA ASP T 249 -33.50 -67.02 47.53
C ASP T 249 -32.33 -68.02 47.57
N LEU T 250 -31.47 -67.96 46.54
CA LEU T 250 -30.30 -68.82 46.44
C LEU T 250 -29.13 -68.23 47.23
N ALA T 251 -28.95 -66.90 47.17
CA ALA T 251 -27.95 -66.16 47.92
C ALA T 251 -28.13 -66.33 49.45
N MET T 252 -29.40 -66.42 49.92
CA MET T 252 -29.73 -66.59 51.35
C MET T 252 -30.00 -68.06 51.76
N SER T 253 -29.73 -69.02 50.82
CA SER T 253 -29.91 -70.46 51.06
C SER T 253 -28.59 -71.09 51.51
N TYR T 254 -28.40 -71.15 52.85
CA TYR T 254 -27.22 -71.70 53.51
C TYR T 254 -27.55 -72.24 54.92
N GLU T 255 -26.75 -73.20 55.40
CA GLU T 255 -26.91 -73.82 56.72
C GLU T 255 -26.36 -72.96 57.85
N GLU T 256 -26.88 -73.17 59.09
CA GLU T 256 -26.52 -72.41 60.29
C GLU T 256 -25.03 -72.17 60.52
N SER T 257 -24.20 -73.21 60.29
CA SER T 257 -22.74 -73.19 60.44
C SER T 257 -22.01 -72.34 59.37
N GLN T 258 -22.70 -72.00 58.27
CA GLN T 258 -22.12 -71.18 57.19
C GLN T 258 -22.27 -69.68 57.49
N ASP T 259 -22.00 -69.28 58.74
CA ASP T 259 -22.16 -67.91 59.22
C ASP T 259 -21.09 -66.88 58.87
N LEU T 260 -19.95 -67.34 58.30
CA LEU T 260 -18.89 -66.45 57.81
C LEU T 260 -19.00 -66.39 56.29
N GLN T 261 -19.60 -65.30 55.78
CA GLN T 261 -19.84 -65.03 54.35
C GLN T 261 -19.85 -63.54 54.16
N LEU T 262 -18.69 -62.95 53.82
CA LEU T 262 -18.51 -61.52 53.63
C LEU T 262 -19.63 -60.86 52.75
N CYS T 263 -20.10 -61.54 51.71
CA CYS T 263 -21.20 -61.07 50.83
C CYS T 263 -22.56 -60.99 51.53
N VAL T 264 -22.80 -61.86 52.51
CA VAL T 264 -24.07 -61.85 53.22
C VAL T 264 -24.01 -60.83 54.40
N ASN T 265 -23.16 -61.12 55.41
CA ASN T 265 -23.06 -60.34 56.65
C ASN T 265 -21.96 -59.27 56.74
N GLY T 266 -21.19 -59.12 55.68
CA GLY T 266 -20.09 -58.18 55.68
C GLY T 266 -18.95 -58.74 56.49
N CYS T 267 -18.00 -57.88 56.86
CA CYS T 267 -16.84 -58.28 57.65
C CYS T 267 -17.06 -58.24 59.12
N PRO T 268 -16.31 -59.10 59.90
CA PRO T 268 -16.32 -58.96 61.36
C PRO T 268 -15.92 -57.51 61.72
N LEU T 269 -16.51 -56.95 62.78
CA LEU T 269 -16.24 -55.57 63.24
C LEU T 269 -14.73 -55.30 63.41
N SER T 270 -13.96 -56.32 63.90
CA SER T 270 -12.52 -56.25 64.14
C SER T 270 -11.70 -56.15 62.84
N GLU T 271 -12.30 -56.50 61.69
CA GLU T 271 -11.67 -56.43 60.36
C GLU T 271 -11.92 -55.07 59.66
N ARG T 272 -12.79 -54.23 60.26
CA ARG T 272 -13.17 -52.90 59.77
C ARG T 272 -12.64 -51.82 60.68
N PRO U 109 -46.75 51.34 -78.43
CA PRO U 109 -46.53 50.68 -79.73
C PRO U 109 -45.08 50.77 -80.21
N SER U 110 -44.55 49.65 -80.77
CA SER U 110 -43.19 49.60 -81.29
C SER U 110 -43.13 49.78 -82.82
N TYR U 111 -42.08 50.47 -83.29
CA TYR U 111 -41.86 50.82 -84.68
C TYR U 111 -40.80 50.04 -85.41
N LEU U 112 -41.14 49.64 -86.65
CA LEU U 112 -40.27 48.95 -87.60
C LEU U 112 -39.86 49.96 -88.68
N PHE U 113 -38.59 49.92 -89.11
CA PHE U 113 -38.07 50.85 -90.11
C PHE U 113 -37.56 50.15 -91.37
N CYS U 114 -37.89 50.73 -92.53
CA CYS U 114 -37.42 50.23 -93.82
C CYS U 114 -36.73 51.34 -94.60
N GLY U 115 -35.64 51.02 -95.28
CA GLY U 115 -34.87 51.96 -96.08
C GLY U 115 -34.34 51.43 -97.40
N LEU U 116 -34.28 52.30 -98.41
CA LEU U 116 -33.79 51.99 -99.77
C LEU U 116 -33.01 53.19 -100.22
N PHE U 117 -31.77 53.00 -100.60
CA PHE U 117 -30.86 54.09 -100.97
C PHE U 117 -29.73 53.58 -101.83
N GLY U 118 -29.01 54.50 -102.45
CA GLY U 118 -27.82 54.20 -103.28
C GLY U 118 -26.50 54.26 -102.51
N PRO U 120 -30.32 48.50 -105.50
CA PRO U 120 -29.77 49.43 -104.50
C PRO U 120 -29.59 48.78 -103.15
N HIS U 121 -29.21 49.56 -102.13
CA HIS U 121 -29.06 49.00 -100.76
C HIS U 121 -30.42 49.00 -100.09
N LEU U 122 -30.75 47.92 -99.37
CA LEU U 122 -32.00 47.80 -98.64
C LEU U 122 -31.77 47.48 -97.17
N ARG U 123 -32.49 48.14 -96.29
CA ARG U 123 -32.47 47.87 -94.84
C ARG U 123 -33.91 47.45 -94.54
N THR U 124 -34.13 46.17 -94.20
CA THR U 124 -35.49 45.61 -93.96
C THR U 124 -36.04 45.92 -92.57
N PHE U 125 -37.36 45.70 -92.38
CA PHE U 125 -38.05 45.88 -91.11
C PHE U 125 -37.40 44.98 -90.06
N LYS U 126 -36.73 43.89 -90.52
CA LYS U 126 -36.03 42.89 -89.68
C LYS U 126 -34.55 43.21 -89.48
N ASP U 127 -34.13 44.44 -89.90
CA ASP U 127 -32.76 44.97 -89.78
C ASP U 127 -31.67 44.18 -90.48
N ASN U 128 -32.04 43.47 -91.56
CA ASN U 128 -31.07 42.76 -92.40
C ASN U 128 -30.72 43.82 -93.45
N PHE U 129 -29.42 44.01 -93.73
CA PHE U 129 -28.96 44.97 -94.76
C PHE U 129 -28.58 44.14 -95.94
N GLN U 130 -29.10 44.51 -97.13
CA GLN U 130 -28.86 43.81 -98.39
C GLN U 130 -28.55 44.73 -99.58
N THR U 131 -27.76 44.21 -100.52
CA THR U 131 -27.50 44.88 -101.78
C THR U 131 -28.17 44.04 -102.84
N CYS U 132 -29.23 44.63 -103.43
CA CYS U 132 -30.10 44.01 -104.41
C CYS U 132 -30.04 44.70 -105.71
N LYS U 133 -30.18 43.92 -106.81
CA LYS U 133 -30.24 44.43 -108.17
C LYS U 133 -31.71 44.89 -108.39
N VAL U 134 -32.68 43.99 -108.18
CA VAL U 134 -34.11 44.31 -108.30
C VAL U 134 -34.45 45.38 -109.41
N GLU U 135 -34.04 45.09 -110.63
CA GLU U 135 -34.24 45.96 -111.77
C GLU U 135 -35.71 45.99 -112.15
N GLY U 136 -36.20 47.18 -112.52
CA GLY U 136 -37.59 47.40 -112.90
C GLY U 136 -38.44 47.73 -111.70
N ALA U 137 -39.77 47.46 -111.80
CA ALA U 137 -40.74 47.75 -110.74
C ALA U 137 -40.80 46.61 -109.72
N TRP U 138 -40.66 46.96 -108.42
CA TRP U 138 -40.66 46.01 -107.31
C TRP U 138 -41.43 46.51 -106.10
N PRO U 139 -42.23 45.63 -105.44
CA PRO U 139 -42.92 46.08 -104.22
C PRO U 139 -42.03 46.05 -102.95
N LEU U 140 -41.96 47.20 -102.28
CA LEU U 140 -41.27 47.29 -101.00
C LEU U 140 -42.26 46.90 -99.94
N ILE U 141 -43.47 47.44 -100.04
CA ILE U 141 -44.59 47.18 -99.15
C ILE U 141 -45.81 46.90 -99.99
N ASP U 142 -46.55 45.88 -99.57
CA ASP U 142 -47.78 45.43 -100.21
C ASP U 142 -48.60 44.78 -99.12
N ASN U 143 -49.25 45.61 -98.30
CA ASN U 143 -50.03 45.10 -97.18
C ASN U 143 -51.45 45.63 -97.16
N ASN U 144 -52.19 45.41 -96.06
CA ASN U 144 -53.59 45.83 -95.96
C ASN U 144 -53.85 47.31 -95.95
N TYR U 145 -52.82 48.12 -95.64
CA TYR U 145 -52.93 49.58 -95.47
C TYR U 145 -52.14 50.40 -96.45
N LEU U 146 -51.10 49.83 -97.02
CA LEU U 146 -50.18 50.60 -97.83
C LEU U 146 -49.51 49.81 -98.93
N SER U 147 -49.29 50.47 -100.07
CA SER U 147 -48.51 49.94 -101.17
C SER U 147 -47.35 50.88 -101.41
N VAL U 148 -46.12 50.36 -101.38
CA VAL U 148 -44.91 51.13 -101.70
C VAL U 148 -44.23 50.41 -102.89
N GLN U 149 -44.18 51.07 -104.06
CA GLN U 149 -43.62 50.49 -105.30
C GLN U 149 -42.48 51.33 -105.81
N VAL U 150 -41.34 50.67 -106.13
CA VAL U 150 -40.16 51.38 -106.65
C VAL U 150 -39.73 50.87 -108.01
N THR U 151 -39.12 51.75 -108.82
CA THR U 151 -38.47 51.41 -110.08
C THR U 151 -36.98 51.66 -109.90
N ASN U 152 -36.18 50.62 -110.21
CA ASN U 152 -34.73 50.64 -110.13
C ASN U 152 -34.13 50.44 -111.49
N VAL U 153 -33.07 51.20 -111.77
CA VAL U 153 -32.39 51.22 -113.05
C VAL U 153 -30.89 50.95 -112.87
N PRO U 154 -30.24 50.12 -113.75
CA PRO U 154 -28.79 49.93 -113.64
C PRO U 154 -28.12 51.30 -113.79
N VAL U 155 -27.13 51.57 -112.94
CA VAL U 155 -26.39 52.85 -112.88
C VAL U 155 -25.74 53.20 -114.25
N VAL U 156 -25.26 52.17 -114.95
CA VAL U 156 -24.73 52.17 -116.32
C VAL U 156 -25.31 50.86 -116.96
N PRO U 157 -25.49 50.80 -118.31
CA PRO U 157 -26.01 49.55 -118.91
C PRO U 157 -25.15 48.31 -118.59
N GLY U 158 -25.82 47.20 -118.27
CA GLY U 158 -25.17 45.93 -117.94
C GLY U 158 -24.67 45.80 -116.51
N SER U 159 -24.78 46.88 -115.71
CA SER U 159 -24.35 46.88 -114.31
C SER U 159 -25.33 46.13 -113.40
N SER U 160 -24.78 45.42 -112.40
CA SER U 160 -25.62 44.75 -111.39
C SER U 160 -26.01 45.78 -110.29
N ALA U 161 -25.29 46.94 -110.22
CA ALA U 161 -25.56 48.04 -109.29
C ALA U 161 -26.73 48.86 -109.85
N THR U 162 -27.82 48.91 -109.07
CA THR U 162 -29.00 49.62 -109.51
C THR U 162 -29.38 50.70 -108.52
N ALA U 163 -30.17 51.68 -108.97
CA ALA U 163 -30.62 52.80 -108.16
C ALA U 163 -32.02 53.20 -108.56
N THR U 164 -32.71 53.87 -107.62
CA THR U 164 -34.12 54.26 -107.71
C THR U 164 -34.45 55.55 -108.50
N ASN U 165 -35.30 55.42 -109.52
CA ASN U 165 -35.72 56.58 -110.29
C ASN U 165 -37.21 56.90 -110.11
N LYS U 166 -37.99 56.03 -109.42
CA LYS U 166 -39.41 56.25 -109.18
C LYS U 166 -39.88 55.64 -107.87
N ILE U 167 -40.65 56.41 -107.10
CA ILE U 167 -41.24 55.96 -105.84
C ILE U 167 -42.73 56.22 -105.92
N THR U 168 -43.53 55.14 -105.84
CA THR U 168 -44.99 55.24 -105.78
C THR U 168 -45.48 54.76 -104.41
N ILE U 169 -46.30 55.57 -103.75
CA ILE U 169 -46.92 55.22 -102.46
C ILE U 169 -48.43 55.30 -102.60
N ILE U 170 -49.13 54.19 -102.30
CA ILE U 170 -50.58 54.14 -102.29
C ILE U 170 -51.07 54.03 -100.84
N PHE U 171 -51.68 55.10 -100.33
CA PHE U 171 -52.32 55.12 -99.03
C PHE U 171 -53.74 54.69 -99.31
N LYS U 172 -54.04 53.41 -99.09
CA LYS U 172 -55.35 52.79 -99.32
C LYS U 172 -56.46 53.51 -98.53
N ALA U 173 -57.70 53.55 -99.08
CA ALA U 173 -58.82 54.22 -98.42
C ALA U 173 -59.07 53.67 -97.02
N HIS U 174 -59.14 54.58 -96.04
CA HIS U 174 -59.37 54.24 -94.65
C HIS U 174 -60.61 54.99 -94.19
N HIS U 175 -61.79 54.32 -94.31
CA HIS U 175 -63.10 54.89 -93.98
C HIS U 175 -63.11 55.78 -92.74
N GLY U 176 -63.55 57.03 -92.95
CA GLY U 176 -63.62 58.06 -91.92
C GLY U 176 -62.35 58.83 -91.65
N CYS U 177 -61.23 58.48 -92.32
CA CYS U 177 -59.93 59.11 -92.12
C CYS U 177 -59.34 59.69 -93.38
N THR U 178 -59.28 58.88 -94.43
CA THR U 178 -58.76 59.29 -95.73
C THR U 178 -59.40 58.51 -96.86
N ASP U 179 -59.50 59.17 -98.02
CA ASP U 179 -59.90 58.53 -99.27
C ASP U 179 -58.53 58.01 -99.78
N GLN U 180 -58.52 57.21 -100.83
CA GLN U 180 -57.27 56.69 -101.36
C GLN U 180 -56.41 57.82 -101.93
N LYS U 181 -55.15 57.88 -101.53
CA LYS U 181 -54.20 58.87 -102.04
C LYS U 181 -52.99 58.19 -102.63
N VAL U 182 -52.50 58.73 -103.72
CA VAL U 182 -51.32 58.22 -104.39
C VAL U 182 -50.28 59.33 -104.45
N TYR U 183 -49.07 59.01 -103.99
CA TYR U 183 -47.92 59.88 -104.09
C TYR U 183 -46.97 59.27 -105.09
N GLN U 184 -46.41 60.10 -105.94
CA GLN U 184 -45.38 59.64 -106.84
C GLN U 184 -44.29 60.68 -107.03
N ALA U 185 -43.04 60.28 -106.78
CA ALA U 185 -41.85 61.09 -107.05
C ALA U 185 -41.01 60.34 -108.10
N VAL U 186 -40.32 61.10 -108.96
CA VAL U 186 -39.41 60.55 -109.98
C VAL U 186 -38.16 61.42 -109.90
N THR U 187 -37.06 60.99 -110.53
CA THR U 187 -35.81 61.77 -110.62
C THR U 187 -36.19 63.14 -111.25
N ASP U 188 -35.81 64.24 -110.58
CA ASP U 188 -36.03 65.66 -110.94
C ASP U 188 -37.48 66.13 -110.80
N ASP U 189 -38.32 65.33 -110.12
CA ASP U 189 -39.71 65.68 -109.83
C ASP U 189 -40.15 65.08 -108.51
N LEU U 190 -39.96 65.86 -107.43
CA LEU U 190 -40.36 65.55 -106.07
C LEU U 190 -41.43 66.56 -105.61
N PRO U 191 -42.71 66.33 -105.98
CA PRO U 191 -43.75 67.29 -105.55
C PRO U 191 -44.08 67.20 -104.07
N ALA U 192 -44.78 68.21 -103.54
CA ALA U 192 -45.19 68.23 -102.14
C ALA U 192 -46.70 68.00 -102.09
N ALA U 193 -47.20 67.11 -102.95
CA ALA U 193 -48.61 66.80 -103.12
C ALA U 193 -48.82 65.43 -103.74
N PHE U 194 -50.04 64.88 -103.55
CA PHE U 194 -50.49 63.63 -104.14
C PHE U 194 -50.78 63.90 -105.63
N VAL U 195 -50.86 62.87 -106.46
CA VAL U 195 -51.09 62.99 -107.91
C VAL U 195 -52.32 63.84 -108.33
N ASP U 196 -53.31 63.97 -107.42
CA ASP U 196 -54.54 64.77 -107.66
C ASP U 196 -54.38 66.24 -107.24
N GLY U 197 -53.14 66.62 -106.87
CA GLY U 197 -52.78 67.98 -106.46
C GLY U 197 -53.08 68.34 -105.02
N THR U 198 -53.65 67.38 -104.24
CA THR U 198 -54.00 67.54 -102.82
C THR U 198 -52.77 67.29 -101.96
N THR U 199 -52.76 67.88 -100.76
CA THR U 199 -51.68 67.82 -99.77
C THR U 199 -52.16 67.15 -98.48
N SER U 200 -53.44 66.71 -98.46
CA SER U 200 -54.07 66.03 -97.34
C SER U 200 -55.19 65.08 -97.80
N GLY U 201 -55.39 64.01 -97.04
CA GLY U 201 -56.43 63.02 -97.27
C GLY U 201 -57.80 63.48 -96.84
N GLY U 202 -58.84 62.97 -97.50
CA GLY U 202 -60.24 63.29 -97.24
C GLY U 202 -60.57 64.76 -97.36
N ASP U 203 -61.41 65.26 -96.42
CA ASP U 203 -61.90 66.64 -96.32
C ASP U 203 -60.78 67.66 -96.04
N SER U 204 -61.16 68.96 -95.91
CA SER U 204 -60.24 70.04 -95.56
C SER U 204 -59.89 69.93 -94.07
N ASP U 205 -60.86 69.48 -93.25
CA ASP U 205 -60.73 69.27 -91.80
C ASP U 205 -59.92 68.02 -91.46
N ALA U 206 -59.90 67.02 -92.38
CA ALA U 206 -59.20 65.74 -92.21
C ALA U 206 -57.70 65.87 -92.42
N LYS U 207 -56.93 65.77 -91.33
CA LYS U 207 -55.47 65.89 -91.36
C LYS U 207 -54.74 64.60 -90.89
N SER U 208 -55.48 63.45 -90.87
CA SER U 208 -54.97 62.10 -90.53
C SER U 208 -53.90 61.69 -91.55
N LEU U 209 -54.01 62.19 -92.80
CA LEU U 209 -53.01 62.00 -93.86
C LEU U 209 -52.58 63.36 -94.45
N ARG U 210 -51.28 63.68 -94.37
CA ARG U 210 -50.75 64.94 -94.90
C ARG U 210 -49.34 64.82 -95.49
N ILE U 211 -48.96 65.79 -96.37
CA ILE U 211 -47.61 65.90 -96.99
C ILE U 211 -47.02 67.26 -96.66
N VAL U 212 -45.75 67.25 -96.22
CA VAL U 212 -44.99 68.47 -95.91
C VAL U 212 -43.63 68.49 -96.59
N GLU U 213 -43.21 69.67 -97.08
CA GLU U 213 -41.93 69.90 -97.76
C GLU U 213 -40.91 70.53 -96.83
N TYR U 219 -36.08 66.77 -97.99
CA TYR U 219 -37.09 65.70 -97.83
C TYR U 219 -38.53 66.18 -97.97
N VAL U 220 -39.37 65.35 -98.59
CA VAL U 220 -40.81 65.58 -98.57
C VAL U 220 -41.28 64.47 -97.63
N GLU U 221 -42.21 64.79 -96.73
CA GLU U 221 -42.66 63.78 -95.80
C GLU U 221 -44.15 63.52 -95.79
N MET U 222 -44.53 62.25 -95.63
CA MET U 222 -45.93 61.85 -95.56
C MET U 222 -46.23 61.33 -94.18
N HIS U 223 -47.20 61.97 -93.53
CA HIS U 223 -47.59 61.58 -92.19
C HIS U 223 -48.98 60.96 -92.25
N ALA U 224 -49.03 59.63 -92.14
CA ALA U 224 -50.25 58.85 -92.13
C ALA U 224 -50.50 58.45 -90.68
N ARG U 225 -50.89 59.45 -89.85
CA ARG U 225 -51.17 59.33 -88.40
C ARG U 225 -52.13 58.21 -88.10
N TYR U 226 -53.18 58.06 -88.94
CA TYR U 226 -54.22 57.04 -88.82
C TYR U 226 -53.69 55.58 -88.77
N ILE U 227 -52.51 55.33 -89.39
CA ILE U 227 -51.79 54.04 -89.39
C ILE U 227 -50.39 54.16 -88.75
N GLY U 228 -50.17 55.21 -87.93
CA GLY U 228 -48.90 55.50 -87.25
C GLY U 228 -47.68 55.37 -88.13
N THR U 229 -47.81 55.75 -89.42
CA THR U 229 -46.81 55.59 -90.47
C THR U 229 -46.23 56.88 -91.00
N THR U 230 -44.90 56.93 -91.12
CA THR U 230 -44.18 58.06 -91.71
C THR U 230 -43.38 57.58 -92.93
N VAL U 231 -43.36 58.34 -94.00
CA VAL U 231 -42.62 58.03 -95.22
C VAL U 231 -41.81 59.26 -95.62
N PHE U 232 -40.46 59.16 -95.62
CA PHE U 232 -39.59 60.27 -96.05
C PHE U 232 -39.00 59.95 -97.42
N VAL U 233 -39.08 60.92 -98.35
CA VAL U 233 -38.56 60.74 -99.72
C VAL U 233 -37.64 61.91 -100.05
N ARG U 234 -36.46 61.61 -100.57
CA ARG U 234 -35.53 62.63 -101.06
C ARG U 234 -34.74 62.18 -102.27
N GLN U 235 -34.18 63.16 -103.01
CA GLN U 235 -33.35 62.88 -104.17
C GLN U 235 -31.92 63.17 -103.76
N VAL U 236 -31.05 62.14 -103.81
CA VAL U 236 -29.62 62.23 -103.55
C VAL U 236 -28.96 62.00 -104.91
N GLY U 237 -28.48 63.09 -105.50
CA GLY U 237 -27.86 63.09 -106.82
C GLY U 237 -28.86 62.81 -107.92
N ARG U 238 -28.64 61.71 -108.67
CA ARG U 238 -29.53 61.36 -109.78
C ARG U 238 -30.59 60.37 -109.38
N TYR U 239 -30.60 59.98 -108.09
CA TYR U 239 -31.51 58.95 -107.61
C TYR U 239 -32.27 59.27 -106.37
N LEU U 240 -33.30 58.45 -106.07
CA LEU U 240 -34.18 58.63 -104.93
C LEU U 240 -33.93 57.71 -103.75
N THR U 241 -34.06 58.26 -102.54
CA THR U 241 -33.96 57.48 -101.30
C THR U 241 -35.29 57.50 -100.57
N LEU U 242 -35.52 56.47 -99.75
CA LEU U 242 -36.76 56.24 -99.04
C LEU U 242 -36.52 55.69 -97.63
N ALA U 243 -37.25 56.24 -96.64
CA ALA U 243 -37.25 55.83 -95.23
C ALA U 243 -38.72 55.69 -94.81
N ILE U 244 -39.07 54.53 -94.22
CA ILE U 244 -40.43 54.19 -93.76
C ILE U 244 -40.40 53.77 -92.28
N ARG U 245 -41.24 54.39 -91.46
CA ARG U 245 -41.42 54.06 -90.04
C ARG U 245 -42.87 53.58 -89.96
N MET U 246 -43.08 52.33 -89.53
CA MET U 246 -44.40 51.72 -89.48
C MET U 246 -44.59 50.88 -88.20
N PRO U 247 -45.80 50.90 -87.56
CA PRO U 247 -46.02 50.06 -86.37
C PRO U 247 -45.95 48.58 -86.73
N GLU U 248 -45.20 47.78 -85.93
CA GLU U 248 -44.97 46.35 -86.14
C GLU U 248 -46.20 45.52 -86.51
N ASP U 249 -47.32 45.70 -85.79
CA ASP U 249 -48.57 44.95 -86.04
C ASP U 249 -49.20 45.29 -87.40
N LEU U 250 -49.00 46.53 -87.87
CA LEU U 250 -49.51 47.01 -89.15
C LEU U 250 -48.57 46.61 -90.28
N ALA U 251 -47.24 46.72 -90.05
CA ALA U 251 -46.19 46.30 -90.97
C ALA U 251 -46.29 44.78 -91.30
N MET U 252 -46.68 43.94 -90.32
CA MET U 252 -46.81 42.49 -90.49
C MET U 252 -48.27 42.04 -90.79
N SER U 253 -49.20 43.01 -91.02
CA SER U 253 -50.61 42.74 -91.34
C SER U 253 -50.81 42.72 -92.87
N TYR U 254 -50.71 41.51 -93.45
CA TYR U 254 -50.86 41.24 -94.88
C TYR U 254 -51.36 39.81 -95.16
N GLU U 255 -52.03 39.62 -96.30
CA GLU U 255 -52.55 38.31 -96.72
C GLU U 255 -51.49 37.40 -97.31
N GLU U 256 -51.73 36.06 -97.28
CA GLU U 256 -50.80 35.01 -97.74
C GLU U 256 -50.16 35.26 -99.11
N SER U 257 -50.95 35.75 -100.08
CA SER U 257 -50.52 36.05 -101.45
C SER U 257 -49.59 37.29 -101.55
N GLN U 258 -49.53 38.12 -100.50
CA GLN U 258 -48.68 39.32 -100.48
C GLN U 258 -47.25 38.98 -100.00
N ASP U 259 -46.69 37.87 -100.51
CA ASP U 259 -45.38 37.35 -100.11
C ASP U 259 -44.14 38.00 -100.70
N LEU U 260 -44.31 38.90 -101.69
CA LEU U 260 -43.20 39.69 -102.25
C LEU U 260 -43.30 41.10 -101.69
N GLN U 261 -42.47 41.39 -100.68
CA GLN U 261 -42.38 42.67 -99.96
C GLN U 261 -40.97 42.84 -99.46
N LEU U 262 -40.12 43.52 -100.25
CA LEU U 262 -38.71 43.74 -99.94
C LEU U 262 -38.46 44.22 -98.49
N CYS U 263 -39.31 45.08 -97.93
CA CYS U 263 -39.25 45.57 -96.54
C CYS U 263 -39.48 44.49 -95.48
N VAL U 264 -40.29 43.48 -95.81
CA VAL U 264 -40.57 42.41 -94.85
C VAL U 264 -39.50 41.31 -94.97
N ASN U 265 -39.45 40.61 -96.13
CA ASN U 265 -38.58 39.45 -96.38
C ASN U 265 -37.25 39.71 -97.10
N GLY U 266 -36.97 40.94 -97.43
CA GLY U 266 -35.77 41.27 -98.17
C GLY U 266 -35.94 40.86 -99.62
N CYS U 267 -34.83 40.79 -100.34
CA CYS U 267 -34.83 40.41 -101.75
C CYS U 267 -34.74 38.93 -101.99
N PRO U 268 -35.29 38.43 -103.13
CA PRO U 268 -35.04 37.04 -103.52
C PRO U 268 -33.50 36.81 -103.59
N LEU U 269 -33.04 35.61 -103.20
CA LEU U 269 -31.62 35.25 -103.19
C LEU U 269 -30.94 35.55 -104.55
N SER U 270 -31.66 35.32 -105.67
CA SER U 270 -31.18 35.55 -107.04
C SER U 270 -30.96 37.03 -107.37
N GLU U 271 -31.56 37.95 -106.58
CA GLU U 271 -31.43 39.40 -106.75
C GLU U 271 -30.25 39.98 -105.92
N ARG U 272 -29.63 39.14 -105.07
CA ARG U 272 -28.50 39.48 -104.20
C ARG U 272 -27.24 38.76 -104.64
N PRO V 109 -0.84 52.78 -47.12
CA PRO V 109 -0.09 51.57 -47.52
C PRO V 109 -0.98 50.48 -48.10
N SER V 110 -0.52 49.82 -49.20
CA SER V 110 -1.26 48.74 -49.86
C SER V 110 -0.75 47.35 -49.43
N TYR V 111 -1.71 46.40 -49.31
CA TYR V 111 -1.46 45.03 -48.86
C TYR V 111 -1.50 43.96 -49.93
N LEU V 112 -0.52 43.05 -49.84
CA LEU V 112 -0.38 41.87 -50.68
C LEU V 112 -0.76 40.65 -49.84
N PHE V 113 -1.49 39.69 -50.44
CA PHE V 113 -1.95 38.50 -49.75
C PHE V 113 -1.41 37.20 -50.35
N CYS V 114 -1.02 36.27 -49.47
CA CYS V 114 -0.54 34.96 -49.87
C CYS V 114 -1.31 33.86 -49.16
N GLY V 115 -1.64 32.79 -49.87
CA GLY V 115 -2.38 31.66 -49.32
C GLY V 115 -1.92 30.29 -49.78
N LEU V 116 -2.02 29.29 -48.89
CA LEU V 116 -1.64 27.90 -49.14
C LEU V 116 -2.67 27.05 -48.45
N PHE V 117 -3.31 26.15 -49.19
CA PHE V 117 -4.41 25.33 -48.68
C PHE V 117 -4.59 24.09 -49.52
N GLY V 118 -5.36 23.14 -49.01
CA GLY V 118 -5.69 21.90 -49.71
C GLY V 118 -7.02 21.97 -50.50
N PRO V 120 0.17 21.49 -52.73
CA PRO V 120 -1.15 22.06 -52.43
C PRO V 120 -1.50 23.22 -53.34
N HIS V 121 -2.64 23.89 -53.08
CA HIS V 121 -3.00 25.08 -53.88
C HIS V 121 -2.31 26.31 -53.31
N LEU V 122 -1.78 27.17 -54.18
CA LEU V 122 -1.09 28.39 -53.77
C LEU V 122 -1.70 29.62 -54.46
N ARG V 123 -1.93 30.68 -53.70
CA ARG V 123 -2.39 31.98 -54.21
C ARG V 123 -1.25 32.93 -53.87
N THR V 124 -0.52 33.43 -54.90
CA THR V 124 0.66 34.31 -54.70
C THR V 124 0.31 35.77 -54.43
N PHE V 125 1.30 36.56 -53.96
CA PHE V 125 1.16 37.98 -53.71
C PHE V 125 0.75 38.69 -55.00
N LYS V 126 1.06 38.05 -56.16
CA LYS V 126 0.75 38.56 -57.51
C LYS V 126 -0.58 38.03 -58.05
N ASP V 127 -1.39 37.38 -57.17
CA ASP V 127 -2.71 36.82 -57.45
C ASP V 127 -2.77 35.76 -58.54
N ASN V 128 -1.67 35.03 -58.74
CA ASN V 128 -1.63 33.89 -59.66
C ASN V 128 -2.02 32.72 -58.76
N PHE V 129 -2.96 31.86 -59.23
CA PHE V 129 -3.38 30.67 -58.46
C PHE V 129 -2.71 29.52 -59.12
N GLN V 130 -2.03 28.67 -58.30
CA GLN V 130 -1.29 27.50 -58.78
C GLN V 130 -1.53 26.23 -57.94
N THR V 131 -1.43 25.07 -58.60
CA THR V 131 -1.44 23.79 -57.94
C THR V 131 -0.05 23.22 -58.07
N CYS V 132 0.64 23.13 -56.92
CA CYS V 132 2.01 22.72 -56.80
C CYS V 132 2.13 21.47 -56.00
N LYS V 133 3.12 20.61 -56.35
CA LYS V 133 3.45 19.41 -55.63
C LYS V 133 4.38 19.84 -54.46
N VAL V 134 5.47 20.53 -54.74
CA VAL V 134 6.38 21.06 -53.71
C VAL V 134 6.50 20.15 -52.43
N GLU V 135 6.88 18.90 -52.65
CA GLU V 135 7.03 17.91 -51.59
C GLU V 135 8.23 18.24 -50.74
N GLY V 136 8.09 18.04 -49.42
CA GLY V 136 9.12 18.33 -48.44
C GLY V 136 9.05 19.75 -47.95
N ALA V 137 10.21 20.29 -47.46
CA ALA V 137 10.31 21.65 -46.93
C ALA V 137 10.56 22.67 -48.04
N TRP V 138 9.71 23.73 -48.08
CA TRP V 138 9.77 24.78 -49.10
C TRP V 138 9.56 26.18 -48.51
N PRO V 139 10.32 27.19 -48.96
CA PRO V 139 10.08 28.56 -48.46
C PRO V 139 8.92 29.28 -49.19
N LEU V 140 7.96 29.75 -48.40
CA LEU V 140 6.86 30.56 -48.94
C LEU V 140 7.36 31.99 -48.96
N ILE V 141 7.98 32.41 -47.85
CA ILE V 141 8.55 33.73 -47.66
C ILE V 141 9.95 33.55 -47.10
N ASP V 142 10.87 34.34 -47.65
CA ASP V 142 12.28 34.36 -47.27
C ASP V 142 12.77 35.77 -47.59
N ASN V 143 12.44 36.72 -46.73
CA ASN V 143 12.82 38.11 -46.97
C ASN V 143 13.54 38.73 -45.79
N ASN V 144 13.74 40.07 -45.79
CA ASN V 144 14.48 40.76 -44.75
C ASN V 144 13.85 40.77 -43.38
N TYR V 145 12.53 40.52 -43.29
CA TYR V 145 11.74 40.61 -42.07
C TYR V 145 11.13 39.30 -41.59
N LEU V 146 10.93 38.37 -42.50
CA LEU V 146 10.17 37.18 -42.17
C LEU V 146 10.59 35.97 -42.97
N SER V 147 10.54 34.80 -42.31
CA SER V 147 10.74 33.50 -42.94
C SER V 147 9.47 32.69 -42.72
N VAL V 148 8.86 32.20 -43.78
CA VAL V 148 7.68 31.31 -43.72
C VAL V 148 8.09 30.00 -44.42
N GLN V 149 8.18 28.89 -43.68
CA GLN V 149 8.61 27.59 -44.21
C GLN V 149 7.54 26.54 -44.02
N VAL V 150 7.22 25.79 -45.09
CA VAL V 150 6.20 24.73 -45.00
C VAL V 150 6.72 23.37 -45.39
N THR V 151 6.14 22.31 -44.82
CA THR V 151 6.38 20.92 -45.19
C THR V 151 5.10 20.38 -45.79
N ASN V 152 5.22 19.83 -47.01
CA ASN V 152 4.13 19.23 -47.76
C ASN V 152 4.38 17.76 -47.98
N VAL V 153 3.31 16.98 -47.84
CA VAL V 153 3.32 15.53 -47.92
C VAL V 153 2.31 15.03 -48.96
N PRO V 154 2.68 14.03 -49.81
CA PRO V 154 1.68 13.47 -50.75
C PRO V 154 0.51 12.93 -49.93
N VAL V 155 -0.71 13.21 -50.38
CA VAL V 155 -1.97 12.82 -49.71
C VAL V 155 -2.06 11.29 -49.49
N VAL V 156 -1.55 10.53 -50.47
CA VAL V 156 -1.35 9.07 -50.46
C VAL V 156 0.04 8.87 -51.12
N PRO V 157 0.77 7.76 -50.83
CA PRO V 157 2.09 7.56 -51.49
C PRO V 157 2.01 7.53 -53.02
N GLY V 158 2.96 8.21 -53.66
CA GLY V 158 3.06 8.31 -55.12
C GLY V 158 2.17 9.36 -55.76
N SER V 159 1.32 10.04 -54.96
CA SER V 159 0.42 11.08 -55.46
C SER V 159 1.16 12.39 -55.76
N SER V 160 0.74 13.09 -56.82
CA SER V 160 1.29 14.42 -57.14
C SER V 160 0.54 15.50 -56.29
N ALA V 161 -0.64 15.14 -55.72
CA ALA V 161 -1.44 16.00 -54.85
C ALA V 161 -0.81 15.97 -53.45
N THR V 162 -0.38 17.15 -53.00
CA THR V 162 0.28 17.25 -51.71
C THR V 162 -0.46 18.22 -50.81
N ALA V 163 -0.23 18.10 -49.49
CA ALA V 163 -0.86 18.94 -48.48
C ALA V 163 0.10 19.20 -47.34
N THR V 164 -0.16 20.29 -46.60
CA THR V 164 0.68 20.83 -45.53
C THR V 164 0.55 20.17 -44.14
N ASN V 165 1.66 19.66 -43.62
CA ASN V 165 1.65 19.09 -42.27
C ASN V 165 2.48 19.90 -41.27
N LYS V 166 3.22 20.94 -41.72
CA LYS V 166 4.03 21.78 -40.85
C LYS V 166 4.16 23.20 -41.37
N ILE V 167 3.97 24.17 -40.47
CA ILE V 167 4.11 25.58 -40.78
C ILE V 167 5.09 26.18 -39.79
N THR V 168 6.24 26.70 -40.28
CA THR V 168 7.20 27.41 -39.46
C THR V 168 7.25 28.89 -39.86
N ILE V 169 7.12 29.79 -38.89
CA ILE V 169 7.22 31.23 -39.11
C ILE V 169 8.33 31.80 -38.24
N ILE V 170 9.31 32.47 -38.86
CA ILE V 170 10.39 33.15 -38.16
C ILE V 170 10.19 34.66 -38.26
N PHE V 171 9.84 35.30 -37.16
CA PHE V 171 9.75 36.75 -37.07
C PHE V 171 11.13 37.17 -36.62
N LYS V 172 11.96 37.60 -37.59
CA LYS V 172 13.35 38.06 -37.38
C LYS V 172 13.42 39.19 -36.35
N ALA V 173 14.52 39.27 -35.59
CA ALA V 173 14.68 40.32 -34.56
C ALA V 173 14.60 41.71 -35.17
N HIS V 174 13.72 42.54 -34.57
CA HIS V 174 13.50 43.91 -35.00
C HIS V 174 13.81 44.82 -33.82
N HIS V 175 15.06 45.30 -33.75
CA HIS V 175 15.56 46.14 -32.66
C HIS V 175 14.56 47.19 -32.13
N GLY V 176 14.29 47.10 -30.84
CA GLY V 176 13.35 47.97 -30.14
C GLY V 176 11.88 47.57 -30.21
N CYS V 177 11.56 46.49 -30.96
CA CYS V 177 10.17 46.04 -31.14
C CYS V 177 9.95 44.61 -30.72
N THR V 178 10.81 43.71 -31.22
CA THR V 178 10.74 42.29 -30.90
C THR V 178 12.11 41.64 -30.98
N ASP V 179 12.30 40.61 -30.16
CA ASP V 179 13.46 39.72 -30.24
C ASP V 179 12.97 38.69 -31.30
N GLN V 180 13.84 37.81 -31.77
CA GLN V 180 13.45 36.81 -32.74
C GLN V 180 12.44 35.83 -32.13
N LYS V 181 11.33 35.61 -32.82
CA LYS V 181 10.32 34.65 -32.38
C LYS V 181 10.06 33.62 -33.47
N VAL V 182 9.86 32.39 -33.06
CA VAL V 182 9.57 31.30 -33.97
C VAL V 182 8.24 30.70 -33.57
N TYR V 183 7.35 30.57 -34.55
CA TYR V 183 6.07 29.90 -34.40
C TYR V 183 6.14 28.62 -35.21
N GLN V 184 5.62 27.55 -34.64
CA GLN V 184 5.51 26.30 -35.38
C GLN V 184 4.24 25.57 -35.04
N ALA V 185 3.45 25.26 -36.08
CA ALA V 185 2.25 24.41 -35.97
C ALA V 185 2.50 23.15 -36.83
N VAL V 186 1.95 22.02 -36.38
CA VAL V 186 2.01 20.74 -37.10
C VAL V 186 0.60 20.17 -37.05
N THR V 187 0.30 19.14 -37.86
CA THR V 187 -1.00 18.44 -37.83
C THR V 187 -1.21 17.95 -36.38
N ASP V 188 -2.37 18.29 -35.79
CA ASP V 188 -2.83 17.95 -34.42
C ASP V 188 -2.10 18.71 -33.31
N ASP V 189 -1.34 19.75 -33.67
CA ASP V 189 -0.66 20.62 -32.71
C ASP V 189 -0.55 22.04 -33.24
N LEU V 190 -1.56 22.85 -32.90
CA LEU V 190 -1.68 24.26 -33.22
C LEU V 190 -1.66 25.08 -31.91
N PRO V 191 -0.45 25.34 -31.36
CA PRO V 191 -0.39 26.13 -30.10
C PRO V 191 -0.73 27.61 -30.30
N ALA V 192 -0.99 28.30 -29.20
CA ALA V 192 -1.30 29.74 -29.24
C ALA V 192 -0.11 30.49 -28.65
N ALA V 193 1.10 30.01 -28.98
CA ALA V 193 2.37 30.54 -28.47
C ALA V 193 3.54 30.18 -29.38
N PHE V 194 4.63 30.96 -29.24
CA PHE V 194 5.90 30.73 -29.93
C PHE V 194 6.58 29.52 -29.27
N VAL V 195 7.56 28.90 -29.93
CA VAL V 195 8.26 27.70 -29.44
C VAL V 195 8.85 27.83 -28.00
N ASP V 196 9.13 29.08 -27.55
CA ASP V 196 9.68 29.36 -26.20
C ASP V 196 8.57 29.56 -25.14
N GLY V 197 7.32 29.28 -25.54
CA GLY V 197 6.14 29.38 -24.67
C GLY V 197 5.56 30.77 -24.50
N THR V 198 6.17 31.80 -25.16
CA THR V 198 5.73 33.20 -25.12
C THR V 198 4.63 33.42 -26.13
N THR V 199 3.80 34.43 -25.88
CA THR V 199 2.63 34.82 -26.68
C THR V 199 2.80 36.24 -27.24
N SER V 200 3.96 36.88 -26.95
CA SER V 200 4.32 38.22 -27.41
C SER V 200 5.85 38.38 -27.52
N GLY V 201 6.27 39.24 -28.46
CA GLY V 201 7.66 39.57 -28.70
C GLY V 201 8.21 40.54 -27.68
N GLY V 202 9.52 40.46 -27.45
CA GLY V 202 10.25 41.32 -26.52
C GLY V 202 9.74 41.24 -25.09
N ASP V 203 9.68 42.42 -24.42
CA ASP V 203 9.24 42.63 -23.03
C ASP V 203 7.74 42.29 -22.82
N SER V 204 7.25 42.49 -21.56
CA SER V 204 5.85 42.29 -21.21
C SER V 204 5.03 43.46 -21.78
N ASP V 205 5.64 44.67 -21.81
CA ASP V 205 5.05 45.91 -22.33
C ASP V 205 5.01 45.94 -23.86
N ALA V 206 5.92 45.19 -24.54
CA ALA V 206 6.05 45.13 -26.00
C ALA V 206 4.98 44.23 -26.61
N LYS V 207 4.02 44.87 -27.31
CA LYS V 207 2.91 44.16 -27.97
C LYS V 207 2.90 44.34 -29.50
N SER V 208 4.05 44.79 -30.09
CA SER V 208 4.29 44.96 -31.53
C SER V 208 4.15 43.60 -32.23
N LEU V 209 4.48 42.50 -31.51
CA LEU V 209 4.32 41.12 -31.98
C LEU V 209 3.50 40.30 -30.96
N ARG V 210 2.35 39.75 -31.39
CA ARG V 210 1.51 38.94 -30.51
C ARG V 210 0.78 37.79 -31.22
N ILE V 211 0.34 36.76 -30.46
CA ILE V 211 -0.43 35.59 -30.92
C ILE V 211 -1.74 35.52 -30.17
N VAL V 212 -2.83 35.32 -30.92
CA VAL V 212 -4.19 35.16 -30.36
C VAL V 212 -4.90 33.93 -30.92
N GLU V 213 -5.65 33.22 -30.05
CA GLU V 213 -6.39 32.01 -30.40
C GLU V 213 -7.87 32.32 -30.59
N TYR V 219 -8.83 29.39 -35.99
CA TYR V 219 -7.59 30.07 -36.38
C TYR V 219 -6.75 30.57 -35.21
N VAL V 220 -5.42 30.46 -35.35
CA VAL V 220 -4.51 31.11 -34.41
C VAL V 220 -3.94 32.25 -35.27
N GLU V 221 -3.84 33.44 -34.70
CA GLU V 221 -3.35 34.56 -35.49
C GLU V 221 -2.13 35.26 -34.94
N MET V 222 -1.23 35.67 -35.83
CA MET V 222 -0.02 36.39 -35.45
C MET V 222 -0.11 37.81 -35.99
N HIS V 223 -0.02 38.77 -35.10
CA HIS V 223 -0.08 40.17 -35.47
C HIS V 223 1.29 40.78 -35.26
N ALA V 224 2.01 41.01 -36.36
CA ALA V 224 3.32 41.64 -36.38
C ALA V 224 3.10 43.07 -36.86
N ARG V 225 2.50 43.90 -35.98
CA ARG V 225 2.15 45.32 -36.23
C ARG V 225 3.35 46.12 -36.72
N TYR V 226 4.53 45.86 -36.14
CA TYR V 226 5.80 46.51 -36.47
C TYR V 226 6.19 46.43 -37.97
N ILE V 227 5.73 45.37 -38.67
CA ILE V 227 5.93 45.14 -40.11
C ILE V 227 4.58 45.07 -40.88
N GLY V 228 3.50 45.60 -40.27
CA GLY V 228 2.13 45.61 -40.80
C GLY V 228 1.69 44.28 -41.39
N THR V 229 2.12 43.17 -40.75
CA THR V 229 1.93 41.79 -41.20
C THR V 229 1.01 40.97 -40.31
N THR V 230 0.08 40.24 -40.95
CA THR V 230 -0.81 39.31 -40.26
C THR V 230 -0.62 37.90 -40.85
N VAL V 231 -0.62 36.88 -40.00
CA VAL V 231 -0.46 35.48 -40.41
C VAL V 231 -1.56 34.67 -39.73
N PHE V 232 -2.48 34.07 -40.52
CA PHE V 232 -3.53 33.20 -39.96
C PHE V 232 -3.21 31.74 -40.27
N VAL V 233 -3.30 30.88 -39.23
CA VAL V 233 -3.01 29.45 -39.39
C VAL V 233 -4.18 28.64 -38.83
N ARG V 234 -4.64 27.66 -39.59
CA ARG V 234 -5.68 26.73 -39.13
C ARG V 234 -5.50 25.33 -39.67
N GLN V 235 -6.12 24.35 -39.01
CA GLN V 235 -6.09 22.96 -39.44
C GLN V 235 -7.45 22.64 -40.02
N VAL V 236 -7.49 22.28 -41.32
CA VAL V 236 -8.69 21.86 -42.04
C VAL V 236 -8.46 20.37 -42.31
N GLY V 237 -9.17 19.55 -41.54
CA GLY V 237 -9.06 18.10 -41.60
C GLY V 237 -7.72 17.60 -41.10
N ARG V 238 -6.98 16.91 -41.98
CA ARG V 238 -5.66 16.36 -41.61
C ARG V 238 -4.52 17.27 -41.96
N TYR V 239 -4.83 18.44 -42.51
CA TYR V 239 -3.82 19.36 -43.00
C TYR V 239 -3.96 20.79 -42.57
N LEU V 240 -2.90 21.58 -42.79
CA LEU V 240 -2.84 22.99 -42.40
C LEU V 240 -3.01 23.99 -43.53
N THR V 241 -3.72 25.09 -43.23
CA THR V 241 -3.89 26.19 -44.18
C THR V 241 -3.23 27.45 -43.62
N LEU V 242 -2.86 28.36 -44.52
CA LEU V 242 -2.13 29.57 -44.20
C LEU V 242 -2.58 30.75 -45.06
N ALA V 243 -2.76 31.92 -44.42
CA ALA V 243 -3.13 33.20 -45.04
C ALA V 243 -2.18 34.25 -44.47
N ILE V 244 -1.53 35.03 -45.36
CA ILE V 244 -0.56 36.09 -45.03
C ILE V 244 -0.96 37.41 -45.69
N ARG V 245 -1.03 38.47 -44.89
CA ARG V 245 -1.32 39.83 -45.35
C ARG V 245 -0.04 40.61 -45.01
N MET V 246 0.61 41.17 -46.03
CA MET V 246 1.89 41.87 -45.86
C MET V 246 1.94 43.16 -46.71
N PRO V 247 2.55 44.27 -46.19
CA PRO V 247 2.66 45.49 -47.01
C PRO V 247 3.57 45.26 -48.21
N GLU V 248 3.14 45.69 -49.41
CA GLU V 248 3.84 45.50 -50.70
C GLU V 248 5.35 45.80 -50.67
N ASP V 249 5.76 46.93 -50.07
CA ASP V 249 7.17 47.34 -50.00
C ASP V 249 8.01 46.40 -49.13
N LEU V 250 7.38 45.79 -48.11
CA LEU V 250 8.03 44.85 -47.20
C LEU V 250 8.03 43.45 -47.81
N ALA V 251 6.91 43.04 -48.45
CA ALA V 251 6.78 41.78 -49.16
C ALA V 251 7.82 41.65 -50.30
N MET V 252 8.14 42.76 -50.99
CA MET V 252 9.12 42.78 -52.10
C MET V 252 10.55 43.21 -51.67
N SER V 253 10.78 43.35 -50.33
CA SER V 253 12.08 43.72 -49.77
C SER V 253 12.88 42.48 -49.37
N TYR V 254 13.70 42.00 -50.33
CA TYR V 254 14.57 40.82 -50.18
C TYR V 254 15.83 40.92 -51.07
N GLU V 255 16.90 40.22 -50.66
CA GLU V 255 18.17 40.19 -51.39
C GLU V 255 18.15 39.25 -52.59
N GLU V 256 19.04 39.49 -53.58
CA GLU V 256 19.14 38.74 -54.85
C GLU V 256 19.11 37.21 -54.71
N SER V 257 19.82 36.68 -53.71
CA SER V 257 19.91 35.24 -53.42
C SER V 257 18.61 34.62 -52.84
N GLN V 258 17.67 35.47 -52.38
CA GLN V 258 16.39 35.02 -51.83
C GLN V 258 15.34 34.81 -52.95
N ASP V 259 15.76 34.19 -54.07
CA ASP V 259 14.93 33.99 -55.25
C ASP V 259 13.91 32.85 -55.24
N LEU V 260 13.96 31.98 -54.21
CA LEU V 260 12.97 30.91 -54.02
C LEU V 260 12.02 31.36 -52.90
N GLN V 261 10.84 31.85 -53.29
CA GLN V 261 9.78 32.35 -52.41
C GLN V 261 8.45 32.13 -53.10
N LEU V 262 7.80 31.00 -52.81
CA LEU V 262 6.52 30.61 -53.43
C LEU V 262 5.46 31.74 -53.44
N CYS V 263 5.39 32.56 -52.38
CA CYS V 263 4.48 33.72 -52.28
C CYS V 263 4.80 34.86 -53.28
N VAL V 264 6.08 35.02 -53.61
CA VAL V 264 6.47 36.08 -54.55
C VAL V 264 6.34 35.56 -56.01
N ASN V 265 7.18 34.57 -56.39
CA ASN V 265 7.29 34.04 -57.75
C ASN V 265 6.49 32.78 -58.10
N GLY V 266 5.75 32.25 -57.14
CA GLY V 266 5.01 31.02 -57.34
C GLY V 266 5.96 29.86 -57.32
N CYS V 267 5.49 28.71 -57.82
CA CYS V 267 6.30 27.49 -57.86
C CYS V 267 7.14 27.36 -59.09
N PRO V 268 8.30 26.63 -59.00
CA PRO V 268 9.04 26.27 -60.21
C PRO V 268 8.07 25.54 -61.19
N LEU V 269 8.24 25.77 -62.50
CA LEU V 269 7.41 25.14 -63.53
C LEU V 269 7.31 23.61 -63.37
N SER V 270 8.44 22.96 -62.98
CA SER V 270 8.54 21.52 -62.77
C SER V 270 7.70 21.00 -61.58
N GLU V 271 7.30 21.91 -60.66
CA GLU V 271 6.47 21.58 -59.49
C GLU V 271 4.96 21.74 -59.78
N ARG V 272 4.62 22.29 -60.97
CA ARG V 272 3.24 22.51 -61.44
C ARG V 272 2.92 21.60 -62.61
N PRO W 109 58.72 -0.26 0.05
CA PRO W 109 57.81 0.80 0.50
C PRO W 109 56.94 0.38 1.69
N SER W 110 56.77 1.28 2.69
CA SER W 110 55.94 1.01 3.87
C SER W 110 54.54 1.62 3.75
N TYR W 111 53.54 0.90 4.29
CA TYR W 111 52.12 1.25 4.24
C TYR W 111 51.52 1.78 5.52
N LEU W 112 50.70 2.83 5.37
CA LEU W 112 49.93 3.47 6.43
C LEU W 112 48.47 3.08 6.22
N PHE W 113 47.74 2.81 7.31
CA PHE W 113 46.35 2.39 7.26
C PHE W 113 45.40 3.33 7.99
N CYS W 114 44.25 3.61 7.37
CA CYS W 114 43.21 4.44 7.95
C CYS W 114 41.87 3.71 7.95
N GLY W 115 41.12 3.86 9.03
CA GLY W 115 39.80 3.22 9.18
C GLY W 115 38.74 4.06 9.83
N LEU W 116 37.49 3.89 9.42
CA LEU W 116 36.31 4.60 9.93
C LEU W 116 35.19 3.59 9.98
N PHE W 117 34.58 3.42 11.13
CA PHE W 117 33.54 2.39 11.35
C PHE W 117 32.69 2.75 12.54
N GLY W 118 31.57 2.06 12.67
CA GLY W 118 30.64 2.22 13.81
C GLY W 118 30.90 1.23 14.95
N PRO W 120 31.81 8.69 14.43
CA PRO W 120 32.13 7.25 14.47
C PRO W 120 33.52 6.98 15.03
N HIS W 121 33.95 5.72 15.01
CA HIS W 121 35.32 5.39 15.47
C HIS W 121 36.31 5.62 14.33
N LEU W 122 37.46 6.21 14.63
CA LEU W 122 38.50 6.47 13.64
C LEU W 122 39.84 5.88 14.07
N ARG W 123 40.54 5.21 13.15
CA ARG W 123 41.90 4.69 13.37
C ARG W 123 42.73 5.44 12.34
N THR W 124 43.64 6.35 12.83
CA THR W 124 44.46 7.21 11.95
C THR W 124 45.70 6.50 11.38
N PHE W 125 46.33 7.12 10.36
CA PHE W 125 47.55 6.63 9.73
C PHE W 125 48.64 6.52 10.79
N LYS W 126 48.49 7.30 11.90
CA LYS W 126 49.44 7.34 13.04
C LYS W 126 49.04 6.37 14.17
N ASP W 127 48.06 5.48 13.90
CA ASP W 127 47.54 4.46 14.81
C ASP W 127 46.95 4.95 16.12
N ASN W 128 46.43 6.19 16.12
CA ASN W 128 45.70 6.74 17.26
C ASN W 128 44.26 6.32 16.99
N PHE W 129 43.56 5.77 18.00
CA PHE W 129 42.15 5.38 17.86
C PHE W 129 41.37 6.45 18.56
N GLN W 130 40.34 6.98 17.86
CA GLN W 130 39.48 8.04 18.38
C GLN W 130 37.98 7.82 18.13
N THR W 131 37.14 8.35 19.03
CA THR W 131 35.72 8.39 18.85
C THR W 131 35.34 9.83 18.64
N CYS W 132 34.90 10.11 17.41
CA CYS W 132 34.57 11.44 16.93
C CYS W 132 33.13 11.55 16.58
N LYS W 133 32.54 12.76 16.80
CA LYS W 133 31.18 13.08 16.42
C LYS W 133 31.22 13.46 14.92
N VAL W 134 32.05 14.43 14.55
CA VAL W 134 32.23 14.86 13.14
C VAL W 134 30.93 14.74 12.27
N GLU W 135 29.88 15.41 12.72
CA GLU W 135 28.59 15.41 12.05
C GLU W 135 28.67 16.19 10.75
N GLY W 136 28.00 15.67 9.71
CA GLY W 136 27.99 16.27 8.38
C GLY W 136 29.13 15.77 7.52
N ALA W 137 29.53 16.58 6.51
CA ALA W 137 30.61 16.24 5.59
C ALA W 137 31.98 16.61 6.15
N TRP W 138 32.91 15.63 6.16
CA TRP W 138 34.26 15.79 6.70
C TRP W 138 35.33 15.13 5.83
N PRO W 139 36.49 15.78 5.61
CA PRO W 139 37.56 15.13 4.84
C PRO W 139 38.40 14.13 5.68
N LEU W 140 38.49 12.89 5.19
CA LEU W 140 39.35 11.91 5.81
C LEU W 140 40.72 12.08 5.19
N ILE W 141 40.75 12.22 3.87
CA ILE W 141 41.95 12.43 3.08
C ILE W 141 41.70 13.57 2.12
N ASP W 142 42.69 14.44 2.01
CA ASP W 142 42.68 15.62 1.17
C ASP W 142 44.14 15.91 0.83
N ASN W 143 44.69 15.13 -0.10
CA ASN W 143 46.09 15.28 -0.48
C ASN W 143 46.29 15.45 -1.96
N ASN W 144 47.55 15.37 -2.45
CA ASN W 144 47.86 15.59 -3.85
C ASN W 144 47.32 14.57 -4.84
N TYR W 145 46.95 13.38 -4.35
CA TYR W 145 46.54 12.23 -5.15
C TYR W 145 45.11 11.78 -4.95
N LEU W 146 44.56 12.06 -3.78
CA LEU W 146 43.27 11.50 -3.41
C LEU W 146 42.47 12.38 -2.49
N SER W 147 41.15 12.37 -2.68
CA SER W 147 40.19 13.00 -1.79
C SER W 147 39.26 11.92 -1.27
N VAL W 148 39.15 11.79 0.05
CA VAL W 148 38.21 10.86 0.70
C VAL W 148 37.28 11.72 1.58
N GLN W 149 35.98 11.79 1.24
CA GLN W 149 34.99 12.62 1.96
C GLN W 149 33.88 11.77 2.51
N VAL W 150 33.54 11.95 3.81
CA VAL W 150 32.46 11.19 4.43
C VAL W 150 31.37 12.08 5.01
N THR W 151 30.13 11.57 5.06
CA THR W 151 29.00 12.19 5.72
C THR W 151 28.62 11.29 6.89
N ASN W 152 28.56 11.90 8.10
CA ASN W 152 28.20 11.24 9.34
C ASN W 152 26.94 11.83 9.90
N VAL W 153 26.07 10.95 10.41
CA VAL W 153 24.76 11.30 10.93
C VAL W 153 24.60 10.78 12.38
N PRO W 154 24.00 11.58 13.30
CA PRO W 154 23.76 11.06 14.66
C PRO W 154 22.86 9.83 14.54
N VAL W 155 23.20 8.78 15.29
CA VAL W 155 22.50 7.49 15.29
C VAL W 155 20.99 7.63 15.61
N VAL W 156 20.67 8.57 16.51
CA VAL W 156 19.34 9.04 16.91
C VAL W 156 19.50 10.59 17.04
N PRO W 157 18.42 11.39 16.86
CA PRO W 157 18.57 12.86 17.02
C PRO W 157 19.11 13.27 18.40
N GLY W 158 20.04 14.23 18.39
CA GLY W 158 20.66 14.76 19.60
C GLY W 158 21.81 13.93 20.17
N SER W 159 22.08 12.76 19.56
CA SER W 159 23.17 11.86 20.00
C SER W 159 24.54 12.38 19.58
N SER W 160 25.54 12.18 20.44
CA SER W 160 26.94 12.54 20.11
C SER W 160 27.57 11.36 19.30
N ALA W 161 26.93 10.15 19.34
CA ALA W 161 27.36 8.97 18.60
C ALA W 161 26.88 9.12 17.16
N THR W 162 27.83 9.13 16.22
CA THR W 162 27.50 9.32 14.82
C THR W 162 28.02 8.15 13.99
N ALA W 163 27.45 7.97 12.80
CA ALA W 163 27.81 6.90 11.88
C ALA W 163 27.71 7.38 10.45
N THR W 164 28.43 6.68 9.55
CA THR W 164 28.61 7.02 8.14
C THR W 164 27.49 6.59 7.18
N ASN W 165 26.90 7.56 6.47
CA ASN W 165 25.88 7.23 5.48
C ASN W 165 26.33 7.53 4.03
N LYS W 166 27.51 8.17 3.85
CA LYS W 166 28.03 8.47 2.51
C LYS W 166 29.56 8.46 2.48
N ILE W 167 30.12 7.81 1.45
CA ILE W 167 31.55 7.76 1.23
C ILE W 167 31.82 8.23 -0.19
N THR W 168 32.57 9.34 -0.33
CA THR W 168 32.99 9.84 -1.63
C THR W 168 34.52 9.72 -1.76
N ILE W 169 34.99 9.11 -2.85
CA ILE W 169 36.42 8.99 -3.15
C ILE W 169 36.70 9.63 -4.49
N ILE W 170 37.63 10.60 -4.52
CA ILE W 170 38.08 11.24 -5.74
C ILE W 170 39.52 10.79 -6.05
N PHE W 171 39.68 9.98 -7.09
CA PHE W 171 40.98 9.58 -7.59
C PHE W 171 41.32 10.64 -8.62
N LYS W 172 42.13 11.62 -8.21
CA LYS W 172 42.58 12.75 -9.04
C LYS W 172 43.28 12.28 -10.33
N ALA W 173 43.14 13.04 -11.44
CA ALA W 173 43.76 12.65 -12.72
C ALA W 173 45.27 12.48 -12.59
N HIS W 174 45.75 11.32 -13.06
CA HIS W 174 47.16 10.98 -13.03
C HIS W 174 47.60 10.70 -14.46
N HIS W 175 48.12 11.74 -15.13
CA HIS W 175 48.53 11.71 -16.53
C HIS W 175 49.24 10.40 -16.94
N GLY W 176 48.66 9.75 -17.96
CA GLY W 176 49.15 8.49 -18.50
C GLY W 176 48.70 7.23 -17.77
N CYS W 177 47.94 7.38 -16.66
CA CYS W 177 47.48 6.25 -15.85
C CYS W 177 45.99 6.20 -15.69
N THR W 178 45.39 7.32 -15.28
CA THR W 178 43.96 7.45 -15.09
C THR W 178 43.48 8.86 -15.31
N ASP W 179 42.24 8.99 -15.79
CA ASP W 179 41.53 10.27 -15.86
C ASP W 179 40.92 10.36 -14.43
N GLN W 180 40.34 11.49 -14.06
CA GLN W 180 39.74 11.64 -12.75
C GLN W 180 38.53 10.70 -12.61
N LYS W 181 38.49 9.93 -11.53
CA LYS W 181 37.38 9.05 -11.24
C LYS W 181 36.80 9.36 -9.87
N VAL W 182 35.49 9.28 -9.77
CA VAL W 182 34.78 9.51 -8.53
C VAL W 182 33.97 8.28 -8.20
N TYR W 183 34.15 7.78 -6.97
CA TYR W 183 33.37 6.69 -6.42
C TYR W 183 32.49 7.27 -5.35
N GLN W 184 31.25 6.83 -5.32
CA GLN W 184 30.36 7.20 -4.24
C GLN W 184 29.45 6.06 -3.83
N ALA W 185 29.48 5.71 -2.54
CA ALA W 185 28.56 4.74 -1.93
C ALA W 185 27.72 5.49 -0.89
N VAL W 186 26.47 5.06 -0.71
CA VAL W 186 25.55 5.61 0.30
C VAL W 186 24.90 4.39 0.95
N THR W 187 24.22 4.59 2.09
CA THR W 187 23.46 3.50 2.76
C THR W 187 22.45 2.95 1.72
N ASP W 188 22.47 1.63 1.52
CA ASP W 188 21.64 0.83 0.60
C ASP W 188 21.98 1.01 -0.88
N ASP W 189 23.14 1.61 -1.17
CA ASP W 189 23.64 1.78 -2.53
C ASP W 189 25.15 1.76 -2.55
N LEU W 190 25.71 0.54 -2.73
CA LEU W 190 27.13 0.26 -2.86
C LEU W 190 27.41 -0.29 -4.27
N PRO W 191 27.55 0.59 -5.28
CA PRO W 191 27.84 0.10 -6.64
C PRO W 191 29.24 -0.45 -6.81
N ALA W 192 29.47 -1.19 -7.89
CA ALA W 192 30.79 -1.75 -8.21
C ALA W 192 31.36 -0.97 -9.39
N ALA W 193 31.13 0.35 -9.40
CA ALA W 193 31.53 1.25 -10.47
C ALA W 193 31.62 2.70 -9.99
N PHE W 194 32.37 3.52 -10.75
CA PHE W 194 32.51 4.96 -10.53
C PHE W 194 31.19 5.62 -10.99
N VAL W 195 30.93 6.86 -10.58
CA VAL W 195 29.69 7.59 -10.89
C VAL W 195 29.33 7.67 -12.40
N ASP W 196 30.35 7.53 -13.29
CA ASP W 196 30.15 7.55 -14.76
C ASP W 196 29.87 6.15 -15.34
N GLY W 197 29.66 5.18 -14.46
CA GLY W 197 29.35 3.79 -14.82
C GLY W 197 30.54 2.91 -15.18
N THR W 198 31.77 3.48 -15.16
CA THR W 198 33.04 2.79 -15.47
C THR W 198 33.53 2.04 -14.25
N THR W 199 34.31 0.99 -14.48
CA THR W 199 34.87 0.07 -13.48
C THR W 199 36.41 0.14 -13.50
N SER W 200 36.98 0.99 -14.38
CA SER W 200 38.41 1.21 -14.52
C SER W 200 38.72 2.62 -15.03
N GLY W 201 39.89 3.14 -14.64
CA GLY W 201 40.40 4.44 -15.04
C GLY W 201 40.96 4.43 -16.44
N GLY W 202 40.91 5.59 -17.09
CA GLY W 202 41.41 5.80 -18.45
C GLY W 202 40.79 4.89 -19.50
N ASP W 203 41.63 4.38 -20.43
CA ASP W 203 41.29 3.49 -21.55
C ASP W 203 40.78 2.10 -21.08
N SER W 204 40.47 1.22 -22.06
CA SER W 204 40.06 -0.16 -21.79
C SER W 204 41.30 -0.97 -21.37
N ASP W 205 42.46 -0.64 -21.95
CA ASP W 205 43.76 -1.26 -21.67
C ASP W 205 44.34 -0.82 -20.32
N ALA W 206 43.96 0.39 -19.83
CA ALA W 206 44.44 0.98 -18.58
C ALA W 206 43.76 0.36 -17.36
N LYS W 207 44.53 -0.44 -16.59
CA LYS W 207 44.03 -1.12 -15.39
C LYS W 207 44.76 -0.68 -14.09
N SER W 208 45.48 0.48 -14.16
CA SER W 208 46.18 1.13 -13.02
C SER W 208 45.14 1.50 -11.94
N LEU W 209 43.90 1.79 -12.35
CA LEU W 209 42.78 2.05 -11.44
C LEU W 209 41.57 1.15 -11.77
N ARG W 210 41.13 0.33 -10.80
CA ARG W 210 40.01 -0.58 -11.01
C ARG W 210 39.14 -0.79 -9.76
N ILE W 211 37.88 -1.23 -9.95
CA ILE W 211 36.90 -1.56 -8.89
C ILE W 211 36.45 -3.02 -9.04
N VAL W 212 36.46 -3.74 -7.92
CA VAL W 212 36.01 -5.15 -7.86
C VAL W 212 35.02 -5.39 -6.73
N GLU W 213 33.99 -6.21 -7.00
CA GLU W 213 32.94 -6.56 -6.04
C GLU W 213 33.18 -7.93 -5.43
N TYR W 219 32.36 -6.52 0.58
CA TYR W 219 33.22 -5.38 0.26
C TYR W 219 33.32 -5.07 -1.24
N VAL W 220 33.38 -3.78 -1.56
CA VAL W 220 33.71 -3.35 -2.92
C VAL W 220 35.12 -2.79 -2.74
N GLU W 221 36.03 -3.10 -3.65
CA GLU W 221 37.39 -2.63 -3.48
C GLU W 221 37.94 -1.81 -4.64
N MET W 222 38.71 -0.77 -4.32
CA MET W 222 39.33 0.08 -5.33
C MET W 222 40.82 -0.10 -5.26
N HIS W 223 41.41 -0.51 -6.38
CA HIS W 223 42.83 -0.73 -6.47
C HIS W 223 43.44 0.35 -7.35
N ALA W 224 44.09 1.32 -6.71
CA ALA W 224 44.79 2.42 -7.39
C ALA W 224 46.27 2.09 -7.33
N ARG W 225 46.69 1.08 -8.14
CA ARG W 225 48.06 0.56 -8.24
C ARG W 225 49.07 1.66 -8.49
N TYR W 226 48.71 2.63 -9.35
CA TYR W 226 49.54 3.77 -9.74
C TYR W 226 50.04 4.64 -8.54
N ILE W 227 49.26 4.65 -7.42
CA ILE W 227 49.59 5.32 -6.16
C ILE W 227 49.70 4.32 -4.98
N GLY W 228 49.90 3.03 -5.28
CA GLY W 228 50.00 1.93 -4.31
C GLY W 228 48.94 1.96 -3.22
N THR W 229 47.71 2.39 -3.59
CA THR W 229 46.58 2.62 -2.69
C THR W 229 45.43 1.66 -2.87
N THR W 230 44.91 1.14 -1.76
CA THR W 230 43.73 0.28 -1.74
C THR W 230 42.65 0.93 -0.84
N VAL W 231 41.40 0.87 -1.27
CA VAL W 231 40.26 1.42 -0.52
C VAL W 231 39.18 0.35 -0.47
N PHE W 232 38.83 -0.13 0.74
CA PHE W 232 37.75 -1.12 0.92
C PHE W 232 36.52 -0.43 1.53
N VAL W 233 35.34 -0.67 0.93
CA VAL W 233 34.09 -0.06 1.40
C VAL W 233 33.05 -1.16 1.59
N ARG W 234 32.38 -1.16 2.74
CA ARG W 234 31.27 -2.07 3.01
C ARG W 234 30.18 -1.46 3.85
N GLN W 235 28.98 -2.05 3.82
CA GLN W 235 27.85 -1.61 4.62
C GLN W 235 27.67 -2.63 5.73
N VAL W 236 27.80 -2.18 6.99
CA VAL W 236 27.59 -2.99 8.19
C VAL W 236 26.33 -2.39 8.82
N GLY W 237 25.22 -3.11 8.66
CA GLY W 237 23.90 -2.71 9.13
C GLY W 237 23.36 -1.53 8.35
N ARG W 238 23.10 -0.41 9.07
CA ARG W 238 22.55 0.78 8.43
C ARG W 238 23.61 1.78 8.03
N TYR W 239 24.88 1.42 8.27
CA TYR W 239 25.99 2.35 8.03
C TYR W 239 27.15 1.79 7.27
N LEU W 240 28.04 2.68 6.82
CA LEU W 240 29.20 2.34 6.01
C LEU W 240 30.53 2.34 6.75
N THR W 241 31.39 1.37 6.40
CA THR W 241 32.75 1.29 6.95
C THR W 241 33.76 1.46 5.82
N LEU W 242 34.97 1.92 6.19
CA LEU W 242 36.02 2.25 5.26
C LEU W 242 37.40 1.87 5.80
N ALA W 243 38.24 1.26 4.95
CA ALA W 243 39.63 0.86 5.22
C ALA W 243 40.46 1.36 4.05
N ILE W 244 41.55 2.08 4.34
CA ILE W 244 42.49 2.67 3.36
C ILE W 244 43.93 2.24 3.67
N ARG W 245 44.62 1.70 2.67
CA ARG W 245 46.03 1.31 2.75
C ARG W 245 46.72 2.24 1.74
N MET W 246 47.67 3.05 2.21
CA MET W 246 48.35 4.05 1.39
C MET W 246 49.86 4.11 1.69
N PRO W 247 50.75 4.28 0.68
CA PRO W 247 52.20 4.40 0.96
C PRO W 247 52.48 5.68 1.76
N GLU W 248 53.28 5.56 2.83
CA GLU W 248 53.62 6.66 3.75
C GLU W 248 54.01 7.99 3.09
N ASP W 249 54.88 7.95 2.07
CA ASP W 249 55.32 9.17 1.36
C ASP W 249 54.20 9.86 0.58
N LEU W 250 53.22 9.07 0.10
CA LEU W 250 52.07 9.57 -0.63
C LEU W 250 50.99 10.05 0.34
N ALA W 251 50.76 9.30 1.43
CA ALA W 251 49.83 9.64 2.50
C ALA W 251 50.20 10.99 3.17
N MET W 252 51.52 11.30 3.30
CA MET W 252 52.01 12.54 3.91
C MET W 252 52.36 13.64 2.88
N SER W 253 52.02 13.41 1.58
CA SER W 253 52.26 14.36 0.49
C SER W 253 51.02 15.23 0.25
N TYR W 254 50.99 16.40 0.91
CA TYR W 254 49.92 17.38 0.86
C TYR W 254 50.41 18.81 1.14
N GLU W 255 49.70 19.82 0.61
CA GLU W 255 50.03 21.23 0.79
C GLU W 255 49.60 21.78 2.14
N GLU W 256 50.25 22.87 2.61
CA GLU W 256 50.02 23.51 3.91
C GLU W 256 48.56 23.75 4.29
N SER W 257 47.74 24.20 3.32
CA SER W 257 46.30 24.47 3.48
C SER W 257 45.43 23.21 3.65
N GLN W 258 45.98 22.03 3.33
CA GLN W 258 45.25 20.75 3.45
C GLN W 258 45.40 20.17 4.89
N ASP W 259 45.26 21.03 5.90
CA ASP W 259 45.44 20.68 7.32
C ASP W 259 44.30 19.97 8.03
N LEU W 260 43.12 19.86 7.38
CA LEU W 260 41.99 19.09 7.91
C LEU W 260 41.92 17.77 7.14
N GLN W 261 42.43 16.69 7.76
CA GLN W 261 42.49 15.33 7.22
C GLN W 261 42.44 14.36 8.38
N LEU W 262 41.23 13.89 8.73
CA LEU W 262 41.01 12.98 9.84
C LEU W 262 41.98 11.78 9.89
N CYS W 263 42.36 11.21 8.73
CA CYS W 263 43.32 10.11 8.61
C CYS W 263 44.76 10.49 9.01
N VAL W 264 45.13 11.75 8.79
CA VAL W 264 46.48 12.20 9.14
C VAL W 264 46.52 12.65 10.62
N ASN W 265 45.80 13.73 10.96
CA ASN W 265 45.83 14.38 12.28
C ASN W 265 44.71 13.99 13.27
N GLY W 266 43.83 13.11 12.87
CA GLY W 266 42.70 12.73 13.70
C GLY W 266 41.69 13.85 13.70
N CYS W 267 40.77 13.80 14.66
CA CYS W 267 39.71 14.80 14.79
C CYS W 267 40.10 16.00 15.61
N PRO W 268 39.47 17.18 15.33
CA PRO W 268 39.65 18.32 16.23
C PRO W 268 39.24 17.89 17.66
N LEU W 269 39.94 18.41 18.69
CA LEU W 269 39.69 18.09 20.10
C LEU W 269 38.20 18.26 20.48
N SER W 270 37.53 19.30 19.91
CA SER W 270 36.12 19.62 20.16
C SER W 270 35.16 18.58 19.58
N GLU W 271 35.63 17.72 18.63
CA GLU W 271 34.84 16.65 18.00
C GLU W 271 34.97 15.31 18.77
N ARG W 272 35.88 15.27 19.77
CA ARG W 272 36.17 14.10 20.61
C ARG W 272 35.72 14.35 22.04
N PRO X 109 68.32 -32.36 44.30
CA PRO X 109 68.48 -31.43 45.42
C PRO X 109 68.90 -30.03 44.99
N SER X 110 68.31 -28.99 45.60
CA SER X 110 68.65 -27.59 45.29
C SER X 110 69.61 -26.99 46.34
N TYR X 111 70.52 -26.13 45.85
CA TYR X 111 71.57 -25.49 46.64
C TYR X 111 71.38 -24.03 46.96
N LEU X 112 71.67 -23.67 48.22
CA LEU X 112 71.64 -22.33 48.77
C LEU X 112 73.10 -21.88 48.94
N PHE X 113 73.40 -20.61 48.62
CA PHE X 113 74.75 -20.07 48.71
C PHE X 113 74.87 -18.89 49.68
N CYS X 114 75.94 -18.89 50.46
CA CYS X 114 76.24 -17.80 51.39
C CYS X 114 77.64 -17.26 51.16
N GLY X 115 77.81 -15.95 51.24
CA GLY X 115 79.08 -15.27 51.03
C GLY X 115 79.38 -14.13 51.96
N LEU X 116 80.65 -13.94 52.32
CA LEU X 116 81.14 -12.88 53.22
C LEU X 116 82.46 -12.43 52.65
N PHE X 117 82.59 -11.15 52.36
CA PHE X 117 83.79 -10.58 51.71
C PHE X 117 83.90 -9.11 51.98
N GLY X 118 85.06 -8.55 51.68
CA GLY X 118 85.33 -7.10 51.81
C GLY X 118 85.08 -6.30 50.53
N PRO X 120 81.48 -6.42 57.14
CA PRO X 120 81.78 -6.68 55.72
C PRO X 120 80.52 -6.85 54.88
N HIS X 121 80.70 -7.20 53.60
CA HIS X 121 79.52 -7.45 52.75
C HIS X 121 79.05 -8.88 52.94
N LEU X 122 77.72 -9.09 53.03
CA LEU X 122 77.14 -10.41 53.20
C LEU X 122 76.11 -10.71 52.10
N ARG X 123 76.15 -11.91 51.54
CA ARG X 123 75.16 -12.38 50.57
C ARG X 123 74.54 -13.59 51.25
N THR X 124 73.25 -13.49 51.66
CA THR X 124 72.55 -14.56 52.42
C THR X 124 72.04 -15.70 51.53
N PHE X 125 71.64 -16.82 52.17
CA PHE X 125 71.08 -17.99 51.50
C PHE X 125 69.81 -17.57 50.75
N LYS X 126 69.18 -16.44 51.21
CA LYS X 126 67.95 -15.86 50.63
C LYS X 126 68.24 -14.79 49.58
N ASP X 127 69.52 -14.66 49.16
CA ASP X 127 70.01 -13.73 48.14
C ASP X 127 69.81 -12.25 48.43
N ASN X 128 69.73 -11.88 49.72
CA ASN X 128 69.68 -10.49 50.14
C ASN X 128 71.15 -10.11 50.30
N PHE X 129 71.55 -8.95 49.76
CA PHE X 129 72.94 -8.47 49.89
C PHE X 129 72.89 -7.39 50.92
N GLN X 130 73.80 -7.47 51.93
CA GLN X 130 73.87 -6.52 53.02
C GLN X 130 75.30 -6.08 53.37
N THR X 131 75.43 -4.84 53.87
CA THR X 131 76.67 -4.34 54.41
C THR X 131 76.48 -4.21 55.89
N CYS X 132 77.20 -5.06 56.64
CA CYS X 132 77.12 -5.19 58.07
C CYS X 132 78.40 -4.84 58.74
N LYS X 133 78.30 -4.26 59.94
CA LYS X 133 79.45 -3.92 60.78
C LYS X 133 79.83 -5.24 61.53
N VAL X 134 78.89 -5.84 62.24
CA VAL X 134 79.11 -7.12 62.95
C VAL X 134 80.57 -7.32 63.50
N GLU X 135 80.99 -6.36 64.32
CA GLU X 135 82.32 -6.37 64.91
C GLU X 135 82.44 -7.46 65.95
N GLY X 136 83.60 -8.13 65.99
CA GLY X 136 83.88 -9.23 66.89
C GLY X 136 83.46 -10.56 66.30
N ALA X 137 83.18 -11.55 67.18
CA ALA X 137 82.78 -12.90 66.78
C ALA X 137 81.27 -12.99 66.52
N TRP X 138 80.90 -13.51 65.34
CA TRP X 138 79.51 -13.65 64.89
C TRP X 138 79.23 -14.98 64.19
N PRO X 139 78.08 -15.63 64.47
CA PRO X 139 77.76 -16.87 63.74
C PRO X 139 77.14 -16.62 62.34
N LEU X 140 77.77 -17.21 61.32
CA LEU X 140 77.22 -17.16 59.97
C LEU X 140 76.26 -18.30 59.87
N ILE X 141 76.68 -19.48 60.34
CA ILE X 141 75.90 -20.71 60.36
C ILE X 141 76.00 -21.32 61.74
N ASP X 142 74.86 -21.78 62.24
CA ASP X 142 74.72 -22.40 63.55
C ASP X 142 73.53 -23.34 63.43
N ASN X 143 73.74 -24.50 62.80
CA ASN X 143 72.66 -25.45 62.59
C ASN X 143 73.00 -26.84 63.09
N ASN X 144 72.16 -27.85 62.74
CA ASN X 144 72.35 -29.20 63.22
C ASN X 144 73.60 -29.94 62.74
N TYR X 145 74.20 -29.46 61.64
CA TYR X 145 75.32 -30.10 60.95
C TYR X 145 76.61 -29.30 60.93
N LEU X 146 76.50 -28.00 61.05
CA LEU X 146 77.66 -27.14 60.86
C LEU X 146 77.61 -25.86 61.66
N SER X 147 78.79 -25.43 62.12
CA SER X 147 78.98 -24.15 62.77
C SER X 147 80.00 -23.36 61.95
N VAL X 148 79.64 -22.16 61.50
CA VAL X 148 80.55 -21.25 60.79
C VAL X 148 80.63 -19.96 61.63
N GLN X 149 81.80 -19.66 62.20
CA GLN X 149 82.01 -18.49 63.06
C GLN X 149 83.07 -17.58 62.51
N VAL X 150 82.77 -16.27 62.43
CA VAL X 150 83.75 -15.29 61.92
C VAL X 150 84.06 -14.19 62.92
N THR X 151 85.29 -13.64 62.84
CA THR X 151 85.71 -12.46 63.58
C THR X 151 85.95 -11.35 62.57
N ASN X 152 85.28 -10.20 62.81
CA ASN X 152 85.38 -9.00 62.00
C ASN X 152 85.97 -7.87 62.79
N VAL X 153 86.85 -7.11 62.13
CA VAL X 153 87.60 -6.01 62.72
C VAL X 153 87.39 -4.72 61.91
N PRO X 154 87.20 -3.55 62.58
CA PRO X 154 87.10 -2.29 61.82
C PRO X 154 88.38 -2.11 61.01
N VAL X 155 88.25 -1.70 59.75
CA VAL X 155 89.36 -1.52 58.80
C VAL X 155 90.43 -0.53 59.33
N VAL X 156 89.96 0.51 60.05
CA VAL X 156 90.72 1.51 60.79
C VAL X 156 89.92 1.72 62.11
N PRO X 157 90.55 2.13 63.23
CA PRO X 157 89.76 2.35 64.47
C PRO X 157 88.62 3.37 64.30
N GLY X 158 87.47 3.04 64.87
CA GLY X 158 86.27 3.86 64.82
C GLY X 158 85.44 3.76 63.55
N SER X 159 85.92 2.98 62.56
CA SER X 159 85.23 2.79 61.28
C SER X 159 84.03 1.83 61.43
N SER X 160 82.94 2.11 60.69
CA SER X 160 81.78 1.21 60.65
C SER X 160 82.04 0.09 59.60
N ALA X 161 83.04 0.29 58.70
CA ALA X 161 83.46 -0.67 57.69
C ALA X 161 84.35 -1.71 58.37
N THR X 162 83.91 -2.97 58.34
CA THR X 162 84.63 -4.04 58.98
C THR X 162 85.01 -5.12 57.99
N ALA X 163 86.02 -5.94 58.33
CA ALA X 163 86.50 -7.03 57.49
C ALA X 163 86.93 -8.20 58.35
N THR X 164 86.96 -9.38 57.73
CA THR X 164 87.22 -10.68 58.36
C THR X 164 88.70 -11.06 58.59
N ASN X 165 89.06 -11.32 59.85
CA ASN X 165 90.41 -11.76 60.15
C ASN X 165 90.48 -13.20 60.67
N LYS X 166 89.31 -13.85 60.92
CA LYS X 166 89.27 -15.24 61.38
C LYS X 166 88.01 -15.97 60.90
N ILE X 167 88.21 -17.20 60.42
CA ILE X 167 87.12 -18.05 59.96
C ILE X 167 87.25 -19.38 60.69
N THR X 168 86.23 -19.74 61.50
CA THR X 168 86.17 -21.04 62.17
C THR X 168 85.01 -21.85 61.60
N ILE X 169 85.29 -23.09 61.20
CA ILE X 169 84.26 -24.03 60.70
C ILE X 169 84.28 -25.28 61.56
N ILE X 170 83.13 -25.62 62.16
CA ILE X 170 82.96 -26.85 62.93
C ILE X 170 82.07 -27.82 62.14
N PHE X 171 82.66 -28.90 61.63
CA PHE X 171 81.95 -29.97 60.99
C PHE X 171 81.62 -30.93 62.12
N LYS X 172 80.39 -30.84 62.65
CA LYS X 172 79.87 -31.67 63.75
C LYS X 172 79.99 -33.17 63.44
N ALA X 173 80.22 -34.01 64.48
CA ALA X 173 80.35 -35.46 64.28
C ALA X 173 79.12 -36.06 63.61
N HIS X 174 79.37 -36.80 62.52
CA HIS X 174 78.33 -37.47 61.75
C HIS X 174 78.63 -38.95 61.75
N HIS X 175 78.04 -39.68 62.71
CA HIS X 175 78.24 -41.12 62.92
C HIS X 175 78.34 -41.95 61.63
N GLY X 176 79.47 -42.64 61.50
CA GLY X 176 79.80 -43.46 60.34
C GLY X 176 80.41 -42.75 59.15
N CYS X 177 80.55 -41.40 59.23
CA CYS X 177 81.07 -40.59 58.12
C CYS X 177 82.27 -39.77 58.52
N THR X 178 82.15 -39.02 59.60
CA THR X 178 83.22 -38.19 60.14
C THR X 178 83.11 -38.02 61.64
N ASP X 179 84.27 -37.85 62.28
CA ASP X 179 84.36 -37.47 63.68
C ASP X 179 84.30 -35.91 63.57
N GLN X 180 84.17 -35.21 64.68
CA GLN X 180 84.11 -33.76 64.65
C GLN X 180 85.43 -33.18 64.16
N LYS X 181 85.37 -32.29 63.18
CA LYS X 181 86.54 -31.61 62.66
C LYS X 181 86.37 -30.10 62.75
N VAL X 182 87.45 -29.43 63.08
CA VAL X 182 87.47 -27.98 63.19
C VAL X 182 88.52 -27.44 62.22
N TYR X 183 88.10 -26.48 61.39
CA TYR X 183 88.98 -25.76 60.49
C TYR X 183 89.06 -24.34 61.01
N GLN X 184 90.26 -23.80 61.00
CA GLN X 184 90.43 -22.40 61.33
C GLN X 184 91.49 -21.73 60.48
N ALA X 185 91.12 -20.65 59.81
CA ALA X 185 92.05 -19.79 59.05
C ALA X 185 92.04 -18.40 59.71
N VAL X 186 93.18 -17.71 59.69
CA VAL X 186 93.33 -16.35 60.19
C VAL X 186 94.12 -15.60 59.12
N THR X 187 94.17 -14.27 59.20
CA THR X 187 94.98 -13.43 58.29
C THR X 187 96.44 -13.95 58.39
N ASP X 188 97.04 -14.26 57.23
CA ASP X 188 98.41 -14.77 57.03
C ASP X 188 98.62 -16.22 57.48
N ASP X 189 97.52 -16.94 57.74
CA ASP X 189 97.56 -18.37 58.09
C ASP X 189 96.32 -19.08 57.61
N LEU X 190 96.43 -19.62 56.37
CA LEU X 190 95.41 -20.41 55.69
C LEU X 190 95.95 -21.83 55.49
N PRO X 191 95.85 -22.70 56.51
CA PRO X 191 96.34 -24.08 56.35
C PRO X 191 95.47 -24.93 55.44
N ALA X 192 96.00 -26.07 54.99
CA ALA X 192 95.24 -27.01 54.14
C ALA X 192 94.90 -28.24 54.99
N ALA X 193 94.56 -28.01 56.26
CA ALA X 193 94.27 -29.05 57.25
C ALA X 193 93.42 -28.51 58.40
N PHE X 194 92.76 -29.45 59.12
CA PHE X 194 91.98 -29.17 60.31
C PHE X 194 92.97 -28.90 61.46
N VAL X 195 92.52 -28.29 62.56
CA VAL X 195 93.38 -27.93 63.70
C VAL X 195 94.22 -29.08 64.30
N ASP X 196 93.77 -30.35 64.09
CA ASP X 196 94.48 -31.56 64.58
C ASP X 196 95.52 -32.08 63.55
N GLY X 197 95.75 -31.31 62.49
CA GLY X 197 96.71 -31.62 61.43
C GLY X 197 96.22 -32.58 60.35
N THR X 198 94.96 -33.06 60.47
CA THR X 198 94.31 -33.99 59.52
C THR X 198 93.75 -33.22 58.35
N THR X 199 93.62 -33.90 57.21
CA THR X 199 93.14 -33.35 55.93
C THR X 199 91.85 -34.07 55.50
N SER X 200 91.37 -35.02 56.32
CA SER X 200 90.14 -35.78 56.10
C SER X 200 89.51 -36.23 57.42
N GLY X 201 88.18 -36.36 57.40
CA GLY X 201 87.37 -36.81 58.53
C GLY X 201 87.44 -38.32 58.72
N GLY X 202 87.26 -38.75 59.98
CA GLY X 202 87.29 -40.15 60.37
C GLY X 202 88.57 -40.88 60.03
N ASP X 203 88.44 -42.14 59.55
CA ASP X 203 89.52 -43.06 59.16
C ASP X 203 90.32 -42.56 57.93
N SER X 204 91.31 -43.37 57.49
CA SER X 204 92.11 -43.09 56.31
C SER X 204 91.26 -43.36 55.06
N ASP X 205 90.38 -44.38 55.14
CA ASP X 205 89.45 -44.78 54.09
C ASP X 205 88.26 -43.82 53.93
N ALA X 206 87.91 -43.09 55.01
CA ALA X 206 86.79 -42.14 55.06
C ALA X 206 87.14 -40.82 54.39
N LYS X 207 86.54 -40.57 53.20
CA LYS X 207 86.76 -39.36 52.43
C LYS X 207 85.49 -38.50 52.23
N SER X 208 84.44 -38.76 53.07
CA SER X 208 83.16 -38.02 53.12
C SER X 208 83.44 -36.55 53.50
N LEU X 209 84.51 -36.31 54.28
CA LEU X 209 84.99 -34.97 54.63
C LEU X 209 86.49 -34.80 54.28
N ARG X 210 86.81 -33.83 53.42
CA ARG X 210 88.20 -33.58 53.01
C ARG X 210 88.53 -32.11 52.76
N ILE X 211 89.83 -31.75 52.82
CA ILE X 211 90.37 -30.39 52.54
C ILE X 211 91.38 -30.47 51.41
N VAL X 212 91.26 -29.56 50.44
CA VAL X 212 92.18 -29.45 49.30
C VAL X 212 92.66 -28.02 49.09
N GLU X 213 93.95 -27.86 48.74
CA GLU X 213 94.60 -26.57 48.50
C GLU X 213 94.72 -26.29 47.02
N TYR X 219 92.53 -20.46 46.94
CA TYR X 219 91.47 -21.02 47.77
C TYR X 219 91.83 -22.36 48.43
N VAL X 220 91.39 -22.55 49.68
CA VAL X 220 91.45 -23.85 50.32
C VAL X 220 89.99 -24.27 50.33
N GLU X 221 89.71 -25.53 50.00
CA GLU X 221 88.34 -25.95 49.95
C GLU X 221 87.98 -27.14 50.83
N MET X 222 86.80 -27.11 51.44
CA MET X 222 86.32 -28.19 52.28
C MET X 222 85.13 -28.84 51.62
N HIS X 223 85.24 -30.14 51.37
CA HIS X 223 84.18 -30.89 50.74
C HIS X 223 83.58 -31.83 51.76
N ALA X 224 82.40 -31.48 52.26
CA ALA X 224 81.63 -32.27 53.22
C ALA X 224 80.51 -32.94 52.42
N ARG X 225 80.88 -33.94 51.60
CA ARG X 225 80.00 -34.72 50.72
C ARG X 225 78.81 -35.30 51.45
N TYR X 226 79.05 -35.78 52.68
CA TYR X 226 78.04 -36.38 53.56
C TYR X 226 76.81 -35.47 53.85
N ILE X 227 77.02 -34.13 53.81
CA ILE X 227 75.99 -33.09 53.97
C ILE X 227 75.86 -32.21 52.71
N GLY X 228 76.34 -32.70 51.55
CA GLY X 228 76.34 -32.00 50.25
C GLY X 228 76.78 -30.55 50.34
N THR X 229 77.77 -30.26 51.22
CA THR X 229 78.26 -28.92 51.54
C THR X 229 79.68 -28.65 51.10
N THR X 230 79.89 -27.48 50.48
CA THR X 230 81.22 -27.01 50.08
C THR X 230 81.51 -25.66 50.77
N VAL X 231 82.74 -25.48 51.24
CA VAL X 231 83.17 -24.25 51.90
C VAL X 231 84.48 -23.81 51.26
N PHE X 232 84.50 -22.63 50.61
CA PHE X 232 85.72 -22.07 50.01
C PHE X 232 86.23 -20.91 50.86
N VAL X 233 87.53 -20.92 51.18
CA VAL X 233 88.14 -19.86 52.01
C VAL X 233 89.38 -19.33 51.30
N ARG X 234 89.50 -18.01 51.20
CA ARG X 234 90.69 -17.36 50.65
C ARG X 234 91.02 -16.05 51.34
N GLN X 235 92.27 -15.59 51.19
CA GLN X 235 92.71 -14.32 51.74
C GLN X 235 92.85 -13.36 50.57
N VAL X 236 92.08 -12.27 50.59
CA VAL X 236 92.13 -11.19 49.60
C VAL X 236 92.69 -9.99 50.38
N GLY X 237 93.97 -9.71 50.11
CA GLY X 237 94.71 -8.66 50.77
C GLY X 237 94.98 -8.96 52.23
N ARG X 238 94.46 -8.09 53.14
CA ARG X 238 94.67 -8.29 54.58
C ARG X 238 93.55 -9.02 55.24
N TYR X 239 92.55 -9.44 54.45
CA TYR X 239 91.33 -10.06 54.99
C TYR X 239 90.91 -11.32 54.32
N LEU X 240 89.97 -12.03 54.97
CA LEU X 240 89.45 -13.32 54.50
C LEU X 240 88.07 -13.27 53.88
N THR X 241 87.89 -14.07 52.81
CA THR X 241 86.59 -14.21 52.16
C THR X 241 86.11 -15.66 52.30
N LEU X 242 84.78 -15.84 52.23
CA LEU X 242 84.12 -17.11 52.44
C LEU X 242 82.93 -17.30 51.49
N ALA X 243 82.82 -18.50 50.91
CA ALA X 243 81.72 -18.93 50.03
C ALA X 243 81.28 -20.30 50.53
N ILE X 244 79.96 -20.47 50.76
CA ILE X 244 79.32 -21.71 51.26
C ILE X 244 78.17 -22.14 50.32
N ARG X 245 78.21 -23.40 49.89
CA ARG X 245 77.17 -24.01 49.07
C ARG X 245 76.61 -25.12 49.96
N MET X 246 75.31 -25.05 50.27
CA MET X 246 74.65 -26.00 51.17
C MET X 246 73.26 -26.41 50.65
N PRO X 247 72.84 -27.69 50.80
CA PRO X 247 71.49 -28.09 50.37
C PRO X 247 70.43 -27.39 51.22
N GLU X 248 69.40 -26.81 50.57
CA GLU X 248 68.31 -26.06 51.20
C GLU X 248 67.71 -26.68 52.46
N ASP X 249 67.40 -27.99 52.43
CA ASP X 249 66.80 -28.69 53.58
C ASP X 249 67.74 -28.79 54.78
N LEU X 250 69.06 -28.84 54.50
CA LEU X 250 70.09 -28.91 55.53
C LEU X 250 70.43 -27.51 56.05
N ALA X 251 70.50 -26.52 55.14
CA ALA X 251 70.72 -25.11 55.46
C ALA X 251 69.61 -24.55 56.39
N MET X 252 68.34 -25.01 56.20
CA MET X 252 67.18 -24.57 57.01
C MET X 252 66.85 -25.54 58.17
N SER X 253 67.72 -26.55 58.43
CA SER X 253 67.55 -27.53 59.51
C SER X 253 68.32 -27.07 60.76
N TYR X 254 67.61 -26.35 61.64
CA TYR X 254 68.13 -25.81 62.90
C TYR X 254 67.02 -25.65 63.96
N GLU X 255 67.40 -25.68 65.24
CA GLU X 255 66.48 -25.53 66.38
C GLU X 255 66.10 -24.08 66.64
N GLU X 256 64.93 -23.85 67.29
CA GLU X 256 64.36 -22.53 67.61
C GLU X 256 65.34 -21.51 68.19
N SER X 257 66.20 -21.94 69.12
CA SER X 257 67.22 -21.11 69.78
C SER X 257 68.39 -20.69 68.86
N GLN X 258 68.55 -21.35 67.71
CA GLN X 258 69.61 -21.04 66.75
C GLN X 258 69.19 -19.91 65.79
N ASP X 259 68.56 -18.85 66.34
CA ASP X 259 68.01 -17.73 65.59
C ASP X 259 68.97 -16.64 65.10
N LEU X 260 70.24 -16.68 65.56
CA LEU X 260 71.30 -15.78 65.08
C LEU X 260 72.19 -16.57 64.11
N GLN X 261 71.97 -16.35 62.81
CA GLN X 261 72.67 -17.01 61.69
C GLN X 261 72.67 -16.05 60.52
N LEU X 262 73.73 -15.24 60.38
CA LEU X 262 73.86 -14.24 59.33
C LEU X 262 73.52 -14.78 57.91
N CYS X 263 73.89 -16.02 57.59
CA CYS X 263 73.59 -16.69 56.31
C CYS X 263 72.08 -16.96 56.10
N VAL X 264 71.34 -17.19 57.18
CA VAL X 264 69.90 -17.46 57.05
C VAL X 264 69.12 -16.12 57.05
N ASN X 265 69.14 -15.38 58.17
CA ASN X 265 68.36 -14.16 58.39
C ASN X 265 69.06 -12.82 58.13
N GLY X 266 70.31 -12.86 57.72
CA GLY X 266 71.08 -11.64 57.51
C GLY X 266 71.47 -11.07 58.84
N CYS X 267 71.88 -9.80 58.85
CA CYS X 267 72.30 -9.10 60.05
C CYS X 267 71.18 -8.44 60.79
N PRO X 268 71.32 -8.27 62.14
CA PRO X 268 70.36 -7.44 62.88
C PRO X 268 70.33 -6.03 62.22
N LEU X 269 69.15 -5.39 62.19
CA LEU X 269 68.95 -4.06 61.60
C LEU X 269 69.97 -3.03 62.13
N SER X 270 70.31 -3.11 63.44
CA SER X 270 71.26 -2.22 64.11
C SER X 270 72.70 -2.39 63.64
N GLU X 271 73.02 -3.54 62.97
CA GLU X 271 74.36 -3.84 62.42
C GLU X 271 74.50 -3.36 60.96
N ARG X 272 73.37 -2.90 60.35
CA ARG X 272 73.29 -2.40 58.97
C ARG X 272 73.02 -0.91 58.95
N PRO Y 89 -58.62 2.61 27.71
CA PRO Y 89 -57.36 3.37 27.65
C PRO Y 89 -56.82 3.63 29.05
N CYS Y 90 -57.74 3.86 30.00
CA CYS Y 90 -57.51 4.10 31.41
C CYS Y 90 -56.95 2.87 32.10
N ASN Y 91 -57.37 1.67 31.62
CA ASN Y 91 -56.98 0.34 32.11
C ASN Y 91 -55.49 0.14 32.22
N TYR Y 92 -55.06 -0.41 33.37
CA TYR Y 92 -53.67 -0.66 33.73
C TYR Y 92 -52.99 -1.62 32.73
N PRO Z 89 -33.95 -76.50 30.84
CA PRO Z 89 -34.63 -77.14 31.98
C PRO Z 89 -33.87 -76.90 33.28
N CYS Z 90 -32.53 -76.87 33.16
CA CYS Z 90 -31.55 -76.61 34.22
C CYS Z 90 -31.64 -75.19 34.72
N ASN Z 91 -32.00 -74.25 33.80
CA ASN Z 91 -32.14 -72.81 34.03
C ASN Z 91 -33.03 -72.46 35.22
N TYR Z 92 -32.54 -71.54 36.06
CA TYR Z 92 -33.20 -71.07 37.27
C TYR Z 92 -34.58 -70.44 36.97
N PRO AA 89 -59.12 60.78 -83.35
CA PRO AA 89 -59.83 59.48 -83.26
C PRO AA 89 -59.28 58.49 -84.27
N CYS AA 90 -58.90 59.01 -85.45
CA CYS AA 90 -58.30 58.30 -86.58
C CYS AA 90 -56.92 57.79 -86.25
N ASN AA 91 -56.19 58.54 -85.38
CA ASN AA 91 -54.84 58.26 -84.90
C ASN AA 91 -54.65 56.87 -84.35
N TYR AA 92 -53.56 56.21 -84.78
CA TYR AA 92 -53.20 54.84 -84.41
C TYR AA 92 -52.99 54.70 -82.89
N PRO BA 89 5.00 53.32 -31.89
CA PRO BA 89 6.18 53.83 -32.61
C PRO BA 89 6.76 52.75 -33.53
N CYS BA 90 6.68 51.49 -33.06
CA CYS BA 90 7.12 50.28 -33.74
C CYS BA 90 6.26 49.98 -34.94
N ASN BA 91 4.96 50.36 -34.87
CA ASN BA 91 3.93 50.18 -35.91
C ASN BA 91 4.33 50.69 -37.26
N TYR BA 92 4.08 49.87 -38.29
CA TYR BA 92 4.41 50.14 -39.68
C TYR BA 92 3.70 51.40 -40.21
N PRO CA 89 54.11 0.23 -15.60
CA PRO CA 89 54.94 1.46 -15.56
C PRO CA 89 54.32 2.49 -14.62
N CYS CA 90 52.97 2.53 -14.62
CA CYS CA 90 52.13 3.38 -13.80
C CYS CA 90 52.22 3.04 -12.33
N ASN CA 91 52.45 1.73 -12.04
CA ASN CA 91 52.58 1.13 -10.70
C ASN CA 91 53.59 1.83 -9.81
N TYR CA 92 53.18 2.10 -8.57
CA TYR CA 92 53.96 2.79 -7.55
C TYR CA 92 55.27 2.04 -7.22
N PRO DA 89 77.93 -44.02 50.47
CA PRO DA 89 76.74 -44.24 51.30
C PRO DA 89 76.47 -43.03 52.19
N CYS DA 90 77.57 -42.40 52.66
CA CYS DA 90 77.60 -41.20 53.48
C CYS DA 90 77.11 -39.99 52.73
N ASN DA 91 77.34 -39.97 51.39
CA ASN DA 91 76.96 -38.91 50.45
C ASN DA 91 75.50 -38.51 50.51
N TYR DA 92 75.26 -37.20 50.55
CA TYR DA 92 73.93 -36.58 50.65
C TYR DA 92 73.04 -36.97 49.47
C1 NAG EA . -31.93 -45.38 3.42
C2 NAG EA . -33.21 -44.63 3.05
C3 NAG EA . -34.37 -45.59 3.20
C4 NAG EA . -34.12 -46.82 2.33
C5 NAG EA . -32.80 -47.46 2.74
C6 NAG EA . -32.50 -48.66 1.87
C7 NAG EA . -32.86 -42.28 3.67
C8 NAG EA . -33.17 -41.20 4.66
N2 NAG EA . -33.41 -43.47 3.91
O3 NAG EA . -35.56 -44.97 2.77
O4 NAG EA . -35.18 -47.74 2.50
O5 NAG EA . -31.75 -46.53 2.62
O6 NAG EA . -32.42 -48.26 0.53
O7 NAG EA . -32.13 -42.04 2.70
C1 NAG FA . -100.45 10.74 48.56
C2 NAG FA . -100.03 10.36 49.99
C3 NAG FA . -100.54 8.96 50.31
C4 NAG FA . -102.06 8.89 50.11
C5 NAG FA . -102.41 9.30 48.67
C6 NAG FA . -103.90 9.39 48.43
C7 NAG FA . -97.92 11.18 50.97
C8 NAG FA . -96.42 11.22 50.82
N2 NAG FA . -98.58 10.41 50.10
O3 NAG FA . -100.22 8.63 51.65
O4 NAG FA . -102.53 7.58 50.37
O5 NAG FA . -101.86 10.61 48.38
O6 NAG FA . -104.52 10.41 49.20
O7 NAG FA . -98.49 11.83 51.85
C1 NAG GA . 9.58 -80.71 12.47
C2 NAG GA . 10.31 -79.85 13.52
C3 NAG GA . 10.59 -78.47 12.93
C4 NAG GA . 11.37 -78.60 11.62
C5 NAG GA . 10.60 -79.47 10.63
C6 NAG GA . 11.37 -79.75 9.36
C7 NAG GA . 9.91 -80.15 15.94
C8 NAG GA . 8.87 -80.10 17.02
N2 NAG GA . 9.50 -79.75 14.72
O3 NAG GA . 11.34 -77.70 13.87
O4 NAG GA . 11.60 -77.31 11.06
O5 NAG GA . 10.30 -80.74 11.23
O6 NAG GA . 12.54 -80.51 9.59
O7 NAG GA . 11.05 -80.52 16.16
C1 NAG HA . -35.08 83.61 -61.81
C2 NAG HA . -34.78 83.33 -60.35
C3 NAG HA . -36.02 82.75 -59.71
C4 NAG HA . -37.18 83.72 -59.89
C5 NAG HA . -37.38 83.97 -61.38
C6 NAG HA . -38.49 84.97 -61.62
C7 NAG HA . -32.39 82.77 -60.22
C8 NAG HA . -31.37 81.67 -60.07
N2 NAG HA . -33.67 82.39 -60.21
O3 NAG HA . -35.81 82.57 -58.32
O4 NAG HA . -38.36 83.17 -59.34
O5 NAG HA . -36.19 84.49 -61.94
O6 NAG HA . -38.17 86.19 -60.96
O7 NAG HA . -32.01 83.93 -60.35
C1 NAG IA . -52.73 91.72 -118.74
C2 NAG IA . -51.63 90.94 -119.48
C3 NAG IA . -50.27 91.57 -119.16
C4 NAG IA . -50.28 93.06 -119.52
C5 NAG IA . -51.41 93.76 -118.77
C6 NAG IA . -51.57 95.22 -119.17
C7 NAG IA . -51.83 88.51 -119.91
C8 NAG IA . -51.98 87.17 -119.27
N2 NAG IA . -51.66 89.54 -119.06
O3 NAG IA . -49.25 90.91 -119.90
O4 NAG IA . -49.03 93.65 -119.19
O5 NAG IA . -52.66 93.12 -119.05
O6 NAG IA . -51.97 95.37 -120.53
O7 NAG IA . -51.85 88.67 -121.13
C1 NAG JA . -1.77 16.65 -2.55
C2 NAG JA . -1.83 15.57 -3.63
C3 NAG JA . -3.29 15.17 -3.86
C4 NAG JA . -3.95 14.75 -2.55
C5 NAG JA . -3.84 15.87 -1.52
C6 NAG JA . -4.35 15.48 -0.15
C7 NAG JA . -0.18 15.45 -5.46
C8 NAG JA . 0.40 16.19 -6.62
N2 NAG JA . -1.23 16.04 -4.85
O3 NAG JA . -3.36 14.11 -4.80
O4 NAG JA . -5.32 14.42 -2.77
O5 NAG JA . -2.46 16.25 -1.36
O6 NAG JA . -3.58 14.44 0.44
O7 NAG JA . 0.27 14.37 -5.09
C1 NAG KA . 99.24 -28.93 13.43
C2 NAG KA . 98.57 -29.21 12.09
C3 NAG KA . 97.87 -30.54 12.18
C4 NAG KA . 98.87 -31.62 12.58
C5 NAG KA . 99.51 -31.23 13.90
C6 NAG KA . 100.56 -32.25 14.30
C7 NAG KA . 97.96 -27.02 11.15
C8 NAG KA . 96.85 -26.05 10.88
N2 NAG KA . 97.62 -28.17 11.76
O3 NAG KA . 97.30 -30.87 10.94
O4 NAG KA . 98.20 -32.86 12.72
O5 NAG KA . 100.14 -29.97 13.77
O6 NAG KA . 101.55 -32.34 13.30
O7 NAG KA . 99.11 -26.74 10.81
C1 NAG LA . 8.88 -8.00 -27.29
C2 NAG LA . 8.25 -7.51 -25.98
C3 NAG LA . 7.86 -8.70 -25.12
C4 NAG LA . 6.95 -9.65 -25.90
C5 NAG LA . 7.63 -10.09 -27.19
C6 NAG LA . 6.73 -10.92 -28.08
C7 NAG LA . 8.95 -5.37 -24.95
C8 NAG LA . 10.10 -4.61 -24.38
N2 NAG LA . 9.19 -6.65 -25.29
O3 NAG LA . 7.22 -8.25 -23.94
O4 NAG LA . 6.62 -10.78 -25.11
O5 NAG LA . 8.02 -8.94 -27.96
O6 NAG LA . 5.60 -10.19 -28.56
O7 NAG LA . 7.83 -4.86 -25.10
C1 NAG MA . 123.27 -34.47 60.69
C2 NAG MA . 123.08 -32.99 60.99
C3 NAG MA . 123.56 -32.17 59.79
C4 NAG MA . 125.00 -32.52 59.44
C5 NAG MA . 125.12 -34.03 59.17
C6 NAG MA . 126.54 -34.48 58.95
C7 NAG MA . 121.23 -32.16 62.42
C8 NAG MA . 119.75 -32.11 62.59
N2 NAG MA . 121.68 -32.71 61.28
O3 NAG MA . 123.46 -30.77 60.09
O4 NAG MA . 125.43 -31.79 58.30
O5 NAG MA . 124.62 -34.76 60.30
O6 NAG MA . 127.36 -34.30 60.10
O7 NAG MA . 122.00 -31.73 63.28
#